data_5G5L
#
_entry.id   5G5L
#
_cell.length_a   1.000
_cell.length_b   1.000
_cell.length_c   1.000
_cell.angle_alpha   90.00
_cell.angle_beta   90.00
_cell.angle_gamma   90.00
#
_symmetry.space_group_name_H-M   'P 1'
#
loop_
_entity.id
_entity.type
_entity.pdbx_description
1 polymer 'DNA-DIRECTED RNA POLYMERASE I SUBUNIT RPA190'
2 polymer 'DNA-DIRECTED RNA POLYMERASE I SUBUNIT RPA135'
3 polymer 'DNA-DIRECTED RNA POLYMERASES I AND III SUBUNIT RPAC1'
4 polymer 'DNA-DIRECTED RNA POLYMERASE I SUBUNIT RPA14'
5 polymer 'DNA-DIRECTED RNA POLYMERASES I, II, AND III SUBUNIT RPABC 1'
6 polymer 'DNA-DIRECTED RNA POLYMERASES I, II, AND III SUBUNIT RPABC 2'
7 polymer 'DNA-DIRECTED RNA POLYMERASE I SUBUNIT RPA43'
8 polymer 'DNA-DIRECTED RNA POLYMERASES I, II, AND III SUBUNIT RPABC 3'
9 polymer 'DNA-DIRECTED RNA POLYMERASE I SUBUNIT RPA12'
10 polymer 'DNA-DIRECTED RNA POLYMERASES I, II, AND III SUBUNIT RPABC 5'
11 polymer 'DNA-DIRECTED RNA POLYMERASES I AND III SUBUNIT RPAC2'
12 polymer 'DNA-DIRECTED RNA POLYMERASES I, II, AND III SUBUNIT RPABC 4'
13 polymer 'DNA-DIRECTED RNA POLYMERASE I SUBUNIT RPA49'
14 polymer 'DNA-DIRECTED RNA POLYMERASE I SUBUNIT RPA34'
15 polymer 'RNA POLYMERASE I-SPECIFIC TRANSCRIPTION INITIATION FACTOR RRN3'
16 non-polymer 'ZINC ION'
#
loop_
_entity_poly.entity_id
_entity_poly.type
_entity_poly.pdbx_seq_one_letter_code
_entity_poly.pdbx_strand_id
1 'polypeptide(L)'
;MDISKPVGSEITSVDFGILTAKEIRNLSAKQITNPTVLDNLGHPVSGGLYDLALGAFLRNLCSTCGLDEKFCPGHQGHIE
LPVPCYNPLFFNQLYIYLRASCLFCHHFRLKSVEVHRYACKLRLLQYGLIDESYKLDEITLGSLNSSMYTDDEAIEDNED
EMDGEGSKQSKDISSTLLNELKSKRSEYVDMAIAKALSDGRTTERGSFTATVNDERKKLVHEFHKKLLSRGKCDNCGMFS
PKFRKDGFTKIFETALNEKQITNNRVKGFIRQDMIKKQKQAKKLDGSNEASANDEESFDVGRNPTTRPKTGSTYILSTEV
KNILDTVFRKEQCVLQYVFHSRPNLSRKLVKADSFFMDVLVVPPTRFRLPSKLGEEVHENSQNQLLSKVLTTSLLIRDLN
DDLSKLQKDKVSLEDRRVIFSRLMNAFVTIQNDVNAFIDSTKAQGRTSGKVPIPGVKQALEKKEGLFRKHMMGKRVNYAA
RSVISPDPNIETNEIGVPPVFAVKLTYPEPVTAYNIAELRQAVINGPDKWPGATQIQNEDGSLVSLIGMSVEQRKALANQ
LLTPSSNVSTHTLNKKVYRHIKNRDVVLMNRQPTLHKASMMGHKVRVLPNEKTLRLHYANTGAYNADFDGDEMNMHFPQN
ENARAEALNLANTDSQYLTPTSGSPVRGLIQDHISAGVWLTSKDSFFTREQYQQYIYGCIRPEDGHTTRSKIVTLPPTIF
KPYPLWTGKQIITTVLLNVTPPDMPGINLISKNKIKNEYWGKGSLENEVLFKDGALLCGILDKSQYGASKYGIVHSLHEV
YGPEVAAKVLSVLGRLFTNYITATAFTCGMDDLRLTAEGNKWRTDILKTSVDTGREAAAEVTNLDKDTPADDPELLKRLQ
EILRDNNKSGILDAVTSSKVNAITSQVVSKCVPDGTMKKFPCNSMQAMALSGAKGSNVNVSQIMCLLGQQALEGRRVPVM
VSGKTLPSFKPYETDAMAGGYVKGRFYSGIKPQEYYFHCMAGREGLIDTAVKTSRSGYLQRCLTKQLEGVHVSYDNSIRD
ADGTLVQFMYGGDAIDITKESHMTQFEFCLDNYYALLKKYNPSALIEHLDVESALKYSKKTLKYRKKHSKEPHYKQSVKY
DPVLAKYNPAKYLGSVSENFQDKLESFLDKNSKLFKSSDGVNEKKFRALMQLKYMRSLINPGEAVGIIASQSVGEPSTQM
TLNTFHFAGHGAANVTLGIPRLREIVMTASAAIKTPQMTLPIWNDVSDEQADTFCKSISKVLLSEVIDKVIVTETTGTSN
TAGGNAARSYVIHMRFFDNNEYSEEYDVSKEELQNVISNQFIHLLEAAIVKEIKKQKRTTGPDIGVAVPRLQTDVANSSS
NSKRLEEDNDEEQSHKKTKQAVSYDEPDEDEIETMREAEKSSDEEGIDSDKESDSDSEDEDVDMNEQINKSIVEANNNMN
KVQRDRQSAIISHHRFITKYNFDDESGKWCEFKLELAADTEKLLMVNIVEEICRKSIIRQIPHIDRCVHPEPENGKRVLV
TEGVNFQAMWDQEAFIDVDGITSNDVAAVLKTYGVEAARNTIVNEINNVFSRYAISVSFRHLDLIADMMTRQGTYLAFNR
QGMETSTSSFMKMSYETTCQFLTKAVLDNEREQLDSPSARIVVGKLNNVGTGSFDVLAKVPNAA
;
A
2 'polypeptide(L)'
;MSKVIKPPGQARTADFRTLERESRFINPPKDKSAFPLLQEAVQPHIGSFNALTEGPDGGLLNLGVKDIGEKVIFDGKPLN
SEDEISNSGYLGNKLSVSVEQVSIAKPMSNDGVSSAVERKVYPSESRQRLTSYRGKLLLKLKWSVNNGEENLFEVRDCGG
LPVMLQSNRCHLNKMSPYELVQHKEESDEIGGYFIVNGIEKLIRMLIVQRRNHPMAIIRPSFANRGASYSHYGIQIRSVR
PDQTSQTNVLHYLNDGQVTFRFSWRKNEYLVPVVMILKALCHTSDREIFDGIIGNDVKDSFLTDRLELLLRGFKKRYPHL
QNRTQVLQYLGDKFRVVFQASPDQSDLEVGQEVLDRIVLVHLGKDGSQDKFRMLLFMIRKLYSLVAGECSPDNPDATQHQ
EVLLGGFLYGMILKEKIDEYLQNIIAQVRMDINRGMAINFKDKRYMSRVLMRVNENIGSKMQYFLSTGNLVSQSGLDLQQ
VSGYTVVAEKINFYRFISHFRMVHRGSFFAQLKTTTVRKLLPESWGFLCPVHTPDGSPCGLLNHFAHKCRISTQQSDVSR
IPSILYSLGVAPASHTFAAGPSLCCVQIDGKIIGWVSHEQGKIIADTLRYWKVEGKTPGLPIDLEIGYVPPSTRGQYPGL
YLFGGHSRMLRPVRYLPLDKEDIVGPFEQVYMNIAVTPQEIQNNVHTHVEFTPTNILSILANLTPFSDFNQSPRNMYQCQ
MGKQTMGTPGVALCHRSDNKLYRLQTGQTPIVKANLYDDYGMDNFPNGFNAVVAVISYTGYDMDDAMIINKSADERGFGY
GTMYKTEKVDLALNRNRGDPITQHFGFGNDEWPKEWLEKLDEDGLPYIGTYVEEGDPICAYFDDTLNKTKIKTYHSSEPA
YIEEVNLIGDESNKFQELQTVSIKYRIRRTPQIGDKFSSRHGQKGVCSRKWPTIDMPFSETGIQPDIIINPHAFPSRMTI
GMFVESLAGKAGALHGIAQDSTPWIFNEDDTPADYFGEQLAKAGYNYHGNEPMYSGATGEELRADIYVGVVYYQRLRHMV
NDKFQVRSTGPVNSLTMQPVKGRKRHGGIRVGEMERDALIGHGTSFLLQDRLLNSSDYTQASVCRECGSILTTQQSVPRI
GSISTVCCRRCSMRFEDAKKLLTKSEDGEKIFIDDSQIWEDGQGNKFVGGNETTTVAIPFVLKYLDSELSAMGIRLRYNV
EPK
;
B
3 'polypeptide(L)'
;MSNIVGIEYNRVTNTTSTDFPGFSKDAENEWNVEKFKKDFEVNISSLDAREANFDLINIDTSIANAFRRIMISEVPSVAA
EYVYFFNNTSVIQDEVLAHRIGLVPLKVDPDMLTWVDSNLPDDEKFTDENTIVLSLNVKCTRNPDAPKGSTDPKELYNNA
HVYARDLKFEPQGRQSTTFADCPVVPADPDILLAKLRPGQEISLKAHCILGIGGDHAKFSPVSTASYRLLPQINILQPIK
GESARRFQKCFPPGVIGIDEGSDEAYVKDARKDTVSREVLRYEEFADKVKLGRVRNHFIFNVESAGAMTPEEIFFKSVRI
LKNKAEYLKNCPITQ
;
C
4 'polypeptide(L)'
;MMKGSRRTGNNTATTLNTPVVIHATQLPQHVSTDEVLQFLESFIDEKENIIDSTTMNTISGNAADADAAAVANTSLNIDT
NLSSSISQLKRIQRDFKGLPPAQDFSAAPIQVSTTEKKETSIGVSATGGKKTTFADE
;
D
5 'polypeptide(L)'
;MDQENERNISRLWRAFRTVKEMVKDRGYFITQEEVELPLEDFKAKYCDSMGRPQRKMMSFQANPTEESISKFPDMGSLWV
EFCDEPSVGVKTMKTFVIHIQEKNFQTGIFVYQNNITPSAMKLVPSIPPATIETFNEAALVVNITHHELVPKHIRLSSDE
KRELLKRYRLKESQLPRIQRADPVALYLGLKRGEVVKIIRKSETSGRYASYRICM
;
E
6 'polypeptide(L)'
;MSDYEEAFNDGNENFEDFDVEHFSDEETYEEKPQFKDGETTDANGKTIVTGGNGPEDFQQHEQIRRKTLKEKAIPKDQRA
TTPYMTKYERARILGTRALQISMNAPVFVDLEGETDPLRIAMKELAEKKIPLVIRRYLPDGSFEDWSVEELIVDL
;
F
7 'polypeptide(L)'
;MSQVKRANENRETARFIKKHKKQVTNPIDEKNGTSNCIVRVPIALYVSLAPMYLENPLQGVMKQHLNPLVMKYNNKVGGV
VLGYEGLKILDADPLSKEDTSEKLIKITPDTPFGFTWCHVNLYVWQPQVGDVLEGYIFIQSASHIGLLIHDAFNASIKKN
NIPVDWTFVHNDVEEDADVINTDENNGNNNNEDNKDSNGGSNSLGKFSFGNRSLGHWVDSNGEPIDGKLRFTVRNVHTTG
RVVSVDGTLISDADEEGNGYNSSRSQAESLPIVSNKKIVFDDEVSIENKESHKELDLPEVKEDNGSEIVYEENTSESNDG
ESSDSD
;
G
8 'polypeptide(L)'
;MSNTLFDDIFQVSEVDPGRYNKVCRIEAASTTQDQCKLTLDINVELFPVAAQDSLTVTIASSLNLEDTPANDSSATRSWR
PPQAGDRSLADDYDYVMYGTAYKFEEVSKDLIAVYYSFGGLLMRLEGNYRNLNNLKQENAYLLIRR
;
H
9 'polypeptide(L)'
;MSVVGSLIFCLDCGDLLENPNAVLGSNVECSQCKAIYPKSQFSNLKVVTTTADDAFPSSLRAKKSVVKTSLKKNELKDGA
TIKEKCPQCGNEEMNYHTLQLRSADEGATVFYTCTSCGYKFRTNN
;
I
10 'polypeptide(L)' MIVPVRCFSCGKVVGDKWESYLNLLQEDELDEGTALSRLGLKRYCCRRMILTHVDLIEKFLRYNPLEKRD J
11 'polypeptide(L)'
;MTEDIEQKKTATEVTPQEPKHIQEEEEQDVDMTGDEEQEEEPDREKIKLLTQATSEDGTSASFQIVEEDHTLGNALRYVI
MKNPDVEFCGYSIPHPSENLLNIRIQTYGETTAVDALQKGLKDLMDLCDVVESKFTEKIKSM
;
K
12 'polypeptide(L)' MSREGFQIPTNLDAAAAGTSQARTATLKYICAECSSKLSLSRTDAVRCKDCGHRILLKARTKRLVQFEAR L
13 'polypeptide(L)'
;MSVKRSVSEIEIESVQDQPSVAVGSFFKGFRAPSDTTFDLYKKKKSEKDEFVLHGENERLEYEGYTDSSSQASNQYVVGL
FNPEKKSIQLYKAPVLVSKVVSKSSKNLRGPKIKSKSDTRPSALRNALGEAFGTKKAKKAIADLERNRIDSDKLTDSAID
IVDSVRTASKDLPTRAQLDEITSNDRPTPLANIDATDVEQIYPIESIIPKKELQFIRVSSILKEADKEKKLELFPYQNNS
KYVAKKLDSLTQPSQMTKLQLLYYLSLLLGVYENRRVNNKTKLLERLNSPPEILVDGILSRFTVIKPGQFGRSKDRSYFI
DPQNEDKILCYILAIIMHLDNFIVEITPLAHELNLKPSKVVSLFRVLGAIVKGATVAQAEAFGIPKSTAASYKIATMKVP
FKLPEMTRRGRGPRR
;
M
14 'polypeptide(L)'
;MSKLSKDYVSDSDSDDEVISNEFSIPDGFKKCKHLKNFPLNGDNKKKAKQQQVWLIKFPSNVDISKLKSLPVDFESSTTM
TIDKHDYKIMDDTDIESSLTQDNLSNMTLLVPSESKESLKIASTAKDNAPLQFDKVFSVSETAKIPAIDYSKVRVPRKDV
PKVEGLKLEHFATGYDAEDFHVAEEVKENKKEPKKRSHHDDEEESSEKKKKKKEKREKREKKDKKDKKKKHRD
;
N
15 'polypeptide(L)'
;MMAFENTSKRPPQDFVAPIDQKKRKVQFSDSTGLVTLQPEEIKDEVFSAAMYSRFVKSALDDLDKNDSTQIGIIANQVAL
PSKNPERINDKNLNILLDILSSNINRIESSRGTFLIQSIINFEKWWELPPHTLSKYIYFIKILCSSIPKWWQDVSMILVS
CFILPIKQTVCHHDMLKYFLRMIPSSMGFIDTYLAKFFPNKNDTRRKLVNYTSNLLKLRGYCSELGFQIWSLLIEKIISI
DVELQNELDELDDDVDDDDLEEVDLEDDDDLDDDSGDDDDENCGNSNEELRSGAADGSQSDSEDMDIIEGMDGTEEYNVE
LTQGIKELSTKLDSILTLVSTHVEEQVTPESLESGEGVGVFNTLTTLFKTHVLPTYYTRSIQYIMFHVSQQQLELMDSFL
VTLIDISFAVNEAAEKKIKSLQYLGSYIARAKKLSRTQIIFVASYLTSWLNRYVIEREEEVDQRGGMERFKHFYAAFQAL
CYIFCFRHNIFRDTDGNWECELDKFFQRMVISKFNPLKFCNENVMLMFARIAQQESVAYCFSIIENNNNERLRGIIGKAD
SDKKENSAQANTTSSSWSLATRQQFIDLQSYFPYDPLFLKNYKILMKEYYIEWSEASGEYESDGSDD
;
O
#
loop_
_chem_comp.id
_chem_comp.type
_chem_comp.name
_chem_comp.formula
ZN non-polymer 'ZINC ION' 'Zn 2'
#
# COMPACT_ATOMS: atom_id res chain seq x y z
N MET A 1 12.74 -19.88 -15.82
CA MET A 1 12.50 -19.78 -17.28
C MET A 1 13.73 -19.35 -18.06
N ASP A 2 14.12 -20.17 -19.02
CA ASP A 2 15.41 -20.06 -19.69
C ASP A 2 15.19 -20.08 -21.19
N ILE A 3 15.66 -19.05 -21.89
CA ILE A 3 15.38 -18.98 -23.32
C ILE A 3 16.03 -20.09 -24.12
N SER A 4 16.89 -20.86 -23.46
CA SER A 4 17.56 -21.96 -24.15
C SER A 4 16.98 -23.31 -23.76
N LYS A 5 15.87 -23.31 -23.05
CA LYS A 5 15.10 -24.53 -22.81
C LYS A 5 13.67 -24.40 -23.37
N PRO A 6 13.55 -24.38 -24.70
CA PRO A 6 12.21 -24.22 -25.24
C PRO A 6 11.31 -25.42 -24.96
N VAL A 7 10.02 -25.17 -24.97
CA VAL A 7 9.01 -26.21 -24.80
C VAL A 7 8.16 -26.34 -26.07
N GLY A 8 8.00 -27.57 -26.55
CA GLY A 8 7.24 -27.82 -27.76
C GLY A 8 5.76 -28.06 -27.49
N SER A 9 5.47 -28.85 -26.47
CA SER A 9 4.08 -29.13 -26.14
C SER A 9 3.41 -27.94 -25.44
N GLU A 10 2.12 -27.78 -25.67
CA GLU A 10 1.40 -26.60 -25.19
C GLU A 10 0.03 -27.06 -24.70
N ILE A 11 -0.39 -26.58 -23.54
CA ILE A 11 -1.71 -26.90 -23.02
C ILE A 11 -2.73 -25.99 -23.70
N THR A 12 -3.81 -26.53 -24.26
CA THR A 12 -4.74 -25.67 -24.98
C THR A 12 -6.10 -25.54 -24.36
N SER A 13 -6.46 -26.46 -23.49
CA SER A 13 -7.72 -26.38 -22.75
C SER A 13 -7.65 -27.27 -21.53
N VAL A 14 -8.53 -27.03 -20.57
CA VAL A 14 -8.62 -27.89 -19.39
C VAL A 14 -10.04 -28.44 -19.22
N ASP A 15 -10.18 -29.73 -18.95
CA ASP A 15 -11.51 -30.34 -18.73
C ASP A 15 -11.71 -30.69 -17.26
N PHE A 16 -12.82 -30.26 -16.69
CA PHE A 16 -13.18 -30.62 -15.30
C PHE A 16 -13.94 -31.96 -15.21
N GLY A 17 -13.63 -32.76 -14.19
CA GLY A 17 -14.32 -34.02 -14.04
C GLY A 17 -14.08 -34.70 -12.71
N ILE A 18 -14.50 -35.95 -12.61
CA ILE A 18 -14.45 -36.66 -11.34
C ILE A 18 -13.60 -37.91 -11.39
N LEU A 19 -12.70 -38.03 -10.43
CA LEU A 19 -11.87 -39.22 -10.29
C LEU A 19 -12.71 -40.42 -9.84
N THR A 20 -12.64 -41.50 -10.60
CA THR A 20 -13.29 -42.76 -10.23
C THR A 20 -12.37 -43.60 -9.35
N ALA A 21 -12.97 -44.41 -8.47
CA ALA A 21 -12.16 -45.19 -7.56
C ALA A 21 -11.31 -46.22 -8.32
N LYS A 22 -11.73 -46.57 -9.53
CA LYS A 22 -10.93 -47.46 -10.36
C LYS A 22 -9.63 -46.79 -10.82
N GLU A 23 -9.72 -45.57 -11.32
CA GLU A 23 -8.56 -44.79 -11.75
C GLU A 23 -7.52 -44.68 -10.63
N ILE A 24 -8.02 -44.17 -9.50
CA ILE A 24 -7.21 -43.95 -8.31
C ILE A 24 -6.43 -45.21 -7.92
N ARG A 25 -7.13 -46.31 -7.75
CA ARG A 25 -6.47 -47.57 -7.40
C ARG A 25 -5.37 -47.94 -8.39
N ASN A 26 -5.63 -47.69 -9.66
CA ASN A 26 -4.66 -48.03 -10.67
C ASN A 26 -3.43 -47.14 -10.60
N LEU A 27 -3.63 -45.84 -10.45
CA LEU A 27 -2.50 -44.89 -10.46
C LEU A 27 -1.73 -44.84 -9.16
N SER A 28 -2.36 -45.31 -8.09
CA SER A 28 -1.80 -45.18 -6.76
C SER A 28 -0.42 -45.83 -6.58
N ALA A 29 0.44 -45.17 -5.83
CA ALA A 29 1.80 -45.67 -5.63
C ALA A 29 1.89 -46.54 -4.38
N LYS A 30 0.86 -46.46 -3.54
CA LYS A 30 0.85 -47.16 -2.27
C LYS A 30 -0.48 -46.94 -1.61
N GLN A 31 -1.07 -48.00 -1.05
CA GLN A 31 -2.26 -47.84 -0.24
C GLN A 31 -1.83 -47.56 1.19
N ILE A 32 -2.35 -46.48 1.78
CA ILE A 32 -1.96 -46.06 3.11
C ILE A 32 -2.97 -46.59 4.10
N THR A 33 -2.49 -47.16 5.21
CA THR A 33 -3.36 -47.85 6.15
C THR A 33 -2.97 -47.65 7.62
N ASN A 34 -1.79 -47.09 7.86
CA ASN A 34 -1.31 -46.87 9.22
C ASN A 34 -1.46 -45.42 9.70
N PRO A 35 -2.20 -45.22 10.80
CA PRO A 35 -2.41 -43.87 11.35
C PRO A 35 -1.10 -43.30 11.81
N THR A 36 -0.21 -44.17 12.29
CA THR A 36 1.08 -43.75 12.80
C THR A 36 2.02 -43.31 11.68
N VAL A 37 2.74 -42.21 11.91
CA VAL A 37 3.47 -41.58 10.85
C VAL A 37 4.97 -41.87 10.91
N LEU A 38 5.54 -41.81 12.11
CA LEU A 38 6.96 -42.13 12.32
C LEU A 38 7.22 -43.18 13.40
N ASP A 39 8.40 -43.78 13.38
CA ASP A 39 8.79 -44.73 14.42
C ASP A 39 9.71 -44.05 15.43
N ASN A 40 10.27 -44.83 16.34
CA ASN A 40 11.16 -44.29 17.36
C ASN A 40 12.46 -43.70 16.83
N LEU A 41 12.86 -44.06 15.61
CA LEU A 41 14.08 -43.50 15.01
C LEU A 41 13.77 -42.45 13.93
N GLY A 42 12.54 -41.95 13.95
CA GLY A 42 12.12 -40.91 13.02
C GLY A 42 12.10 -41.31 11.56
N HIS A 43 11.96 -42.61 11.29
CA HIS A 43 11.83 -43.04 9.90
C HIS A 43 10.35 -43.16 9.57
N PRO A 44 10.02 -42.99 8.30
CA PRO A 44 8.64 -43.24 7.90
C PRO A 44 8.17 -44.66 8.24
N VAL A 45 7.03 -44.75 8.91
CA VAL A 45 6.31 -46.01 9.06
C VAL A 45 5.83 -46.46 7.70
N SER A 46 6.10 -47.71 7.36
CA SER A 46 5.63 -48.32 6.13
C SER A 46 4.11 -48.42 6.09
N GLY A 47 3.52 -48.02 4.98
CA GLY A 47 2.08 -48.02 4.88
C GLY A 47 1.44 -46.86 5.61
N GLY A 48 2.27 -45.96 6.12
CA GLY A 48 1.83 -44.76 6.80
C GLY A 48 1.84 -43.56 5.87
N LEU A 49 1.55 -42.39 6.41
CA LEU A 49 1.40 -41.20 5.58
C LEU A 49 2.70 -40.65 5.00
N TYR A 50 3.85 -41.07 5.54
CA TYR A 50 5.10 -40.61 4.96
C TYR A 50 5.80 -41.73 4.21
N ASP A 51 5.06 -42.81 3.97
CA ASP A 51 5.59 -43.93 3.22
C ASP A 51 6.33 -43.44 1.99
N LEU A 52 7.49 -44.03 1.77
CA LEU A 52 8.44 -43.51 0.80
C LEU A 52 8.03 -43.73 -0.66
N ALA A 53 6.94 -44.45 -0.86
CA ALA A 53 6.38 -44.59 -2.20
C ALA A 53 5.69 -43.31 -2.63
N LEU A 54 5.37 -42.44 -1.68
CA LEU A 54 4.64 -41.22 -1.95
C LEU A 54 5.62 -40.11 -2.22
N GLY A 55 6.90 -40.42 -2.06
CA GLY A 55 7.94 -39.49 -2.42
C GLY A 55 9.05 -39.44 -1.40
N ALA A 56 10.18 -38.91 -1.83
CA ALA A 56 11.33 -38.70 -0.96
C ALA A 56 10.90 -37.83 0.18
N PHE A 57 11.46 -38.10 1.34
CA PHE A 57 11.12 -37.41 2.56
C PHE A 57 12.41 -37.29 3.37
N LEU A 58 12.74 -36.05 3.74
CA LEU A 58 13.99 -35.75 4.43
C LEU A 58 15.22 -36.30 3.67
N ARG A 59 16.04 -37.11 4.31
CA ARG A 59 17.22 -37.57 3.60
C ARG A 59 17.01 -38.91 2.89
N ASN A 60 15.79 -39.42 2.94
CA ASN A 60 15.47 -40.66 2.23
C ASN A 60 15.15 -40.44 0.75
N LEU A 61 15.38 -41.47 -0.05
CA LEU A 61 15.06 -41.41 -1.46
C LEU A 61 13.69 -41.99 -1.73
N CYS A 62 13.01 -41.45 -2.73
CA CYS A 62 11.69 -41.91 -3.14
C CYS A 62 11.77 -43.36 -3.59
N SER A 63 10.86 -44.19 -3.10
CA SER A 63 10.84 -45.61 -3.45
C SER A 63 10.15 -45.85 -4.76
N THR A 64 9.54 -44.83 -5.35
CA THR A 64 8.81 -45.06 -6.58
C THR A 64 9.66 -44.69 -7.81
N CYS A 65 10.40 -43.59 -7.72
CA CYS A 65 11.22 -43.10 -8.83
C CYS A 65 12.70 -43.17 -8.50
N GLY A 66 13.01 -43.22 -7.21
CA GLY A 66 14.41 -43.27 -6.79
C GLY A 66 15.10 -41.93 -6.63
N LEU A 67 14.45 -40.85 -7.03
CA LEU A 67 15.05 -39.53 -6.94
C LEU A 67 15.01 -38.97 -5.51
N ASP A 68 15.81 -37.94 -5.21
CA ASP A 68 15.81 -37.39 -3.86
C ASP A 68 14.84 -36.21 -3.67
N GLU A 69 14.84 -35.64 -2.47
CA GLU A 69 13.85 -34.64 -2.06
C GLU A 69 13.75 -33.46 -3.02
N LYS A 70 14.73 -33.32 -3.89
CA LYS A 70 14.82 -32.19 -4.80
C LYS A 70 14.26 -32.48 -6.19
N PHE A 71 14.57 -33.63 -6.76
CA PHE A 71 14.13 -33.98 -8.12
C PHE A 71 12.91 -34.92 -8.15
N CYS A 72 12.44 -35.34 -6.98
CA CYS A 72 11.30 -36.23 -6.93
C CYS A 72 10.00 -35.43 -6.84
N PRO A 73 9.10 -35.64 -7.80
CA PRO A 73 7.94 -34.76 -7.94
C PRO A 73 6.89 -35.13 -6.93
N GLY A 74 7.05 -36.29 -6.30
CA GLY A 74 6.03 -36.82 -5.41
C GLY A 74 5.04 -37.69 -6.16
N HIS A 75 4.37 -38.59 -5.46
CA HIS A 75 3.42 -39.48 -6.11
C HIS A 75 2.23 -39.67 -5.22
N GLN A 76 1.04 -39.84 -5.80
CA GLN A 76 -0.12 -39.96 -4.93
C GLN A 76 -0.40 -41.41 -4.57
N GLY A 77 -0.94 -41.59 -3.37
CA GLY A 77 -1.42 -42.90 -2.93
C GLY A 77 -2.89 -42.78 -2.59
N HIS A 78 -3.46 -43.81 -2.00
CA HIS A 78 -4.88 -43.74 -1.70
C HIS A 78 -5.20 -44.45 -0.40
N ILE A 79 -6.26 -44.00 0.26
CA ILE A 79 -6.84 -44.72 1.38
C ILE A 79 -8.09 -45.45 0.90
N GLU A 80 -8.29 -46.68 1.37
CA GLU A 80 -9.51 -47.44 1.06
C GLU A 80 -10.56 -47.21 2.11
N LEU A 81 -11.61 -46.50 1.76
CA LEU A 81 -12.74 -46.29 2.66
C LEU A 81 -13.60 -47.55 2.70
N PRO A 82 -13.75 -48.14 3.90
CA PRO A 82 -14.37 -49.45 4.11
C PRO A 82 -15.87 -49.40 3.84
N VAL A 83 -16.38 -48.21 3.58
CA VAL A 83 -17.81 -48.01 3.45
C VAL A 83 -17.95 -46.69 2.68
N PRO A 84 -18.88 -46.64 1.71
CA PRO A 84 -19.00 -45.45 0.85
C PRO A 84 -19.38 -44.20 1.62
N CYS A 85 -18.80 -43.08 1.25
CA CYS A 85 -19.15 -41.82 1.87
C CYS A 85 -19.65 -40.85 0.80
N TYR A 86 -20.57 -39.96 1.19
CA TYR A 86 -20.98 -38.88 0.29
C TYR A 86 -19.79 -37.97 0.10
N ASN A 87 -19.52 -37.54 -1.12
CA ASN A 87 -18.53 -36.51 -1.35
C ASN A 87 -19.16 -35.21 -0.93
N PRO A 88 -18.63 -34.60 0.10
CA PRO A 88 -19.23 -33.40 0.68
C PRO A 88 -19.41 -32.23 -0.32
N LEU A 89 -18.49 -32.11 -1.27
CA LEU A 89 -18.58 -31.05 -2.26
C LEU A 89 -19.89 -31.10 -3.03
N PHE A 90 -20.24 -32.29 -3.51
CA PHE A 90 -21.47 -32.49 -4.26
C PHE A 90 -22.51 -33.25 -3.44
N PHE A 91 -22.98 -32.63 -2.36
CA PHE A 91 -23.98 -33.25 -1.49
C PHE A 91 -25.35 -32.64 -1.72
N ASN A 92 -25.38 -31.38 -2.12
CA ASN A 92 -26.63 -30.68 -2.36
C ASN A 92 -27.32 -31.17 -3.62
N GLN A 93 -26.52 -31.41 -4.65
CA GLN A 93 -27.06 -31.92 -5.91
C GLN A 93 -27.56 -33.33 -5.76
N LEU A 94 -26.79 -34.16 -5.07
CA LEU A 94 -27.25 -35.49 -4.72
C LEU A 94 -28.63 -35.39 -4.06
N TYR A 95 -28.74 -34.50 -3.06
CA TYR A 95 -29.99 -34.29 -2.35
C TYR A 95 -31.14 -34.00 -3.30
N ILE A 96 -30.92 -33.12 -4.28
CA ILE A 96 -31.96 -32.79 -5.24
C ILE A 96 -32.45 -34.02 -6.00
N TYR A 97 -31.55 -34.76 -6.62
CA TYR A 97 -31.96 -35.93 -7.36
C TYR A 97 -32.61 -37.00 -6.46
N LEU A 98 -32.05 -37.24 -5.29
CA LEU A 98 -32.63 -38.20 -4.36
C LEU A 98 -34.09 -37.86 -4.05
N ARG A 99 -34.35 -36.61 -3.70
CA ARG A 99 -35.69 -36.17 -3.36
C ARG A 99 -36.64 -36.32 -4.53
N ALA A 100 -36.14 -36.04 -5.73
CA ALA A 100 -36.91 -36.05 -6.97
C ALA A 100 -37.29 -37.45 -7.43
N SER A 101 -36.60 -38.44 -6.90
CA SER A 101 -36.78 -39.80 -7.33
C SER A 101 -38.11 -40.43 -6.88
N CYS A 102 -38.58 -41.39 -7.68
CA CYS A 102 -39.66 -42.27 -7.27
C CYS A 102 -39.05 -43.60 -6.86
N LEU A 103 -39.20 -43.97 -5.60
CA LEU A 103 -38.56 -45.19 -5.13
C LEU A 103 -39.29 -46.44 -5.61
N PHE A 104 -40.33 -46.26 -6.41
CA PHE A 104 -41.06 -47.40 -6.96
C PHE A 104 -40.77 -47.69 -8.43
N CYS A 105 -41.06 -46.75 -9.34
CA CYS A 105 -40.80 -47.00 -10.76
C CYS A 105 -39.41 -46.54 -11.20
N HIS A 106 -38.74 -45.81 -10.31
CA HIS A 106 -37.34 -45.41 -10.49
C HIS A 106 -37.09 -44.40 -11.59
N HIS A 107 -38.15 -43.77 -12.08
CA HIS A 107 -38.01 -42.56 -12.88
C HIS A 107 -38.04 -41.39 -11.91
N PHE A 108 -37.88 -40.17 -12.43
CA PHE A 108 -38.15 -39.01 -11.61
C PHE A 108 -39.66 -38.93 -11.50
N ARG A 109 -40.17 -38.40 -10.40
CA ARG A 109 -41.61 -38.31 -10.23
C ARG A 109 -42.29 -37.36 -11.21
N LEU A 110 -41.49 -36.52 -11.87
CA LEU A 110 -42.00 -35.65 -12.92
C LEU A 110 -42.36 -36.51 -14.14
N LYS A 111 -43.51 -36.22 -14.76
CA LYS A 111 -43.97 -37.02 -15.89
C LYS A 111 -42.92 -37.11 -16.98
N SER A 112 -42.71 -38.31 -17.50
CA SER A 112 -41.69 -38.59 -18.53
C SER A 112 -41.69 -37.59 -19.70
N VAL A 113 -42.89 -37.21 -20.14
CA VAL A 113 -43.07 -36.29 -21.26
C VAL A 113 -42.44 -34.93 -21.04
N GLU A 114 -42.54 -34.45 -19.81
CA GLU A 114 -41.98 -33.17 -19.43
C GLU A 114 -40.48 -33.28 -19.36
N VAL A 115 -40.01 -34.32 -18.67
CA VAL A 115 -38.59 -34.58 -18.59
C VAL A 115 -37.97 -34.67 -19.97
N HIS A 116 -38.68 -35.28 -20.90
CA HIS A 116 -38.15 -35.38 -22.25
C HIS A 116 -38.11 -34.01 -22.91
N ARG A 117 -39.03 -33.12 -22.53
CA ARG A 117 -39.12 -31.80 -23.14
C ARG A 117 -37.91 -30.97 -22.68
N TYR A 118 -37.48 -31.20 -21.46
CA TYR A 118 -36.27 -30.57 -20.96
C TYR A 118 -35.04 -31.15 -21.60
N ALA A 119 -35.06 -32.43 -21.88
CA ALA A 119 -33.89 -33.05 -22.47
C ALA A 119 -33.72 -32.49 -23.87
N CYS A 120 -34.84 -32.30 -24.55
CA CYS A 120 -34.79 -31.77 -25.90
C CYS A 120 -34.21 -30.38 -25.91
N LYS A 121 -34.71 -29.53 -25.02
CA LYS A 121 -34.27 -28.14 -24.97
C LYS A 121 -32.77 -28.02 -24.63
N LEU A 122 -32.34 -28.62 -23.53
CA LEU A 122 -30.94 -28.63 -23.18
C LEU A 122 -30.05 -29.18 -24.28
N ARG A 123 -30.51 -30.20 -24.98
CA ARG A 123 -29.69 -30.75 -26.04
C ARG A 123 -29.49 -29.71 -27.13
N LEU A 124 -30.56 -29.00 -27.48
CA LEU A 124 -30.49 -27.93 -28.48
C LEU A 124 -29.52 -26.84 -28.03
N LEU A 125 -29.47 -26.58 -26.74
CA LEU A 125 -28.64 -25.51 -26.22
C LEU A 125 -27.17 -25.89 -26.21
N GLN A 126 -26.87 -27.18 -26.31
CA GLN A 126 -25.48 -27.59 -26.42
C GLN A 126 -24.89 -27.05 -27.72
N TYR A 127 -25.75 -26.86 -28.71
CA TYR A 127 -25.36 -26.38 -30.02
C TYR A 127 -25.67 -24.88 -30.19
N GLY A 128 -26.06 -24.23 -29.09
CA GLY A 128 -26.30 -22.81 -29.11
C GLY A 128 -27.59 -22.38 -29.79
N LEU A 129 -28.39 -23.37 -30.15
CA LEU A 129 -29.65 -23.18 -30.86
C LEU A 129 -30.77 -22.61 -29.97
N ILE A 130 -30.63 -21.35 -29.54
CA ILE A 130 -31.60 -20.77 -28.63
C ILE A 130 -33.00 -20.61 -29.26
N ASP A 131 -33.09 -20.14 -30.50
CA ASP A 131 -34.41 -19.94 -31.12
C ASP A 131 -35.13 -21.27 -31.21
N GLU A 132 -34.38 -22.31 -31.56
CA GLU A 132 -34.96 -23.62 -31.76
C GLU A 132 -35.55 -24.18 -30.49
N SER A 133 -34.90 -23.92 -29.35
CA SER A 133 -35.38 -24.45 -28.07
C SER A 133 -36.71 -23.83 -27.65
N TYR A 134 -37.04 -22.69 -28.23
CA TYR A 134 -38.33 -22.07 -27.94
C TYR A 134 -39.35 -22.64 -28.92
N LYS A 135 -38.91 -22.84 -30.16
CA LYS A 135 -39.77 -23.46 -31.16
C LYS A 135 -40.14 -24.87 -30.73
N LEU A 136 -39.24 -25.54 -30.01
CA LEU A 136 -39.54 -26.88 -29.54
C LEU A 136 -40.82 -26.87 -28.71
N ASP A 137 -40.99 -25.82 -27.92
CA ASP A 137 -42.16 -25.71 -27.06
C ASP A 137 -43.44 -25.54 -27.86
N GLU A 138 -43.31 -25.11 -29.12
CA GLU A 138 -44.47 -24.86 -29.99
C GLU A 138 -45.09 -26.14 -30.52
N ILE A 139 -44.59 -27.28 -30.04
CA ILE A 139 -45.02 -28.55 -30.60
C ILE A 139 -46.14 -29.25 -29.80
N THR A 140 -47.36 -29.21 -30.36
CA THR A 140 -48.50 -30.11 -30.05
C THR A 140 -49.35 -30.23 -31.34
N LEU A 141 -50.07 -31.33 -31.51
CA LEU A 141 -50.86 -31.54 -32.73
C LEU A 141 -52.28 -30.99 -32.65
N SER A 174 -52.81 -38.50 -21.67
CA SER A 174 -53.11 -39.78 -22.30
C SER A 174 -51.91 -40.37 -23.03
N SER A 175 -51.62 -41.66 -22.78
CA SER A 175 -50.31 -42.26 -23.09
C SER A 175 -50.00 -42.67 -24.53
N THR A 176 -50.98 -42.67 -25.43
CA THR A 176 -50.64 -43.03 -26.80
C THR A 176 -50.19 -41.79 -27.57
N LEU A 177 -50.92 -40.69 -27.37
CA LEU A 177 -50.58 -39.41 -27.96
C LEU A 177 -49.20 -38.93 -27.54
N LEU A 178 -48.88 -39.11 -26.26
CA LEU A 178 -47.65 -38.59 -25.68
C LEU A 178 -46.41 -39.12 -26.37
N ASN A 179 -46.37 -40.42 -26.65
CA ASN A 179 -45.21 -41.00 -27.30
C ASN A 179 -45.01 -40.49 -28.72
N GLU A 180 -46.11 -40.09 -29.37
CA GLU A 180 -46.02 -39.47 -30.67
C GLU A 180 -45.52 -38.03 -30.51
N LEU A 181 -46.00 -37.35 -29.47
CA LEU A 181 -45.50 -36.02 -29.15
C LEU A 181 -44.00 -36.04 -28.88
N LYS A 182 -43.57 -36.88 -27.94
CA LYS A 182 -42.16 -37.12 -27.65
C LYS A 182 -41.39 -37.38 -28.93
N SER A 183 -41.94 -38.22 -29.77
CA SER A 183 -41.28 -38.63 -31.00
C SER A 183 -41.08 -37.48 -31.98
N LYS A 184 -42.07 -36.61 -32.10
CA LYS A 184 -42.03 -35.54 -33.08
C LYS A 184 -41.17 -34.37 -32.60
N ARG A 185 -41.13 -34.18 -31.29
CA ARG A 185 -40.20 -33.23 -30.70
C ARG A 185 -38.78 -33.72 -30.95
N SER A 186 -38.59 -35.03 -30.79
CA SER A 186 -37.28 -35.64 -30.98
C SER A 186 -36.82 -35.47 -32.41
N GLU A 187 -37.70 -35.71 -33.38
CA GLU A 187 -37.29 -35.55 -34.76
C GLU A 187 -37.09 -34.07 -35.13
N TYR A 188 -37.61 -33.15 -34.31
CA TYR A 188 -37.38 -31.74 -34.57
C TYR A 188 -35.98 -31.37 -34.13
N VAL A 189 -35.60 -31.82 -32.95
CA VAL A 189 -34.29 -31.54 -32.42
C VAL A 189 -33.21 -32.04 -33.38
N ASP A 190 -33.35 -33.27 -33.85
CA ASP A 190 -32.40 -33.85 -34.79
C ASP A 190 -32.32 -33.03 -36.07
N MET A 191 -33.47 -32.66 -36.62
CA MET A 191 -33.52 -31.92 -37.87
C MET A 191 -32.87 -30.55 -37.71
N ALA A 192 -33.03 -29.95 -36.53
CA ALA A 192 -32.50 -28.62 -36.25
C ALA A 192 -30.99 -28.62 -36.11
N ILE A 193 -30.47 -29.59 -35.37
CA ILE A 193 -29.03 -29.76 -35.22
C ILE A 193 -28.38 -30.12 -36.55
N ALA A 194 -29.00 -31.00 -37.32
CA ALA A 194 -28.48 -31.35 -38.63
C ALA A 194 -28.37 -30.11 -39.47
N LYS A 195 -29.47 -29.36 -39.55
CA LYS A 195 -29.51 -28.13 -40.34
C LYS A 195 -28.48 -27.14 -39.83
N ALA A 196 -28.36 -27.04 -38.51
CA ALA A 196 -27.42 -26.09 -37.95
C ALA A 196 -25.97 -26.45 -38.29
N LEU A 197 -25.67 -27.73 -38.35
CA LEU A 197 -24.32 -28.18 -38.67
C LEU A 197 -23.99 -27.98 -40.15
N SER A 198 -24.97 -28.17 -41.02
CA SER A 198 -24.74 -28.06 -42.46
C SER A 198 -24.36 -26.64 -42.84
N ASP A 199 -25.13 -25.66 -42.37
CA ASP A 199 -24.70 -24.27 -42.52
C ASP A 199 -23.69 -23.90 -41.44
N GLY A 200 -23.37 -22.60 -41.37
CA GLY A 200 -22.38 -22.10 -40.45
C GLY A 200 -22.76 -21.77 -39.02
N ARG A 201 -23.78 -22.41 -38.48
CA ARG A 201 -24.14 -22.11 -37.08
C ARG A 201 -23.57 -22.94 -35.92
N THR A 202 -23.04 -24.15 -36.18
CA THR A 202 -22.40 -24.94 -35.11
C THR A 202 -21.40 -25.97 -35.60
N THR A 203 -20.59 -26.46 -34.66
CA THR A 203 -19.76 -27.63 -34.86
C THR A 203 -20.23 -28.73 -33.91
N GLU A 204 -19.61 -29.90 -34.06
CA GLU A 204 -19.93 -31.04 -33.23
C GLU A 204 -19.44 -30.82 -31.82
N ARG A 205 -18.66 -29.75 -31.62
CA ARG A 205 -18.11 -29.40 -30.32
C ARG A 205 -19.05 -28.43 -29.62
N GLY A 206 -20.12 -28.05 -30.30
CA GLY A 206 -21.12 -27.18 -29.71
C GLY A 206 -20.82 -25.71 -29.94
N SER A 207 -21.61 -24.87 -29.29
CA SER A 207 -21.47 -23.43 -29.37
C SER A 207 -21.85 -22.89 -28.02
N PHE A 208 -20.97 -22.11 -27.41
CA PHE A 208 -21.22 -21.71 -26.05
C PHE A 208 -20.85 -20.27 -25.73
N THR A 209 -21.86 -19.40 -25.77
CA THR A 209 -21.71 -18.00 -25.45
C THR A 209 -22.48 -17.68 -24.20
N ALA A 210 -22.36 -16.43 -23.74
CA ALA A 210 -23.05 -16.02 -22.52
C ALA A 210 -24.55 -16.13 -22.62
N THR A 211 -25.12 -15.71 -23.74
CA THR A 211 -26.57 -15.77 -23.88
C THR A 211 -27.04 -17.22 -23.85
N VAL A 212 -26.23 -18.12 -24.42
CA VAL A 212 -26.57 -19.52 -24.39
C VAL A 212 -26.46 -20.05 -22.97
N ASN A 213 -25.36 -19.72 -22.31
CA ASN A 213 -25.15 -20.17 -20.96
C ASN A 213 -26.29 -19.66 -20.02
N ASP A 214 -26.84 -18.51 -20.31
CA ASP A 214 -27.91 -17.95 -19.50
C ASP A 214 -29.18 -18.78 -19.66
N GLU A 215 -29.54 -19.06 -20.92
CA GLU A 215 -30.71 -19.88 -21.20
C GLU A 215 -30.56 -21.27 -20.59
N ARG A 216 -29.37 -21.84 -20.70
CA ARG A 216 -29.12 -23.15 -20.12
C ARG A 216 -29.35 -23.15 -18.62
N LYS A 217 -28.79 -22.18 -17.91
CA LYS A 217 -28.86 -22.15 -16.46
C LYS A 217 -30.31 -21.98 -15.97
N LYS A 218 -31.09 -21.17 -16.67
CA LYS A 218 -32.48 -20.99 -16.33
C LYS A 218 -33.19 -22.34 -16.41
N LEU A 219 -32.97 -23.05 -17.51
CA LEU A 219 -33.70 -24.29 -17.76
C LEU A 219 -33.40 -25.30 -16.69
N VAL A 220 -32.11 -25.46 -16.37
CA VAL A 220 -31.74 -26.38 -15.32
C VAL A 220 -32.38 -25.99 -13.99
N HIS A 221 -32.52 -24.69 -13.75
CA HIS A 221 -33.11 -24.28 -12.50
C HIS A 221 -34.60 -24.65 -12.54
N GLU A 222 -35.27 -24.26 -13.61
CA GLU A 222 -36.69 -24.57 -13.85
C GLU A 222 -36.93 -26.07 -13.74
N PHE A 223 -36.05 -26.84 -14.36
CA PHE A 223 -36.14 -28.30 -14.30
C PHE A 223 -36.06 -28.81 -12.87
N HIS A 224 -35.09 -28.33 -12.09
CA HIS A 224 -34.93 -28.77 -10.71
C HIS A 224 -36.11 -28.38 -9.84
N LYS A 225 -36.66 -27.19 -10.10
CA LYS A 225 -37.81 -26.71 -9.35
C LYS A 225 -38.98 -27.66 -9.63
N LYS A 226 -39.15 -28.03 -10.89
CA LYS A 226 -40.24 -28.91 -11.27
C LYS A 226 -40.05 -30.32 -10.75
N LEU A 227 -38.79 -30.71 -10.54
CA LEU A 227 -38.50 -32.05 -10.03
C LEU A 227 -38.99 -32.22 -8.61
N LEU A 228 -38.72 -31.21 -7.80
CA LEU A 228 -39.00 -31.26 -6.37
C LEU A 228 -40.44 -30.85 -6.07
N SER A 229 -41.11 -30.30 -7.09
CA SER A 229 -42.47 -29.80 -6.92
C SER A 229 -43.55 -30.90 -6.98
N ARG A 230 -43.15 -32.13 -7.21
CA ARG A 230 -44.13 -33.18 -7.41
C ARG A 230 -44.22 -34.01 -6.14
N GLY A 231 -45.42 -34.44 -5.79
CA GLY A 231 -45.62 -35.33 -4.67
C GLY A 231 -45.80 -36.74 -5.18
N LYS A 232 -47.03 -37.09 -5.53
CA LYS A 232 -47.34 -38.34 -6.21
C LYS A 232 -46.54 -38.43 -7.51
N CYS A 233 -46.02 -39.61 -7.82
CA CYS A 233 -45.33 -39.83 -9.09
C CYS A 233 -46.27 -39.73 -10.28
N ASP A 234 -45.96 -38.85 -11.23
CA ASP A 234 -46.81 -38.65 -12.40
C ASP A 234 -46.83 -39.85 -13.32
N ASN A 235 -45.99 -40.83 -13.05
CA ASN A 235 -45.80 -41.91 -14.00
C ASN A 235 -46.35 -43.24 -13.55
N CYS A 236 -46.28 -43.52 -12.25
CA CYS A 236 -46.85 -44.77 -11.72
C CYS A 236 -47.88 -44.50 -10.63
N GLY A 237 -47.96 -43.24 -10.20
CA GLY A 237 -48.97 -42.79 -9.27
C GLY A 237 -48.74 -43.10 -7.80
N MET A 238 -47.57 -43.61 -7.46
CA MET A 238 -47.27 -43.95 -6.07
C MET A 238 -46.68 -42.79 -5.29
N PHE A 239 -46.68 -42.92 -3.97
CA PHE A 239 -46.01 -41.98 -3.09
C PHE A 239 -44.73 -42.61 -2.57
N SER A 240 -43.62 -41.88 -2.66
CA SER A 240 -42.39 -42.30 -2.00
C SER A 240 -42.25 -41.53 -0.68
N PRO A 241 -41.68 -42.18 0.35
CA PRO A 241 -41.41 -41.48 1.61
C PRO A 241 -40.47 -40.30 1.38
N LYS A 242 -40.67 -39.23 2.14
CA LYS A 242 -39.90 -38.01 1.95
C LYS A 242 -38.50 -38.08 2.57
N PHE A 243 -37.54 -37.45 1.93
CA PHE A 243 -36.17 -37.42 2.45
C PHE A 243 -35.79 -36.08 3.08
N ARG A 244 -35.12 -36.14 4.23
CA ARG A 244 -34.71 -34.94 4.96
C ARG A 244 -33.21 -35.03 5.27
N LYS A 245 -32.55 -33.88 5.47
CA LYS A 245 -31.09 -33.89 5.67
C LYS A 245 -30.54 -33.28 6.98
N ASP A 246 -29.21 -33.15 7.03
CA ASP A 246 -28.46 -32.40 8.05
C ASP A 246 -27.65 -31.30 7.37
N GLY A 247 -26.89 -30.53 8.15
CA GLY A 247 -25.90 -29.63 7.59
C GLY A 247 -24.56 -30.34 7.63
N PHE A 248 -24.64 -31.58 8.11
CA PHE A 248 -23.50 -32.44 8.35
C PHE A 248 -23.63 -33.70 7.50
N THR A 249 -24.33 -33.57 6.38
CA THR A 249 -24.51 -34.65 5.42
C THR A 249 -24.94 -36.02 6.06
N LYS A 250 -26.11 -36.02 6.69
CA LYS A 250 -26.80 -37.27 7.05
C LYS A 250 -28.19 -37.21 6.41
N ILE A 251 -28.70 -38.36 5.96
CA ILE A 251 -30.01 -38.38 5.32
C ILE A 251 -31.04 -39.22 6.07
N PHE A 252 -32.16 -38.58 6.41
CA PHE A 252 -33.23 -39.30 7.07
C PHE A 252 -34.40 -39.58 6.12
N GLU A 253 -35.07 -40.71 6.34
CA GLU A 253 -36.22 -41.09 5.53
C GLU A 253 -37.50 -41.13 6.35
N THR A 254 -38.42 -40.20 6.11
CA THR A 254 -39.70 -40.17 6.84
C THR A 254 -40.75 -41.12 6.25
N ALA A 255 -41.12 -42.15 7.01
CA ALA A 255 -42.10 -43.13 6.56
C ALA A 255 -43.45 -42.53 6.14
N LEU A 256 -44.23 -43.35 5.43
CA LEU A 256 -45.43 -42.88 4.75
C LEU A 256 -46.62 -42.47 5.62
N ASN A 257 -47.29 -41.40 5.19
CA ASN A 257 -48.49 -40.87 5.85
C ASN A 257 -49.77 -41.66 5.48
N GLU A 258 -50.78 -41.59 6.34
CA GLU A 258 -51.98 -42.45 6.25
C GLU A 258 -52.75 -42.46 4.92
N LYS A 259 -53.16 -41.27 4.46
CA LYS A 259 -53.81 -41.14 3.16
C LYS A 259 -52.94 -41.73 2.07
N GLN A 260 -51.62 -41.59 2.24
CA GLN A 260 -50.65 -41.98 1.23
C GLN A 260 -50.42 -43.49 1.19
N ILE A 261 -50.53 -44.16 2.33
CA ILE A 261 -50.40 -45.61 2.33
C ILE A 261 -51.67 -46.19 1.72
N THR A 262 -52.80 -45.54 1.95
CA THR A 262 -54.08 -45.94 1.36
C THR A 262 -54.01 -45.83 -0.17
N ASN A 263 -53.62 -44.66 -0.64
CA ASN A 263 -53.42 -44.40 -2.07
C ASN A 263 -52.47 -45.41 -2.72
N ASN A 264 -51.45 -45.81 -2.00
CA ASN A 264 -50.44 -46.72 -2.55
C ASN A 264 -50.93 -48.15 -2.83
N ARG A 265 -51.77 -48.70 -1.95
CA ARG A 265 -52.22 -50.09 -2.16
C ARG A 265 -53.37 -50.18 -3.15
N VAL A 266 -54.08 -49.09 -3.35
CA VAL A 266 -55.07 -49.02 -4.43
C VAL A 266 -54.40 -49.24 -5.79
N LYS A 267 -53.20 -48.70 -5.94
CA LYS A 267 -52.39 -48.90 -7.14
C LYS A 267 -51.61 -50.20 -7.09
N GLY A 268 -51.86 -50.98 -6.05
CA GLY A 268 -51.19 -52.26 -5.85
C GLY A 268 -51.39 -53.29 -6.95
N PHE A 269 -52.57 -53.32 -7.57
CA PHE A 269 -52.86 -54.33 -8.58
C PHE A 269 -52.24 -54.01 -9.94
N ILE A 270 -52.20 -52.73 -10.28
CA ILE A 270 -51.54 -52.28 -11.50
C ILE A 270 -50.07 -52.70 -11.56
N ARG A 271 -49.36 -52.55 -10.44
CA ARG A 271 -48.02 -53.10 -10.34
C ARG A 271 -48.09 -54.62 -10.13
N GLN A 272 -48.17 -55.37 -11.22
CA GLN A 272 -48.11 -56.83 -11.21
C GLN A 272 -47.99 -57.45 -12.61
N ASP A 273 -46.74 -57.55 -13.06
CA ASP A 273 -46.38 -58.06 -14.38
C ASP A 273 -44.88 -58.44 -14.41
N SER A 312 -39.34 -41.72 11.20
CA SER A 312 -38.04 -41.37 10.62
C SER A 312 -36.95 -42.42 10.85
N THR A 313 -35.88 -42.35 10.05
CA THR A 313 -34.75 -43.28 10.16
C THR A 313 -33.53 -42.74 9.43
N TYR A 314 -32.33 -42.93 9.99
CA TYR A 314 -31.12 -42.72 9.21
C TYR A 314 -31.14 -43.75 8.09
N ILE A 315 -30.72 -43.33 6.91
CA ILE A 315 -30.55 -44.26 5.82
C ILE A 315 -29.11 -44.21 5.31
N LEU A 316 -28.46 -45.36 5.30
CA LEU A 316 -27.07 -45.51 4.90
C LEU A 316 -26.75 -44.92 3.53
N SER A 317 -25.53 -44.43 3.36
CA SER A 317 -25.10 -43.91 2.08
C SER A 317 -25.19 -44.98 0.99
N THR A 318 -25.00 -46.24 1.38
CA THR A 318 -25.13 -47.35 0.44
C THR A 318 -26.56 -47.53 -0.07
N GLU A 319 -27.56 -47.29 0.76
CA GLU A 319 -28.94 -47.33 0.28
C GLU A 319 -29.18 -46.22 -0.72
N VAL A 320 -28.80 -45.00 -0.33
CA VAL A 320 -28.94 -43.84 -1.20
C VAL A 320 -28.29 -44.09 -2.55
N LYS A 321 -27.10 -44.69 -2.55
CA LYS A 321 -26.40 -44.91 -3.80
C LYS A 321 -27.15 -45.90 -4.68
N ASN A 322 -27.75 -46.91 -4.07
CA ASN A 322 -28.50 -47.88 -4.86
C ASN A 322 -29.72 -47.26 -5.52
N ILE A 323 -30.44 -46.44 -4.77
CA ILE A 323 -31.58 -45.72 -5.32
C ILE A 323 -31.20 -44.86 -6.52
N LEU A 324 -30.17 -44.02 -6.37
CA LEU A 324 -29.71 -43.15 -7.45
C LEU A 324 -29.10 -43.93 -8.63
N ASP A 325 -28.36 -45.00 -8.35
CA ASP A 325 -27.84 -45.87 -9.41
C ASP A 325 -28.92 -46.26 -10.40
N THR A 326 -30.05 -46.76 -9.90
CA THR A 326 -31.17 -47.12 -10.77
C THR A 326 -31.85 -45.95 -11.47
N VAL A 327 -32.14 -44.88 -10.72
CA VAL A 327 -32.70 -43.66 -11.31
C VAL A 327 -31.81 -43.10 -12.42
N PHE A 328 -30.50 -43.13 -12.20
CA PHE A 328 -29.57 -42.64 -13.22
C PHE A 328 -29.56 -43.52 -14.48
N ARG A 329 -29.81 -44.82 -14.33
CA ARG A 329 -29.96 -45.68 -15.50
C ARG A 329 -31.21 -45.29 -16.29
N LYS A 330 -32.33 -45.15 -15.60
CA LYS A 330 -33.61 -44.89 -16.26
C LYS A 330 -33.68 -43.49 -16.83
N GLU A 331 -33.29 -42.50 -16.04
CA GLU A 331 -33.40 -41.14 -16.51
C GLU A 331 -32.11 -40.68 -17.19
N GLN A 332 -31.36 -41.60 -17.76
CA GLN A 332 -30.05 -41.30 -18.34
C GLN A 332 -30.08 -40.23 -19.44
N CYS A 333 -31.06 -40.31 -20.32
CA CYS A 333 -31.23 -39.36 -21.41
C CYS A 333 -31.16 -37.92 -20.92
N VAL A 334 -32.06 -37.54 -20.02
CA VAL A 334 -32.07 -36.16 -19.56
C VAL A 334 -30.76 -35.84 -18.86
N LEU A 335 -30.22 -36.77 -18.08
CA LEU A 335 -29.05 -36.48 -17.27
C LEU A 335 -27.82 -36.21 -18.16
N GLN A 336 -27.82 -36.86 -19.31
CA GLN A 336 -26.79 -36.73 -20.31
C GLN A 336 -26.66 -35.26 -20.75
N TYR A 337 -27.75 -34.52 -20.72
CA TYR A 337 -27.67 -33.10 -21.08
C TYR A 337 -27.63 -32.16 -19.87
N VAL A 338 -28.16 -32.59 -18.75
CA VAL A 338 -28.10 -31.79 -17.53
C VAL A 338 -26.66 -31.70 -17.03
N PHE A 339 -25.86 -32.73 -17.33
CA PHE A 339 -24.52 -32.78 -16.79
C PHE A 339 -23.46 -32.46 -17.83
N HIS A 340 -23.89 -32.02 -19.01
CA HIS A 340 -22.96 -31.63 -20.07
C HIS A 340 -23.42 -30.37 -20.77
N SER A 341 -22.69 -29.26 -20.57
CA SER A 341 -22.97 -28.01 -21.28
C SER A 341 -22.57 -28.06 -22.75
N ARG A 342 -21.59 -28.91 -23.08
CA ARG A 342 -21.21 -29.22 -24.45
C ARG A 342 -21.71 -30.62 -24.80
N PRO A 343 -21.80 -30.92 -26.10
CA PRO A 343 -22.03 -32.31 -26.55
C PRO A 343 -21.00 -33.23 -25.93
N ASN A 344 -21.45 -34.40 -25.49
CA ASN A 344 -20.57 -35.34 -24.82
C ASN A 344 -20.01 -36.32 -25.84
N LEU A 345 -18.96 -35.86 -26.53
CA LEU A 345 -18.31 -36.67 -27.53
C LEU A 345 -17.73 -37.95 -26.94
N SER A 346 -17.13 -37.83 -25.76
CA SER A 346 -16.57 -38.98 -25.01
C SER A 346 -17.55 -40.16 -24.85
N ARG A 347 -18.83 -39.86 -24.86
CA ARG A 347 -19.89 -40.86 -24.77
C ARG A 347 -19.97 -41.57 -23.43
N LYS A 348 -19.33 -41.03 -22.39
CA LYS A 348 -19.36 -41.65 -21.06
C LYS A 348 -20.76 -41.53 -20.44
N LEU A 349 -21.22 -42.59 -19.76
CA LEU A 349 -22.49 -42.52 -19.04
C LEU A 349 -22.37 -41.58 -17.86
N VAL A 350 -23.49 -41.00 -17.45
CA VAL A 350 -23.52 -40.22 -16.23
C VAL A 350 -23.88 -41.15 -15.09
N LYS A 351 -22.94 -41.34 -14.17
CA LYS A 351 -23.12 -42.33 -13.11
C LYS A 351 -23.38 -41.70 -11.75
N ALA A 352 -24.16 -42.39 -10.93
CA ALA A 352 -24.42 -41.92 -9.57
C ALA A 352 -23.15 -41.90 -8.71
N ASP A 353 -22.17 -42.73 -9.06
CA ASP A 353 -20.96 -42.87 -8.27
C ASP A 353 -20.26 -41.54 -8.15
N SER A 354 -20.45 -40.70 -9.17
CA SER A 354 -19.78 -39.40 -9.22
C SER A 354 -20.06 -38.55 -7.98
N PHE A 355 -21.18 -38.81 -7.32
CA PHE A 355 -21.55 -38.07 -6.12
C PHE A 355 -21.05 -38.78 -4.86
N PHE A 356 -20.44 -39.94 -5.05
CA PHE A 356 -19.92 -40.72 -3.93
C PHE A 356 -18.42 -40.96 -4.08
N MET A 357 -17.82 -41.63 -3.10
CA MET A 357 -16.40 -41.92 -3.12
C MET A 357 -16.06 -43.08 -2.19
N ASP A 358 -15.37 -44.08 -2.72
CA ASP A 358 -14.97 -45.25 -1.94
C ASP A 358 -13.53 -45.13 -1.45
N VAL A 359 -12.74 -44.33 -2.17
CA VAL A 359 -11.33 -44.13 -1.81
C VAL A 359 -11.03 -42.64 -1.66
N LEU A 360 -9.96 -42.32 -0.95
CA LEU A 360 -9.48 -40.96 -0.82
C LEU A 360 -8.10 -40.91 -1.41
N VAL A 361 -7.81 -39.89 -2.22
CA VAL A 361 -6.48 -39.73 -2.75
C VAL A 361 -5.61 -39.07 -1.69
N VAL A 362 -4.55 -39.76 -1.30
CA VAL A 362 -3.53 -39.17 -0.44
C VAL A 362 -2.55 -38.41 -1.33
N PRO A 363 -2.47 -37.10 -1.16
CA PRO A 363 -1.60 -36.27 -1.99
C PRO A 363 -0.16 -36.64 -1.66
N PRO A 364 0.78 -36.32 -2.56
CA PRO A 364 2.19 -36.64 -2.33
C PRO A 364 2.65 -36.24 -0.94
N THR A 365 3.79 -36.76 -0.51
CA THR A 365 4.33 -36.44 0.81
C THR A 365 4.90 -35.03 0.85
N ARG A 366 5.66 -34.66 -0.18
CA ARG A 366 6.27 -33.34 -0.26
C ARG A 366 5.25 -32.25 0.08
N PHE A 367 3.97 -32.59 0.01
CA PHE A 367 2.91 -31.65 0.30
C PHE A 367 2.28 -31.93 1.67
N ARG A 368 2.98 -32.72 2.48
CA ARG A 368 2.49 -33.08 3.81
C ARG A 368 3.65 -33.20 4.79
N LEU A 369 4.37 -32.10 5.00
CA LEU A 369 5.50 -32.09 5.92
C LEU A 369 5.19 -31.26 7.17
N PRO A 370 5.93 -31.53 8.24
CA PRO A 370 5.73 -30.81 9.50
C PRO A 370 6.19 -29.35 9.34
N SER A 371 5.97 -28.52 10.36
CA SER A 371 6.42 -27.14 10.32
C SER A 371 7.36 -26.89 11.47
N LYS A 372 8.32 -25.98 11.32
CA LYS A 372 9.01 -25.52 12.53
C LYS A 372 8.71 -24.06 12.87
N LEU A 373 8.10 -23.89 14.04
CA LEU A 373 7.81 -22.59 14.62
C LEU A 373 9.02 -22.20 15.45
N GLY A 374 9.99 -21.60 14.77
CA GLY A 374 11.27 -21.27 15.38
C GLY A 374 12.08 -22.52 15.63
N GLU A 375 12.03 -23.02 16.87
CA GLU A 375 12.81 -24.20 17.23
C GLU A 375 11.91 -25.43 17.43
N GLU A 376 10.68 -25.20 17.89
CA GLU A 376 9.74 -26.30 18.11
C GLU A 376 9.11 -26.79 16.81
N VAL A 377 8.90 -28.11 16.70
CA VAL A 377 8.36 -28.73 15.49
C VAL A 377 6.92 -29.16 15.68
N HIS A 378 6.04 -28.79 14.75
CA HIS A 378 4.61 -29.06 14.87
C HIS A 378 4.13 -30.00 13.79
N GLU A 379 3.25 -30.93 14.13
CA GLU A 379 2.72 -31.86 13.13
C GLU A 379 1.92 -31.16 12.05
N ASN A 380 1.87 -31.79 10.89
CA ASN A 380 1.07 -31.30 9.78
C ASN A 380 -0.42 -31.51 10.03
N SER A 381 -1.23 -30.47 9.88
CA SER A 381 -2.63 -30.57 10.25
C SER A 381 -3.44 -31.53 9.35
N GLN A 382 -3.09 -31.60 8.08
CA GLN A 382 -3.75 -32.55 7.21
C GLN A 382 -3.44 -34.00 7.65
N ASN A 383 -2.30 -34.22 8.30
CA ASN A 383 -2.01 -35.57 8.77
C ASN A 383 -2.84 -35.89 9.97
N GLN A 384 -3.06 -34.90 10.81
CA GLN A 384 -3.89 -35.07 12.00
C GLN A 384 -5.30 -35.51 11.62
N LEU A 385 -5.81 -34.90 10.56
CA LEU A 385 -7.12 -35.28 10.05
C LEU A 385 -7.12 -36.68 9.42
N LEU A 386 -6.10 -37.02 8.64
CA LEU A 386 -6.02 -38.32 7.97
C LEU A 386 -5.86 -39.47 8.95
N SER A 387 -5.19 -39.23 10.06
CA SER A 387 -4.99 -40.31 11.02
C SER A 387 -6.30 -40.62 11.75
N LYS A 388 -7.17 -39.64 11.84
CA LYS A 388 -8.48 -39.85 12.43
C LYS A 388 -9.33 -40.73 11.51
N VAL A 389 -9.17 -40.54 10.20
CA VAL A 389 -9.76 -41.44 9.22
C VAL A 389 -9.21 -42.85 9.40
N LEU A 390 -7.91 -42.94 9.69
CA LEU A 390 -7.25 -44.23 9.82
C LEU A 390 -7.72 -45.04 11.02
N THR A 391 -7.85 -44.38 12.18
CA THR A 391 -8.31 -45.06 13.38
C THR A 391 -9.74 -45.58 13.22
N THR A 392 -10.61 -44.72 12.70
CA THR A 392 -12.00 -45.07 12.54
C THR A 392 -12.05 -46.25 11.60
N SER A 393 -11.14 -46.24 10.65
CA SER A 393 -11.08 -47.27 9.64
C SER A 393 -10.75 -48.63 10.26
N LEU A 394 -9.70 -48.68 11.07
CA LEU A 394 -9.34 -49.91 11.76
C LEU A 394 -10.48 -50.35 12.64
N LEU A 395 -11.12 -49.41 13.31
CA LEU A 395 -12.18 -49.72 14.25
C LEU A 395 -13.38 -50.34 13.56
N ILE A 396 -13.70 -49.86 12.37
CA ILE A 396 -14.82 -50.40 11.61
C ILE A 396 -14.47 -51.79 11.05
N ARG A 397 -13.20 -51.98 10.72
CA ARG A 397 -12.76 -53.27 10.20
C ARG A 397 -12.86 -54.34 11.28
N ASP A 398 -12.99 -53.90 12.54
CA ASP A 398 -13.17 -54.81 13.69
C ASP A 398 -14.63 -55.08 13.97
N LEU A 399 -15.44 -54.04 13.82
CA LEU A 399 -16.87 -54.18 13.94
C LEU A 399 -17.31 -55.18 12.89
N ASN A 400 -16.72 -55.05 11.70
CA ASN A 400 -17.07 -55.92 10.58
C ASN A 400 -16.59 -57.36 10.81
N ASP A 401 -15.66 -57.53 11.74
CA ASP A 401 -15.06 -58.83 11.99
C ASP A 401 -15.93 -59.60 12.97
N ASP A 402 -16.44 -58.87 13.96
CA ASP A 402 -17.31 -59.45 14.97
C ASP A 402 -18.69 -59.66 14.38
N LEU A 403 -19.03 -58.85 13.37
CA LEU A 403 -20.33 -58.94 12.72
C LEU A 403 -20.64 -60.37 12.30
N SER A 404 -19.93 -60.86 11.28
CA SER A 404 -20.14 -62.21 10.79
C SER A 404 -19.32 -63.22 11.59
N LYS A 405 -18.56 -62.72 12.55
CA LYS A 405 -17.73 -63.57 13.40
C LYS A 405 -18.54 -64.18 14.53
N LEU A 406 -19.83 -63.88 14.56
CA LEU A 406 -20.73 -64.40 15.59
C LEU A 406 -22.03 -64.93 14.99
N GLN A 407 -22.21 -66.25 15.05
CA GLN A 407 -23.40 -66.88 14.51
C GLN A 407 -24.66 -66.15 14.95
N LYS A 408 -25.64 -66.05 14.05
CA LYS A 408 -26.92 -65.45 14.38
C LYS A 408 -27.65 -66.25 15.45
N ASP A 409 -27.57 -67.57 15.34
CA ASP A 409 -28.22 -68.46 16.30
C ASP A 409 -27.87 -68.06 17.74
N LYS A 410 -26.59 -67.91 18.00
CA LYS A 410 -26.11 -67.53 19.34
C LYS A 410 -26.31 -66.04 19.58
N VAL A 411 -25.99 -65.23 18.57
CA VAL A 411 -26.12 -63.78 18.67
C VAL A 411 -27.58 -63.38 18.91
N SER A 412 -27.89 -62.11 19.06
CA SER A 412 -29.31 -61.83 19.30
C SER A 412 -29.96 -60.66 18.59
N LEU A 413 -31.29 -60.70 18.52
CA LEU A 413 -32.10 -59.62 17.94
C LEU A 413 -31.82 -58.54 18.95
N GLU A 414 -31.30 -59.04 20.07
CA GLU A 414 -30.81 -58.27 21.21
C GLU A 414 -29.37 -57.82 21.04
N ASP A 415 -28.51 -58.69 20.51
CA ASP A 415 -27.15 -58.27 20.18
C ASP A 415 -27.10 -57.71 18.75
N ARG A 416 -28.01 -58.17 17.91
CA ARG A 416 -28.15 -57.63 16.56
C ARG A 416 -28.38 -56.13 16.61
N ARG A 417 -29.20 -55.69 17.55
CA ARG A 417 -29.52 -54.27 17.70
C ARG A 417 -28.33 -53.46 18.21
N VAL A 418 -27.60 -54.02 19.17
CA VAL A 418 -26.47 -53.32 19.74
C VAL A 418 -25.30 -53.24 18.76
N ILE A 419 -25.06 -54.30 18.00
CA ILE A 419 -23.99 -54.30 17.00
C ILE A 419 -24.28 -53.24 15.97
N PHE A 420 -25.54 -53.14 15.56
CA PHE A 420 -25.94 -52.10 14.62
C PHE A 420 -25.71 -50.72 15.20
N SER A 421 -26.09 -50.55 16.47
CA SER A 421 -25.90 -49.30 17.18
C SER A 421 -24.43 -48.86 17.13
N ARG A 422 -23.52 -49.79 17.36
CA ARG A 422 -22.10 -49.47 17.35
C ARG A 422 -21.63 -49.15 15.94
N LEU A 423 -22.21 -49.82 14.95
CA LEU A 423 -21.79 -49.62 13.58
C LEU A 423 -22.24 -48.27 13.05
N MET A 424 -23.48 -47.90 13.38
CA MET A 424 -24.03 -46.61 12.99
C MET A 424 -23.13 -45.53 13.56
N ASN A 425 -22.80 -45.68 14.84
CA ASN A 425 -21.92 -44.74 15.52
C ASN A 425 -20.59 -44.52 14.79
N ALA A 426 -19.92 -45.61 14.47
CA ALA A 426 -18.66 -45.54 13.72
C ALA A 426 -18.78 -44.83 12.35
N PHE A 427 -19.74 -45.26 11.54
CA PHE A 427 -19.96 -44.68 10.22
C PHE A 427 -20.22 -43.19 10.35
N VAL A 428 -21.08 -42.81 11.29
CA VAL A 428 -21.43 -41.40 11.42
C VAL A 428 -20.21 -40.53 11.74
N THR A 429 -19.41 -40.97 12.70
CA THR A 429 -18.29 -40.15 13.11
C THR A 429 -17.12 -40.17 12.11
N ILE A 430 -16.89 -41.27 11.41
CA ILE A 430 -15.88 -41.20 10.36
C ILE A 430 -16.39 -40.26 9.27
N GLN A 431 -17.66 -40.36 8.93
CA GLN A 431 -18.25 -39.52 7.88
C GLN A 431 -18.20 -38.07 8.30
N ASN A 432 -18.28 -37.83 9.60
CA ASN A 432 -18.18 -36.46 10.06
C ASN A 432 -16.77 -35.92 9.91
N ASP A 433 -15.77 -36.75 10.23
CA ASP A 433 -14.37 -36.33 10.17
C ASP A 433 -13.94 -36.06 8.74
N VAL A 434 -14.52 -36.82 7.80
CA VAL A 434 -14.26 -36.60 6.38
C VAL A 434 -14.91 -35.29 5.95
N ASN A 435 -16.20 -35.13 6.27
CA ASN A 435 -16.92 -33.89 6.01
C ASN A 435 -16.18 -32.66 6.51
N ALA A 436 -15.69 -32.75 7.74
CA ALA A 436 -15.03 -31.62 8.37
C ALA A 436 -13.78 -31.17 7.61
N PHE A 437 -13.17 -32.09 6.88
CA PHE A 437 -11.98 -31.79 6.10
C PHE A 437 -12.31 -30.91 4.90
N ILE A 438 -12.84 -31.53 3.85
CA ILE A 438 -13.21 -30.81 2.64
C ILE A 438 -14.26 -29.75 2.92
N ASP A 439 -14.69 -29.67 4.18
CA ASP A 439 -15.71 -28.71 4.59
C ASP A 439 -15.87 -28.68 6.10
N SER A 440 -14.84 -28.20 6.79
CA SER A 440 -14.86 -28.12 8.26
C SER A 440 -16.20 -27.57 8.75
N THR A 441 -16.76 -26.63 8.02
CA THR A 441 -18.04 -26.03 8.37
C THR A 441 -19.14 -27.08 8.49
N LYS A 442 -18.78 -28.33 8.23
CA LYS A 442 -19.73 -29.44 8.29
C LYS A 442 -19.34 -30.44 9.37
N ALA A 443 -18.24 -30.16 10.05
CA ALA A 443 -17.75 -31.03 11.11
C ALA A 443 -18.26 -30.59 12.48
N GLN A 444 -18.40 -31.53 13.40
CA GLN A 444 -18.86 -31.23 14.74
C GLN A 444 -17.71 -30.68 15.55
N GLY A 445 -17.91 -29.47 16.09
CA GLY A 445 -16.89 -28.75 16.84
C GLY A 445 -16.23 -29.62 17.89
N ARG A 446 -14.89 -29.66 17.84
CA ARG A 446 -14.12 -30.59 18.66
C ARG A 446 -13.89 -30.11 20.07
N THR A 447 -14.04 -31.04 21.02
CA THR A 447 -13.66 -30.87 22.44
C THR A 447 -13.83 -29.44 22.97
N SER A 448 -14.97 -28.83 22.65
CA SER A 448 -15.29 -27.39 22.87
C SER A 448 -14.14 -26.50 23.32
N GLY A 449 -13.39 -26.01 22.34
CA GLY A 449 -12.15 -25.30 22.57
C GLY A 449 -11.27 -25.55 21.37
N LYS A 450 -9.95 -25.64 21.59
CA LYS A 450 -8.97 -25.99 20.55
C LYS A 450 -9.00 -25.14 19.25
N VAL A 451 -10.18 -24.69 18.85
CA VAL A 451 -10.44 -24.12 17.51
C VAL A 451 -10.17 -25.14 16.39
N PRO A 452 -11.06 -25.20 15.41
CA PRO A 452 -10.97 -26.25 14.39
C PRO A 452 -9.66 -26.23 13.61
N ILE A 453 -9.23 -27.40 13.14
CA ILE A 453 -8.12 -27.49 12.22
C ILE A 453 -8.69 -27.32 10.80
N PRO A 454 -8.05 -26.46 9.99
CA PRO A 454 -8.51 -26.17 8.63
C PRO A 454 -8.58 -27.41 7.76
N GLY A 455 -9.67 -27.58 7.04
CA GLY A 455 -9.72 -28.62 6.04
C GLY A 455 -9.32 -28.03 4.71
N VAL A 456 -9.32 -28.85 3.66
CA VAL A 456 -8.91 -28.39 2.35
C VAL A 456 -9.63 -27.11 1.93
N LYS A 457 -10.95 -27.05 2.11
CA LYS A 457 -11.69 -25.84 1.75
C LYS A 457 -11.07 -24.60 2.39
N GLN A 458 -10.76 -24.69 3.67
CA GLN A 458 -10.21 -23.56 4.40
C GLN A 458 -8.77 -23.21 3.96
N ALA A 459 -7.99 -24.21 3.55
CA ALA A 459 -6.67 -23.95 2.98
C ALA A 459 -6.78 -23.14 1.68
N LEU A 460 -7.68 -23.52 0.79
CA LEU A 460 -7.88 -22.76 -0.44
C LEU A 460 -8.51 -21.39 -0.24
N GLU A 461 -9.22 -21.22 0.87
CA GLU A 461 -10.00 -19.99 1.09
C GLU A 461 -9.52 -19.13 2.26
N LYS A 462 -8.41 -19.52 2.89
CA LYS A 462 -7.79 -18.73 3.96
C LYS A 462 -7.56 -17.28 3.53
N LYS A 463 -8.15 -16.34 4.27
CA LYS A 463 -8.00 -14.90 4.00
C LYS A 463 -8.47 -14.57 2.59
N GLU A 464 -7.63 -13.91 1.81
CA GLU A 464 -7.97 -13.62 0.42
C GLU A 464 -8.03 -14.90 -0.43
N GLY A 465 -7.40 -15.97 0.05
CA GLY A 465 -7.48 -17.26 -0.62
C GLY A 465 -6.33 -17.56 -1.55
N LEU A 466 -6.06 -18.85 -1.77
CA LEU A 466 -4.93 -19.30 -2.57
C LEU A 466 -4.89 -18.60 -3.92
N PHE A 467 -6.05 -18.49 -4.56
CA PHE A 467 -6.11 -17.92 -5.89
C PHE A 467 -5.60 -16.47 -5.94
N ARG A 468 -6.03 -15.66 -4.98
CA ARG A 468 -5.71 -14.26 -5.03
C ARG A 468 -4.32 -13.97 -4.45
N LYS A 469 -3.92 -14.76 -3.46
CA LYS A 469 -2.72 -14.48 -2.68
C LYS A 469 -1.49 -15.15 -3.27
N HIS A 470 -1.68 -16.25 -4.00
CA HIS A 470 -0.56 -16.99 -4.59
C HIS A 470 -0.71 -17.32 -6.08
N MET A 471 -1.70 -16.77 -6.76
CA MET A 471 -1.75 -17.02 -8.18
C MET A 471 -1.94 -15.71 -8.92
N MET A 472 -2.93 -14.92 -8.55
CA MET A 472 -3.13 -13.63 -9.17
C MET A 472 -2.07 -12.63 -8.71
N GLY A 473 -1.33 -13.00 -7.66
CA GLY A 473 -0.28 -12.16 -7.15
C GLY A 473 0.68 -13.11 -6.49
N LYS A 474 1.96 -12.75 -6.42
CA LYS A 474 3.03 -13.64 -5.95
C LYS A 474 4.19 -12.82 -5.41
N ARG A 475 5.01 -13.44 -4.57
CA ARG A 475 6.34 -12.91 -4.26
C ARG A 475 7.23 -12.91 -5.50
N VAL A 476 8.04 -11.87 -5.63
CA VAL A 476 8.95 -11.74 -6.77
C VAL A 476 10.40 -11.89 -6.33
N ASN A 477 11.31 -11.79 -7.29
CA ASN A 477 12.74 -11.92 -7.01
C ASN A 477 13.59 -10.99 -7.87
N TYR A 478 14.82 -10.76 -7.46
CA TYR A 478 15.74 -9.89 -8.19
C TYR A 478 15.40 -8.43 -7.98
N ALA A 479 14.10 -8.13 -7.86
CA ALA A 479 13.65 -6.77 -7.66
C ALA A 479 14.17 -6.20 -6.34
N ALA A 480 14.46 -4.91 -6.33
CA ALA A 480 14.97 -4.25 -5.15
C ALA A 480 13.98 -3.20 -4.63
N ARG A 481 14.18 -2.74 -3.40
CA ARG A 481 13.32 -1.71 -2.83
C ARG A 481 14.18 -0.73 -2.06
N SER A 482 13.83 0.55 -2.12
CA SER A 482 14.58 1.56 -1.41
C SER A 482 13.74 2.79 -1.20
N VAL A 483 14.04 3.56 -0.16
CA VAL A 483 13.63 4.96 -0.11
C VAL A 483 14.10 5.74 -1.36
N ILE A 484 13.25 6.60 -1.91
CA ILE A 484 13.68 7.45 -3.01
C ILE A 484 14.13 8.85 -2.54
N SER A 485 15.06 9.44 -3.28
CA SER A 485 15.57 10.79 -3.04
C SER A 485 15.56 11.57 -4.35
N PRO A 486 15.38 12.89 -4.27
CA PRO A 486 15.28 13.65 -5.51
C PRO A 486 16.64 13.86 -6.18
N ASP A 487 16.66 13.98 -7.50
CA ASP A 487 17.87 14.30 -8.22
C ASP A 487 17.57 15.06 -9.47
N PRO A 488 18.04 16.33 -9.59
CA PRO A 488 17.76 17.10 -10.81
C PRO A 488 18.78 16.79 -11.91
N ASN A 489 19.83 16.05 -11.57
CA ASN A 489 20.96 15.82 -12.47
C ASN A 489 20.93 14.51 -13.25
N ILE A 490 19.88 13.73 -13.08
CA ILE A 490 19.70 12.59 -13.96
C ILE A 490 18.61 12.97 -14.97
N GLU A 491 18.52 12.20 -16.05
CA GLU A 491 17.51 12.49 -17.07
C GLU A 491 16.12 12.15 -16.52
N THR A 492 15.11 12.79 -17.09
CA THR A 492 13.77 12.57 -16.64
C THR A 492 13.31 11.14 -16.92
N ASN A 493 14.08 10.39 -17.72
CA ASN A 493 13.72 9.01 -18.03
C ASN A 493 14.64 7.95 -17.45
N GLU A 494 15.51 8.39 -16.55
CA GLU A 494 16.49 7.54 -15.89
C GLU A 494 16.05 7.25 -14.45
N ILE A 495 16.81 6.41 -13.77
CA ILE A 495 16.67 6.16 -12.36
C ILE A 495 18.07 5.96 -11.80
N GLY A 496 18.37 6.62 -10.69
CA GLY A 496 19.71 6.53 -10.14
C GLY A 496 19.82 5.32 -9.25
N VAL A 497 20.67 4.37 -9.65
CA VAL A 497 20.75 3.09 -8.97
C VAL A 497 21.97 3.02 -8.10
N PRO A 498 21.80 2.70 -6.81
CA PRO A 498 22.95 2.55 -5.92
C PRO A 498 23.72 1.30 -6.21
N PRO A 499 25.05 1.38 -6.12
CA PRO A 499 25.98 0.31 -6.48
C PRO A 499 25.69 -0.96 -5.69
N VAL A 500 25.22 -0.78 -4.47
CA VAL A 500 24.79 -1.90 -3.66
C VAL A 500 23.76 -2.77 -4.40
N PHE A 501 22.95 -2.15 -5.25
CA PHE A 501 22.03 -2.90 -6.09
C PHE A 501 22.74 -3.39 -7.35
N ALA A 502 23.50 -2.48 -7.96
CA ALA A 502 24.10 -2.72 -9.27
C ALA A 502 25.00 -3.94 -9.29
N VAL A 503 25.52 -4.27 -8.13
CA VAL A 503 26.45 -5.37 -7.99
C VAL A 503 25.75 -6.71 -7.71
N LYS A 504 24.49 -6.67 -7.30
CA LYS A 504 23.79 -7.90 -6.96
C LYS A 504 22.78 -8.32 -8.02
N LEU A 505 22.29 -7.37 -8.78
CA LEU A 505 21.36 -7.66 -9.87
C LEU A 505 22.03 -8.51 -10.96
N THR A 506 21.28 -9.47 -11.51
CA THR A 506 21.74 -10.23 -12.65
C THR A 506 20.83 -10.01 -13.86
N TYR A 507 21.43 -9.70 -15.00
CA TYR A 507 20.84 -10.00 -16.29
C TYR A 507 21.70 -10.96 -17.10
N PRO A 508 21.04 -12.07 -17.64
CA PRO A 508 21.91 -12.94 -18.44
C PRO A 508 22.42 -12.25 -19.70
N GLU A 509 23.66 -12.53 -20.07
CA GLU A 509 24.15 -12.24 -21.42
C GLU A 509 24.58 -13.51 -22.13
N PRO A 510 24.09 -13.68 -23.36
CA PRO A 510 24.66 -14.67 -24.28
C PRO A 510 25.90 -14.09 -24.94
N VAL A 511 26.94 -14.90 -25.08
CA VAL A 511 28.23 -14.47 -25.62
C VAL A 511 28.31 -14.63 -27.14
N THR A 512 28.68 -13.55 -27.83
CA THR A 512 28.71 -13.60 -29.29
C THR A 512 29.95 -12.88 -29.81
N ALA A 513 30.16 -12.97 -31.12
CA ALA A 513 31.25 -12.26 -31.77
C ALA A 513 31.19 -10.78 -31.46
N TYR A 514 29.98 -10.24 -31.39
CA TYR A 514 29.84 -8.80 -31.26
C TYR A 514 30.07 -8.29 -29.83
N ASN A 515 30.07 -9.19 -28.85
CA ASN A 515 30.23 -8.75 -27.47
C ASN A 515 31.31 -9.46 -26.66
N ILE A 516 32.13 -10.26 -27.34
CA ILE A 516 33.14 -11.05 -26.65
C ILE A 516 34.17 -10.17 -25.92
N ALA A 517 34.45 -8.99 -26.48
CA ALA A 517 35.39 -8.06 -25.86
C ALA A 517 34.84 -7.64 -24.51
N GLU A 518 33.63 -7.08 -24.53
CA GLU A 518 32.92 -6.63 -23.34
C GLU A 518 32.82 -7.69 -22.24
N LEU A 519 32.38 -8.88 -22.61
CA LEU A 519 32.10 -9.88 -21.61
C LEU A 519 33.40 -10.45 -21.04
N ARG A 520 34.45 -10.47 -21.86
CA ARG A 520 35.77 -10.86 -21.37
C ARG A 520 36.13 -9.98 -20.19
N GLN A 521 35.98 -8.68 -20.37
CA GLN A 521 36.36 -7.71 -19.37
C GLN A 521 35.53 -7.86 -18.09
N ALA A 522 34.23 -8.09 -18.26
CA ALA A 522 33.32 -8.29 -17.13
C ALA A 522 33.77 -9.45 -16.27
N VAL A 523 33.98 -10.61 -16.91
CA VAL A 523 34.48 -11.78 -16.20
C VAL A 523 35.81 -11.52 -15.51
N ILE A 524 36.73 -10.84 -16.19
CA ILE A 524 37.98 -10.45 -15.55
C ILE A 524 37.71 -9.58 -14.32
N ASN A 525 36.86 -8.57 -14.47
CA ASN A 525 36.51 -7.69 -13.35
C ASN A 525 35.93 -8.41 -12.12
N GLY A 526 35.22 -9.52 -12.36
CA GLY A 526 34.73 -10.32 -11.27
C GLY A 526 33.44 -9.82 -10.65
N PRO A 527 33.04 -10.43 -9.54
CA PRO A 527 31.77 -10.17 -8.87
C PRO A 527 31.75 -8.79 -8.23
N ASP A 528 32.92 -8.25 -7.91
CA ASP A 528 32.95 -7.12 -6.98
C ASP A 528 33.46 -5.78 -7.56
N LYS A 529 34.02 -5.80 -8.76
CA LYS A 529 34.40 -4.58 -9.46
C LYS A 529 33.41 -4.29 -10.59
N TRP A 530 32.70 -3.17 -10.51
CA TRP A 530 31.70 -2.86 -11.52
C TRP A 530 32.38 -2.17 -12.69
N PRO A 531 31.96 -2.46 -13.93
CA PRO A 531 30.96 -3.42 -14.42
C PRO A 531 31.60 -4.78 -14.61
N GLY A 532 31.15 -5.76 -13.83
CA GLY A 532 31.72 -7.08 -13.85
C GLY A 532 30.67 -8.13 -14.02
N ALA A 533 30.86 -9.28 -13.39
CA ALA A 533 30.06 -10.45 -13.65
C ALA A 533 30.14 -11.38 -12.45
N THR A 534 29.10 -12.17 -12.21
CA THR A 534 29.12 -13.03 -11.03
C THR A 534 29.24 -14.50 -11.38
N GLN A 535 28.86 -14.84 -12.61
CA GLN A 535 29.03 -16.22 -13.05
C GLN A 535 28.88 -16.45 -14.53
N ILE A 536 29.26 -17.66 -14.93
CA ILE A 536 29.19 -18.06 -16.32
C ILE A 536 28.30 -19.30 -16.46
N GLN A 537 27.42 -19.26 -17.44
CA GLN A 537 26.64 -20.45 -17.77
C GLN A 537 27.31 -21.14 -18.94
N ASN A 538 27.61 -22.42 -18.77
CA ASN A 538 28.16 -23.19 -19.87
C ASN A 538 27.07 -23.75 -20.78
N GLU A 539 27.49 -24.29 -21.92
CA GLU A 539 26.54 -24.74 -22.92
C GLU A 539 25.70 -25.93 -22.42
N ASP A 540 26.25 -26.67 -21.46
CA ASP A 540 25.50 -27.76 -20.84
C ASP A 540 24.75 -27.27 -19.63
N GLY A 541 24.36 -26.00 -19.66
CA GLY A 541 23.51 -25.41 -18.64
C GLY A 541 24.13 -25.15 -17.29
N SER A 542 25.24 -25.81 -17.00
CA SER A 542 25.89 -25.67 -15.71
C SER A 542 26.45 -24.27 -15.46
N LEU A 543 26.44 -23.86 -14.20
CA LEU A 543 26.94 -22.56 -13.81
C LEU A 543 28.30 -22.69 -13.18
N VAL A 544 29.13 -21.67 -13.35
CA VAL A 544 30.42 -21.59 -12.67
C VAL A 544 30.50 -20.28 -11.93
N SER A 545 30.72 -20.33 -10.62
CA SER A 545 30.81 -19.11 -9.82
C SER A 545 32.15 -18.44 -9.99
N LEU A 546 32.12 -17.12 -10.14
CA LEU A 546 33.32 -16.32 -10.23
C LEU A 546 33.70 -15.80 -8.85
N ILE A 547 32.98 -16.26 -7.83
CA ILE A 547 33.12 -15.67 -6.51
C ILE A 547 34.45 -15.98 -5.80
N GLY A 548 34.74 -17.24 -5.60
CA GLY A 548 35.98 -17.55 -4.89
C GLY A 548 37.28 -17.28 -5.65
N MET A 549 37.18 -16.66 -6.83
CA MET A 549 38.31 -16.75 -7.76
C MET A 549 39.36 -15.65 -7.76
N SER A 550 40.57 -16.06 -8.12
CA SER A 550 41.67 -15.15 -8.33
C SER A 550 41.53 -14.53 -9.69
N VAL A 551 42.36 -13.52 -9.94
CA VAL A 551 42.37 -12.82 -11.21
C VAL A 551 42.80 -13.75 -12.35
N GLU A 552 43.71 -14.68 -12.06
CA GLU A 552 44.22 -15.55 -13.12
C GLU A 552 43.17 -16.57 -13.52
N GLN A 553 42.51 -17.18 -12.54
CA GLN A 553 41.46 -18.13 -12.84
C GLN A 553 40.39 -17.47 -13.69
N ARG A 554 40.00 -16.25 -13.32
CA ARG A 554 39.02 -15.49 -14.10
C ARG A 554 39.51 -15.21 -15.54
N LYS A 555 40.77 -14.81 -15.67
CA LYS A 555 41.35 -14.55 -16.99
C LYS A 555 41.29 -15.81 -17.86
N ALA A 556 41.41 -16.97 -17.22
CA ALA A 556 41.36 -18.24 -17.92
C ALA A 556 39.96 -18.49 -18.46
N LEU A 557 38.97 -18.42 -17.57
CA LEU A 557 37.57 -18.57 -17.98
C LEU A 557 37.17 -17.55 -19.03
N ALA A 558 37.68 -16.34 -18.92
CA ALA A 558 37.39 -15.32 -19.91
C ALA A 558 37.95 -15.65 -21.30
N ASN A 559 38.97 -16.50 -21.35
CA ASN A 559 39.55 -16.85 -22.64
C ASN A 559 38.90 -18.05 -23.29
N GLN A 560 37.97 -18.68 -22.58
CA GLN A 560 37.28 -19.83 -23.15
C GLN A 560 35.79 -19.57 -23.32
N LEU A 561 35.40 -18.30 -23.31
CA LEU A 561 34.00 -17.91 -23.45
C LEU A 561 33.43 -18.29 -24.81
N LEU A 562 34.29 -18.31 -25.82
CA LEU A 562 33.81 -18.45 -27.17
C LEU A 562 34.44 -19.65 -27.89
N THR A 563 34.82 -20.69 -27.14
CA THR A 563 35.35 -21.89 -27.77
C THR A 563 34.24 -22.65 -28.46
N PRO A 564 34.54 -23.29 -29.60
CA PRO A 564 33.58 -24.11 -30.36
C PRO A 564 32.88 -25.19 -29.53
N SER A 565 32.02 -25.97 -30.18
CA SER A 565 31.32 -27.04 -29.48
C SER A 565 32.05 -28.37 -29.60
N SER A 566 32.17 -29.05 -28.47
CA SER A 566 32.76 -30.37 -28.41
C SER A 566 31.67 -31.36 -28.10
N ASN A 567 30.48 -31.08 -28.60
CA ASN A 567 29.27 -31.80 -28.24
C ASN A 567 28.15 -31.39 -29.18
N VAL A 568 27.64 -32.34 -29.95
CA VAL A 568 26.62 -32.06 -30.96
C VAL A 568 25.30 -31.55 -30.35
N SER A 569 24.95 -32.09 -29.19
CA SER A 569 23.68 -31.77 -28.52
C SER A 569 23.55 -30.32 -28.03
N THR A 570 24.67 -29.73 -27.66
CA THR A 570 24.66 -28.35 -27.20
C THR A 570 25.23 -27.41 -28.26
N HIS A 571 25.42 -27.91 -29.48
CA HIS A 571 26.13 -27.14 -30.48
C HIS A 571 25.44 -25.86 -30.89
N THR A 572 24.14 -25.77 -30.64
CA THR A 572 23.39 -24.60 -31.04
C THR A 572 23.44 -23.48 -30.01
N LEU A 573 24.02 -23.77 -28.85
CA LEU A 573 24.08 -22.81 -27.76
C LEU A 573 25.43 -22.15 -27.63
N ASN A 574 25.43 -21.02 -26.96
CA ASN A 574 26.62 -20.30 -26.60
C ASN A 574 26.58 -20.10 -25.09
N LYS A 575 27.72 -19.80 -24.51
CA LYS A 575 27.79 -19.53 -23.08
C LYS A 575 27.04 -18.23 -22.73
N LYS A 576 26.74 -18.07 -21.45
CA LYS A 576 26.11 -16.84 -21.00
C LYS A 576 26.95 -16.25 -19.88
N VAL A 577 27.13 -14.94 -19.87
CA VAL A 577 27.81 -14.31 -18.75
C VAL A 577 26.81 -13.52 -17.92
N TYR A 578 26.72 -13.85 -16.63
CA TYR A 578 25.84 -13.15 -15.72
C TYR A 578 26.51 -11.86 -15.29
N ARG A 579 26.43 -10.85 -16.16
CA ARG A 579 27.07 -9.55 -15.98
C ARG A 579 26.33 -8.63 -15.01
N HIS A 580 27.08 -7.73 -14.38
CA HIS A 580 26.48 -6.79 -13.43
C HIS A 580 25.65 -5.73 -14.15
N ILE A 581 24.86 -4.99 -13.38
CA ILE A 581 24.01 -3.94 -13.94
C ILE A 581 24.79 -3.08 -14.94
N LYS A 582 24.06 -2.36 -15.78
CA LYS A 582 24.69 -1.52 -16.79
C LYS A 582 23.77 -0.38 -17.23
N ASN A 583 24.35 0.79 -17.45
CA ASN A 583 23.60 1.97 -17.87
C ASN A 583 22.80 1.77 -19.15
N ARG A 584 23.16 0.71 -19.86
CA ARG A 584 22.52 0.30 -21.11
C ARG A 584 21.10 -0.27 -20.79
N ASP A 585 20.89 -0.59 -19.51
CA ASP A 585 19.77 -1.42 -19.06
C ASP A 585 18.51 -0.64 -18.77
N VAL A 586 17.39 -1.38 -18.69
CA VAL A 586 16.09 -0.79 -18.35
C VAL A 586 15.48 -1.48 -17.14
N VAL A 587 14.97 -0.72 -16.20
CA VAL A 587 14.25 -1.37 -15.14
C VAL A 587 12.81 -0.86 -15.10
N LEU A 588 12.01 -1.49 -14.25
CA LEU A 588 10.63 -1.13 -14.05
C LEU A 588 10.49 -0.53 -12.66
N MET A 589 10.12 0.73 -12.58
CA MET A 589 9.99 1.36 -11.27
C MET A 589 8.54 1.38 -10.83
N ASN A 590 8.31 1.20 -9.54
CA ASN A 590 6.95 1.09 -9.00
C ASN A 590 6.80 1.72 -7.62
N ARG A 591 5.78 2.57 -7.47
CA ARG A 591 5.39 3.04 -6.15
C ARG A 591 3.94 2.64 -5.94
N GLN A 592 3.65 2.08 -4.77
CA GLN A 592 2.30 1.65 -4.41
C GLN A 592 1.62 2.74 -3.61
N PRO A 593 0.29 2.83 -3.71
CA PRO A 593 -0.63 2.06 -4.55
C PRO A 593 -0.48 2.36 -6.05
N THR A 594 -0.59 1.32 -6.85
CA THR A 594 -0.46 1.45 -8.28
C THR A 594 -1.84 1.54 -8.92
N LEU A 595 -2.37 2.76 -9.04
CA LEU A 595 -3.74 2.92 -9.46
C LEU A 595 -3.91 3.23 -10.95
N HIS A 596 -2.83 3.61 -11.62
CA HIS A 596 -2.89 3.65 -13.07
C HIS A 596 -1.53 3.22 -13.59
N LYS A 597 -1.45 2.98 -14.90
CA LYS A 597 -0.23 2.39 -15.44
C LYS A 597 1.02 3.27 -15.29
N ALA A 598 0.87 4.59 -15.23
CA ALA A 598 2.02 5.45 -15.03
C ALA A 598 2.64 5.34 -13.63
N SER A 599 2.02 4.57 -12.74
CA SER A 599 2.68 4.28 -11.46
C SER A 599 3.56 3.05 -11.59
N MET A 600 3.71 2.55 -12.81
CA MET A 600 4.71 1.55 -13.10
C MET A 600 5.35 1.75 -14.46
N MET A 601 6.46 2.49 -14.50
CA MET A 601 7.07 2.80 -15.78
C MET A 601 8.48 2.23 -15.95
N GLY A 602 8.93 2.20 -17.20
CA GLY A 602 10.31 1.84 -17.49
C GLY A 602 11.27 3.01 -17.47
N HIS A 603 12.33 2.89 -16.66
CA HIS A 603 13.40 3.88 -16.63
C HIS A 603 14.73 3.30 -17.10
N LYS A 604 15.54 4.14 -17.75
CA LYS A 604 16.89 3.77 -18.13
C LYS A 604 17.79 3.79 -16.89
N VAL A 605 18.64 2.79 -16.74
CA VAL A 605 19.49 2.72 -15.55
C VAL A 605 20.67 3.69 -15.62
N ARG A 606 20.92 4.37 -14.50
CA ARG A 606 22.13 5.17 -14.34
C ARG A 606 22.77 4.89 -12.98
N VAL A 607 23.82 4.07 -12.99
CA VAL A 607 24.50 3.73 -11.74
C VAL A 607 25.31 4.90 -11.20
N LEU A 608 25.12 5.20 -9.92
CA LEU A 608 25.71 6.36 -9.28
C LEU A 608 26.57 5.97 -8.08
N PRO A 609 27.87 6.29 -8.15
CA PRO A 609 28.77 5.92 -7.04
C PRO A 609 28.32 6.54 -5.71
N ASN A 610 28.63 5.84 -4.63
CA ASN A 610 28.39 6.35 -3.27
C ASN A 610 26.95 6.53 -2.81
N GLU A 611 25.96 6.26 -3.67
CA GLU A 611 24.57 6.41 -3.23
C GLU A 611 24.05 5.19 -2.49
N LYS A 612 23.18 5.44 -1.50
CA LYS A 612 22.52 4.36 -0.76
C LYS A 612 21.01 4.36 -1.00
N THR A 613 20.51 5.36 -1.69
CA THR A 613 19.10 5.35 -2.10
C THR A 613 18.88 5.46 -3.61
N LEU A 614 17.66 5.19 -4.06
CA LEU A 614 17.26 5.39 -5.44
C LEU A 614 17.04 6.86 -5.72
N ARG A 615 17.60 7.37 -6.82
CA ARG A 615 17.44 8.78 -7.13
C ARG A 615 16.57 8.98 -8.35
N LEU A 616 15.62 9.90 -8.21
CA LEU A 616 14.53 10.03 -9.17
C LEU A 616 14.32 11.50 -9.50
N HIS A 617 14.29 11.84 -10.78
CA HIS A 617 14.02 13.21 -11.19
C HIS A 617 12.62 13.64 -10.80
N TYR A 618 12.50 14.91 -10.42
CA TYR A 618 11.20 15.46 -9.99
C TYR A 618 10.09 15.28 -11.02
N ALA A 619 10.41 15.37 -12.30
CA ALA A 619 9.41 15.29 -13.37
C ALA A 619 8.53 14.03 -13.30
N ASN A 620 8.91 13.09 -12.45
CA ASN A 620 8.20 11.83 -12.32
C ASN A 620 7.29 11.75 -11.11
N THR A 621 7.31 12.76 -10.24
CA THR A 621 6.52 12.65 -9.02
C THR A 621 5.05 12.57 -9.37
N GLY A 622 4.63 13.37 -10.34
CA GLY A 622 3.25 13.38 -10.78
C GLY A 622 2.71 11.99 -11.06
N ALA A 623 3.41 11.26 -11.92
CA ALA A 623 3.03 9.92 -12.33
C ALA A 623 2.93 9.01 -11.14
N TYR A 624 3.97 8.97 -10.33
CA TYR A 624 4.05 8.01 -9.24
C TYR A 624 3.29 8.47 -8.02
N ASN A 625 2.89 9.73 -8.03
CA ASN A 625 2.31 10.34 -6.83
C ASN A 625 3.32 10.25 -5.65
N ALA A 626 4.57 10.60 -5.93
CA ALA A 626 5.66 10.44 -4.95
C ALA A 626 5.93 11.74 -4.21
N ASP A 627 6.23 11.66 -2.92
CA ASP A 627 6.40 12.88 -2.12
C ASP A 627 7.82 13.16 -1.61
N PHE A 628 8.71 12.19 -1.71
CA PHE A 628 10.03 12.23 -1.09
C PHE A 628 10.03 12.34 0.43
N ASP A 629 8.92 11.99 1.08
CA ASP A 629 8.88 11.97 2.55
C ASP A 629 9.23 10.60 3.14
N GLY A 630 10.13 9.86 2.50
CA GLY A 630 10.52 8.57 3.05
C GLY A 630 9.70 7.44 2.47
N ASP A 631 8.95 7.76 1.44
CA ASP A 631 8.27 6.76 0.66
C ASP A 631 9.28 5.92 -0.14
N GLU A 632 8.89 4.68 -0.44
CA GLU A 632 9.78 3.71 -1.05
C GLU A 632 9.30 3.31 -2.43
N MET A 633 10.23 2.92 -3.29
CA MET A 633 9.87 2.36 -4.60
C MET A 633 10.52 1.02 -4.83
N ASN A 634 9.96 0.27 -5.76
CA ASN A 634 10.46 -1.03 -6.11
C ASN A 634 11.14 -0.92 -7.46
N MET A 635 12.26 -1.59 -7.61
CA MET A 635 12.91 -1.62 -8.90
C MET A 635 12.90 -3.05 -9.40
N HIS A 636 12.35 -3.27 -10.59
CA HIS A 636 12.25 -4.62 -11.13
C HIS A 636 13.13 -4.73 -12.34
N PHE A 637 13.89 -5.83 -12.42
CA PHE A 637 14.87 -5.97 -13.50
C PHE A 637 14.53 -7.10 -14.45
N PRO A 638 13.78 -6.78 -15.52
CA PRO A 638 13.32 -7.77 -16.49
C PRO A 638 14.48 -8.53 -17.07
N GLN A 639 14.23 -9.78 -17.41
CA GLN A 639 15.31 -10.75 -17.55
C GLN A 639 15.54 -11.39 -18.93
N ASN A 640 14.94 -10.81 -19.96
CA ASN A 640 15.08 -11.35 -21.30
C ASN A 640 14.73 -10.25 -22.29
N GLU A 641 15.21 -10.36 -23.53
CA GLU A 641 15.09 -9.21 -24.43
C GLU A 641 13.65 -8.78 -24.78
N ASN A 642 12.69 -9.70 -24.80
CA ASN A 642 11.31 -9.31 -25.07
C ASN A 642 10.83 -8.35 -23.99
N ALA A 643 11.17 -8.65 -22.74
CA ALA A 643 10.73 -7.79 -21.68
C ALA A 643 11.50 -6.48 -21.75
N ARG A 644 12.76 -6.53 -22.16
CA ARG A 644 13.54 -5.31 -22.34
C ARG A 644 12.82 -4.41 -23.34
N ALA A 645 12.49 -4.97 -24.50
CA ALA A 645 11.94 -4.18 -25.58
C ALA A 645 10.65 -3.48 -25.13
N GLU A 646 9.85 -4.19 -24.34
CA GLU A 646 8.60 -3.66 -23.86
C GLU A 646 8.78 -2.53 -22.85
N ALA A 647 9.69 -2.71 -21.91
CA ALA A 647 9.96 -1.68 -20.92
C ALA A 647 10.59 -0.43 -21.55
N LEU A 648 11.26 -0.58 -22.69
CA LEU A 648 11.90 0.59 -23.33
C LEU A 648 11.01 1.26 -24.35
N ASN A 649 9.99 0.56 -24.82
CA ASN A 649 9.15 1.08 -25.89
C ASN A 649 7.66 1.24 -25.59
N LEU A 650 7.16 0.58 -24.53
CA LEU A 650 5.74 0.59 -24.24
C LEU A 650 5.44 1.15 -22.86
N ALA A 651 6.18 0.71 -21.86
CA ALA A 651 5.91 1.16 -20.50
C ALA A 651 6.95 2.20 -20.09
N ASN A 652 7.73 2.68 -21.05
CA ASN A 652 8.79 3.63 -20.72
C ASN A 652 8.22 5.00 -20.36
N THR A 653 8.90 5.74 -19.48
CA THR A 653 8.41 7.03 -19.03
C THR A 653 8.07 7.97 -20.19
N ASP A 654 8.89 7.94 -21.23
CA ASP A 654 8.93 9.02 -22.20
C ASP A 654 7.61 9.20 -22.95
N SER A 655 7.00 8.08 -23.36
CA SER A 655 5.72 8.12 -24.08
C SER A 655 4.61 8.72 -23.22
N GLN A 656 4.61 8.36 -21.95
CA GLN A 656 3.48 8.57 -21.06
C GLN A 656 3.38 10.02 -20.54
N TYR A 657 3.56 10.96 -21.47
CA TYR A 657 3.43 12.36 -21.16
C TYR A 657 1.94 12.70 -20.88
N LEU A 658 1.06 12.25 -21.74
CA LEU A 658 -0.35 12.50 -21.50
C LEU A 658 -1.00 11.29 -20.79
N THR A 659 -1.91 11.57 -19.86
CA THR A 659 -2.64 10.53 -19.13
C THR A 659 -3.73 9.96 -20.00
N PRO A 660 -4.10 8.70 -19.79
CA PRO A 660 -5.24 8.27 -20.59
C PRO A 660 -6.61 8.72 -20.03
N THR A 661 -6.70 9.10 -18.76
CA THR A 661 -7.93 9.66 -18.20
C THR A 661 -8.60 10.77 -19.05
N SER A 662 -7.85 11.82 -19.36
CA SER A 662 -8.39 12.97 -20.09
C SER A 662 -7.43 13.42 -21.17
N GLY A 663 -6.26 12.80 -21.24
CA GLY A 663 -5.34 13.15 -22.30
C GLY A 663 -4.54 14.42 -22.03
N SER A 664 -4.18 14.63 -20.77
CA SER A 664 -3.51 15.83 -20.35
C SER A 664 -2.17 15.51 -19.75
N PRO A 665 -1.27 16.51 -19.67
CA PRO A 665 0.07 16.27 -19.17
C PRO A 665 0.13 15.82 -17.72
N VAL A 666 1.05 14.91 -17.41
CA VAL A 666 1.36 14.54 -16.03
C VAL A 666 2.79 14.86 -15.64
N ARG A 667 3.64 15.11 -16.63
CA ARG A 667 5.02 15.42 -16.31
C ARG A 667 5.24 16.91 -16.50
N GLY A 668 5.90 17.55 -15.53
CA GLY A 668 6.35 18.91 -15.68
C GLY A 668 7.28 19.27 -14.54
N LEU A 669 7.80 20.49 -14.55
CA LEU A 669 8.69 20.96 -13.51
C LEU A 669 7.87 21.64 -12.41
N ILE A 670 8.44 21.77 -11.22
CA ILE A 670 7.71 22.26 -10.07
C ILE A 670 8.57 23.27 -9.31
N GLN A 671 8.01 23.89 -8.26
CA GLN A 671 8.75 24.73 -7.29
C GLN A 671 9.91 25.61 -7.79
N ASP A 672 11.15 25.34 -7.35
CA ASP A 672 12.33 26.13 -7.78
C ASP A 672 12.30 26.47 -9.27
N HIS A 673 11.90 25.51 -10.07
CA HIS A 673 11.96 25.65 -11.50
C HIS A 673 10.92 26.62 -12.04
N ILE A 674 9.76 26.71 -11.39
CA ILE A 674 8.79 27.72 -11.82
C ILE A 674 9.24 29.11 -11.39
N SER A 675 9.62 29.24 -10.13
CA SER A 675 10.10 30.50 -9.61
C SER A 675 11.28 30.99 -10.46
N ALA A 676 12.22 30.08 -10.73
CA ALA A 676 13.37 30.39 -11.59
C ALA A 676 12.96 30.92 -12.95
N GLY A 677 12.00 30.25 -13.60
CA GLY A 677 11.54 30.68 -14.91
C GLY A 677 10.97 32.09 -14.98
N VAL A 678 10.18 32.45 -13.98
CA VAL A 678 9.59 33.79 -13.94
C VAL A 678 10.70 34.82 -13.92
N TRP A 679 11.76 34.53 -13.18
CA TRP A 679 12.92 35.40 -13.10
C TRP A 679 13.80 35.40 -14.37
N LEU A 680 14.18 34.22 -14.86
CA LEU A 680 15.06 34.14 -16.01
C LEU A 680 14.45 34.75 -17.27
N THR A 681 13.13 34.65 -17.41
CA THR A 681 12.51 35.09 -18.64
C THR A 681 11.92 36.51 -18.51
N SER A 682 12.17 37.14 -17.36
CA SER A 682 11.75 38.53 -17.12
C SER A 682 12.43 39.51 -18.09
N LYS A 683 11.73 40.57 -18.49
CA LYS A 683 12.34 41.62 -19.31
C LYS A 683 13.63 42.18 -18.68
N ASP A 684 13.68 42.24 -17.35
CA ASP A 684 14.85 42.74 -16.62
C ASP A 684 16.07 41.83 -16.71
N SER A 685 15.91 40.68 -17.36
CA SER A 685 16.99 39.69 -17.41
C SER A 685 17.93 39.80 -18.62
N PHE A 686 19.20 40.07 -18.32
CA PHE A 686 20.25 40.23 -19.34
C PHE A 686 21.48 39.46 -18.95
N PHE A 687 22.24 39.03 -19.96
CA PHE A 687 23.39 38.16 -19.73
C PHE A 687 24.47 38.55 -20.68
N THR A 688 25.71 38.50 -20.22
CA THR A 688 26.83 38.79 -21.10
C THR A 688 27.12 37.57 -21.94
N ARG A 689 27.95 37.73 -22.96
CA ARG A 689 28.36 36.63 -23.81
C ARG A 689 28.78 35.42 -22.97
N GLU A 690 29.62 35.69 -21.97
CA GLU A 690 30.19 34.66 -21.11
C GLU A 690 29.11 33.87 -20.38
N GLN A 691 28.16 34.59 -19.78
CA GLN A 691 27.09 33.96 -19.01
C GLN A 691 26.14 33.17 -19.93
N TYR A 692 25.73 33.81 -21.02
CA TYR A 692 24.83 33.22 -22.01
C TYR A 692 25.36 31.90 -22.51
N GLN A 693 26.61 31.88 -22.96
CA GLN A 693 27.21 30.64 -23.43
C GLN A 693 27.29 29.58 -22.34
N GLN A 694 27.51 30.02 -21.11
CA GLN A 694 27.64 29.08 -20.02
C GLN A 694 26.31 28.44 -19.61
N TYR A 695 25.22 29.23 -19.64
CA TYR A 695 23.91 28.68 -19.31
C TYR A 695 23.53 27.62 -20.34
N ILE A 696 23.83 27.93 -21.61
CA ILE A 696 23.52 27.05 -22.73
C ILE A 696 24.19 25.71 -22.55
N TYR A 697 25.52 25.71 -22.42
CA TYR A 697 26.24 24.46 -22.36
C TYR A 697 25.94 23.64 -21.09
N GLY A 698 25.62 24.32 -20.01
CA GLY A 698 25.36 23.64 -18.76
C GLY A 698 24.07 22.84 -18.80
N CYS A 699 23.18 23.18 -19.73
CA CYS A 699 21.89 22.49 -19.81
C CYS A 699 21.66 21.65 -21.07
N ILE A 700 22.44 21.88 -22.12
CA ILE A 700 22.21 21.19 -23.39
C ILE A 700 22.65 19.73 -23.32
N ARG A 701 23.83 19.49 -22.77
CA ARG A 701 24.43 18.15 -22.79
C ARG A 701 24.54 17.62 -24.22
N PRO A 702 25.26 18.36 -25.10
CA PRO A 702 25.27 18.02 -26.53
C PRO A 702 25.99 16.72 -26.80
N GLU A 703 26.75 16.27 -25.81
CA GLU A 703 27.42 14.98 -25.86
C GLU A 703 26.41 13.86 -25.58
N ASP A 704 25.27 13.92 -26.27
CA ASP A 704 24.18 12.97 -26.08
C ASP A 704 23.64 12.38 -27.38
N GLY A 705 22.46 11.81 -27.28
CA GLY A 705 21.75 11.29 -28.44
C GLY A 705 21.13 12.42 -29.23
N HIS A 706 21.04 13.59 -28.61
CA HIS A 706 20.57 14.79 -29.33
C HIS A 706 21.69 15.59 -30.02
N THR A 707 22.53 14.84 -30.76
CA THR A 707 23.42 15.40 -31.79
C THR A 707 22.50 15.83 -32.94
N THR A 708 21.69 16.85 -32.69
CA THR A 708 20.89 17.48 -33.74
C THR A 708 21.87 18.27 -34.61
N ARG A 709 22.96 18.73 -33.99
CA ARG A 709 24.17 19.19 -34.66
C ARG A 709 25.37 18.70 -33.84
N SER A 710 26.55 18.63 -34.43
CA SER A 710 27.71 18.34 -33.60
C SER A 710 28.48 19.64 -33.39
N LYS A 711 27.72 20.73 -33.27
CA LYS A 711 28.25 22.04 -32.93
C LYS A 711 27.10 22.86 -32.32
N ILE A 712 27.31 23.45 -31.14
CA ILE A 712 26.26 24.28 -30.52
C ILE A 712 26.03 25.62 -31.25
N VAL A 713 24.76 25.89 -31.54
CA VAL A 713 24.37 27.10 -32.24
C VAL A 713 23.94 28.17 -31.25
N THR A 714 24.30 29.41 -31.52
CA THR A 714 23.93 30.52 -30.65
C THR A 714 23.28 31.63 -31.47
N LEU A 715 22.57 32.53 -30.80
CA LEU A 715 21.97 33.65 -31.48
C LEU A 715 22.89 34.86 -31.40
N PRO A 716 22.65 35.87 -32.25
CA PRO A 716 23.35 37.14 -32.00
C PRO A 716 22.72 37.82 -30.79
N PRO A 717 23.47 38.72 -30.15
CA PRO A 717 22.96 39.40 -28.96
C PRO A 717 21.78 40.33 -29.27
N THR A 718 20.96 40.64 -28.28
CA THR A 718 19.86 41.57 -28.50
C THR A 718 20.41 42.98 -28.52
N ILE A 719 21.26 43.30 -27.56
CA ILE A 719 21.88 44.60 -27.55
C ILE A 719 23.30 44.44 -28.07
N PHE A 720 23.60 45.16 -29.16
CA PHE A 720 24.91 45.14 -29.77
C PHE A 720 25.83 46.18 -29.16
N LYS A 721 25.27 47.36 -28.89
CA LYS A 721 26.05 48.49 -28.44
C LYS A 721 25.19 49.30 -27.49
N PRO A 722 25.77 49.78 -26.38
CA PRO A 722 27.18 49.88 -25.94
C PRO A 722 27.90 48.63 -25.46
N TYR A 723 27.20 47.52 -25.29
CA TYR A 723 27.78 46.35 -24.64
C TYR A 723 26.98 45.17 -25.15
N PRO A 724 27.66 44.08 -25.55
CA PRO A 724 26.90 42.90 -26.02
C PRO A 724 26.13 42.19 -24.90
N LEU A 725 24.80 42.25 -24.98
CA LEU A 725 23.91 41.55 -24.03
C LEU A 725 22.82 40.65 -24.67
N TRP A 726 22.62 39.47 -24.08
CA TRP A 726 21.52 38.58 -24.48
C TRP A 726 20.42 38.61 -23.42
N THR A 727 19.17 38.41 -23.83
CA THR A 727 18.08 38.31 -22.85
C THR A 727 17.78 36.87 -22.45
N GLY A 728 17.03 36.70 -21.37
CA GLY A 728 16.63 35.39 -20.89
C GLY A 728 15.81 34.65 -21.92
N LYS A 729 14.88 35.36 -22.54
CA LYS A 729 14.06 34.77 -23.58
C LYS A 729 14.91 34.18 -24.72
N GLN A 730 16.07 34.78 -24.97
CA GLN A 730 17.01 34.22 -25.93
C GLN A 730 17.64 32.90 -25.46
N ILE A 731 17.80 32.73 -24.15
CA ILE A 731 18.32 31.47 -23.66
C ILE A 731 17.35 30.34 -24.00
N ILE A 732 16.04 30.65 -23.93
CA ILE A 732 15.04 29.68 -24.24
C ILE A 732 15.06 29.38 -25.72
N THR A 733 15.12 30.42 -26.52
CA THR A 733 15.10 30.24 -27.97
C THR A 733 16.30 29.42 -28.37
N THR A 734 17.40 29.62 -27.67
CA THR A 734 18.66 28.97 -28.02
C THR A 734 18.59 27.49 -27.64
N VAL A 735 18.06 27.21 -26.46
CA VAL A 735 17.79 25.84 -26.04
C VAL A 735 16.96 25.08 -27.10
N LEU A 736 15.77 25.58 -27.42
CA LEU A 736 14.94 24.92 -28.43
C LEU A 736 15.66 24.75 -29.75
N LEU A 737 16.42 25.77 -30.11
CA LEU A 737 17.15 25.79 -31.36
C LEU A 737 18.18 24.65 -31.38
N ASN A 738 18.72 24.30 -30.22
CA ASN A 738 19.72 23.24 -30.20
C ASN A 738 19.15 21.84 -29.99
N VAL A 739 17.88 21.73 -29.62
CA VAL A 739 17.32 20.40 -29.41
C VAL A 739 16.16 20.03 -30.33
N THR A 740 15.62 20.98 -31.09
CA THR A 740 14.61 20.59 -32.09
C THR A 740 15.31 20.26 -33.40
N PRO A 741 14.65 19.43 -34.24
CA PRO A 741 15.22 19.02 -35.54
C PRO A 741 15.51 20.20 -36.45
N PRO A 742 16.69 20.19 -37.08
CA PRO A 742 17.19 21.32 -37.88
C PRO A 742 16.50 21.38 -39.23
N ASP A 743 16.07 20.22 -39.72
CA ASP A 743 15.36 20.12 -40.98
C ASP A 743 13.89 20.39 -40.79
N MET A 744 13.55 21.20 -39.79
CA MET A 744 12.17 21.41 -39.40
C MET A 744 11.96 22.77 -38.77
N PRO A 745 10.95 23.53 -39.25
CA PRO A 745 10.70 24.92 -38.87
C PRO A 745 10.42 25.02 -37.39
N GLY A 746 10.69 26.18 -36.80
CA GLY A 746 10.58 26.34 -35.37
C GLY A 746 9.14 26.47 -34.95
N ILE A 747 8.86 26.11 -33.71
CA ILE A 747 7.49 26.07 -33.21
C ILE A 747 6.80 27.44 -33.23
N ASN A 748 5.48 27.43 -33.42
CA ASN A 748 4.66 28.64 -33.43
C ASN A 748 3.51 28.56 -32.43
N LEU A 749 3.58 29.38 -31.39
CA LEU A 749 2.60 29.30 -30.32
C LEU A 749 2.15 30.66 -29.79
N ILE A 750 0.83 30.87 -29.74
CA ILE A 750 0.28 31.99 -29.02
C ILE A 750 -0.52 31.51 -27.81
N SER A 751 -0.03 31.81 -26.62
CA SER A 751 -0.53 31.25 -25.38
C SER A 751 -0.58 32.34 -24.32
N LYS A 752 -0.93 31.97 -23.10
CA LYS A 752 -0.96 32.91 -21.97
C LYS A 752 -0.39 32.24 -20.74
N ASN A 753 0.11 33.05 -19.81
CA ASN A 753 0.59 32.52 -18.55
C ASN A 753 -0.28 33.01 -17.41
N LYS A 754 0.11 32.69 -16.17
CA LYS A 754 -0.73 32.94 -15.02
C LYS A 754 -0.64 34.36 -14.47
N ILE A 755 0.28 35.15 -14.98
CA ILE A 755 0.52 36.49 -14.43
C ILE A 755 -0.05 37.63 -15.27
N LYS A 756 -0.97 38.40 -14.69
CA LYS A 756 -1.65 39.47 -15.41
C LYS A 756 -0.67 40.56 -15.82
N ASN A 757 -0.91 41.21 -16.94
CA ASN A 757 -0.03 42.30 -17.41
C ASN A 757 0.19 43.41 -16.35
N GLU A 758 -0.87 43.74 -15.61
CA GLU A 758 -0.82 44.78 -14.59
C GLU A 758 0.36 44.60 -13.66
N TYR A 759 0.76 43.36 -13.39
CA TYR A 759 1.86 43.10 -12.45
C TYR A 759 3.23 43.59 -12.93
N TRP A 760 3.39 43.80 -14.23
CA TRP A 760 4.69 44.23 -14.72
C TRP A 760 4.77 45.76 -14.88
N GLY A 761 3.62 46.37 -15.09
CA GLY A 761 3.59 47.81 -15.24
C GLY A 761 2.72 48.24 -16.41
N LYS A 762 2.67 49.54 -16.64
CA LYS A 762 1.91 50.10 -17.74
C LYS A 762 2.36 49.46 -19.05
N GLY A 763 1.40 49.16 -19.91
CA GLY A 763 1.68 48.80 -21.28
C GLY A 763 2.28 47.43 -21.51
N SER A 764 2.51 46.68 -20.44
CA SER A 764 3.09 45.36 -20.55
C SER A 764 2.24 44.41 -21.35
N LEU A 765 2.91 43.48 -22.00
CA LEU A 765 2.24 42.40 -22.69
C LEU A 765 2.82 41.07 -22.23
N GLU A 766 3.49 41.08 -21.08
CA GLU A 766 4.20 39.90 -20.65
C GLU A 766 3.30 38.70 -20.27
N ASN A 767 1.98 38.89 -20.29
CA ASN A 767 1.07 37.80 -19.97
C ASN A 767 0.86 36.93 -21.20
N GLU A 768 0.97 37.57 -22.36
CA GLU A 768 0.88 36.92 -23.65
C GLU A 768 2.20 36.15 -23.97
N VAL A 769 2.11 34.84 -24.20
CA VAL A 769 3.29 34.07 -24.54
C VAL A 769 3.34 33.89 -26.04
N LEU A 770 4.37 34.43 -26.69
CA LEU A 770 4.50 34.36 -28.13
C LEU A 770 5.75 33.62 -28.59
N PHE A 771 5.58 32.47 -29.26
CA PHE A 771 6.67 31.83 -29.98
C PHE A 771 6.46 31.99 -31.47
N LYS A 772 7.43 32.60 -32.14
CA LYS A 772 7.39 32.70 -33.58
C LYS A 772 8.64 32.01 -34.08
N ASP A 773 8.47 31.15 -35.08
CA ASP A 773 9.56 30.36 -35.67
C ASP A 773 10.58 29.82 -34.66
N GLY A 774 10.07 29.45 -33.48
CA GLY A 774 10.87 28.78 -32.48
C GLY A 774 11.51 29.70 -31.48
N ALA A 775 11.25 31.01 -31.64
CA ALA A 775 11.82 32.04 -30.77
C ALA A 775 10.77 32.61 -29.82
N LEU A 776 11.12 32.71 -28.54
CA LEU A 776 10.27 33.37 -27.55
C LEU A 776 10.40 34.90 -27.69
N LEU A 777 9.41 35.52 -28.32
CA LEU A 777 9.43 36.95 -28.61
C LEU A 777 8.73 37.81 -27.55
N CYS A 778 7.86 37.21 -26.75
CA CYS A 778 7.14 37.97 -25.74
C CYS A 778 6.59 37.02 -24.66
N GLY A 779 6.49 37.52 -23.42
CA GLY A 779 5.92 36.73 -22.34
C GLY A 779 6.92 35.98 -21.49
N ILE A 780 6.60 35.76 -20.22
CA ILE A 780 7.40 34.90 -19.35
C ILE A 780 6.87 33.48 -19.38
N LEU A 781 7.66 32.52 -18.88
CA LEU A 781 7.22 31.13 -18.83
C LEU A 781 6.87 30.66 -17.41
N ASP A 782 5.66 30.16 -17.23
CA ASP A 782 5.27 29.76 -15.89
C ASP A 782 4.60 28.41 -15.84
N LYS A 783 4.25 28.01 -14.62
CA LYS A 783 3.59 26.72 -14.40
C LYS A 783 2.69 26.36 -15.58
N SER A 784 2.14 27.36 -16.26
CA SER A 784 1.26 27.11 -17.38
C SER A 784 2.02 26.67 -18.62
N GLN A 785 3.34 26.82 -18.63
CA GLN A 785 4.07 26.54 -19.84
C GLN A 785 4.95 25.28 -19.79
N TYR A 786 5.49 24.95 -18.63
CA TYR A 786 6.33 23.78 -18.48
C TYR A 786 6.06 23.11 -17.12
N GLY A 787 4.92 23.44 -16.53
CA GLY A 787 4.31 22.59 -15.52
C GLY A 787 3.61 21.47 -16.27
N ALA A 788 2.90 20.59 -15.57
CA ALA A 788 2.07 19.61 -16.27
C ALA A 788 0.80 20.35 -16.72
N SER A 789 0.81 20.92 -17.92
CA SER A 789 -0.15 21.96 -18.27
C SER A 789 -0.56 21.95 -19.73
N LYS A 790 -1.84 21.69 -19.98
CA LYS A 790 -2.30 21.53 -21.34
C LYS A 790 -2.05 22.79 -22.20
N TYR A 791 -1.49 22.59 -23.40
CA TYR A 791 -1.37 23.63 -24.42
C TYR A 791 -0.31 24.68 -24.12
N GLY A 792 0.56 24.38 -23.16
CA GLY A 792 1.72 25.22 -22.90
C GLY A 792 2.85 24.88 -23.87
N ILE A 793 4.04 25.42 -23.64
CA ILE A 793 5.12 25.22 -24.60
C ILE A 793 5.53 23.74 -24.72
N VAL A 794 5.72 23.06 -23.59
CA VAL A 794 6.20 21.70 -23.70
C VAL A 794 5.16 20.74 -24.28
N HIS A 795 3.89 20.97 -24.01
CA HIS A 795 2.85 20.15 -24.64
C HIS A 795 2.79 20.47 -26.13
N SER A 796 2.99 21.74 -26.49
CA SER A 796 3.03 22.14 -27.90
C SER A 796 4.18 21.47 -28.64
N LEU A 797 5.30 21.31 -27.95
CA LEU A 797 6.49 20.74 -28.55
C LEU A 797 6.28 19.27 -28.73
N HIS A 798 5.57 18.68 -27.75
CA HIS A 798 5.18 17.31 -27.78
C HIS A 798 4.34 17.03 -29.01
N GLU A 799 3.39 17.90 -29.36
CA GLU A 799 2.58 17.68 -30.58
C GLU A 799 3.32 17.78 -31.89
N VAL A 800 4.14 18.79 -32.02
CA VAL A 800 4.76 19.10 -33.28
C VAL A 800 5.97 18.21 -33.52
N TYR A 801 6.76 17.95 -32.47
CA TYR A 801 8.03 17.24 -32.65
C TYR A 801 8.10 15.84 -32.00
N GLY A 802 7.03 15.44 -31.32
CA GLY A 802 6.98 14.12 -30.73
C GLY A 802 7.45 14.03 -29.30
N PRO A 803 7.28 12.86 -28.67
CA PRO A 803 7.59 12.77 -27.23
C PRO A 803 9.07 12.81 -26.91
N GLU A 804 9.94 12.38 -27.81
CA GLU A 804 11.37 12.34 -27.49
C GLU A 804 11.87 13.75 -27.32
N VAL A 805 11.61 14.62 -28.30
CA VAL A 805 11.98 16.02 -28.20
C VAL A 805 11.39 16.72 -26.95
N ALA A 806 10.11 16.51 -26.68
CA ALA A 806 9.46 17.10 -25.49
C ALA A 806 10.11 16.67 -24.19
N ALA A 807 10.40 15.38 -24.09
CA ALA A 807 11.12 14.88 -22.94
C ALA A 807 12.51 15.51 -22.81
N LYS A 808 13.17 15.71 -23.94
CA LYS A 808 14.50 16.32 -23.93
C LYS A 808 14.39 17.77 -23.51
N VAL A 809 13.43 18.50 -24.06
CA VAL A 809 13.22 19.89 -23.67
C VAL A 809 12.99 20.01 -22.17
N LEU A 810 12.22 19.08 -21.63
CA LEU A 810 11.88 19.10 -20.24
C LEU A 810 13.11 18.92 -19.35
N SER A 811 13.97 17.98 -19.70
CA SER A 811 15.23 17.75 -18.98
C SER A 811 16.19 18.93 -19.08
N VAL A 812 16.31 19.47 -20.29
CA VAL A 812 17.17 20.62 -20.58
C VAL A 812 16.75 21.81 -19.75
N LEU A 813 15.45 22.15 -19.80
CA LEU A 813 14.90 23.26 -19.03
C LEU A 813 15.16 23.05 -17.55
N GLY A 814 15.00 21.80 -17.10
CA GLY A 814 15.27 21.45 -15.74
C GLY A 814 16.68 21.80 -15.33
N ARG A 815 17.68 21.46 -16.14
CA ARG A 815 19.07 21.79 -15.79
C ARG A 815 19.30 23.29 -15.85
N LEU A 816 18.79 23.94 -16.89
CA LEU A 816 18.88 25.38 -17.02
C LEU A 816 18.40 26.06 -15.73
N PHE A 817 17.18 25.76 -15.31
CA PHE A 817 16.66 26.40 -14.11
C PHE A 817 17.40 26.00 -12.85
N THR A 818 17.84 24.75 -12.77
CA THR A 818 18.63 24.32 -11.63
C THR A 818 19.93 25.11 -11.50
N ASN A 819 20.63 25.24 -12.63
CA ASN A 819 21.83 26.06 -12.73
C ASN A 819 21.60 27.52 -12.44
N TYR A 820 20.57 28.10 -13.05
CA TYR A 820 20.21 29.48 -12.80
C TYR A 820 19.94 29.72 -11.31
N ILE A 821 19.42 28.69 -10.64
CA ILE A 821 19.13 28.84 -9.23
C ILE A 821 20.40 28.79 -8.39
N THR A 822 21.34 27.94 -8.76
CA THR A 822 22.61 27.88 -8.05
C THR A 822 23.38 29.20 -8.21
N ALA A 823 23.07 29.96 -9.25
CA ALA A 823 23.81 31.17 -9.58
C ALA A 823 23.17 32.42 -8.98
N THR A 824 21.84 32.41 -8.85
CA THR A 824 21.14 33.63 -8.46
C THR A 824 20.30 33.42 -7.22
N ALA A 825 19.95 32.16 -6.93
CA ALA A 825 19.13 31.79 -5.78
C ALA A 825 17.72 32.39 -5.80
N PHE A 826 16.99 32.10 -4.72
CA PHE A 826 15.63 32.58 -4.49
C PHE A 826 15.28 32.31 -3.02
N THR A 827 14.46 33.18 -2.41
CA THR A 827 14.09 33.00 -1.00
C THR A 827 12.72 33.57 -0.60
N CYS A 828 12.45 33.60 0.71
CA CYS A 828 11.19 34.09 1.24
C CYS A 828 11.42 34.48 2.68
N GLY A 829 10.91 35.63 3.11
CA GLY A 829 11.12 36.07 4.48
C GLY A 829 9.99 36.87 5.13
N MET A 830 10.20 37.28 6.39
CA MET A 830 9.24 38.13 7.11
C MET A 830 8.78 39.31 6.30
N ASP A 831 9.72 39.95 5.57
CA ASP A 831 9.43 41.17 4.82
C ASP A 831 8.33 40.97 3.76
N ASP A 832 8.29 39.75 3.22
CA ASP A 832 7.28 39.37 2.24
C ASP A 832 5.89 39.26 2.86
N LEU A 833 5.81 39.30 4.19
CA LEU A 833 4.55 39.06 4.86
C LEU A 833 3.94 40.30 5.47
N ARG A 834 4.54 41.47 5.23
CA ARG A 834 4.10 42.71 5.89
C ARG A 834 3.22 43.58 5.02
N LEU A 835 2.22 44.20 5.64
CA LEU A 835 1.52 45.32 5.02
C LEU A 835 2.21 46.62 5.39
N THR A 836 2.05 47.63 4.55
CA THR A 836 2.54 48.97 4.85
C THR A 836 1.71 49.55 5.97
N ALA A 837 2.10 50.71 6.49
CA ALA A 837 1.31 51.33 7.54
C ALA A 837 -0.05 51.75 6.97
N GLU A 838 -0.01 52.21 5.72
CA GLU A 838 -1.22 52.57 4.99
C GLU A 838 -2.16 51.37 4.93
N GLY A 839 -1.62 50.20 4.55
CA GLY A 839 -2.38 48.99 4.40
C GLY A 839 -2.93 48.44 5.71
N ASN A 840 -2.13 48.49 6.76
CA ASN A 840 -2.60 48.03 8.06
C ASN A 840 -3.74 48.89 8.59
N LYS A 841 -3.74 50.16 8.19
CA LYS A 841 -4.85 51.05 8.55
C LYS A 841 -6.12 50.61 7.82
N TRP A 842 -6.02 50.44 6.51
CA TRP A 842 -7.11 49.90 5.71
C TRP A 842 -7.73 48.69 6.39
N ARG A 843 -6.86 47.77 6.80
CA ARG A 843 -7.30 46.51 7.37
C ARG A 843 -8.11 46.75 8.63
N THR A 844 -7.57 47.53 9.57
CA THR A 844 -8.27 47.65 10.84
C THR A 844 -9.55 48.49 10.71
N ASP A 845 -9.55 49.42 9.77
CA ASP A 845 -10.75 50.21 9.49
C ASP A 845 -11.90 49.36 8.95
N ILE A 846 -11.60 48.49 7.99
CA ILE A 846 -12.62 47.57 7.48
C ILE A 846 -13.03 46.53 8.53
N LEU A 847 -12.07 46.08 9.33
CA LEU A 847 -12.38 45.12 10.37
C LEU A 847 -13.30 45.68 11.44
N LYS A 848 -13.18 46.98 11.69
CA LYS A 848 -14.05 47.65 12.65
C LYS A 848 -15.52 47.66 12.21
N THR A 849 -15.81 47.31 10.94
CA THR A 849 -17.19 47.28 10.48
C THR A 849 -17.89 45.94 10.73
N SER A 850 -17.14 45.01 11.32
CA SER A 850 -17.67 43.70 11.65
C SER A 850 -18.22 43.69 13.06
N VAL A 851 -17.91 44.75 13.81
CA VAL A 851 -18.29 44.86 15.23
C VAL A 851 -19.75 44.55 15.52
N ASP A 852 -20.65 45.06 14.69
CA ASP A 852 -22.08 44.88 14.93
C ASP A 852 -22.70 43.74 14.08
N THR A 853 -21.91 43.23 13.14
CA THR A 853 -22.39 42.27 12.15
C THR A 853 -23.16 41.08 12.70
N GLY A 854 -22.64 40.47 13.76
CA GLY A 854 -23.33 39.32 14.34
C GLY A 854 -24.72 39.67 14.85
N ARG A 855 -24.84 40.85 15.45
CA ARG A 855 -26.10 41.24 16.07
C ARG A 855 -27.12 41.59 15.00
N GLU A 856 -26.65 42.23 13.92
CA GLU A 856 -27.52 42.55 12.79
C GLU A 856 -28.04 41.25 12.21
N ALA A 857 -27.22 40.22 12.22
CA ALA A 857 -27.59 38.96 11.61
C ALA A 857 -28.57 38.24 12.52
N ALA A 858 -28.34 38.34 13.83
CA ALA A 858 -29.25 37.76 14.80
C ALA A 858 -30.63 38.41 14.70
N ALA A 859 -30.65 39.73 14.63
CA ALA A 859 -31.92 40.43 14.57
C ALA A 859 -32.67 40.06 13.29
N GLU A 860 -31.92 39.76 12.22
CA GLU A 860 -32.52 39.41 10.94
C GLU A 860 -33.13 37.99 10.96
N VAL A 861 -32.40 37.04 11.52
CA VAL A 861 -32.87 35.66 11.62
C VAL A 861 -33.99 35.50 12.67
N THR A 862 -33.98 36.33 13.71
CA THR A 862 -35.03 36.27 14.73
C THR A 862 -36.24 37.14 14.37
N ASN A 863 -36.19 37.76 13.20
CA ASN A 863 -37.23 38.66 12.71
C ASN A 863 -37.58 39.81 13.64
N LEU A 864 -36.56 40.46 14.17
CA LEU A 864 -36.73 41.65 14.98
C LEU A 864 -36.17 42.89 14.29
N ASP A 865 -36.51 44.05 14.83
CA ASP A 865 -36.04 45.34 14.34
C ASP A 865 -34.53 45.36 14.20
N LYS A 866 -34.05 45.95 13.11
CA LYS A 866 -32.63 45.94 12.78
C LYS A 866 -31.75 46.50 13.90
N ASP A 867 -32.34 47.28 14.80
CA ASP A 867 -31.60 48.01 15.82
C ASP A 867 -31.86 47.45 17.22
N THR A 868 -32.29 46.20 17.28
CA THR A 868 -32.57 45.54 18.55
C THR A 868 -31.30 45.34 19.38
N PRO A 869 -31.34 45.79 20.64
CA PRO A 869 -30.22 45.58 21.56
C PRO A 869 -29.80 44.12 21.66
N ALA A 870 -28.53 43.88 21.91
CA ALA A 870 -28.00 42.53 21.94
C ALA A 870 -28.45 41.75 23.19
N ASP A 871 -28.92 42.46 24.20
CA ASP A 871 -29.39 41.80 25.40
C ASP A 871 -30.90 41.88 25.56
N ASP A 872 -31.60 42.28 24.49
CA ASP A 872 -33.07 42.35 24.51
C ASP A 872 -33.72 41.00 24.83
N PRO A 873 -34.52 40.95 25.89
CA PRO A 873 -35.26 39.77 26.35
C PRO A 873 -35.85 38.93 25.22
N GLU A 874 -36.57 39.56 24.31
CA GLU A 874 -37.13 38.80 23.19
C GLU A 874 -36.06 38.20 22.27
N LEU A 875 -35.01 38.98 21.99
CA LEU A 875 -33.93 38.51 21.14
C LEU A 875 -33.26 37.27 21.73
N LEU A 876 -33.01 37.30 23.04
CA LEU A 876 -32.41 36.16 23.73
C LEU A 876 -33.35 34.94 23.77
N LYS A 877 -34.64 35.17 24.01
CA LYS A 877 -35.62 34.09 23.97
C LYS A 877 -35.63 33.40 22.61
N ARG A 878 -35.62 34.20 21.55
CA ARG A 878 -35.62 33.68 20.18
C ARG A 878 -34.30 32.99 19.80
N LEU A 879 -33.20 33.44 20.39
CA LEU A 879 -31.92 32.83 20.10
C LEU A 879 -31.86 31.47 20.76
N GLN A 880 -32.44 31.38 21.94
CA GLN A 880 -32.48 30.11 22.64
C GLN A 880 -33.35 29.13 21.88
N GLU A 881 -34.45 29.61 21.31
CA GLU A 881 -35.28 28.78 20.45
C GLU A 881 -34.41 28.24 19.32
N ILE A 882 -33.68 29.14 18.68
CA ILE A 882 -32.82 28.77 17.56
C ILE A 882 -31.82 27.70 17.96
N LEU A 883 -31.27 27.82 19.17
CA LEU A 883 -30.25 26.90 19.68
C LEU A 883 -30.73 25.48 19.77
N ARG A 884 -31.98 25.30 20.20
CA ARG A 884 -32.57 23.97 20.36
C ARG A 884 -32.85 23.20 19.07
N ASP A 885 -32.82 23.86 17.92
CA ASP A 885 -33.20 23.24 16.66
C ASP A 885 -32.09 23.30 15.62
N ASN A 886 -31.67 22.13 15.16
CA ASN A 886 -30.62 22.05 14.17
C ASN A 886 -30.84 22.85 12.86
N ASN A 887 -32.04 22.79 12.30
CA ASN A 887 -32.32 23.58 11.09
C ASN A 887 -32.22 25.09 11.33
N LYS A 888 -32.79 25.55 12.44
CA LYS A 888 -32.79 26.97 12.76
C LYS A 888 -31.40 27.48 13.01
N SER A 889 -30.63 26.74 13.80
CA SER A 889 -29.24 27.07 14.07
C SER A 889 -28.47 27.15 12.76
N GLY A 890 -28.76 26.22 11.86
CA GLY A 890 -28.22 26.27 10.52
C GLY A 890 -28.44 27.60 9.82
N ILE A 891 -29.66 28.13 9.88
CA ILE A 891 -29.96 29.41 9.28
C ILE A 891 -29.14 30.54 9.90
N LEU A 892 -29.17 30.62 11.23
CA LEU A 892 -28.46 31.65 11.97
C LEU A 892 -27.01 31.63 11.55
N ASP A 893 -26.43 30.43 11.46
CA ASP A 893 -25.04 30.24 11.04
C ASP A 893 -24.83 30.68 9.58
N ALA A 894 -25.65 30.19 8.64
CA ALA A 894 -25.49 30.61 7.25
C ALA A 894 -25.55 32.15 7.03
N VAL A 895 -26.52 32.81 7.67
CA VAL A 895 -26.75 34.23 7.45
C VAL A 895 -25.60 35.05 8.05
N THR A 896 -25.19 34.67 9.27
CA THR A 896 -24.12 35.36 9.94
C THR A 896 -22.82 35.17 9.20
N SER A 897 -22.59 33.96 8.73
CA SER A 897 -21.39 33.63 7.97
C SER A 897 -21.31 34.45 6.68
N SER A 898 -22.46 34.64 6.05
CA SER A 898 -22.48 35.30 4.75
C SER A 898 -22.03 36.74 4.93
N LYS A 899 -22.51 37.37 6.00
CA LYS A 899 -22.20 38.74 6.30
C LYS A 899 -20.73 38.88 6.64
N VAL A 900 -20.27 38.13 7.63
CA VAL A 900 -18.87 38.25 8.00
C VAL A 900 -17.94 37.92 6.83
N ASN A 901 -18.36 37.02 5.96
CA ASN A 901 -17.54 36.68 4.80
C ASN A 901 -17.38 37.83 3.80
N ALA A 902 -18.38 38.69 3.74
CA ALA A 902 -18.33 39.86 2.87
C ALA A 902 -17.27 40.83 3.41
N ILE A 903 -17.26 41.03 4.73
CA ILE A 903 -16.21 41.77 5.39
C ILE A 903 -14.83 41.20 5.00
N THR A 904 -14.68 39.88 5.10
CA THR A 904 -13.40 39.26 4.78
C THR A 904 -12.98 39.59 3.35
N SER A 905 -13.92 39.54 2.43
CA SER A 905 -13.57 39.79 1.04
C SER A 905 -13.16 41.25 0.81
N GLN A 906 -13.79 42.16 1.55
CA GLN A 906 -13.44 43.57 1.46
C GLN A 906 -12.01 43.81 1.91
N VAL A 907 -11.67 43.25 3.07
CA VAL A 907 -10.32 43.39 3.60
C VAL A 907 -9.26 42.90 2.61
N VAL A 908 -9.47 41.72 2.05
CA VAL A 908 -8.49 41.14 1.16
C VAL A 908 -8.42 41.92 -0.15
N SER A 909 -9.57 42.32 -0.65
CA SER A 909 -9.63 43.00 -1.94
C SER A 909 -8.88 44.33 -1.91
N LYS A 910 -8.82 44.94 -0.74
CA LYS A 910 -8.21 46.23 -0.54
C LYS A 910 -6.72 46.13 -0.19
N CYS A 911 -6.36 45.15 0.65
CA CYS A 911 -4.98 45.04 1.12
C CYS A 911 -4.02 44.23 0.24
N VAL A 912 -4.51 43.20 -0.46
CA VAL A 912 -3.66 42.44 -1.37
C VAL A 912 -4.08 42.60 -2.84
N PRO A 913 -3.20 43.19 -3.67
CA PRO A 913 -1.81 43.52 -3.36
C PRO A 913 -1.54 44.96 -2.92
N ASP A 914 -2.53 45.84 -2.96
CA ASP A 914 -2.24 47.27 -2.87
C ASP A 914 -1.64 47.76 -1.56
N GLY A 915 -1.78 46.96 -0.51
CA GLY A 915 -1.37 47.40 0.81
C GLY A 915 -0.15 46.67 1.31
N THR A 916 0.50 45.92 0.45
CA THR A 916 1.66 45.14 0.87
C THR A 916 2.94 45.97 0.87
N MET A 917 3.82 45.72 1.84
CA MET A 917 5.07 46.47 1.92
C MET A 917 5.98 46.22 0.72
N LYS A 918 6.24 44.94 0.44
CA LYS A 918 6.90 44.55 -0.81
C LYS A 918 5.87 44.13 -1.84
N LYS A 919 6.11 44.53 -3.08
CA LYS A 919 5.19 44.23 -4.16
C LYS A 919 5.80 43.14 -5.04
N PHE A 920 4.96 42.44 -5.79
CA PHE A 920 5.46 41.59 -6.85
C PHE A 920 6.30 42.47 -7.78
N PRO A 921 7.41 41.96 -8.32
CA PRO A 921 7.97 40.60 -8.20
C PRO A 921 8.89 40.35 -7.01
N CYS A 922 9.18 41.38 -6.23
CA CYS A 922 10.18 41.26 -5.17
C CYS A 922 9.62 40.48 -4.04
N ASN A 923 8.31 40.60 -3.86
CA ASN A 923 7.60 39.85 -2.83
C ASN A 923 7.47 38.38 -3.25
N SER A 924 8.32 37.54 -2.70
CA SER A 924 8.36 36.14 -3.07
C SER A 924 7.09 35.40 -2.69
N MET A 925 6.49 35.77 -1.55
CA MET A 925 5.27 35.11 -1.12
C MET A 925 4.18 35.37 -2.16
N GLN A 926 4.05 36.60 -2.62
CA GLN A 926 3.09 36.87 -3.68
C GLN A 926 3.46 36.19 -4.99
N ALA A 927 4.73 36.27 -5.34
CA ALA A 927 5.18 35.76 -6.62
C ALA A 927 4.90 34.25 -6.74
N MET A 928 5.08 33.52 -5.64
CA MET A 928 4.86 32.08 -5.67
C MET A 928 3.39 31.78 -5.95
N ALA A 929 2.51 32.49 -5.25
CA ALA A 929 1.07 32.40 -5.47
C ALA A 929 0.63 32.75 -6.89
N LEU A 930 1.17 33.84 -7.45
CA LEU A 930 0.71 34.32 -8.74
C LEU A 930 1.23 33.47 -9.90
N SER A 931 2.41 32.92 -9.74
CA SER A 931 3.08 32.30 -10.85
C SER A 931 2.69 30.84 -10.93
N GLY A 932 2.08 30.35 -9.87
CA GLY A 932 1.68 28.96 -9.84
C GLY A 932 2.78 28.10 -9.27
N ALA A 933 3.82 28.72 -8.73
CA ALA A 933 4.92 27.94 -8.16
C ALA A 933 4.48 27.20 -6.91
N LYS A 934 3.89 27.94 -5.97
CA LYS A 934 3.35 27.35 -4.75
C LYS A 934 2.39 28.30 -4.08
N GLY A 935 1.37 27.75 -3.45
CA GLY A 935 0.46 28.51 -2.61
C GLY A 935 -0.72 29.10 -3.37
N SER A 936 -1.39 30.06 -2.76
CA SER A 936 -2.54 30.65 -3.42
C SER A 936 -2.83 32.00 -2.82
N ASN A 937 -3.67 32.76 -3.51
CA ASN A 937 -4.07 34.05 -3.00
C ASN A 937 -4.79 33.92 -1.65
N VAL A 938 -5.54 32.84 -1.50
CA VAL A 938 -6.18 32.55 -0.22
C VAL A 938 -5.17 32.44 0.92
N ASN A 939 -4.14 31.64 0.70
CA ASN A 939 -3.13 31.42 1.72
C ASN A 939 -2.39 32.70 2.08
N VAL A 940 -2.10 33.52 1.06
CA VAL A 940 -1.41 34.76 1.30
C VAL A 940 -2.29 35.64 2.19
N SER A 941 -3.59 35.67 1.91
CA SER A 941 -4.49 36.56 2.62
C SER A 941 -4.70 36.12 4.06
N GLN A 942 -4.58 34.84 4.33
CA GLN A 942 -4.73 34.41 5.72
C GLN A 942 -3.47 34.74 6.51
N ILE A 943 -2.34 34.88 5.82
CA ILE A 943 -1.13 35.35 6.49
C ILE A 943 -1.17 36.86 6.72
N MET A 944 -1.59 37.60 5.70
CA MET A 944 -1.43 39.06 5.67
C MET A 944 -2.66 39.85 6.12
N CYS A 945 -3.85 39.27 6.04
CA CYS A 945 -5.07 40.00 6.39
C CYS A 945 -5.87 39.39 7.54
N LEU A 946 -6.40 38.19 7.34
CA LEU A 946 -7.16 37.51 8.39
C LEU A 946 -7.51 36.09 8.02
N LEU A 947 -7.60 35.22 9.01
CA LEU A 947 -8.04 33.84 8.83
C LEU A 947 -9.46 33.73 8.27
N GLY A 948 -10.37 34.54 8.80
CA GLY A 948 -11.73 34.56 8.32
C GLY A 948 -12.62 33.75 9.25
N GLN A 949 -13.83 33.43 8.80
CA GLN A 949 -14.76 32.58 9.54
C GLN A 949 -14.26 31.15 9.58
N GLN A 950 -14.24 30.54 10.75
CA GLN A 950 -13.90 29.12 10.82
C GLN A 950 -15.16 28.33 10.52
N ALA A 951 -15.11 27.40 9.59
CA ALA A 951 -16.32 26.69 9.16
C ALA A 951 -16.24 25.19 9.41
N LEU A 952 -17.26 24.66 10.09
CA LEU A 952 -17.29 23.21 10.33
C LEU A 952 -18.50 22.58 9.67
N GLU A 953 -18.26 21.87 8.56
CA GLU A 953 -19.35 21.19 7.86
C GLU A 953 -20.51 22.12 7.55
N GLY A 954 -20.19 23.33 7.09
CA GLY A 954 -21.20 24.30 6.68
C GLY A 954 -21.73 25.16 7.81
N ARG A 955 -21.75 24.60 9.01
CA ARG A 955 -22.14 25.37 10.19
C ARG A 955 -20.97 26.25 10.65
N ARG A 956 -21.15 26.95 11.76
CA ARG A 956 -20.05 27.66 12.40
C ARG A 956 -19.51 26.79 13.53
N VAL A 957 -19.43 27.38 14.70
CA VAL A 957 -18.75 26.80 15.82
C VAL A 957 -19.82 26.22 16.77
N PRO A 958 -19.60 25.02 17.31
CA PRO A 958 -20.60 24.37 18.18
C PRO A 958 -20.96 25.21 19.42
N VAL A 959 -22.18 25.00 19.92
CA VAL A 959 -22.67 25.73 21.06
C VAL A 959 -23.14 24.77 22.12
N MET A 960 -22.71 25.03 23.35
CA MET A 960 -23.06 24.20 24.49
C MET A 960 -24.54 24.40 24.87
N VAL A 961 -25.09 23.46 25.63
CA VAL A 961 -26.49 23.52 25.99
C VAL A 961 -26.84 24.82 26.72
N SER A 962 -25.82 25.46 27.29
CA SER A 962 -25.96 26.68 28.04
C SER A 962 -26.02 27.87 27.13
N GLY A 963 -25.78 27.65 25.84
CA GLY A 963 -25.86 28.72 24.86
C GLY A 963 -24.55 29.50 24.62
N LYS A 964 -23.50 29.05 25.30
CA LYS A 964 -22.15 29.59 25.17
C LYS A 964 -21.27 28.75 24.24
N THR A 965 -20.43 29.40 23.45
CA THR A 965 -19.56 28.65 22.53
C THR A 965 -18.19 28.41 23.14
N LEU A 966 -17.99 28.91 24.35
CA LEU A 966 -16.73 28.81 25.05
C LEU A 966 -16.98 29.38 26.44
N PRO A 967 -16.22 28.96 27.45
CA PRO A 967 -16.39 29.58 28.78
C PRO A 967 -16.28 31.13 28.82
N SER A 968 -15.57 31.74 27.88
CA SER A 968 -15.35 33.18 27.97
C SER A 968 -16.42 34.03 27.31
N PHE A 969 -17.29 33.39 26.53
CA PHE A 969 -18.40 34.12 25.92
C PHE A 969 -19.65 33.93 26.75
N LYS A 970 -20.45 34.98 26.89
CA LYS A 970 -21.69 34.87 27.64
C LYS A 970 -22.70 34.10 26.80
N PRO A 971 -23.77 33.60 27.44
CA PRO A 971 -24.80 32.89 26.68
C PRO A 971 -25.44 33.77 25.63
N TYR A 972 -25.57 33.26 24.41
CA TYR A 972 -26.16 33.98 23.29
C TYR A 972 -25.43 35.26 22.88
N GLU A 973 -24.12 35.31 23.13
CA GLU A 973 -23.25 36.33 22.52
C GLU A 973 -23.52 36.44 21.05
N THR A 974 -23.48 37.66 20.53
CA THR A 974 -23.71 37.86 19.12
C THR A 974 -22.47 38.39 18.42
N ASP A 975 -21.41 38.62 19.17
CA ASP A 975 -20.13 38.92 18.58
C ASP A 975 -19.75 37.82 17.55
N ALA A 976 -19.38 38.23 16.35
CA ALA A 976 -18.95 37.30 15.33
C ALA A 976 -17.78 36.45 15.85
N MET A 977 -16.98 37.03 16.73
CA MET A 977 -15.79 36.34 17.21
C MET A 977 -16.21 35.14 18.00
N ALA A 978 -17.31 35.29 18.73
CA ALA A 978 -17.82 34.19 19.53
C ALA A 978 -18.35 33.01 18.69
N GLY A 979 -18.60 33.24 17.41
CA GLY A 979 -19.01 32.21 16.49
C GLY A 979 -17.88 31.67 15.62
N GLY A 980 -16.64 32.01 15.98
CA GLY A 980 -15.46 31.58 15.24
C GLY A 980 -15.05 32.41 14.04
N TYR A 981 -15.42 33.68 14.03
CA TYR A 981 -14.90 34.61 13.05
C TYR A 981 -13.54 35.09 13.55
N VAL A 982 -12.48 34.74 12.84
CA VAL A 982 -11.16 35.09 13.31
C VAL A 982 -10.58 36.31 12.58
N LYS A 983 -10.45 37.43 13.29
CA LYS A 983 -9.95 38.65 12.68
C LYS A 983 -8.44 38.64 12.70
N GLY A 984 -7.85 37.81 13.56
CA GLY A 984 -6.41 37.66 13.61
C GLY A 984 -5.85 37.10 12.31
N ARG A 985 -4.55 37.26 12.10
CA ARG A 985 -3.89 36.74 10.90
C ARG A 985 -2.62 36.09 11.35
N PHE A 986 -2.11 35.16 10.54
CA PHE A 986 -0.95 34.38 10.97
C PHE A 986 0.27 35.25 11.22
N TYR A 987 0.35 36.40 10.53
CA TYR A 987 1.47 37.31 10.71
C TYR A 987 1.55 37.86 12.12
N SER A 988 0.45 38.41 12.63
CA SER A 988 0.46 39.02 13.96
C SER A 988 -0.13 38.14 15.05
N GLY A 989 -0.49 36.91 14.72
CA GLY A 989 -0.94 35.96 15.71
C GLY A 989 -2.44 35.97 15.93
N ILE A 990 -2.98 34.90 16.52
CA ILE A 990 -4.41 34.80 16.82
C ILE A 990 -4.67 34.62 18.33
N LYS A 991 -5.79 35.17 18.81
CA LYS A 991 -6.11 35.05 20.23
C LYS A 991 -6.13 33.60 20.67
N PRO A 992 -6.00 33.36 22.04
CA PRO A 992 -6.04 31.93 22.41
C PRO A 992 -7.33 31.32 21.89
N GLN A 993 -8.35 32.18 21.83
CA GLN A 993 -9.65 31.86 21.31
C GLN A 993 -9.57 31.40 19.85
N GLU A 994 -8.86 32.16 19.03
CA GLU A 994 -8.75 31.83 17.61
C GLU A 994 -8.06 30.48 17.45
N TYR A 995 -7.00 30.26 18.23
CA TYR A 995 -6.22 29.02 18.22
C TYR A 995 -7.13 27.84 18.45
N TYR A 996 -7.95 27.94 19.48
CA TYR A 996 -8.82 26.83 19.84
C TYR A 996 -9.80 26.51 18.70
N PHE A 997 -10.50 27.52 18.20
CA PHE A 997 -11.44 27.30 17.09
C PHE A 997 -10.69 26.83 15.84
N HIS A 998 -9.54 27.46 15.57
CA HIS A 998 -8.67 27.00 14.51
C HIS A 998 -8.13 25.60 14.79
N CYS A 999 -7.78 25.35 16.04
CA CYS A 999 -7.32 24.03 16.46
C CYS A 999 -8.42 22.99 16.27
N MET A 1000 -9.65 23.37 16.61
CA MET A 1000 -10.79 22.50 16.41
C MET A 1000 -11.00 22.19 14.94
N ALA A 1001 -10.82 23.22 14.10
CA ALA A 1001 -10.94 23.03 12.66
C ALA A 1001 -9.87 22.05 12.15
N GLY A 1002 -8.66 22.18 12.69
CA GLY A 1002 -7.59 21.28 12.34
C GLY A 1002 -7.89 19.85 12.75
N ARG A 1003 -8.49 19.69 13.93
CA ARG A 1003 -8.90 18.37 14.41
C ARG A 1003 -9.95 17.78 13.48
N GLU A 1004 -10.87 18.62 13.03
CA GLU A 1004 -11.90 18.18 12.09
C GLU A 1004 -11.28 17.71 10.78
N GLY A 1005 -10.28 18.45 10.32
CA GLY A 1005 -9.55 18.07 9.12
C GLY A 1005 -8.84 16.74 9.28
N LEU A 1006 -8.26 16.53 10.45
CA LEU A 1006 -7.60 15.27 10.76
C LEU A 1006 -8.61 14.12 10.74
N ILE A 1007 -9.79 14.38 11.28
CA ILE A 1007 -10.86 13.40 11.29
C ILE A 1007 -11.29 13.06 9.86
N ASP A 1008 -11.35 14.07 9.02
CA ASP A 1008 -11.67 13.87 7.61
C ASP A 1008 -10.62 13.02 6.91
N THR A 1009 -9.35 13.28 7.23
CA THR A 1009 -8.24 12.54 6.63
C THR A 1009 -8.51 11.04 6.66
N ALA A 1010 -9.09 10.56 7.75
CA ALA A 1010 -9.40 9.14 7.90
C ALA A 1010 -10.14 8.60 6.67
N VAL A 1011 -10.71 9.51 5.89
CA VAL A 1011 -11.43 9.13 4.69
C VAL A 1011 -10.58 8.27 3.77
N SER A 1016 -11.79 3.03 -1.83
CA SER A 1016 -12.32 2.77 -3.15
C SER A 1016 -11.62 1.55 -3.80
N GLY A 1017 -10.65 0.99 -3.07
CA GLY A 1017 -9.82 -0.08 -3.58
C GLY A 1017 -10.52 -1.36 -3.92
N TYR A 1018 -11.25 -1.90 -2.96
CA TYR A 1018 -12.01 -3.11 -3.19
C TYR A 1018 -12.92 -2.98 -4.42
N LEU A 1019 -13.65 -1.87 -4.51
CA LEU A 1019 -14.46 -1.54 -5.68
C LEU A 1019 -13.66 -1.61 -7.00
N GLN A 1020 -12.48 -1.01 -7.02
CA GLN A 1020 -11.68 -1.07 -8.23
C GLN A 1020 -11.26 -2.48 -8.59
N ARG A 1021 -10.93 -3.29 -7.58
CA ARG A 1021 -10.49 -4.64 -7.86
C ARG A 1021 -11.61 -5.38 -8.52
N CYS A 1022 -12.80 -5.29 -7.94
CA CYS A 1022 -13.92 -6.03 -8.46
C CYS A 1022 -14.33 -5.60 -9.87
N LEU A 1023 -14.31 -4.31 -10.18
CA LEU A 1023 -14.56 -3.88 -11.56
C LEU A 1023 -13.53 -4.47 -12.51
N THR A 1024 -12.26 -4.39 -12.17
CA THR A 1024 -11.22 -4.79 -13.13
C THR A 1024 -11.21 -6.29 -13.30
N LYS A 1025 -11.45 -7.02 -12.23
CA LYS A 1025 -11.34 -8.46 -12.32
C LYS A 1025 -12.42 -9.00 -13.23
N GLN A 1026 -13.58 -8.35 -13.25
CA GLN A 1026 -14.65 -8.73 -14.13
C GLN A 1026 -14.50 -8.13 -15.52
N LEU A 1027 -13.88 -6.95 -15.61
CA LEU A 1027 -13.67 -6.34 -16.91
C LEU A 1027 -12.35 -6.92 -17.43
N GLU A 1028 -11.29 -6.12 -17.38
CA GLU A 1028 -9.96 -6.55 -17.78
C GLU A 1028 -9.71 -6.98 -19.23
N GLY A 1029 -10.30 -8.08 -19.67
CA GLY A 1029 -10.04 -8.56 -21.01
C GLY A 1029 -10.79 -7.85 -22.13
N VAL A 1030 -11.52 -6.78 -21.78
CA VAL A 1030 -12.18 -5.98 -22.80
C VAL A 1030 -11.17 -5.08 -23.50
N HIS A 1031 -11.08 -5.25 -24.82
CA HIS A 1031 -10.02 -4.61 -25.60
C HIS A 1031 -10.47 -4.19 -27.02
N VAL A 1032 -9.66 -3.36 -27.67
CA VAL A 1032 -9.93 -2.97 -29.05
C VAL A 1032 -9.46 -4.05 -30.00
N SER A 1033 -10.33 -4.44 -30.90
CA SER A 1033 -10.04 -5.52 -31.82
C SER A 1033 -9.50 -4.97 -33.15
N TYR A 1034 -8.98 -5.84 -34.02
CA TYR A 1034 -8.39 -5.32 -35.24
C TYR A 1034 -9.46 -4.83 -36.20
N ASP A 1035 -10.73 -5.13 -35.90
CA ASP A 1035 -11.85 -4.62 -36.69
C ASP A 1035 -12.45 -3.31 -36.11
N ASN A 1036 -11.72 -2.70 -35.18
CA ASN A 1036 -12.17 -1.51 -34.43
C ASN A 1036 -13.27 -1.68 -33.40
N SER A 1037 -13.89 -2.85 -33.32
CA SER A 1037 -14.91 -3.08 -32.32
C SER A 1037 -14.24 -3.31 -31.00
N ILE A 1038 -15.03 -3.28 -29.93
CA ILE A 1038 -14.50 -3.52 -28.62
C ILE A 1038 -15.02 -4.85 -28.14
N ARG A 1039 -14.11 -5.78 -27.88
CA ARG A 1039 -14.53 -7.15 -27.55
C ARG A 1039 -14.04 -7.55 -26.18
N ASP A 1040 -14.80 -8.48 -25.55
CA ASP A 1040 -14.34 -9.19 -24.38
C ASP A 1040 -13.46 -10.33 -24.87
N ALA A 1041 -12.73 -10.97 -23.98
CA ALA A 1041 -11.71 -11.93 -24.41
C ALA A 1041 -12.32 -13.18 -25.06
N ASP A 1042 -13.57 -13.49 -24.71
CA ASP A 1042 -14.26 -14.64 -25.25
C ASP A 1042 -14.94 -14.33 -26.58
N GLY A 1043 -14.64 -13.16 -27.13
CA GLY A 1043 -15.19 -12.78 -28.41
C GLY A 1043 -16.45 -11.96 -28.37
N THR A 1044 -17.10 -11.90 -27.21
CA THR A 1044 -18.34 -11.15 -27.07
C THR A 1044 -18.11 -9.68 -27.42
N LEU A 1045 -18.93 -9.16 -28.32
CA LEU A 1045 -18.80 -7.77 -28.77
C LEU A 1045 -19.45 -6.82 -27.79
N VAL A 1046 -18.68 -5.91 -27.21
CA VAL A 1046 -19.20 -5.01 -26.17
C VAL A 1046 -19.61 -3.67 -26.78
N GLN A 1047 -18.74 -3.09 -27.61
CA GLN A 1047 -19.07 -1.90 -28.39
C GLN A 1047 -18.71 -2.10 -29.87
N PHE A 1048 -19.34 -1.31 -30.73
CA PHE A 1048 -19.09 -1.39 -32.16
C PHE A 1048 -17.78 -0.73 -32.53
N MET A 1049 -17.03 -0.30 -31.52
CA MET A 1049 -15.74 0.35 -31.73
C MET A 1049 -15.18 0.91 -30.43
N TYR A 1050 -14.08 1.64 -30.53
CA TYR A 1050 -13.43 2.24 -29.37
C TYR A 1050 -14.33 3.29 -28.73
N GLY A 1051 -15.62 3.24 -29.07
CA GLY A 1051 -16.58 4.19 -28.53
C GLY A 1051 -17.31 4.95 -29.61
N GLY A 1052 -17.32 4.40 -30.82
CA GLY A 1052 -17.98 5.02 -31.94
C GLY A 1052 -17.36 6.36 -32.32
N ASP A 1053 -16.05 6.47 -32.12
CA ASP A 1053 -15.33 7.69 -32.43
C ASP A 1053 -14.08 7.40 -33.26
N ALA A 1054 -13.25 6.49 -32.78
CA ALA A 1054 -12.02 6.12 -33.48
C ALA A 1054 -10.89 7.11 -33.17
N ILE A 1055 -11.15 8.03 -32.24
CA ILE A 1055 -10.16 9.03 -31.87
C ILE A 1055 -9.46 8.65 -30.57
N ASP A 1056 -8.24 8.13 -30.69
CA ASP A 1056 -7.47 7.72 -29.54
C ASP A 1056 -7.47 8.80 -28.46
N ILE A 1057 -7.54 8.38 -27.20
CA ILE A 1057 -7.55 9.31 -26.08
C ILE A 1057 -6.19 9.99 -25.92
N THR A 1058 -5.13 9.22 -26.08
CA THR A 1058 -3.77 9.74 -25.94
C THR A 1058 -3.34 10.46 -27.21
N LYS A 1059 -4.16 10.37 -28.25
CA LYS A 1059 -3.86 11.02 -29.52
C LYS A 1059 -5.05 11.83 -30.02
N GLU A 1060 -5.48 12.80 -29.22
CA GLU A 1060 -6.62 13.65 -29.57
C GLU A 1060 -6.55 14.99 -28.86
N SER A 1061 -5.40 15.27 -28.25
CA SER A 1061 -5.21 16.53 -27.53
C SER A 1061 -5.17 17.71 -28.48
N HIS A 1062 -4.63 17.49 -29.68
CA HIS A 1062 -4.54 18.55 -30.70
C HIS A 1062 -5.37 18.40 -31.96
N MET A 1063 -6.34 17.48 -31.94
CA MET A 1063 -7.16 17.19 -33.12
C MET A 1063 -8.09 18.33 -33.48
N THR A 1064 -8.47 19.13 -32.50
CA THR A 1064 -9.33 20.26 -32.80
C THR A 1064 -8.65 21.55 -32.42
N GLN A 1065 -7.36 21.46 -32.13
CA GLN A 1065 -6.49 22.62 -31.97
C GLN A 1065 -6.00 23.20 -33.32
N PHE A 1066 -6.95 23.61 -34.17
CA PHE A 1066 -6.67 23.90 -35.58
C PHE A 1066 -5.67 25.02 -35.78
N GLU A 1067 -5.77 26.08 -34.98
CA GLU A 1067 -4.85 27.18 -35.17
C GLU A 1067 -3.45 26.80 -34.73
N PHE A 1068 -3.33 25.92 -33.76
CA PHE A 1068 -2.01 25.43 -33.44
C PHE A 1068 -1.49 24.55 -34.56
N CYS A 1069 -2.35 23.81 -35.26
CA CYS A 1069 -1.89 22.98 -36.37
C CYS A 1069 -1.61 23.77 -37.64
N LEU A 1070 -2.24 24.93 -37.80
CA LEU A 1070 -2.02 25.76 -38.99
C LEU A 1070 -0.65 26.48 -38.96
N ASP A 1071 -0.35 27.10 -37.82
CA ASP A 1071 0.92 27.83 -37.68
C ASP A 1071 2.10 26.88 -37.81
N ASN A 1072 1.83 25.60 -38.06
CA ASN A 1072 2.87 24.60 -38.22
C ASN A 1072 2.57 23.61 -39.33
N TYR A 1073 1.61 23.97 -40.19
CA TYR A 1073 1.21 23.12 -41.30
C TYR A 1073 2.37 22.34 -41.90
N TYR A 1074 3.43 23.04 -42.23
CA TYR A 1074 4.54 22.39 -42.91
C TYR A 1074 5.23 21.31 -42.08
N ALA A 1075 5.42 21.53 -40.79
CA ALA A 1075 6.03 20.49 -39.97
C ALA A 1075 5.10 19.27 -39.86
N LEU A 1076 3.80 19.52 -39.83
CA LEU A 1076 2.85 18.43 -39.65
C LEU A 1076 2.85 17.57 -40.91
N LEU A 1077 2.96 18.23 -42.05
CA LEU A 1077 3.04 17.56 -43.34
C LEU A 1077 4.29 16.72 -43.43
N LYS A 1078 5.37 17.16 -42.79
CA LYS A 1078 6.61 16.41 -42.83
C LYS A 1078 6.40 15.20 -41.97
N LYS A 1079 5.91 15.43 -40.76
CA LYS A 1079 5.67 14.37 -39.79
C LYS A 1079 4.78 13.28 -40.37
N TYR A 1080 3.66 13.65 -40.97
CA TYR A 1080 2.68 12.67 -41.43
C TYR A 1080 3.06 12.03 -42.78
N ASN A 1081 3.97 12.68 -43.50
CA ASN A 1081 4.53 12.17 -44.75
C ASN A 1081 3.56 11.48 -45.72
N PRO A 1082 2.74 12.26 -46.42
CA PRO A 1082 1.69 11.67 -47.25
C PRO A 1082 2.23 10.84 -48.42
N SER A 1083 3.48 11.08 -48.81
CA SER A 1083 4.08 10.38 -49.95
C SER A 1083 4.11 8.86 -49.77
N ALA A 1084 4.37 8.43 -48.53
CA ALA A 1084 4.53 7.02 -48.23
C ALA A 1084 3.22 6.25 -48.16
N LEU A 1085 2.10 6.94 -48.36
CA LEU A 1085 0.79 6.31 -48.17
C LEU A 1085 -0.13 6.38 -49.37
N ILE A 1086 0.27 7.09 -50.42
CA ILE A 1086 -0.62 7.28 -51.56
C ILE A 1086 -0.97 5.94 -52.18
N GLU A 1087 -0.01 5.04 -52.24
CA GLU A 1087 -0.24 3.74 -52.81
C GLU A 1087 -1.13 2.85 -51.96
N HIS A 1088 -1.28 3.18 -50.69
CA HIS A 1088 -1.97 2.27 -49.79
C HIS A 1088 -3.30 2.78 -49.26
N LEU A 1089 -3.74 3.96 -49.69
CA LEU A 1089 -5.01 4.51 -49.22
C LEU A 1089 -5.97 4.82 -50.35
N ASP A 1090 -7.26 4.66 -50.07
CA ASP A 1090 -8.31 5.09 -50.97
C ASP A 1090 -8.56 6.53 -50.67
N VAL A 1091 -8.32 7.39 -51.64
CA VAL A 1091 -8.34 8.84 -51.43
C VAL A 1091 -9.66 9.48 -51.92
N GLU A 1092 -10.50 8.72 -52.60
CA GLU A 1092 -11.69 9.28 -53.23
C GLU A 1092 -12.99 8.82 -52.59
N SER A 1093 -13.07 7.53 -52.24
CA SER A 1093 -14.34 6.87 -51.92
C SER A 1093 -15.09 7.46 -50.72
N ALA A 1094 -14.39 7.63 -49.61
CA ALA A 1094 -15.00 8.15 -48.40
C ALA A 1094 -15.39 9.62 -48.53
N LEU A 1095 -14.55 10.40 -49.20
CA LEU A 1095 -14.82 11.84 -49.37
C LEU A 1095 -16.10 12.04 -50.14
N LYS A 1096 -16.29 11.23 -51.18
CA LYS A 1096 -17.48 11.29 -52.00
C LYS A 1096 -18.71 10.91 -51.18
N TYR A 1097 -18.59 9.84 -50.39
CA TYR A 1097 -19.70 9.40 -49.57
C TYR A 1097 -20.02 10.42 -48.48
N SER A 1098 -18.98 11.00 -47.90
CA SER A 1098 -19.11 12.02 -46.88
C SER A 1098 -19.96 13.19 -47.35
N LYS A 1099 -19.73 13.65 -48.59
CA LYS A 1099 -20.49 14.78 -49.13
C LYS A 1099 -21.96 14.41 -49.28
N LYS A 1100 -22.22 13.20 -49.77
CA LYS A 1100 -23.58 12.68 -49.92
C LYS A 1100 -24.33 12.76 -48.61
N THR A 1101 -23.66 12.44 -47.50
CA THR A 1101 -24.33 12.43 -46.20
C THR A 1101 -24.46 13.81 -45.60
N LEU A 1102 -23.50 14.69 -45.88
CA LEU A 1102 -23.57 16.06 -45.38
C LEU A 1102 -24.80 16.74 -45.98
N LYS A 1103 -25.12 16.39 -47.23
CA LYS A 1103 -26.30 16.95 -47.86
C LYS A 1103 -27.57 16.46 -47.18
N TYR A 1104 -27.75 15.15 -47.06
CA TYR A 1104 -28.94 14.62 -46.41
C TYR A 1104 -29.09 15.04 -44.95
N ARG A 1105 -27.97 15.25 -44.27
CA ARG A 1105 -28.03 15.57 -42.86
C ARG A 1105 -28.44 17.03 -42.66
N LYS A 1106 -28.11 17.87 -43.64
CA LYS A 1106 -28.47 19.30 -43.61
C LYS A 1106 -29.89 19.49 -44.11
N LYS A 1107 -30.22 18.80 -45.21
CA LYS A 1107 -31.56 18.85 -45.80
C LYS A 1107 -32.65 18.41 -44.81
N HIS A 1108 -32.26 17.65 -43.80
CA HIS A 1108 -33.19 17.24 -42.76
C HIS A 1108 -32.65 17.70 -41.39
N SER A 1109 -32.14 18.92 -41.33
CA SER A 1109 -31.42 19.41 -40.14
C SER A 1109 -32.31 19.77 -38.95
N LYS A 1110 -33.33 20.58 -39.18
CA LYS A 1110 -34.10 21.18 -38.08
C LYS A 1110 -35.24 20.29 -37.54
N GLU A 1111 -35.60 19.24 -38.29
CA GLU A 1111 -36.65 18.31 -37.87
C GLU A 1111 -36.17 17.36 -36.76
N PRO A 1112 -37.06 17.00 -35.81
CA PRO A 1112 -36.67 16.31 -34.57
C PRO A 1112 -36.02 14.95 -34.81
N HIS A 1113 -35.37 14.41 -33.78
CA HIS A 1113 -34.45 13.28 -33.95
C HIS A 1113 -35.08 11.94 -34.38
N TYR A 1114 -36.38 11.79 -34.21
CA TYR A 1114 -37.05 10.53 -34.53
C TYR A 1114 -37.63 10.54 -35.94
N LYS A 1115 -37.77 11.75 -36.50
CA LYS A 1115 -38.14 11.94 -37.91
C LYS A 1115 -36.88 12.14 -38.76
N GLN A 1116 -35.74 11.66 -38.28
CA GLN A 1116 -34.48 11.84 -39.01
C GLN A 1116 -34.35 10.90 -40.20
N SER A 1117 -33.82 11.43 -41.30
CA SER A 1117 -33.49 10.61 -42.46
C SER A 1117 -32.44 9.59 -42.04
N VAL A 1118 -32.69 8.32 -42.37
CA VAL A 1118 -31.69 7.29 -42.10
C VAL A 1118 -31.38 6.54 -43.38
N LYS A 1119 -31.49 7.25 -44.49
CA LYS A 1119 -31.14 6.71 -45.79
C LYS A 1119 -29.64 6.48 -45.85
N TYR A 1120 -28.87 7.33 -45.16
CA TYR A 1120 -27.42 7.28 -45.23
C TYR A 1120 -26.74 7.20 -43.86
N ASP A 1121 -26.15 6.04 -43.58
CA ASP A 1121 -25.37 5.84 -42.38
C ASP A 1121 -24.14 6.74 -42.43
N PRO A 1122 -23.56 7.04 -41.26
CA PRO A 1122 -22.32 7.83 -41.17
C PRO A 1122 -21.18 7.11 -41.87
N VAL A 1123 -20.22 7.86 -42.40
CA VAL A 1123 -19.10 7.29 -43.14
C VAL A 1123 -18.36 6.21 -42.40
N LEU A 1124 -18.19 6.42 -41.09
CA LEU A 1124 -17.40 5.49 -40.28
C LEU A 1124 -18.06 4.12 -40.24
N ALA A 1125 -19.36 4.07 -40.50
CA ALA A 1125 -20.09 2.82 -40.48
C ALA A 1125 -19.77 1.97 -41.69
N LYS A 1126 -19.38 2.62 -42.78
CA LYS A 1126 -19.20 1.95 -44.05
C LYS A 1126 -17.75 1.85 -44.51
N TYR A 1127 -16.91 2.76 -44.04
CA TYR A 1127 -15.54 2.83 -44.53
C TYR A 1127 -14.54 2.79 -43.38
N ASN A 1128 -13.52 1.96 -43.51
CA ASN A 1128 -12.54 1.83 -42.45
C ASN A 1128 -11.65 3.07 -42.32
N PRO A 1129 -11.73 3.77 -41.17
CA PRO A 1129 -10.97 5.01 -40.99
C PRO A 1129 -9.48 4.84 -41.23
N ALA A 1130 -8.96 3.62 -41.15
CA ALA A 1130 -7.53 3.40 -41.33
C ALA A 1130 -7.14 3.32 -42.79
N LYS A 1131 -8.10 2.99 -43.63
CA LYS A 1131 -7.88 2.78 -45.06
C LYS A 1131 -8.39 3.92 -45.97
N TYR A 1132 -9.52 4.53 -45.60
CA TYR A 1132 -10.19 5.52 -46.45
C TYR A 1132 -10.04 6.93 -45.91
N LEU A 1133 -9.23 7.74 -46.57
CA LEU A 1133 -9.09 9.16 -46.22
C LEU A 1133 -10.43 9.83 -46.29
N GLY A 1134 -10.82 10.51 -45.23
CA GLY A 1134 -12.12 11.14 -45.22
C GLY A 1134 -13.14 10.39 -44.36
N SER A 1135 -12.89 9.12 -44.07
CA SER A 1135 -13.78 8.43 -43.17
C SER A 1135 -13.45 8.90 -41.77
N VAL A 1136 -14.38 9.67 -41.23
CA VAL A 1136 -14.14 10.55 -40.12
C VAL A 1136 -15.47 10.79 -39.37
N SER A 1137 -15.39 11.01 -38.06
CA SER A 1137 -16.58 11.24 -37.25
C SER A 1137 -17.31 12.46 -37.74
N GLU A 1138 -18.62 12.50 -37.58
CA GLU A 1138 -19.34 13.64 -38.13
C GLU A 1138 -19.07 14.90 -37.33
N ASN A 1139 -18.83 14.76 -36.02
CA ASN A 1139 -18.45 15.90 -35.20
C ASN A 1139 -17.23 16.57 -35.81
N PHE A 1140 -16.21 15.77 -36.08
CA PHE A 1140 -14.95 16.26 -36.61
C PHE A 1140 -15.19 16.90 -37.96
N GLN A 1141 -15.92 16.20 -38.81
CA GLN A 1141 -16.27 16.72 -40.13
C GLN A 1141 -16.89 18.11 -40.02
N ASP A 1142 -17.77 18.31 -39.04
CA ASP A 1142 -18.48 19.58 -38.86
C ASP A 1142 -17.56 20.64 -38.33
N LYS A 1143 -16.86 20.32 -37.26
CA LYS A 1143 -15.93 21.25 -36.64
C LYS A 1143 -14.91 21.76 -37.66
N LEU A 1144 -14.40 20.85 -38.48
CA LEU A 1144 -13.43 21.21 -39.52
C LEU A 1144 -14.04 22.14 -40.59
N GLU A 1145 -15.19 21.76 -41.11
CA GLU A 1145 -15.78 22.53 -42.18
C GLU A 1145 -16.23 23.91 -41.72
N SER A 1146 -16.70 23.98 -40.47
CA SER A 1146 -17.02 25.26 -39.85
C SER A 1146 -15.78 26.14 -39.76
N PHE A 1147 -14.66 25.58 -39.31
CA PHE A 1147 -13.41 26.34 -39.27
C PHE A 1147 -13.03 26.93 -40.65
N LEU A 1148 -12.89 26.08 -41.64
CA LEU A 1148 -12.59 26.51 -43.01
C LEU A 1148 -13.54 27.58 -43.52
N ASP A 1149 -14.80 27.45 -43.11
CA ASP A 1149 -15.83 28.34 -43.57
C ASP A 1149 -15.62 29.73 -42.94
N LYS A 1150 -15.37 29.74 -41.63
CA LYS A 1150 -15.38 30.98 -40.87
C LYS A 1150 -14.02 31.66 -40.79
N ASN A 1151 -13.06 31.19 -41.59
CA ASN A 1151 -11.68 31.63 -41.46
C ASN A 1151 -10.94 31.76 -42.79
N SER A 1152 -11.64 32.19 -43.83
CA SER A 1152 -11.02 32.34 -45.15
C SER A 1152 -9.84 33.31 -45.10
N LYS A 1153 -9.90 34.26 -44.17
CA LYS A 1153 -8.80 35.17 -43.92
C LYS A 1153 -7.45 34.46 -43.77
N LEU A 1154 -7.37 33.49 -42.86
CA LEU A 1154 -6.14 32.77 -42.59
C LEU A 1154 -5.57 31.97 -43.77
N PHE A 1155 -6.28 31.91 -44.89
CA PHE A 1155 -5.79 31.15 -46.04
C PHE A 1155 -5.31 32.07 -47.15
N LYS A 1156 -4.89 33.26 -46.75
CA LYS A 1156 -4.19 34.21 -47.63
C LYS A 1156 -2.95 34.70 -46.86
N SER A 1157 -3.19 35.08 -45.61
CA SER A 1157 -2.12 35.42 -44.67
C SER A 1157 -1.50 34.12 -44.10
N SER A 1158 -1.51 33.09 -44.92
CA SER A 1158 -0.85 31.81 -44.64
C SER A 1158 0.45 31.76 -45.45
N ASP A 1159 1.19 30.67 -45.32
CA ASP A 1159 2.49 30.52 -45.95
C ASP A 1159 2.40 29.96 -47.39
N GLY A 1160 1.23 30.09 -48.02
CA GLY A 1160 0.94 29.41 -49.27
C GLY A 1160 0.07 28.17 -49.08
N VAL A 1161 -0.53 28.06 -47.91
CA VAL A 1161 -1.42 26.95 -47.60
C VAL A 1161 -2.85 27.26 -47.99
N ASN A 1162 -3.34 26.51 -48.95
CA ASN A 1162 -4.70 26.71 -49.45
C ASN A 1162 -5.72 25.83 -48.70
N GLU A 1163 -6.96 26.29 -48.69
CA GLU A 1163 -8.07 25.60 -48.03
C GLU A 1163 -8.15 24.08 -48.33
N LYS A 1164 -8.03 23.70 -49.59
CA LYS A 1164 -8.02 22.28 -49.97
C LYS A 1164 -6.95 21.47 -49.24
N LYS A 1165 -5.70 21.96 -49.29
CA LYS A 1165 -4.55 21.24 -48.74
C LYS A 1165 -4.71 21.04 -47.23
N PHE A 1166 -5.26 22.03 -46.55
CA PHE A 1166 -5.40 21.94 -45.10
C PHE A 1166 -6.44 20.89 -44.68
N ARG A 1167 -7.54 20.84 -45.42
CA ARG A 1167 -8.54 19.81 -45.19
C ARG A 1167 -7.92 18.43 -45.29
N ALA A 1168 -7.19 18.19 -46.37
CA ALA A 1168 -6.52 16.91 -46.57
C ALA A 1168 -5.63 16.56 -45.39
N LEU A 1169 -4.83 17.52 -44.93
CA LEU A 1169 -3.88 17.24 -43.87
C LEU A 1169 -4.61 16.92 -42.57
N MET A 1170 -5.65 17.69 -42.27
CA MET A 1170 -6.44 17.43 -41.08
C MET A 1170 -7.11 16.07 -41.12
N GLN A 1171 -7.54 15.68 -42.32
CA GLN A 1171 -8.12 14.35 -42.56
C GLN A 1171 -7.12 13.24 -42.33
N LEU A 1172 -5.88 13.49 -42.72
CA LEU A 1172 -4.79 12.57 -42.50
C LEU A 1172 -4.45 12.53 -41.01
N LYS A 1173 -4.60 13.64 -40.33
CA LYS A 1173 -4.32 13.65 -38.90
C LYS A 1173 -5.30 12.71 -38.17
N TYR A 1174 -6.58 12.81 -38.53
CA TYR A 1174 -7.61 11.95 -37.97
C TYR A 1174 -7.19 10.50 -38.14
N MET A 1175 -6.79 10.13 -39.36
CA MET A 1175 -6.35 8.78 -39.69
C MET A 1175 -5.25 8.28 -38.76
N ARG A 1176 -4.35 9.19 -38.38
CA ARG A 1176 -3.18 8.84 -37.58
C ARG A 1176 -3.44 8.99 -36.08
N SER A 1177 -4.69 9.27 -35.72
CA SER A 1177 -5.05 9.40 -34.32
C SER A 1177 -5.92 8.22 -33.87
N LEU A 1178 -6.02 7.21 -34.72
CA LEU A 1178 -6.82 6.02 -34.43
C LEU A 1178 -6.27 5.12 -33.32
N ILE A 1179 -7.17 4.61 -32.48
CA ILE A 1179 -6.80 3.66 -31.45
C ILE A 1179 -6.43 2.30 -32.06
N ASN A 1180 -5.25 1.80 -31.71
CA ASN A 1180 -4.77 0.54 -32.25
C ASN A 1180 -5.68 -0.63 -31.87
N PRO A 1181 -5.75 -1.64 -32.74
CA PRO A 1181 -6.19 -2.92 -32.22
C PRO A 1181 -5.20 -3.30 -31.14
N GLY A 1182 -5.72 -3.70 -29.98
CA GLY A 1182 -4.92 -4.25 -28.93
C GLY A 1182 -5.09 -3.53 -27.60
N GLU A 1183 -5.54 -2.28 -27.58
CA GLU A 1183 -5.62 -1.50 -26.33
C GLU A 1183 -6.58 -2.10 -25.31
N ALA A 1184 -6.08 -2.30 -24.10
CA ALA A 1184 -6.88 -2.70 -22.97
C ALA A 1184 -7.82 -1.57 -22.47
N VAL A 1185 -8.77 -1.17 -23.30
CA VAL A 1185 -9.67 -0.08 -22.94
C VAL A 1185 -10.50 -0.37 -21.71
N GLY A 1186 -10.79 -1.65 -21.49
CA GLY A 1186 -11.52 -2.08 -20.32
C GLY A 1186 -10.78 -1.81 -19.02
N ILE A 1187 -9.54 -2.29 -18.89
CA ILE A 1187 -8.72 -1.95 -17.72
C ILE A 1187 -8.62 -0.43 -17.55
N ILE A 1188 -8.36 0.28 -18.65
CA ILE A 1188 -8.19 1.73 -18.60
C ILE A 1188 -9.45 2.48 -18.13
N ALA A 1189 -10.62 2.05 -18.61
CA ALA A 1189 -11.87 2.65 -18.15
C ALA A 1189 -12.02 2.41 -16.64
N SER A 1190 -11.68 1.22 -16.21
CA SER A 1190 -11.75 0.92 -14.80
C SER A 1190 -10.87 1.85 -14.01
N GLN A 1191 -9.67 2.14 -14.50
CA GLN A 1191 -8.75 2.98 -13.75
C GLN A 1191 -9.20 4.43 -13.83
N SER A 1192 -9.84 4.81 -14.92
CA SER A 1192 -10.31 6.18 -15.10
C SER A 1192 -11.55 6.48 -14.28
N VAL A 1193 -12.11 5.49 -13.63
CA VAL A 1193 -13.23 5.73 -12.74
C VAL A 1193 -12.79 5.51 -11.28
N GLY A 1194 -12.01 4.47 -11.04
CA GLY A 1194 -11.59 4.13 -9.70
C GLY A 1194 -10.57 5.11 -9.15
N GLU A 1195 -9.52 5.36 -9.93
CA GLU A 1195 -8.46 6.28 -9.50
C GLU A 1195 -8.99 7.69 -9.20
N PRO A 1196 -9.69 8.36 -10.15
CA PRO A 1196 -10.16 9.72 -9.84
C PRO A 1196 -11.14 9.76 -8.69
N SER A 1197 -11.83 8.66 -8.42
CA SER A 1197 -12.81 8.65 -7.34
C SER A 1197 -12.16 8.69 -5.94
N THR A 1198 -10.84 8.52 -5.87
CA THR A 1198 -10.16 8.64 -4.58
C THR A 1198 -10.14 10.10 -4.10
N GLN A 1199 -10.45 11.01 -5.01
CA GLN A 1199 -10.56 12.43 -4.70
C GLN A 1199 -11.92 12.79 -4.11
N MET A 1200 -12.79 11.78 -4.01
CA MET A 1200 -14.13 11.95 -3.45
C MET A 1200 -14.28 11.25 -2.12
N THR A 1201 -13.17 10.95 -1.47
CA THR A 1201 -13.21 10.24 -0.21
C THR A 1201 -13.93 11.06 0.89
N LEU A 1202 -13.99 12.38 0.71
CA LEU A 1202 -14.60 13.31 1.67
C LEU A 1202 -15.65 14.22 1.00
N ASN A 1203 -16.14 15.23 1.71
CA ASN A 1203 -17.21 16.10 1.20
C ASN A 1203 -17.28 17.55 1.73
N THR A 1204 -18.00 18.41 1.00
CA THR A 1204 -18.18 19.84 1.34
C THR A 1204 -19.41 20.07 2.23
N PHE A 1205 -19.58 21.32 2.66
CA PHE A 1205 -20.73 21.77 3.46
C PHE A 1205 -21.04 23.25 3.21
N ALA A 1213 -33.05 19.72 -3.85
CA ALA A 1213 -32.58 18.42 -4.34
C ALA A 1213 -32.16 17.48 -3.20
N ASN A 1214 -30.91 17.62 -2.72
CA ASN A 1214 -30.37 16.82 -1.62
C ASN A 1214 -30.16 15.35 -1.99
N VAL A 1215 -29.25 15.12 -2.91
CA VAL A 1215 -29.10 13.81 -3.51
C VAL A 1215 -27.87 13.03 -2.96
N THR A 1216 -27.77 11.72 -3.24
CA THR A 1216 -26.60 10.93 -2.81
C THR A 1216 -25.35 11.26 -3.64
N LEU A 1217 -24.21 11.42 -2.99
CA LEU A 1217 -23.02 11.90 -3.68
C LEU A 1217 -21.83 10.96 -3.66
N GLY A 1218 -20.78 11.37 -4.38
CA GLY A 1218 -19.48 10.74 -4.31
C GLY A 1218 -19.45 9.24 -4.37
N ILE A 1219 -18.59 8.63 -3.56
CA ILE A 1219 -18.45 7.18 -3.63
C ILE A 1219 -19.72 6.37 -3.31
N PRO A 1220 -20.45 6.72 -2.25
CA PRO A 1220 -21.69 5.98 -2.01
C PRO A 1220 -22.56 5.90 -3.24
N ARG A 1221 -22.71 7.01 -3.93
CA ARG A 1221 -23.54 7.04 -5.12
C ARG A 1221 -22.93 6.17 -6.21
N LEU A 1222 -21.62 6.30 -6.40
CA LEU A 1222 -20.93 5.54 -7.41
C LEU A 1222 -21.11 4.05 -7.17
N ARG A 1223 -21.19 3.65 -5.90
CA ARG A 1223 -21.49 2.26 -5.53
C ARG A 1223 -22.91 1.86 -5.85
N GLU A 1224 -23.87 2.76 -5.62
CA GLU A 1224 -25.27 2.46 -5.90
C GLU A 1224 -25.48 2.15 -7.37
N ILE A 1225 -24.68 2.79 -8.23
CA ILE A 1225 -24.81 2.63 -9.67
C ILE A 1225 -24.03 1.43 -10.18
N VAL A 1226 -22.77 1.34 -9.79
CA VAL A 1226 -21.83 0.41 -10.40
C VAL A 1226 -21.69 -0.90 -9.65
N MET A 1227 -21.87 -0.86 -8.34
CA MET A 1227 -21.60 -2.01 -7.51
C MET A 1227 -22.79 -2.84 -7.08
N THR A 1228 -23.97 -2.23 -7.01
CA THR A 1228 -25.15 -2.96 -6.58
C THR A 1228 -26.22 -2.92 -7.66
N ALA A 1229 -26.16 -1.91 -8.52
CA ALA A 1229 -27.23 -1.65 -9.48
C ALA A 1229 -28.59 -1.71 -8.77
N SER A 1230 -28.79 -0.83 -7.80
CA SER A 1230 -29.97 -0.97 -6.94
C SER A 1230 -31.24 -0.54 -7.66
N ALA A 1231 -32.30 -1.31 -7.43
CA ALA A 1231 -33.63 -0.93 -7.86
C ALA A 1231 -34.13 0.13 -6.87
N ALA A 1232 -33.59 0.04 -5.65
CA ALA A 1232 -33.96 0.91 -4.54
C ALA A 1232 -32.81 1.79 -4.08
N ILE A 1233 -32.57 2.88 -4.78
CA ILE A 1233 -31.49 3.80 -4.41
C ILE A 1233 -31.96 4.71 -3.29
N LYS A 1234 -31.03 5.40 -2.65
CA LYS A 1234 -31.36 6.19 -1.46
C LYS A 1234 -32.16 7.45 -1.74
N THR A 1235 -31.86 8.15 -2.82
CA THR A 1235 -32.59 9.36 -3.13
C THR A 1235 -33.07 9.43 -4.58
N PRO A 1236 -34.06 8.61 -4.95
CA PRO A 1236 -34.59 8.60 -6.31
C PRO A 1236 -35.27 9.92 -6.68
N GLN A 1237 -35.12 10.37 -7.93
CA GLN A 1237 -35.67 11.65 -8.38
C GLN A 1237 -36.07 11.60 -9.85
N MET A 1238 -37.11 12.35 -10.20
CA MET A 1238 -37.42 12.63 -11.60
C MET A 1238 -37.21 14.11 -11.80
N THR A 1239 -36.81 14.48 -13.01
CA THR A 1239 -36.65 15.87 -13.35
C THR A 1239 -37.65 16.17 -14.44
N LEU A 1240 -38.53 17.15 -14.21
CA LEU A 1240 -39.62 17.42 -15.13
C LEU A 1240 -39.44 18.76 -15.79
N PRO A 1241 -39.17 18.77 -17.10
CA PRO A 1241 -39.03 20.04 -17.81
C PRO A 1241 -40.40 20.63 -18.04
N ILE A 1242 -40.58 21.92 -17.80
CA ILE A 1242 -41.91 22.53 -17.91
C ILE A 1242 -42.06 23.47 -19.11
N TRP A 1243 -43.22 23.40 -19.76
CA TRP A 1243 -43.52 24.29 -20.88
C TRP A 1243 -43.31 25.78 -20.60
N ASN A 1244 -43.23 26.55 -21.67
CA ASN A 1244 -42.97 27.97 -21.55
C ASN A 1244 -44.20 28.77 -21.16
N ASP A 1245 -45.38 28.25 -21.49
CA ASP A 1245 -46.61 28.91 -21.12
C ASP A 1245 -46.95 28.71 -19.64
N VAL A 1246 -46.22 27.82 -18.98
CA VAL A 1246 -46.34 27.66 -17.54
C VAL A 1246 -45.46 28.71 -16.88
N SER A 1247 -46.07 29.70 -16.27
CA SER A 1247 -45.31 30.74 -15.57
C SER A 1247 -44.68 30.15 -14.32
N ASP A 1248 -43.89 30.96 -13.63
CA ASP A 1248 -43.26 30.51 -12.40
C ASP A 1248 -44.25 30.32 -11.26
N GLU A 1249 -45.37 31.04 -11.26
CA GLU A 1249 -46.31 30.90 -10.16
C GLU A 1249 -47.07 29.60 -10.33
N GLN A 1250 -47.41 29.29 -11.57
CA GLN A 1250 -48.17 28.09 -11.88
C GLN A 1250 -47.33 26.86 -11.61
N ALA A 1251 -46.02 26.98 -11.79
CA ALA A 1251 -45.13 25.88 -11.52
C ALA A 1251 -45.10 25.61 -10.04
N ASP A 1252 -44.94 26.67 -9.25
CA ASP A 1252 -44.88 26.56 -7.80
C ASP A 1252 -46.14 25.89 -7.24
N THR A 1253 -47.31 26.35 -7.70
CA THR A 1253 -48.57 25.72 -7.34
C THR A 1253 -48.60 24.26 -7.74
N PHE A 1254 -48.25 23.97 -8.99
CA PHE A 1254 -48.19 22.60 -9.47
C PHE A 1254 -47.35 21.69 -8.57
N CYS A 1255 -46.23 22.21 -8.05
CA CYS A 1255 -45.40 21.43 -7.12
C CYS A 1255 -46.21 21.05 -5.90
N LYS A 1256 -46.96 22.01 -5.37
CA LYS A 1256 -47.70 21.76 -4.15
C LYS A 1256 -48.72 20.66 -4.42
N SER A 1257 -49.27 20.63 -5.63
CA SER A 1257 -50.35 19.71 -5.95
C SER A 1257 -49.91 18.27 -6.06
N ILE A 1258 -48.67 18.01 -6.47
CA ILE A 1258 -48.22 16.63 -6.55
C ILE A 1258 -47.36 16.18 -5.37
N SER A 1259 -47.16 17.06 -4.40
CA SER A 1259 -46.39 16.70 -3.20
C SER A 1259 -47.28 16.00 -2.19
N LYS A 1260 -46.70 15.08 -1.43
CA LYS A 1260 -47.39 14.38 -0.35
C LYS A 1260 -47.71 15.36 0.77
N VAL A 1261 -48.87 15.17 1.40
CA VAL A 1261 -49.15 15.71 2.72
C VAL A 1261 -49.95 14.71 3.57
N LEU A 1262 -49.85 14.85 4.89
CA LEU A 1262 -50.47 13.90 5.81
C LEU A 1262 -51.26 14.59 6.92
N LEU A 1263 -52.30 13.93 7.41
CA LEU A 1263 -53.33 14.59 8.20
C LEU A 1263 -52.70 15.46 9.26
N SER A 1264 -51.59 14.99 9.80
CA SER A 1264 -50.87 15.72 10.83
C SER A 1264 -50.41 17.07 10.33
N GLU A 1265 -50.20 17.19 9.02
CA GLU A 1265 -49.66 18.43 8.50
C GLU A 1265 -50.62 19.61 8.66
N VAL A 1266 -51.94 19.33 8.70
CA VAL A 1266 -52.92 20.40 8.80
C VAL A 1266 -53.51 20.53 10.20
N ILE A 1267 -53.09 19.65 11.12
CA ILE A 1267 -53.59 19.72 12.49
C ILE A 1267 -52.73 20.63 13.33
N ASP A 1268 -53.35 21.59 13.98
CA ASP A 1268 -52.64 22.43 14.93
C ASP A 1268 -52.57 21.71 16.27
N LYS A 1269 -53.70 21.18 16.72
CA LYS A 1269 -53.74 20.62 18.06
C LYS A 1269 -54.92 19.67 18.21
N VAL A 1270 -54.73 18.60 19.00
CA VAL A 1270 -55.82 17.70 19.34
C VAL A 1270 -56.04 17.76 20.84
N ILE A 1271 -57.29 17.92 21.25
CA ILE A 1271 -57.63 17.97 22.67
C ILE A 1271 -58.55 16.79 22.99
N VAL A 1272 -58.19 16.01 24.00
CA VAL A 1272 -58.96 14.82 24.36
C VAL A 1272 -59.48 14.91 25.78
N THR A 1273 -60.80 14.76 25.90
CA THR A 1273 -61.48 14.82 27.17
C THR A 1273 -62.06 13.43 27.50
N GLU A 1274 -61.58 12.85 28.60
CA GLU A 1274 -61.98 11.51 29.00
C GLU A 1274 -62.81 11.54 30.28
N THR A 1275 -63.91 10.79 30.33
CA THR A 1275 -64.77 10.73 31.52
C THR A 1275 -65.19 9.31 31.89
N THR A 1276 -65.73 9.14 33.09
CA THR A 1276 -66.19 7.82 33.56
C THR A 1276 -67.49 7.92 34.35
N ALA A 1286 -72.36 5.05 32.23
CA ALA A 1286 -72.55 3.67 31.74
C ALA A 1286 -71.25 3.03 31.22
N ALA A 1287 -70.30 3.86 30.80
CA ALA A 1287 -69.04 3.40 30.20
C ALA A 1287 -67.94 4.48 30.18
N ARG A 1288 -66.81 4.16 29.55
CA ARG A 1288 -65.66 5.08 29.52
C ARG A 1288 -65.55 5.83 28.19
N SER A 1289 -65.71 7.14 28.23
CA SER A 1289 -65.87 7.93 27.00
C SER A 1289 -64.77 8.98 26.73
N TYR A 1290 -64.41 9.11 25.45
CA TYR A 1290 -63.38 10.02 25.00
C TYR A 1290 -63.93 11.02 23.99
N VAL A 1291 -63.84 12.31 24.30
CA VAL A 1291 -64.17 13.32 23.31
C VAL A 1291 -62.92 13.87 22.64
N ILE A 1292 -62.76 13.52 21.37
CA ILE A 1292 -61.60 13.89 20.57
C ILE A 1292 -61.93 15.08 19.69
N HIS A 1293 -61.32 16.23 19.99
CA HIS A 1293 -61.57 17.46 19.24
C HIS A 1293 -60.31 17.90 18.51
N MET A 1294 -60.36 17.93 17.18
CA MET A 1294 -59.21 18.31 16.38
C MET A 1294 -59.27 19.78 15.97
N ARG A 1295 -58.27 20.56 16.34
CA ARG A 1295 -58.20 21.95 15.88
C ARG A 1295 -57.19 22.08 14.75
N PHE A 1296 -57.67 22.35 13.54
CA PHE A 1296 -56.76 22.51 12.41
C PHE A 1296 -56.24 23.94 12.35
N PHE A 1297 -55.29 24.16 11.48
CA PHE A 1297 -54.87 25.51 11.16
C PHE A 1297 -56.01 26.13 10.38
N ASP A 1298 -55.95 27.44 10.17
CA ASP A 1298 -57.04 28.11 9.49
C ASP A 1298 -57.16 27.62 8.05
N ASN A 1299 -58.40 27.53 7.58
CA ASN A 1299 -58.71 26.98 6.25
C ASN A 1299 -57.88 27.64 5.18
N ASN A 1300 -57.81 28.96 5.21
CA ASN A 1300 -57.04 29.69 4.21
C ASN A 1300 -55.57 29.31 4.28
N GLU A 1301 -55.06 29.14 5.50
CA GLU A 1301 -53.66 28.79 5.67
C GLU A 1301 -53.28 27.43 5.09
N TYR A 1302 -54.08 26.39 5.39
CA TYR A 1302 -53.73 25.07 4.88
C TYR A 1302 -54.11 24.85 3.43
N SER A 1303 -55.09 25.57 2.93
CA SER A 1303 -55.33 25.56 1.48
C SER A 1303 -54.11 26.13 0.80
N GLU A 1304 -53.65 27.28 1.29
CA GLU A 1304 -52.54 27.97 0.66
C GLU A 1304 -51.31 27.09 0.67
N GLU A 1305 -51.02 26.54 1.84
CA GLU A 1305 -49.81 25.75 2.08
C GLU A 1305 -49.75 24.39 1.40
N TYR A 1306 -50.84 23.64 1.41
CA TYR A 1306 -50.80 22.27 0.92
C TYR A 1306 -51.75 22.00 -0.25
N ASP A 1307 -52.53 23.00 -0.66
CA ASP A 1307 -53.61 22.82 -1.62
C ASP A 1307 -54.57 21.70 -1.16
N VAL A 1308 -55.15 21.90 0.02
CA VAL A 1308 -56.09 20.96 0.61
C VAL A 1308 -57.42 21.65 0.91
N SER A 1309 -58.53 21.05 0.47
CA SER A 1309 -59.84 21.65 0.65
C SER A 1309 -60.46 21.14 1.93
N LYS A 1310 -61.40 21.88 2.53
CA LYS A 1310 -62.00 21.34 3.74
C LYS A 1310 -62.77 20.05 3.46
N GLU A 1311 -63.24 19.89 2.22
CA GLU A 1311 -63.90 18.64 1.81
C GLU A 1311 -62.93 17.45 1.85
N GLU A 1312 -61.78 17.61 1.22
CA GLU A 1312 -60.74 16.59 1.24
C GLU A 1312 -60.41 16.20 2.67
N LEU A 1313 -60.35 17.20 3.53
CA LEU A 1313 -59.97 17.01 4.93
C LEU A 1313 -61.06 16.22 5.67
N GLN A 1314 -62.31 16.64 5.54
CA GLN A 1314 -63.42 15.91 6.12
C GLN A 1314 -63.44 14.47 5.61
N ASN A 1315 -63.15 14.31 4.33
CA ASN A 1315 -63.27 13.03 3.67
C ASN A 1315 -62.33 11.98 4.24
N VAL A 1316 -61.16 12.42 4.71
CA VAL A 1316 -60.13 11.53 5.22
C VAL A 1316 -60.45 11.11 6.64
N ILE A 1317 -61.01 12.03 7.40
CA ILE A 1317 -61.41 11.73 8.76
C ILE A 1317 -62.58 10.74 8.76
N SER A 1318 -63.57 11.00 7.90
CA SER A 1318 -64.75 10.11 7.74
C SER A 1318 -64.39 8.69 7.35
N ASN A 1319 -63.48 8.55 6.39
CA ASN A 1319 -63.07 7.23 5.92
C ASN A 1319 -61.85 6.67 6.64
N GLN A 1320 -60.66 6.88 6.08
CA GLN A 1320 -59.51 6.14 6.56
C GLN A 1320 -58.96 6.48 7.96
N PHE A 1321 -59.34 7.62 8.53
CA PHE A 1321 -58.76 7.99 9.83
C PHE A 1321 -59.40 7.22 11.00
N ILE A 1322 -60.72 7.33 11.11
CA ILE A 1322 -61.46 6.64 12.14
C ILE A 1322 -61.18 5.14 12.08
N HIS A 1323 -61.14 4.59 10.86
CA HIS A 1323 -60.90 3.16 10.70
C HIS A 1323 -59.61 2.79 11.38
N LEU A 1324 -58.54 3.49 11.00
CA LEU A 1324 -57.23 3.28 11.59
C LEU A 1324 -57.20 3.46 13.10
N LEU A 1325 -57.90 4.49 13.60
CA LEU A 1325 -57.95 4.73 15.04
C LEU A 1325 -58.64 3.59 15.81
N GLU A 1326 -59.81 3.17 15.35
CA GLU A 1326 -60.52 2.05 15.98
C GLU A 1326 -59.68 0.79 15.87
N ALA A 1327 -59.04 0.61 14.71
CA ALA A 1327 -58.13 -0.49 14.48
C ALA A 1327 -57.06 -0.54 15.57
N ALA A 1328 -56.42 0.61 15.78
CA ALA A 1328 -55.39 0.77 16.79
C ALA A 1328 -55.93 0.54 18.19
N ILE A 1329 -57.15 1.01 18.44
CA ILE A 1329 -57.76 0.85 19.75
C ILE A 1329 -58.05 -0.62 20.07
N VAL A 1330 -58.66 -1.31 19.12
CA VAL A 1330 -58.98 -2.73 19.27
C VAL A 1330 -57.73 -3.52 19.62
N LYS A 1331 -56.67 -3.25 18.87
CA LYS A 1331 -55.38 -3.89 19.07
C LYS A 1331 -54.78 -3.61 20.45
N GLU A 1332 -55.12 -2.48 21.04
CA GLU A 1332 -54.59 -2.12 22.36
C GLU A 1332 -55.45 -2.71 23.47
N ILE A 1333 -56.75 -2.82 23.23
CA ILE A 1333 -57.64 -3.50 24.15
C ILE A 1333 -57.24 -4.96 24.23
N LYS A 1334 -56.95 -5.52 23.06
CA LYS A 1334 -56.46 -6.90 22.95
C LYS A 1334 -55.27 -7.11 23.87
N LYS A 1335 -54.30 -6.20 23.79
CA LYS A 1335 -53.05 -6.32 24.56
C LYS A 1335 -53.30 -6.37 26.07
N GLN A 1336 -54.37 -5.72 26.52
CA GLN A 1336 -54.72 -5.66 27.93
C GLN A 1336 -55.20 -7.00 28.51
N LYS A 1337 -55.21 -8.03 27.67
CA LYS A 1337 -55.69 -9.35 28.10
C LYS A 1337 -54.61 -10.41 27.94
N ARG A 1338 -53.74 -10.23 26.94
CA ARG A 1338 -52.59 -11.12 26.71
C ARG A 1338 -51.38 -10.80 27.63
N THR A 1339 -51.39 -11.40 28.82
CA THR A 1339 -50.40 -11.23 29.91
C THR A 1339 -49.07 -10.51 29.58
N PRO A 1342 -42.51 -7.97 32.35
CA PRO A 1342 -41.49 -8.89 32.84
C PRO A 1342 -42.06 -10.23 33.37
N ASP A 1343 -41.34 -11.32 33.10
CA ASP A 1343 -41.46 -12.58 33.83
C ASP A 1343 -40.17 -12.79 34.62
N ILE A 1344 -40.32 -12.85 35.93
CA ILE A 1344 -39.28 -12.37 36.84
C ILE A 1344 -37.97 -13.15 36.89
N GLY A 1345 -38.03 -14.45 37.11
CA GLY A 1345 -36.78 -15.18 37.33
C GLY A 1345 -36.02 -15.59 36.08
N VAL A 1346 -36.35 -14.99 34.95
CA VAL A 1346 -35.74 -15.35 33.68
C VAL A 1346 -34.72 -14.31 33.23
N ALA A 1347 -33.50 -14.75 33.02
CA ALA A 1347 -32.42 -13.83 32.63
C ALA A 1347 -32.69 -13.07 31.35
N VAL A 1348 -32.25 -11.80 31.32
CA VAL A 1348 -32.11 -11.05 30.09
C VAL A 1348 -31.00 -11.68 29.27
N PRO A 1349 -31.31 -12.11 28.03
CA PRO A 1349 -30.37 -12.88 27.19
C PRO A 1349 -29.27 -12.04 26.49
N ASN A 1440 -77.74 20.79 9.83
CA ASN A 1440 -77.89 19.84 10.93
C ASN A 1440 -78.89 18.70 10.64
N LYS A 1441 -79.10 18.39 9.36
CA LYS A 1441 -79.75 17.13 9.02
C LYS A 1441 -78.95 16.43 7.92
N VAL A 1442 -78.26 17.22 7.10
CA VAL A 1442 -77.22 16.70 6.24
C VAL A 1442 -76.17 16.13 7.19
N GLN A 1443 -76.05 16.81 8.32
CA GLN A 1443 -75.10 16.48 9.36
C GLN A 1443 -75.58 15.38 10.28
N ARG A 1444 -76.77 15.56 10.83
CA ARG A 1444 -77.42 14.58 11.69
C ARG A 1444 -77.34 13.19 11.08
N ASP A 1445 -77.63 13.11 9.78
CA ASP A 1445 -77.60 11.85 9.03
C ASP A 1445 -76.18 11.34 8.70
N ARG A 1446 -75.30 12.23 8.25
CA ARG A 1446 -73.88 11.90 8.04
C ARG A 1446 -73.24 11.32 9.31
N GLN A 1447 -73.68 11.82 10.46
CA GLN A 1447 -73.24 11.31 11.75
C GLN A 1447 -73.68 9.86 11.93
N SER A 1448 -74.96 9.60 11.68
CA SER A 1448 -75.50 8.25 11.83
C SER A 1448 -74.87 7.29 10.84
N ALA A 1449 -74.59 7.79 9.66
CA ALA A 1449 -73.92 7.00 8.64
C ALA A 1449 -72.57 6.57 9.17
N ILE A 1450 -71.90 7.46 9.88
CA ILE A 1450 -70.58 7.17 10.40
C ILE A 1450 -70.66 6.24 11.59
N ILE A 1451 -71.66 6.43 12.42
CA ILE A 1451 -71.80 5.58 13.59
C ILE A 1451 -72.04 4.12 13.19
N SER A 1452 -72.81 3.91 12.14
CA SER A 1452 -73.15 2.55 11.71
C SER A 1452 -72.02 1.83 10.97
N HIS A 1453 -71.00 2.58 10.54
CA HIS A 1453 -69.84 1.99 9.85
C HIS A 1453 -68.60 1.81 10.74
N HIS A 1454 -68.78 1.93 12.06
CA HIS A 1454 -67.66 1.87 12.99
C HIS A 1454 -67.99 1.22 14.32
N ARG A 1455 -66.96 0.92 15.10
CA ARG A 1455 -67.12 0.10 16.30
C ARG A 1455 -67.44 0.86 17.60
N PHE A 1456 -66.93 2.10 17.75
CA PHE A 1456 -67.02 2.82 19.04
C PHE A 1456 -67.51 4.26 19.00
N ILE A 1457 -67.91 4.78 17.85
CA ILE A 1457 -68.22 6.20 17.77
C ILE A 1457 -69.64 6.46 18.20
N THR A 1458 -69.87 7.48 19.01
CA THR A 1458 -71.23 7.79 19.41
C THR A 1458 -71.71 9.17 18.94
N LYS A 1459 -70.77 10.08 18.68
CA LYS A 1459 -71.07 11.37 18.05
C LYS A 1459 -69.99 11.73 17.00
N TYR A 1460 -70.33 12.57 16.04
CA TYR A 1460 -69.37 13.00 15.02
C TYR A 1460 -69.78 14.32 14.38
N ASN A 1461 -68.87 15.28 14.41
CA ASN A 1461 -69.16 16.54 13.76
C ASN A 1461 -67.96 17.25 13.15
N PHE A 1462 -68.20 17.88 12.00
CA PHE A 1462 -67.16 18.60 11.29
C PHE A 1462 -67.56 20.05 11.09
N ASP A 1463 -66.62 20.97 11.27
CA ASP A 1463 -66.86 22.37 10.96
C ASP A 1463 -67.03 22.54 9.46
N ASP A 1464 -68.24 22.24 8.98
CA ASP A 1464 -68.53 22.30 7.56
C ASP A 1464 -68.46 23.72 7.00
N GLU A 1465 -68.64 24.73 7.86
CA GLU A 1465 -68.60 26.10 7.38
C GLU A 1465 -67.19 26.64 7.16
N SER A 1466 -66.34 26.55 8.16
CA SER A 1466 -65.06 27.28 8.17
C SER A 1466 -63.86 26.35 8.20
N GLY A 1467 -64.14 25.06 8.32
CA GLY A 1467 -63.12 24.02 8.30
C GLY A 1467 -62.04 24.12 9.36
N LYS A 1468 -62.38 24.62 10.56
CA LYS A 1468 -61.38 24.81 11.60
C LYS A 1468 -61.34 23.68 12.60
N TRP A 1469 -62.35 22.83 12.60
CA TRP A 1469 -62.31 21.76 13.60
C TRP A 1469 -63.07 20.52 13.20
N CYS A 1470 -62.76 19.44 13.90
CA CYS A 1470 -63.52 18.24 13.81
C CYS A 1470 -63.60 17.72 15.23
N GLU A 1471 -64.78 17.24 15.62
CA GLU A 1471 -64.95 16.62 16.93
C GLU A 1471 -65.82 15.38 16.86
N PHE A 1472 -65.42 14.33 17.55
CA PHE A 1472 -66.25 13.13 17.67
C PHE A 1472 -66.02 12.46 19.02
N LYS A 1473 -66.91 11.54 19.37
CA LYS A 1473 -66.87 10.92 20.69
C LYS A 1473 -66.79 9.41 20.57
N LEU A 1474 -65.78 8.82 21.19
CA LEU A 1474 -65.67 7.37 21.28
C LEU A 1474 -66.11 6.87 22.64
N GLU A 1475 -67.02 5.91 22.66
CA GLU A 1475 -67.36 5.23 23.91
C GLU A 1475 -66.81 3.80 23.91
N LEU A 1476 -65.94 3.51 24.87
CA LEU A 1476 -65.39 2.17 25.03
C LEU A 1476 -66.02 1.48 26.23
N ALA A 1477 -66.03 0.15 26.18
CA ALA A 1477 -66.53 -0.71 27.25
C ALA A 1477 -66.09 -0.21 28.63
N ALA A 1478 -67.00 -0.30 29.60
CA ALA A 1478 -66.75 0.23 30.93
C ALA A 1478 -65.54 -0.40 31.62
N ASP A 1479 -65.37 -1.72 31.45
CA ASP A 1479 -64.29 -2.45 32.11
C ASP A 1479 -62.88 -2.11 31.60
N THR A 1480 -62.78 -1.61 30.37
CA THR A 1480 -61.50 -1.23 29.76
C THR A 1480 -60.67 -0.33 30.67
N GLU A 1481 -59.41 -0.72 30.91
CA GLU A 1481 -58.49 0.08 31.71
C GLU A 1481 -57.86 1.16 30.84
N LYS A 1482 -57.34 2.21 31.46
CA LYS A 1482 -57.02 3.47 30.78
C LYS A 1482 -56.07 3.42 29.58
N LEU A 1483 -56.42 4.19 28.56
CA LEU A 1483 -55.60 4.36 27.37
C LEU A 1483 -54.96 5.75 27.30
N LEU A 1484 -53.78 5.81 26.70
CA LEU A 1484 -53.16 7.07 26.38
C LEU A 1484 -53.72 7.54 25.04
N MET A 1485 -55.02 7.84 25.05
CA MET A 1485 -55.77 8.13 23.83
C MET A 1485 -55.20 9.25 22.97
N VAL A 1486 -54.69 10.29 23.62
CA VAL A 1486 -54.16 11.40 22.87
C VAL A 1486 -53.01 10.87 22.03
N ASN A 1487 -52.16 10.05 22.64
CA ASN A 1487 -51.00 9.49 21.95
C ASN A 1487 -51.33 8.48 20.89
N ILE A 1488 -52.27 7.57 21.16
CA ILE A 1488 -52.77 6.71 20.11
C ILE A 1488 -53.24 7.56 18.92
N VAL A 1489 -54.00 8.61 19.19
CA VAL A 1489 -54.45 9.52 18.15
C VAL A 1489 -53.31 10.21 17.39
N GLU A 1490 -52.28 10.69 18.11
CA GLU A 1490 -51.11 11.29 17.46
C GLU A 1490 -50.53 10.36 16.39
N GLU A 1491 -50.34 9.10 16.77
CA GLU A 1491 -49.76 8.13 15.87
C GLU A 1491 -50.60 7.92 14.61
N ILE A 1492 -51.91 7.93 14.74
CA ILE A 1492 -52.75 7.62 13.59
C ILE A 1492 -52.77 8.82 12.66
N CYS A 1493 -52.65 10.02 13.25
CA CYS A 1493 -52.63 11.25 12.47
C CYS A 1493 -51.42 11.30 11.52
N ARG A 1494 -50.29 10.79 11.98
CA ARG A 1494 -49.06 10.90 11.21
C ARG A 1494 -49.01 9.87 10.09
N LYS A 1495 -50.00 8.98 10.08
CA LYS A 1495 -50.14 7.95 9.06
C LYS A 1495 -51.28 8.28 8.09
N SER A 1496 -52.28 9.01 8.55
CA SER A 1496 -53.43 9.31 7.69
C SER A 1496 -53.05 10.17 6.49
N ILE A 1497 -53.45 9.72 5.31
CA ILE A 1497 -53.08 10.42 4.08
C ILE A 1497 -54.23 11.23 3.49
N ILE A 1498 -54.16 12.54 3.60
CA ILE A 1498 -55.17 13.37 2.97
C ILE A 1498 -55.16 13.15 1.48
N ARG A 1499 -54.01 13.47 0.85
CA ARG A 1499 -53.71 13.04 -0.54
C ARG A 1499 -52.21 12.75 -0.82
N GLN A 1500 -51.93 11.95 -1.86
CA GLN A 1500 -50.56 11.62 -2.30
C GLN A 1500 -50.48 11.21 -3.79
N ILE A 1501 -49.30 11.17 -4.40
CA ILE A 1501 -49.12 10.37 -5.58
C ILE A 1501 -48.21 9.23 -5.18
N PRO A 1502 -48.59 7.97 -5.52
CA PRO A 1502 -47.81 6.77 -5.24
C PRO A 1502 -46.33 7.00 -5.56
N HIS A 1503 -45.47 6.80 -4.56
CA HIS A 1503 -44.01 6.88 -4.66
C HIS A 1503 -43.43 8.27 -4.65
N ILE A 1504 -44.26 9.29 -4.73
CA ILE A 1504 -43.73 10.64 -4.73
C ILE A 1504 -43.89 11.27 -3.37
N ASP A 1505 -42.82 11.92 -2.89
CA ASP A 1505 -42.88 12.70 -1.65
C ASP A 1505 -43.09 14.16 -1.96
N ARG A 1506 -42.00 14.86 -2.19
CA ARG A 1506 -42.04 16.30 -2.37
C ARG A 1506 -41.63 16.62 -3.80
N CYS A 1507 -42.29 17.62 -4.37
CA CYS A 1507 -41.85 18.15 -5.65
C CYS A 1507 -41.39 19.56 -5.39
N VAL A 1508 -40.34 19.96 -6.07
CA VAL A 1508 -39.69 21.20 -5.76
C VAL A 1508 -39.35 21.91 -7.07
N HIS A 1509 -39.34 23.24 -7.01
CA HIS A 1509 -39.05 24.10 -8.15
C HIS A 1509 -37.68 24.76 -7.95
N PRO A 1510 -36.61 24.18 -8.52
CA PRO A 1510 -35.30 24.80 -8.34
C PRO A 1510 -35.02 25.88 -9.38
N GLU A 1511 -33.93 26.63 -9.20
CA GLU A 1511 -33.56 27.70 -10.14
C GLU A 1511 -33.22 27.13 -11.51
N PRO A 1512 -33.63 27.82 -12.58
CA PRO A 1512 -33.50 27.33 -13.96
C PRO A 1512 -32.05 26.99 -14.26
N GLU A 1513 -31.65 25.75 -14.09
CA GLU A 1513 -30.24 25.43 -14.32
C GLU A 1513 -29.91 25.35 -15.81
N ASN A 1514 -28.88 26.10 -16.21
CA ASN A 1514 -28.50 26.31 -17.62
C ASN A 1514 -29.61 26.78 -18.58
N GLY A 1515 -30.63 27.44 -18.04
CA GLY A 1515 -31.74 27.92 -18.84
C GLY A 1515 -32.64 26.77 -19.26
N LYS A 1516 -32.60 25.69 -18.48
CA LYS A 1516 -33.54 24.58 -18.62
C LYS A 1516 -34.53 24.65 -17.46
N ARG A 1517 -35.74 25.11 -17.76
CA ARG A 1517 -36.76 25.26 -16.73
C ARG A 1517 -37.35 23.91 -16.33
N VAL A 1518 -37.22 23.59 -15.06
CA VAL A 1518 -37.33 22.22 -14.61
C VAL A 1518 -37.91 22.12 -13.20
N LEU A 1519 -38.65 21.05 -12.92
CA LEU A 1519 -39.09 20.72 -11.57
C LEU A 1519 -38.39 19.44 -11.14
N VAL A 1520 -38.31 19.20 -9.84
CA VAL A 1520 -37.60 18.03 -9.35
C VAL A 1520 -38.38 17.35 -8.24
N THR A 1521 -38.57 16.04 -8.37
CA THR A 1521 -39.39 15.29 -7.42
C THR A 1521 -38.53 14.37 -6.59
N GLU A 1522 -38.85 14.28 -5.30
CA GLU A 1522 -38.32 13.22 -4.48
C GLU A 1522 -39.26 12.05 -4.72
N GLY A 1523 -38.78 11.00 -5.40
CA GLY A 1523 -39.61 9.85 -5.72
C GLY A 1523 -39.78 9.68 -7.22
N VAL A 1524 -40.09 8.46 -7.67
CA VAL A 1524 -40.29 8.20 -9.10
C VAL A 1524 -41.61 7.50 -9.47
N ASN A 1525 -42.32 8.08 -10.42
CA ASN A 1525 -43.54 7.52 -10.90
C ASN A 1525 -43.82 8.15 -12.24
N PHE A 1526 -43.36 7.50 -13.30
CA PHE A 1526 -43.43 8.05 -14.64
C PHE A 1526 -44.87 8.19 -15.15
N GLN A 1527 -45.67 7.12 -14.98
CA GLN A 1527 -47.01 7.06 -15.52
C GLN A 1527 -47.88 8.16 -14.94
N ALA A 1528 -47.71 8.42 -13.64
CA ALA A 1528 -48.43 9.53 -12.99
C ALA A 1528 -48.07 10.84 -13.67
N MET A 1529 -46.77 11.04 -13.87
CA MET A 1529 -46.33 12.24 -14.58
C MET A 1529 -46.85 12.30 -16.01
N TRP A 1530 -47.11 11.16 -16.64
CA TRP A 1530 -47.63 11.15 -18.00
C TRP A 1530 -48.98 11.82 -18.08
N ASP A 1531 -49.66 11.96 -16.94
CA ASP A 1531 -50.95 12.61 -16.93
C ASP A 1531 -50.87 14.14 -16.84
N GLN A 1532 -49.72 14.64 -16.41
CA GLN A 1532 -49.51 16.08 -16.30
C GLN A 1532 -48.99 16.75 -17.59
N GLU A 1533 -49.17 16.06 -18.73
CA GLU A 1533 -48.92 16.58 -20.08
C GLU A 1533 -49.20 18.08 -20.25
N ALA A 1534 -50.13 18.62 -19.47
CA ALA A 1534 -50.48 20.04 -19.53
C ALA A 1534 -49.40 21.00 -19.00
N PHE A 1535 -48.54 20.51 -18.11
CA PHE A 1535 -47.50 21.33 -17.49
C PHE A 1535 -46.10 20.91 -17.90
N ILE A 1536 -45.89 19.61 -18.13
CA ILE A 1536 -44.54 19.15 -18.42
C ILE A 1536 -44.42 18.41 -19.76
N ASP A 1537 -43.25 18.53 -20.37
CA ASP A 1537 -42.96 17.86 -21.63
C ASP A 1537 -42.58 16.45 -21.26
N VAL A 1538 -43.55 15.54 -21.29
CA VAL A 1538 -43.31 14.14 -20.94
C VAL A 1538 -42.15 13.48 -21.68
N ASP A 1539 -41.86 13.95 -22.88
CA ASP A 1539 -40.79 13.39 -23.70
C ASP A 1539 -39.38 13.69 -23.16
N GLY A 1540 -39.30 14.60 -22.19
CA GLY A 1540 -38.02 15.02 -21.64
C GLY A 1540 -37.88 14.82 -20.14
N ILE A 1541 -38.72 13.95 -19.57
CA ILE A 1541 -38.64 13.57 -18.16
C ILE A 1541 -37.43 12.71 -17.99
N THR A 1542 -36.61 12.98 -16.99
CA THR A 1542 -35.48 12.09 -16.77
C THR A 1542 -35.44 11.61 -15.32
N SER A 1543 -34.62 10.60 -15.05
CA SER A 1543 -34.53 10.11 -13.69
C SER A 1543 -33.12 9.78 -13.18
N ASN A 1544 -33.04 9.74 -11.87
CA ASN A 1544 -31.93 9.32 -11.07
C ASN A 1544 -31.82 7.83 -11.23
N ASP A 1545 -32.99 7.18 -11.30
CA ASP A 1545 -33.12 5.77 -11.02
C ASP A 1545 -32.99 4.92 -12.26
N VAL A 1546 -31.82 4.31 -12.43
CA VAL A 1546 -31.51 3.53 -13.61
C VAL A 1546 -32.51 2.41 -13.83
N ALA A 1547 -32.90 1.71 -12.74
CA ALA A 1547 -33.80 0.56 -12.87
C ALA A 1547 -35.24 0.95 -13.20
N ALA A 1548 -35.67 2.11 -12.71
CA ALA A 1548 -36.98 2.62 -13.07
C ALA A 1548 -37.02 2.90 -14.57
N VAL A 1549 -35.95 3.46 -15.10
CA VAL A 1549 -35.94 3.90 -16.48
C VAL A 1549 -35.95 2.67 -17.32
N LEU A 1550 -35.17 1.68 -16.89
CA LEU A 1550 -35.09 0.40 -17.55
C LEU A 1550 -36.46 -0.25 -17.70
N LYS A 1551 -37.19 -0.29 -16.59
CA LYS A 1551 -38.50 -0.90 -16.59
C LYS A 1551 -39.50 -0.17 -17.52
N THR A 1552 -39.49 1.15 -17.51
CA THR A 1552 -40.45 1.95 -18.26
C THR A 1552 -40.05 2.26 -19.71
N TYR A 1553 -38.76 2.43 -19.96
CA TYR A 1553 -38.32 3.00 -21.24
C TYR A 1553 -37.35 2.09 -21.98
N GLY A 1554 -36.82 1.07 -21.31
CA GLY A 1554 -35.98 0.11 -22.00
C GLY A 1554 -34.50 0.24 -21.77
N VAL A 1555 -33.72 -0.60 -22.43
CA VAL A 1555 -32.31 -0.75 -22.06
C VAL A 1555 -31.46 0.38 -22.59
N GLU A 1556 -31.75 0.85 -23.78
CA GLU A 1556 -30.99 1.94 -24.33
C GLU A 1556 -31.15 3.19 -23.47
N ALA A 1557 -32.38 3.41 -22.99
CA ALA A 1557 -32.67 4.57 -22.16
C ALA A 1557 -31.91 4.45 -20.85
N ALA A 1558 -31.91 3.24 -20.32
CA ALA A 1558 -31.25 2.94 -19.07
C ALA A 1558 -29.75 3.10 -19.22
N ARG A 1559 -29.23 2.73 -20.38
CA ARG A 1559 -27.80 2.88 -20.65
C ARG A 1559 -27.44 4.36 -20.51
N ASN A 1560 -28.21 5.21 -21.17
CA ASN A 1560 -27.92 6.63 -21.17
C ASN A 1560 -27.98 7.18 -19.78
N THR A 1561 -28.93 6.67 -19.00
CA THR A 1561 -29.13 7.14 -17.65
C THR A 1561 -27.90 6.81 -16.80
N ILE A 1562 -27.39 5.59 -16.95
CA ILE A 1562 -26.14 5.25 -16.29
C ILE A 1562 -25.00 6.22 -16.66
N VAL A 1563 -24.72 6.39 -17.95
CA VAL A 1563 -23.71 7.37 -18.35
C VAL A 1563 -23.90 8.72 -17.67
N ASN A 1564 -25.10 9.29 -17.75
CA ASN A 1564 -25.32 10.62 -17.18
C ASN A 1564 -25.16 10.66 -15.70
N GLU A 1565 -25.67 9.66 -15.02
CA GLU A 1565 -25.56 9.57 -13.57
C GLU A 1565 -24.12 9.46 -13.05
N ILE A 1566 -23.29 8.65 -13.71
CA ILE A 1566 -21.88 8.51 -13.34
C ILE A 1566 -21.15 9.80 -13.65
N ASN A 1567 -21.46 10.39 -14.80
CA ASN A 1567 -20.90 11.66 -15.12
C ASN A 1567 -21.33 12.74 -14.14
N ASN A 1568 -22.59 12.73 -13.70
CA ASN A 1568 -23.05 13.67 -12.66
C ASN A 1568 -22.27 13.55 -11.38
N VAL A 1569 -21.85 12.32 -11.04
CA VAL A 1569 -21.09 12.10 -9.83
C VAL A 1569 -19.76 12.85 -9.89
N PHE A 1570 -19.01 12.65 -10.98
CA PHE A 1570 -17.72 13.32 -11.15
C PHE A 1570 -17.81 14.83 -11.41
N SER A 1571 -18.83 15.28 -12.14
CA SER A 1571 -19.00 16.70 -12.42
C SER A 1571 -19.13 17.52 -11.16
N ARG A 1572 -19.79 16.97 -10.16
CA ARG A 1572 -19.96 17.69 -8.91
C ARG A 1572 -18.62 17.94 -8.22
N TYR A 1573 -17.65 17.05 -8.39
CA TYR A 1573 -16.34 17.30 -7.79
C TYR A 1573 -15.37 17.88 -8.82
N ALA A 1574 -15.88 18.50 -9.87
CA ALA A 1574 -15.03 19.07 -10.93
C ALA A 1574 -13.98 18.10 -11.50
N ILE A 1575 -14.23 16.80 -11.40
CA ILE A 1575 -13.37 15.80 -12.02
C ILE A 1575 -13.86 15.50 -13.41
N SER A 1576 -12.95 15.44 -14.37
CA SER A 1576 -13.33 15.26 -15.75
C SER A 1576 -12.96 13.86 -16.19
N VAL A 1577 -13.95 13.11 -16.68
CA VAL A 1577 -13.72 11.74 -17.13
C VAL A 1577 -14.36 11.51 -18.48
N SER A 1578 -13.58 11.04 -19.44
CA SER A 1578 -14.06 10.88 -20.80
C SER A 1578 -15.27 9.96 -20.95
N PHE A 1579 -16.27 10.44 -21.69
CA PHE A 1579 -17.46 9.67 -21.94
C PHE A 1579 -17.13 8.36 -22.62
N ARG A 1580 -15.98 8.32 -23.27
CA ARG A 1580 -15.51 7.08 -23.87
C ARG A 1580 -15.38 5.94 -22.88
N HIS A 1581 -14.89 6.26 -21.67
CA HIS A 1581 -14.83 5.27 -20.58
C HIS A 1581 -16.22 4.99 -20.07
N LEU A 1582 -17.03 6.04 -19.95
CA LEU A 1582 -18.36 5.90 -19.37
C LEU A 1582 -19.25 5.04 -20.26
N ASP A 1583 -19.23 5.31 -21.57
CA ASP A 1583 -19.99 4.52 -22.53
C ASP A 1583 -19.63 3.02 -22.41
N LEU A 1584 -18.35 2.73 -22.30
CA LEU A 1584 -17.92 1.35 -22.22
C LEU A 1584 -18.43 0.69 -20.95
N ILE A 1585 -18.40 1.43 -19.86
CA ILE A 1585 -18.80 0.86 -18.60
C ILE A 1585 -20.29 0.56 -18.67
N ALA A 1586 -21.02 1.39 -19.37
CA ALA A 1586 -22.46 1.32 -19.38
C ALA A 1586 -22.93 0.29 -20.39
N ASP A 1587 -22.19 0.19 -21.49
CA ASP A 1587 -22.46 -0.84 -22.48
C ASP A 1587 -22.22 -2.23 -21.88
N MET A 1588 -21.17 -2.32 -21.07
CA MET A 1588 -20.87 -3.54 -20.36
C MET A 1588 -22.02 -3.90 -19.43
N MET A 1589 -22.38 -2.98 -18.55
CA MET A 1589 -23.48 -3.22 -17.64
C MET A 1589 -24.78 -3.63 -18.32
N THR A 1590 -24.96 -3.29 -19.59
CA THR A 1590 -26.24 -3.58 -20.25
C THR A 1590 -26.09 -4.67 -21.29
N ARG A 1591 -24.99 -5.39 -21.25
CA ARG A 1591 -24.68 -6.36 -22.26
C ARG A 1591 -25.71 -7.48 -22.39
N GLN A 1592 -26.46 -7.75 -21.32
CA GLN A 1592 -27.54 -8.73 -21.36
C GLN A 1592 -28.94 -8.11 -21.46
N GLY A 1593 -29.03 -6.85 -21.83
CA GLY A 1593 -30.32 -6.20 -22.00
C GLY A 1593 -30.93 -5.79 -20.67
N THR A 1594 -30.11 -5.89 -19.64
CA THR A 1594 -30.58 -5.71 -18.27
C THR A 1594 -29.69 -4.71 -17.56
N TYR A 1595 -29.84 -4.62 -16.25
CA TYR A 1595 -29.04 -3.71 -15.44
C TYR A 1595 -28.04 -4.46 -14.57
N LEU A 1596 -27.29 -5.36 -15.20
CA LEU A 1596 -26.29 -6.15 -14.49
C LEU A 1596 -25.39 -5.25 -13.63
N ALA A 1597 -25.10 -5.72 -12.41
CA ALA A 1597 -24.26 -4.97 -11.50
C ALA A 1597 -22.81 -5.45 -11.55
N PHE A 1598 -22.10 -5.32 -10.44
CA PHE A 1598 -20.71 -5.74 -10.36
C PHE A 1598 -20.47 -6.61 -9.13
N ASN A 1599 -21.40 -7.51 -8.85
CA ASN A 1599 -21.29 -8.41 -7.71
C ASN A 1599 -21.27 -9.87 -8.13
N ARG A 1600 -21.49 -10.76 -7.16
CA ARG A 1600 -21.50 -12.20 -7.42
C ARG A 1600 -22.42 -12.58 -8.58
N GLN A 1601 -23.64 -12.05 -8.59
CA GLN A 1601 -24.63 -12.46 -9.59
C GLN A 1601 -24.19 -12.07 -11.00
N GLY A 1602 -23.68 -10.86 -11.15
CA GLY A 1602 -23.29 -10.38 -12.46
C GLY A 1602 -22.08 -11.14 -12.94
N MET A 1603 -21.15 -11.36 -12.02
CA MET A 1603 -19.94 -12.12 -12.27
C MET A 1603 -20.20 -13.59 -12.62
N GLU A 1604 -21.25 -14.17 -12.03
CA GLU A 1604 -21.58 -15.58 -12.18
C GLU A 1604 -21.83 -16.00 -13.63
N THR A 1605 -22.09 -15.04 -14.49
CA THR A 1605 -22.40 -15.35 -15.89
C THR A 1605 -21.18 -15.58 -16.78
N SER A 1606 -20.14 -14.77 -16.61
CA SER A 1606 -18.93 -14.90 -17.40
C SER A 1606 -18.90 -16.21 -18.17
N THR A 1607 -17.84 -16.41 -18.95
CA THR A 1607 -17.68 -17.64 -19.73
C THR A 1607 -16.65 -18.56 -19.12
N SER A 1608 -15.84 -18.02 -18.19
CA SER A 1608 -14.81 -18.80 -17.53
C SER A 1608 -15.27 -19.27 -16.15
N SER A 1609 -14.91 -20.50 -15.81
CA SER A 1609 -15.00 -20.98 -14.44
C SER A 1609 -13.82 -20.55 -13.59
N PHE A 1610 -12.63 -20.51 -14.18
CA PHE A 1610 -11.47 -19.99 -13.48
C PHE A 1610 -11.66 -18.52 -13.06
N MET A 1611 -12.31 -17.71 -13.89
CA MET A 1611 -12.54 -16.34 -13.44
C MET A 1611 -13.51 -16.27 -12.27
N LYS A 1612 -14.56 -17.09 -12.29
CA LYS A 1612 -15.47 -17.11 -11.15
C LYS A 1612 -14.77 -17.63 -9.88
N MET A 1613 -14.03 -18.72 -10.03
CA MET A 1613 -13.26 -19.29 -8.94
C MET A 1613 -12.32 -18.26 -8.29
N SER A 1614 -11.93 -17.25 -9.03
CA SER A 1614 -10.97 -16.29 -8.51
C SER A 1614 -11.68 -15.00 -8.06
N TYR A 1615 -13.00 -15.05 -8.02
CA TYR A 1615 -13.78 -13.91 -7.58
C TYR A 1615 -14.30 -14.12 -6.15
N GLU A 1616 -15.09 -15.18 -5.93
CA GLU A 1616 -15.65 -15.44 -4.61
C GLU A 1616 -15.36 -16.86 -4.09
N THR A 1617 -16.42 -17.63 -3.88
CA THR A 1617 -16.29 -19.00 -3.37
C THR A 1617 -15.73 -19.98 -4.38
N THR A 1618 -14.43 -20.26 -4.27
CA THR A 1618 -13.77 -21.20 -5.16
C THR A 1618 -14.44 -22.55 -5.26
N CYS A 1619 -14.72 -23.20 -4.14
CA CYS A 1619 -15.22 -24.57 -4.23
C CYS A 1619 -16.64 -24.66 -4.78
N GLN A 1620 -17.45 -23.64 -4.55
CA GLN A 1620 -18.75 -23.64 -5.19
C GLN A 1620 -18.66 -23.63 -6.71
N PHE A 1621 -17.83 -22.77 -7.27
CA PHE A 1621 -17.82 -22.62 -8.71
C PHE A 1621 -17.16 -23.82 -9.33
N LEU A 1622 -16.30 -24.43 -8.53
CA LEU A 1622 -15.55 -25.57 -8.97
C LEU A 1622 -16.52 -26.76 -9.05
N THR A 1623 -17.23 -26.71 -8.02
CA THR A 1623 -18.33 -27.65 -7.98
C THR A 1623 -19.22 -27.49 -9.23
N LYS A 1624 -19.56 -26.25 -9.59
CA LYS A 1624 -20.39 -26.02 -10.78
C LYS A 1624 -19.71 -26.47 -12.05
N ALA A 1625 -18.42 -26.18 -12.17
CA ALA A 1625 -17.68 -26.58 -13.36
C ALA A 1625 -17.64 -28.10 -13.51
N VAL A 1626 -17.50 -28.81 -12.39
CA VAL A 1626 -17.31 -30.24 -12.46
C VAL A 1626 -18.59 -30.88 -12.89
N LEU A 1627 -19.70 -30.44 -12.28
CA LEU A 1627 -21.02 -30.97 -12.59
C LEU A 1627 -21.49 -30.62 -13.99
N ASP A 1628 -20.82 -29.67 -14.66
CA ASP A 1628 -21.17 -29.35 -16.03
C ASP A 1628 -20.24 -30.08 -16.98
N ASN A 1629 -19.27 -30.81 -16.41
CA ASN A 1629 -18.14 -31.34 -17.16
C ASN A 1629 -17.55 -30.28 -18.08
N GLU A 1630 -17.44 -29.06 -17.55
CA GLU A 1630 -17.02 -27.89 -18.34
C GLU A 1630 -15.61 -28.03 -18.91
N ARG A 1631 -15.39 -27.42 -20.06
CA ARG A 1631 -14.05 -27.22 -20.57
C ARG A 1631 -13.69 -25.77 -20.41
N GLU A 1632 -12.57 -25.49 -19.74
CA GLU A 1632 -12.00 -24.15 -19.75
C GLU A 1632 -11.23 -23.95 -21.04
N GLN A 1633 -11.79 -23.13 -21.91
CA GLN A 1633 -11.18 -22.84 -23.20
C GLN A 1633 -9.91 -21.96 -23.09
N LEU A 1634 -9.68 -21.44 -21.89
CA LEU A 1634 -8.48 -20.68 -21.55
C LEU A 1634 -8.39 -19.35 -22.29
N ASP A 1635 -9.50 -18.65 -22.43
CA ASP A 1635 -9.45 -17.40 -23.17
C ASP A 1635 -9.36 -16.16 -22.29
N SER A 1636 -9.89 -16.23 -21.08
CA SER A 1636 -9.85 -15.10 -20.17
C SER A 1636 -8.45 -14.83 -19.59
N PRO A 1637 -8.14 -13.58 -19.24
CA PRO A 1637 -6.85 -13.32 -18.61
C PRO A 1637 -6.62 -14.17 -17.36
N SER A 1638 -7.67 -14.36 -16.56
CA SER A 1638 -7.50 -15.11 -15.32
C SER A 1638 -7.07 -16.55 -15.58
N ALA A 1639 -7.77 -17.18 -16.52
CA ALA A 1639 -7.56 -18.58 -16.83
C ALA A 1639 -6.14 -18.79 -17.33
N ARG A 1640 -5.67 -17.89 -18.18
CA ARG A 1640 -4.34 -18.04 -18.76
C ARG A 1640 -3.23 -17.84 -17.74
N ILE A 1641 -3.44 -16.95 -16.79
CA ILE A 1641 -2.50 -16.83 -15.69
C ILE A 1641 -2.46 -18.11 -14.87
N VAL A 1642 -3.62 -18.74 -14.66
CA VAL A 1642 -3.70 -20.01 -13.94
C VAL A 1642 -2.86 -21.13 -14.56
N VAL A 1643 -2.79 -21.16 -15.89
CA VAL A 1643 -2.19 -22.28 -16.60
C VAL A 1643 -0.81 -21.88 -17.12
N GLY A 1644 -0.50 -20.59 -17.03
CA GLY A 1644 0.83 -20.08 -17.38
C GLY A 1644 0.93 -19.70 -18.84
N LYS A 1645 -0.20 -19.46 -19.45
CA LYS A 1645 -0.28 -19.11 -20.87
C LYS A 1645 -0.12 -17.61 -21.12
N LEU A 1646 0.63 -17.25 -22.15
CA LEU A 1646 0.80 -15.86 -22.55
C LEU A 1646 -0.56 -15.21 -22.72
N ASN A 1647 -0.74 -14.04 -22.13
CA ASN A 1647 -1.98 -13.28 -22.25
C ASN A 1647 -2.45 -12.98 -23.67
N ASN A 1648 -3.78 -12.92 -23.86
CA ASN A 1648 -4.39 -12.67 -25.16
C ASN A 1648 -4.29 -11.22 -25.64
N VAL A 1649 -5.13 -10.35 -25.06
CA VAL A 1649 -5.15 -8.93 -25.42
C VAL A 1649 -3.73 -8.41 -25.54
N GLY A 1650 -3.51 -7.47 -26.47
CA GLY A 1650 -2.19 -6.90 -26.68
C GLY A 1650 -1.29 -7.79 -27.51
N THR A 1651 -0.12 -8.10 -26.97
CA THR A 1651 0.84 -8.95 -27.66
C THR A 1651 0.16 -10.17 -28.27
N GLY A 1652 -0.64 -10.87 -27.45
CA GLY A 1652 -1.34 -12.04 -27.91
C GLY A 1652 -2.46 -11.72 -28.88
N SER A 1653 -2.12 -11.07 -29.98
CA SER A 1653 -3.10 -10.68 -30.98
C SER A 1653 -2.57 -10.92 -32.39
N PHE A 1654 -1.39 -11.52 -32.48
CA PHE A 1654 -0.76 -11.80 -33.77
C PHE A 1654 0.25 -12.94 -33.66
N ASP A 1655 0.60 -13.53 -34.79
CA ASP A 1655 1.55 -14.63 -34.82
C ASP A 1655 2.81 -14.20 -35.54
N VAL A 1656 3.92 -14.86 -35.27
CA VAL A 1656 5.13 -14.54 -35.99
C VAL A 1656 5.58 -15.75 -36.82
N LEU A 1657 5.92 -15.52 -38.06
CA LEU A 1657 6.40 -16.58 -38.93
C LEU A 1657 7.72 -16.17 -39.56
N ALA A 1658 8.56 -17.17 -39.84
CA ALA A 1658 9.86 -16.93 -40.44
C ALA A 1658 9.82 -17.21 -41.93
N LYS A 1659 10.33 -16.26 -42.70
CA LYS A 1659 10.50 -16.38 -44.14
C LYS A 1659 11.79 -17.17 -44.35
N VAL A 1660 11.68 -18.36 -44.96
CA VAL A 1660 12.84 -19.23 -45.18
C VAL A 1660 13.05 -19.42 -46.65
N PRO A 1661 14.31 -19.29 -47.10
CA PRO A 1661 14.59 -19.49 -48.53
C PRO A 1661 14.72 -20.98 -48.79
N ASN A 1662 15.10 -21.34 -50.02
CA ASN A 1662 15.44 -22.71 -50.39
C ASN A 1662 14.50 -23.80 -49.86
N THR B 13 11.38 36.90 32.75
CA THR B 13 12.16 36.89 31.51
C THR B 13 13.00 35.62 31.53
N ALA B 14 13.61 35.25 30.41
CA ALA B 14 14.38 34.00 30.35
C ALA B 14 15.77 34.03 31.00
N ASP B 15 16.16 32.90 31.61
CA ASP B 15 17.51 32.73 32.14
C ASP B 15 18.10 31.37 31.76
N PHE B 16 19.40 31.33 31.52
CA PHE B 16 20.09 30.08 31.19
C PHE B 16 20.26 29.22 32.42
N ARG B 17 20.33 29.90 33.56
CA ARG B 17 20.53 29.24 34.86
C ARG B 17 21.80 28.37 34.87
N THR B 18 22.87 28.84 34.24
CA THR B 18 24.06 28.01 34.02
C THR B 18 24.68 27.50 35.33
N LEU B 19 24.88 28.38 36.30
CA LEU B 19 25.48 27.96 37.56
C LEU B 19 24.55 27.07 38.36
N GLU B 20 23.28 27.46 38.40
CA GLU B 20 22.28 26.74 39.20
C GLU B 20 22.20 25.30 38.70
N ARG B 21 22.12 25.14 37.38
CA ARG B 21 22.03 23.82 36.73
C ARG B 21 23.23 22.94 37.01
N GLU B 22 24.42 23.45 36.73
CA GLU B 22 25.61 22.62 36.76
C GLU B 22 25.91 22.18 38.19
N SER B 23 25.62 23.06 39.15
CA SER B 23 25.83 22.70 40.54
C SER B 23 24.86 21.61 40.93
N ARG B 24 23.65 21.69 40.39
CA ARG B 24 22.62 20.73 40.76
C ARG B 24 22.98 19.36 40.21
N PHE B 25 23.63 19.35 39.04
CA PHE B 25 24.08 18.10 38.43
C PHE B 25 25.04 17.43 39.39
N ILE B 26 25.92 18.22 39.99
CA ILE B 26 27.02 17.68 40.79
C ILE B 26 26.53 17.33 42.17
N ASN B 27 25.58 18.12 42.65
CA ASN B 27 25.05 17.98 44.01
C ASN B 27 23.55 17.76 43.99
N PRO B 28 23.13 16.52 43.71
CA PRO B 28 21.71 16.18 43.69
C PRO B 28 21.11 16.50 45.05
N PRO B 29 20.00 17.23 45.08
CA PRO B 29 19.43 17.70 46.35
C PRO B 29 19.20 16.57 47.35
N LYS B 30 19.46 16.86 48.63
CA LYS B 30 19.36 15.88 49.69
C LYS B 30 17.99 15.92 50.40
N ASP B 31 17.12 16.83 49.95
CA ASP B 31 15.82 17.08 50.61
C ASP B 31 14.58 16.81 49.73
N LYS B 32 14.54 17.44 48.56
CA LYS B 32 13.43 17.28 47.63
C LYS B 32 13.83 17.67 46.21
N SER B 33 13.10 17.14 45.23
CA SER B 33 13.37 17.44 43.84
C SER B 33 13.07 18.90 43.51
N ALA B 34 14.00 19.54 42.80
CA ALA B 34 13.84 20.94 42.43
C ALA B 34 12.70 21.11 41.42
N PHE B 35 11.79 20.15 41.40
CA PHE B 35 10.65 20.20 40.49
C PHE B 35 9.40 19.61 41.13
N PRO B 36 8.39 20.44 41.33
CA PRO B 36 7.13 20.00 41.94
C PRO B 36 6.19 19.50 40.85
N LEU B 37 6.29 20.15 39.69
CA LEU B 37 5.48 19.78 38.53
C LEU B 37 5.64 18.30 38.15
N LEU B 38 6.85 17.80 38.35
CA LEU B 38 7.18 16.43 38.04
C LEU B 38 6.52 15.49 39.04
N GLN B 39 6.48 15.89 40.30
CA GLN B 39 5.78 15.11 41.32
C GLN B 39 4.29 15.19 41.10
N GLU B 40 3.81 16.36 40.69
CA GLU B 40 2.39 16.53 40.39
C GLU B 40 1.93 15.60 39.25
N ALA B 41 2.81 15.27 38.32
CA ALA B 41 2.41 14.51 37.14
C ALA B 41 2.15 13.06 37.50
N VAL B 42 2.74 12.60 38.60
CA VAL B 42 2.68 11.20 38.97
C VAL B 42 1.65 11.02 40.08
N GLN B 43 1.09 12.14 40.54
CA GLN B 43 0.10 12.12 41.60
C GLN B 43 -1.12 11.27 41.24
N PRO B 44 -1.61 11.44 39.94
CA PRO B 44 -2.78 10.60 39.64
C PRO B 44 -2.53 9.12 39.92
N HIS B 45 -1.44 8.58 39.41
CA HIS B 45 -1.10 7.18 39.61
C HIS B 45 -0.55 6.91 41.01
N ILE B 46 0.29 7.81 41.50
CA ILE B 46 0.89 7.67 42.82
C ILE B 46 -0.15 7.83 43.93
N GLY B 47 -1.04 8.80 43.78
CA GLY B 47 -2.07 9.06 44.76
C GLY B 47 -3.05 7.91 44.87
N SER B 48 -3.58 7.51 43.73
CA SER B 48 -4.60 6.49 43.70
C SER B 48 -4.03 5.15 44.12
N PHE B 49 -2.76 4.89 43.79
CA PHE B 49 -2.17 3.63 44.21
C PHE B 49 -1.99 3.65 45.73
N ASN B 50 -1.59 4.80 46.23
CA ASN B 50 -1.35 4.91 47.65
C ASN B 50 -2.64 4.74 48.42
N ALA B 51 -3.75 5.11 47.81
CA ALA B 51 -5.06 5.01 48.45
C ALA B 51 -5.44 3.55 48.80
N LEU B 52 -4.84 2.57 48.12
CA LEU B 52 -5.10 1.16 48.41
C LEU B 52 -4.70 0.69 49.82
N THR B 53 -3.82 1.41 50.49
CA THR B 53 -3.23 0.95 51.76
C THR B 53 -3.24 2.04 52.84
N GLU B 54 -3.43 3.29 52.45
CA GLU B 54 -3.45 4.42 53.39
C GLU B 54 -4.87 4.63 53.84
N GLY B 55 -5.33 5.87 53.86
CA GLY B 55 -6.65 6.18 54.39
C GLY B 55 -6.79 5.87 55.89
N PRO B 56 -7.78 6.50 56.55
CA PRO B 56 -7.93 6.28 57.99
C PRO B 56 -8.54 4.90 58.31
N ASP B 57 -8.89 4.14 57.25
CA ASP B 57 -9.67 2.92 57.37
C ASP B 57 -9.02 1.69 56.71
N GLY B 58 -7.69 1.61 56.77
CA GLY B 58 -6.96 0.46 56.27
C GLY B 58 -6.75 0.52 54.77
N GLY B 59 -7.40 1.46 54.10
CA GLY B 59 -7.23 1.61 52.67
C GLY B 59 -8.32 0.96 51.84
N LEU B 60 -8.26 1.18 50.54
CA LEU B 60 -9.29 0.65 49.65
C LEU B 60 -9.30 -0.88 49.63
N LEU B 61 -8.15 -1.52 49.84
CA LEU B 61 -8.12 -2.98 49.81
C LEU B 61 -8.82 -3.54 51.01
N ASN B 62 -8.57 -2.94 52.17
CA ASN B 62 -9.21 -3.42 53.37
C ASN B 62 -10.70 -3.11 53.37
N LEU B 63 -11.09 -1.98 52.81
CA LEU B 63 -12.50 -1.68 52.67
C LEU B 63 -13.18 -2.69 51.76
N GLY B 64 -12.49 -3.01 50.65
CA GLY B 64 -13.06 -3.87 49.64
C GLY B 64 -13.28 -5.27 50.14
N VAL B 65 -12.37 -5.71 50.99
CA VAL B 65 -12.34 -7.07 51.45
C VAL B 65 -13.42 -7.23 52.52
N LYS B 66 -13.74 -6.12 53.16
CA LYS B 66 -14.83 -6.07 54.13
C LYS B 66 -16.14 -6.15 53.37
N ASP B 67 -16.24 -5.42 52.27
CA ASP B 67 -17.45 -5.43 51.46
C ASP B 67 -17.70 -6.80 50.83
N ILE B 68 -16.63 -7.43 50.37
CA ILE B 68 -16.73 -8.75 49.76
C ILE B 68 -17.63 -9.67 50.57
N GLY B 69 -17.48 -9.63 51.89
CA GLY B 69 -18.27 -10.46 52.78
C GLY B 69 -17.59 -11.78 53.10
N GLU B 70 -18.35 -12.86 53.01
CA GLU B 70 -17.83 -14.20 53.30
C GLU B 70 -18.74 -15.28 52.75
N LYS B 71 -18.17 -16.23 52.02
CA LYS B 71 -18.93 -17.33 51.44
C LYS B 71 -19.37 -18.32 52.51
N VAL B 72 -20.34 -19.16 52.18
CA VAL B 72 -20.86 -20.16 53.12
C VAL B 72 -21.06 -21.60 52.57
N ILE B 73 -20.76 -22.60 53.40
CA ILE B 73 -21.09 -23.97 53.04
C ILE B 73 -21.43 -24.83 54.25
N PHE B 74 -22.28 -25.83 54.03
CA PHE B 74 -22.64 -26.78 55.09
C PHE B 74 -22.09 -28.17 54.81
N ASP B 75 -21.76 -28.91 55.87
CA ASP B 75 -21.07 -30.19 55.71
C ASP B 75 -22.00 -31.40 55.54
N GLY B 76 -23.27 -31.21 55.85
CA GLY B 76 -24.29 -32.22 55.59
C GLY B 76 -24.48 -33.27 56.65
N LYS B 77 -23.69 -33.19 57.72
CA LYS B 77 -23.75 -34.15 58.82
C LYS B 77 -25.09 -34.13 59.55
N PRO B 78 -25.39 -35.15 60.38
CA PRO B 78 -26.79 -35.34 60.77
C PRO B 78 -27.25 -34.69 62.09
N LEU B 79 -26.57 -34.89 63.22
CA LEU B 79 -27.13 -34.61 64.57
C LEU B 79 -28.10 -35.71 65.08
N ASN B 80 -28.88 -36.28 64.16
CA ASN B 80 -29.80 -37.40 64.44
C ASN B 80 -30.89 -37.15 65.50
N SER B 81 -32.06 -36.75 65.01
CA SER B 81 -33.22 -36.45 65.87
C SER B 81 -34.25 -37.57 65.81
N ASN B 87 -37.67 -35.12 62.55
CA ASN B 87 -38.04 -33.74 62.91
C ASN B 87 -37.19 -32.61 62.26
N SER B 88 -35.96 -32.92 61.81
CA SER B 88 -34.97 -31.88 61.48
C SER B 88 -34.78 -31.51 60.00
N GLY B 89 -34.63 -30.20 59.78
CA GLY B 89 -34.22 -29.62 58.50
C GLY B 89 -32.85 -28.97 58.64
N TYR B 90 -32.08 -29.55 59.56
CA TYR B 90 -30.69 -29.22 59.84
C TYR B 90 -29.83 -29.55 58.63
N LEU B 91 -28.81 -28.75 58.40
CA LEU B 91 -27.98 -28.87 57.20
C LEU B 91 -26.55 -29.28 57.51
N GLY B 92 -26.25 -29.52 58.78
CA GLY B 92 -24.90 -29.83 59.21
C GLY B 92 -24.20 -28.62 59.80
N ASN B 93 -22.89 -28.73 60.02
CA ASN B 93 -22.09 -27.64 60.55
C ASN B 93 -21.87 -26.62 59.46
N LYS B 94 -21.82 -25.33 59.82
CA LYS B 94 -21.70 -24.22 58.88
C LYS B 94 -20.26 -23.77 58.82
N LEU B 95 -19.77 -23.52 57.61
CA LEU B 95 -18.44 -22.92 57.40
C LEU B 95 -18.61 -21.58 56.72
N SER B 96 -18.14 -20.53 57.37
CA SER B 96 -18.14 -19.18 56.80
C SER B 96 -16.71 -18.77 56.59
N VAL B 97 -16.37 -18.42 55.35
CA VAL B 97 -15.03 -17.97 55.03
C VAL B 97 -15.08 -16.54 54.58
N SER B 98 -14.15 -15.73 55.07
CA SER B 98 -14.06 -14.34 54.65
C SER B 98 -12.63 -13.90 54.83
N VAL B 99 -12.27 -12.80 54.21
CA VAL B 99 -10.96 -12.22 54.46
C VAL B 99 -11.12 -11.00 55.36
N GLU B 100 -10.30 -10.93 56.41
CA GLU B 100 -10.50 -9.95 57.45
C GLU B 100 -9.65 -8.71 57.24
N GLN B 101 -8.48 -8.90 56.66
CA GLN B 101 -7.49 -7.84 56.58
C GLN B 101 -6.54 -8.21 55.46
N VAL B 102 -6.25 -7.24 54.60
CA VAL B 102 -5.27 -7.43 53.55
C VAL B 102 -4.03 -6.65 53.93
N SER B 103 -2.86 -7.13 53.52
CA SER B 103 -1.62 -6.36 53.68
C SER B 103 -0.63 -6.59 52.54
N ILE B 104 0.19 -5.58 52.27
CA ILE B 104 1.19 -5.65 51.21
C ILE B 104 2.54 -5.29 51.79
N ALA B 105 3.51 -6.19 51.65
CA ALA B 105 4.87 -5.90 52.12
C ALA B 105 5.68 -5.22 51.02
N LYS B 106 6.75 -4.53 51.40
CA LYS B 106 7.64 -4.01 50.36
C LYS B 106 8.47 -5.17 49.81
N PRO B 107 9.05 -4.98 48.62
CA PRO B 107 9.79 -6.10 48.03
C PRO B 107 11.02 -6.50 48.86
N MET B 108 11.00 -7.71 49.39
CA MET B 108 12.14 -8.26 50.11
C MET B 108 12.63 -9.49 49.39
N SER B 109 13.66 -10.10 49.94
CA SER B 109 14.15 -11.36 49.45
C SER B 109 14.98 -12.01 50.54
N ASN B 110 14.56 -13.19 50.99
CA ASN B 110 15.39 -14.02 51.84
C ASN B 110 16.19 -14.97 50.96
N ASP B 111 17.40 -14.54 50.58
CA ASP B 111 18.25 -15.30 49.68
C ASP B 111 18.43 -16.73 50.19
N GLY B 112 17.40 -17.55 49.93
CA GLY B 112 17.43 -18.98 50.18
C GLY B 112 16.73 -19.52 51.41
N VAL B 113 17.39 -20.51 52.02
CA VAL B 113 16.83 -21.27 53.15
C VAL B 113 17.13 -20.61 54.50
N SER B 114 16.79 -21.31 55.58
CA SER B 114 16.86 -20.79 56.95
C SER B 114 16.01 -19.54 57.16
N SER B 115 15.28 -19.14 56.11
CA SER B 115 14.74 -17.79 55.98
C SER B 115 15.82 -16.80 56.40
N ALA B 116 17.04 -17.00 55.91
CA ALA B 116 18.16 -16.13 56.24
C ALA B 116 17.83 -14.65 56.05
N VAL B 117 17.84 -13.91 57.15
CA VAL B 117 17.57 -12.47 57.23
C VAL B 117 17.06 -11.78 55.95
N GLU B 118 15.81 -11.32 55.99
CA GLU B 118 15.21 -10.65 54.85
C GLU B 118 15.93 -9.34 54.53
N ARG B 119 16.19 -9.11 53.25
CA ARG B 119 16.88 -7.90 52.81
C ARG B 119 16.05 -7.19 51.74
N LYS B 120 16.11 -5.87 51.74
CA LYS B 120 15.35 -5.06 50.79
C LYS B 120 15.77 -5.34 49.33
N VAL B 121 14.81 -5.20 48.41
CA VAL B 121 15.09 -5.31 46.98
C VAL B 121 14.74 -4.00 46.30
N TYR B 122 15.70 -3.42 45.61
CA TYR B 122 15.44 -2.17 44.90
C TYR B 122 15.13 -2.47 43.44
N PRO B 123 14.35 -1.60 42.77
CA PRO B 123 13.91 -1.87 41.39
C PRO B 123 15.06 -2.09 40.40
N SER B 124 16.22 -1.45 40.58
CA SER B 124 17.34 -1.66 39.67
C SER B 124 17.69 -3.15 39.56
N GLU B 125 17.66 -3.84 40.70
CA GLU B 125 17.90 -5.28 40.71
C GLU B 125 16.90 -6.02 39.83
N SER B 126 15.63 -5.65 39.95
CA SER B 126 14.59 -6.27 39.14
C SER B 126 14.85 -6.05 37.67
N ARG B 127 15.32 -4.85 37.32
CA ARG B 127 15.56 -4.52 35.93
C ARG B 127 16.70 -5.37 35.38
N GLN B 128 17.72 -5.59 36.22
CA GLN B 128 18.94 -6.27 35.78
C GLN B 128 18.76 -7.77 35.73
N ARG B 129 17.98 -8.31 36.65
CA ARG B 129 17.62 -9.74 36.67
C ARG B 129 16.53 -10.08 35.65
N LEU B 130 15.89 -9.04 35.09
CA LEU B 130 14.78 -9.21 34.17
C LEU B 130 13.63 -10.00 34.78
N THR B 131 13.34 -9.74 36.05
CA THR B 131 12.17 -10.31 36.72
C THR B 131 11.19 -9.21 37.15
N SER B 132 10.37 -9.49 38.15
CA SER B 132 9.33 -8.55 38.56
C SER B 132 9.61 -7.91 39.92
N TYR B 133 9.21 -6.65 40.07
CA TYR B 133 9.43 -5.95 41.32
C TYR B 133 8.21 -6.13 42.20
N ARG B 134 8.29 -7.07 43.14
CA ARG B 134 7.09 -7.47 43.88
C ARG B 134 7.22 -7.63 45.37
N GLY B 135 6.13 -7.29 46.05
CA GLY B 135 6.02 -7.49 47.49
C GLY B 135 5.05 -8.59 47.87
N LYS B 136 5.23 -9.14 49.07
CA LYS B 136 4.41 -10.27 49.52
C LYS B 136 3.01 -9.76 49.86
N LEU B 137 1.99 -10.42 49.29
CA LEU B 137 0.58 -10.11 49.58
C LEU B 137 0.04 -11.07 50.62
N LEU B 138 -0.37 -10.56 51.77
CA LEU B 138 -0.86 -11.41 52.85
C LEU B 138 -2.35 -11.21 53.08
N LEU B 139 -3.10 -12.31 53.17
CA LEU B 139 -4.52 -12.23 53.53
C LEU B 139 -4.78 -12.89 54.89
N LYS B 140 -5.49 -12.20 55.77
CA LYS B 140 -5.90 -12.79 57.03
C LYS B 140 -7.24 -13.49 56.80
N LEU B 141 -7.18 -14.81 56.68
CA LEU B 141 -8.37 -15.60 56.38
C LEU B 141 -9.14 -15.90 57.65
N LYS B 142 -10.44 -15.61 57.65
CA LYS B 142 -11.28 -15.98 58.79
C LYS B 142 -12.12 -17.21 58.44
N TRP B 143 -11.97 -18.25 59.22
CA TRP B 143 -12.61 -19.51 58.94
C TRP B 143 -13.58 -19.82 60.07
N SER B 144 -14.84 -19.46 59.91
CA SER B 144 -15.79 -19.46 61.03
C SER B 144 -16.77 -20.64 61.06
N VAL B 145 -16.59 -21.53 62.02
CA VAL B 145 -17.52 -22.64 62.15
C VAL B 145 -18.76 -22.31 62.99
N ASN B 146 -19.94 -22.60 62.43
CA ASN B 146 -21.20 -22.42 63.13
C ASN B 146 -21.42 -21.02 63.69
N ASN B 147 -21.34 -20.03 62.80
CA ASN B 147 -21.70 -18.67 63.13
C ASN B 147 -21.00 -18.10 64.34
N GLY B 148 -19.73 -18.47 64.50
CA GLY B 148 -18.90 -17.86 65.52
C GLY B 148 -18.47 -18.83 66.59
N GLU B 149 -19.22 -19.92 66.72
CA GLU B 149 -19.01 -20.92 67.77
C GLU B 149 -17.53 -21.28 67.94
N GLU B 150 -16.80 -21.27 66.83
CA GLU B 150 -15.41 -21.64 66.80
C GLU B 150 -14.80 -21.08 65.53
N ASN B 151 -14.04 -20.01 65.62
CA ASN B 151 -13.44 -19.48 64.41
C ASN B 151 -11.90 -19.47 64.37
N LEU B 152 -11.37 -19.98 63.26
CA LEU B 152 -9.93 -20.08 63.05
C LEU B 152 -9.38 -18.96 62.17
N PHE B 153 -8.21 -18.45 62.54
CA PHE B 153 -7.53 -17.47 61.71
C PHE B 153 -6.20 -18.00 61.20
N GLU B 154 -5.82 -17.57 60.00
CA GLU B 154 -4.52 -17.91 59.42
C GLU B 154 -4.16 -16.84 58.41
N VAL B 155 -2.93 -16.36 58.46
CA VAL B 155 -2.46 -15.40 57.48
C VAL B 155 -1.80 -16.15 56.32
N ARG B 156 -2.23 -15.89 55.11
CA ARG B 156 -1.81 -16.69 53.97
C ARG B 156 -0.92 -15.93 53.00
N ASP B 157 0.14 -16.59 52.55
CA ASP B 157 1.04 -16.02 51.56
C ASP B 157 0.37 -16.14 50.20
N CYS B 158 -0.17 -15.04 49.69
CA CYS B 158 -0.85 -15.07 48.43
C CYS B 158 -0.03 -14.53 47.27
N GLY B 159 1.29 -14.69 47.36
CA GLY B 159 2.15 -14.49 46.21
C GLY B 159 2.84 -13.15 46.17
N GLY B 160 3.62 -12.95 45.12
CA GLY B 160 4.33 -11.70 44.93
C GLY B 160 3.51 -10.80 44.07
N LEU B 161 3.09 -9.69 44.67
CA LEU B 161 2.23 -8.70 44.05
C LEU B 161 3.06 -7.54 43.48
N PRO B 162 3.07 -7.38 42.17
CA PRO B 162 3.84 -6.28 41.57
C PRO B 162 3.48 -4.94 42.19
N VAL B 163 4.49 -4.18 42.56
CA VAL B 163 4.31 -2.94 43.30
C VAL B 163 4.65 -1.72 42.45
N MET B 164 3.88 -0.65 42.61
CA MET B 164 4.10 0.57 41.85
C MET B 164 5.31 1.35 42.32
N LEU B 165 6.21 1.68 41.40
CA LEU B 165 7.41 2.41 41.78
C LEU B 165 7.10 3.77 42.40
N GLN B 166 7.86 4.12 43.43
CA GLN B 166 7.72 5.41 44.12
C GLN B 166 6.37 5.52 44.87
N SER B 167 5.79 4.38 45.24
CA SER B 167 4.54 4.39 45.99
C SER B 167 4.83 3.99 47.40
N ASN B 168 3.83 4.06 48.28
CA ASN B 168 4.02 3.68 49.68
C ASN B 168 4.30 2.20 49.94
N ARG B 169 4.55 1.44 48.88
CA ARG B 169 5.01 0.06 49.01
C ARG B 169 6.29 -0.18 48.19
N CYS B 170 6.88 0.92 47.71
CA CYS B 170 8.18 0.89 47.04
C CYS B 170 9.28 1.40 47.97
N HIS B 171 10.49 0.87 47.83
CA HIS B 171 11.60 1.27 48.69
C HIS B 171 12.22 2.62 48.29
N LEU B 172 11.80 3.19 47.17
CA LEU B 172 12.32 4.47 46.74
C LEU B 172 11.49 5.58 47.34
N ASN B 173 10.33 5.22 47.87
CA ASN B 173 9.43 6.17 48.48
C ASN B 173 10.17 7.02 49.51
N LYS B 174 9.97 8.33 49.45
CA LYS B 174 10.57 9.26 50.41
C LYS B 174 12.11 9.45 50.30
N MET B 175 12.73 8.88 49.26
CA MET B 175 14.15 9.09 49.01
C MET B 175 14.44 10.41 48.32
N SER B 176 15.48 11.08 48.80
CA SER B 176 15.97 12.32 48.19
C SER B 176 16.59 11.99 46.85
N PRO B 177 16.79 13.02 46.01
CA PRO B 177 17.51 12.74 44.76
C PRO B 177 18.84 12.04 45.03
N TYR B 178 19.63 12.54 45.97
CA TYR B 178 20.91 11.90 46.31
C TYR B 178 20.78 10.40 46.58
N GLU B 179 19.78 10.02 47.37
CA GLU B 179 19.61 8.61 47.71
C GLU B 179 19.16 7.78 46.51
N LEU B 180 18.30 8.35 45.66
CA LEU B 180 17.89 7.68 44.42
C LEU B 180 19.12 7.35 43.57
N VAL B 181 20.04 8.30 43.48
CA VAL B 181 21.23 8.09 42.67
C VAL B 181 22.07 7.00 43.28
N GLN B 182 22.18 6.99 44.60
CA GLN B 182 22.97 5.96 45.28
C GLN B 182 22.35 4.58 45.12
N HIS B 183 21.09 4.53 44.72
CA HIS B 183 20.40 3.27 44.57
C HIS B 183 20.13 3.00 43.11
N LYS B 184 20.98 3.59 42.29
CA LYS B 184 21.03 3.33 40.84
C LYS B 184 19.78 3.78 40.06
N GLU B 185 18.97 4.64 40.68
CA GLU B 185 17.78 5.13 40.00
C GLU B 185 18.10 6.47 39.42
N GLU B 186 17.27 6.92 38.49
CA GLU B 186 17.38 8.25 37.92
C GLU B 186 17.30 9.27 39.06
N SER B 187 18.02 10.37 38.95
CA SER B 187 18.05 11.37 40.00
C SER B 187 16.64 11.86 40.38
N ASP B 188 15.77 11.98 39.38
CA ASP B 188 14.41 12.44 39.66
C ASP B 188 13.33 11.46 39.19
N GLU B 189 13.64 10.17 39.37
CA GLU B 189 12.75 9.06 39.07
C GLU B 189 11.31 9.33 39.47
N ILE B 190 10.42 9.35 38.47
CA ILE B 190 9.02 9.71 38.68
C ILE B 190 8.22 8.56 39.28
N GLY B 191 8.47 7.35 38.80
CA GLY B 191 7.71 6.20 39.25
C GLY B 191 6.35 6.14 38.58
N GLY B 192 5.40 5.48 39.21
CA GLY B 192 4.04 5.36 38.68
C GLY B 192 3.82 4.14 37.82
N TYR B 193 4.89 3.41 37.53
CA TYR B 193 4.77 2.22 36.72
C TYR B 193 5.15 1.00 37.52
N PHE B 194 4.97 -0.17 36.91
CA PHE B 194 5.32 -1.43 37.51
C PHE B 194 6.47 -1.98 36.71
N ILE B 195 7.26 -2.86 37.34
CA ILE B 195 8.27 -3.62 36.62
C ILE B 195 7.88 -5.09 36.63
N VAL B 196 7.63 -5.62 35.44
CA VAL B 196 7.20 -7.00 35.27
C VAL B 196 8.05 -7.73 34.23
N ASN B 197 8.79 -8.74 34.69
CA ASN B 197 9.76 -9.46 33.85
C ASN B 197 10.71 -8.55 33.11
N GLY B 198 11.23 -7.57 33.83
CA GLY B 198 12.14 -6.61 33.24
C GLY B 198 11.46 -5.53 32.43
N ILE B 199 10.18 -5.69 32.14
CA ILE B 199 9.50 -4.67 31.38
C ILE B 199 8.72 -3.68 32.26
N GLU B 200 8.83 -2.40 31.95
CA GLU B 200 8.13 -1.35 32.67
C GLU B 200 6.71 -1.17 32.12
N LYS B 201 5.70 -1.62 32.88
CA LYS B 201 4.31 -1.52 32.43
C LYS B 201 3.53 -0.50 33.26
N LEU B 202 2.63 0.25 32.62
CA LEU B 202 1.72 1.08 33.42
C LEU B 202 0.25 0.85 33.08
N ILE B 203 -0.60 1.08 34.07
CA ILE B 203 -2.04 0.95 33.91
C ILE B 203 -2.55 2.31 33.49
N ARG B 204 -3.01 2.42 32.26
CA ARG B 204 -3.37 3.73 31.77
C ARG B 204 -4.76 4.20 32.15
N MET B 205 -4.84 5.51 32.30
CA MET B 205 -6.00 6.17 32.83
C MET B 205 -7.18 6.05 31.88
N LEU B 206 -8.33 5.73 32.43
CA LEU B 206 -9.53 5.58 31.67
C LEU B 206 -10.55 6.69 31.97
N ILE B 207 -11.23 7.16 30.94
CA ILE B 207 -12.23 8.21 31.10
C ILE B 207 -13.64 7.64 31.12
N VAL B 208 -13.94 6.88 32.19
CA VAL B 208 -15.25 6.27 32.34
C VAL B 208 -16.35 7.32 32.43
N GLN B 209 -17.55 6.88 32.79
CA GLN B 209 -18.70 7.78 32.92
C GLN B 209 -18.58 8.65 34.16
N ARG B 210 -19.71 9.04 34.72
CA ARG B 210 -19.74 9.87 35.91
C ARG B 210 -20.53 9.22 37.04
N ARG B 211 -19.99 9.18 38.24
CA ARG B 211 -20.65 8.43 39.31
C ARG B 211 -21.73 9.04 40.21
N ASN B 212 -22.88 8.36 40.26
CA ASN B 212 -23.96 8.75 41.17
C ASN B 212 -24.80 9.91 40.66
N HIS B 213 -25.00 9.96 39.37
CA HIS B 213 -25.83 11.00 38.81
C HIS B 213 -26.67 10.37 37.72
N PRO B 214 -27.98 10.57 37.82
CA PRO B 214 -28.92 9.97 36.86
C PRO B 214 -28.97 10.78 35.59
N MET B 215 -28.29 10.29 34.56
CA MET B 215 -28.32 10.91 33.25
C MET B 215 -29.58 10.59 32.45
N ALA B 216 -30.09 11.56 31.69
CA ALA B 216 -31.21 11.28 30.81
C ALA B 216 -30.67 10.87 29.45
N ILE B 217 -31.01 9.67 29.00
CA ILE B 217 -30.42 9.10 27.80
C ILE B 217 -31.43 8.94 26.68
N ILE B 218 -31.05 9.38 25.48
CA ILE B 218 -31.73 8.98 24.25
C ILE B 218 -30.78 8.15 23.37
N ARG B 219 -31.04 6.87 23.28
CA ARG B 219 -30.12 5.97 22.62
C ARG B 219 -30.92 4.90 21.87
N PRO B 220 -30.80 4.89 20.53
CA PRO B 220 -31.33 3.90 19.57
C PRO B 220 -31.28 2.48 20.09
N SER B 221 -30.12 2.06 20.59
CA SER B 221 -29.98 0.76 21.19
C SER B 221 -31.10 0.38 22.20
N PHE B 222 -31.64 1.37 22.93
CA PHE B 222 -32.70 1.10 23.90
C PHE B 222 -33.99 0.68 23.22
N ALA B 223 -34.15 1.06 21.96
CA ALA B 223 -35.38 0.75 21.26
C ALA B 223 -35.39 -0.68 20.79
N ASN B 224 -34.21 -1.30 20.73
CA ASN B 224 -34.05 -2.65 20.18
C ASN B 224 -34.09 -3.76 21.23
N ARG B 225 -34.51 -3.43 22.44
CA ARG B 225 -34.72 -4.46 23.46
C ARG B 225 -36.10 -5.09 23.31
N GLY B 226 -36.88 -4.61 22.35
CA GLY B 226 -38.27 -5.01 22.15
C GLY B 226 -39.08 -3.93 21.45
N ALA B 227 -40.17 -4.32 20.80
CA ALA B 227 -40.97 -3.37 20.02
C ALA B 227 -41.69 -2.39 20.93
N SER B 228 -41.86 -2.80 22.19
CA SER B 228 -42.52 -1.99 23.21
C SER B 228 -41.62 -0.87 23.77
N TYR B 229 -40.30 -1.06 23.67
CA TYR B 229 -39.30 -0.14 24.20
C TYR B 229 -39.18 1.14 23.39
N SER B 230 -39.08 2.27 24.08
CA SER B 230 -38.77 3.54 23.44
C SER B 230 -37.28 3.82 23.56
N HIS B 231 -36.82 4.88 22.91
CA HIS B 231 -35.40 5.17 23.01
C HIS B 231 -35.00 6.03 24.21
N TYR B 232 -35.97 6.29 25.09
CA TYR B 232 -35.77 7.11 26.30
C TYR B 232 -35.37 6.26 27.48
N GLY B 233 -34.38 6.73 28.24
CA GLY B 233 -33.94 6.01 29.42
C GLY B 233 -33.36 6.92 30.48
N ILE B 234 -33.19 6.38 31.69
CA ILE B 234 -32.39 7.05 32.69
C ILE B 234 -31.26 6.10 33.05
N GLN B 235 -30.03 6.59 33.05
CA GLN B 235 -28.90 5.73 33.36
C GLN B 235 -28.04 6.28 34.48
N ILE B 236 -27.85 5.48 35.52
CA ILE B 236 -27.08 5.95 36.64
C ILE B 236 -25.94 4.97 36.94
N ARG B 237 -24.72 5.48 37.10
CA ARG B 237 -23.59 4.63 37.42
C ARG B 237 -23.22 4.81 38.89
N SER B 238 -23.76 3.95 39.75
CA SER B 238 -23.48 4.00 41.19
C SER B 238 -22.18 3.29 41.49
N VAL B 239 -21.36 3.88 42.36
CA VAL B 239 -20.12 3.21 42.73
C VAL B 239 -19.97 3.07 44.25
N ARG B 240 -19.43 1.93 44.66
CA ARG B 240 -19.39 1.55 46.06
C ARG B 240 -18.11 2.11 46.63
N PRO B 241 -17.98 2.14 47.96
CA PRO B 241 -16.70 2.56 48.56
C PRO B 241 -15.45 1.88 47.99
N ASP B 242 -15.53 0.60 47.61
CA ASP B 242 -14.36 -0.10 47.07
C ASP B 242 -14.04 0.23 45.63
N GLN B 243 -14.90 1.06 45.04
CA GLN B 243 -14.73 1.66 43.70
C GLN B 243 -15.35 0.88 42.58
N THR B 244 -15.74 -0.37 42.83
CA THR B 244 -16.54 -1.09 41.84
C THR B 244 -17.89 -0.40 41.68
N SER B 245 -18.43 -0.48 40.47
CA SER B 245 -19.69 0.16 40.20
C SER B 245 -20.77 -0.83 39.81
N GLN B 246 -21.99 -0.33 39.75
CA GLN B 246 -23.18 -1.08 39.40
C GLN B 246 -24.06 -0.09 38.65
N THR B 247 -24.41 -0.40 37.41
CA THR B 247 -25.26 0.53 36.65
C THR B 247 -26.76 0.14 36.68
N ASN B 248 -27.61 1.10 36.97
CA ASN B 248 -29.05 0.91 36.89
C ASN B 248 -29.57 1.72 35.72
N VAL B 249 -30.58 1.20 35.04
CA VAL B 249 -31.20 1.88 33.92
C VAL B 249 -32.69 1.79 34.09
N LEU B 250 -33.39 2.90 33.84
CA LEU B 250 -34.83 2.87 33.70
C LEU B 250 -35.17 2.94 32.24
N HIS B 251 -36.08 2.08 31.77
CA HIS B 251 -36.59 2.21 30.40
C HIS B 251 -38.03 2.69 30.40
N TYR B 252 -38.36 3.60 29.49
CA TYR B 252 -39.74 3.95 29.29
C TYR B 252 -40.24 3.15 28.11
N LEU B 253 -41.23 2.29 28.35
CA LEU B 253 -41.90 1.57 27.27
C LEU B 253 -43.12 2.34 26.82
N ASN B 254 -43.48 2.19 25.55
CA ASN B 254 -44.53 3.02 24.96
C ASN B 254 -45.91 2.86 25.57
N ASP B 255 -46.18 1.67 26.11
CA ASP B 255 -47.47 1.40 26.78
C ASP B 255 -47.53 1.94 28.22
N GLY B 256 -46.49 2.66 28.64
CA GLY B 256 -46.52 3.34 29.92
C GLY B 256 -45.67 2.73 31.02
N GLN B 257 -45.35 1.46 30.83
CA GLN B 257 -44.48 0.69 31.72
C GLN B 257 -43.14 1.37 31.94
N VAL B 258 -42.59 1.24 33.13
CA VAL B 258 -41.22 1.69 33.36
C VAL B 258 -40.41 0.57 33.98
N THR B 259 -39.53 -0.05 33.20
CA THR B 259 -38.70 -1.14 33.73
C THR B 259 -37.32 -0.73 34.22
N PHE B 260 -36.91 -1.36 35.32
CA PHE B 260 -35.60 -1.21 35.95
C PHE B 260 -34.71 -2.31 35.44
N ARG B 261 -33.55 -1.96 34.88
CA ARG B 261 -32.64 -2.98 34.33
C ARG B 261 -31.32 -2.96 35.08
N PHE B 262 -30.84 -4.14 35.48
CA PHE B 262 -29.53 -4.25 36.09
C PHE B 262 -28.73 -5.41 35.54
N SER B 263 -27.47 -5.50 35.94
CA SER B 263 -26.60 -6.54 35.41
C SER B 263 -26.03 -7.39 36.53
N TRP B 264 -26.01 -8.71 36.33
CA TRP B 264 -25.40 -9.62 37.31
C TRP B 264 -24.82 -10.85 36.64
N ARG B 265 -23.54 -11.11 36.96
CA ARG B 265 -22.80 -12.26 36.43
C ARG B 265 -22.89 -12.26 34.91
N LYS B 266 -22.80 -11.07 34.33
CA LYS B 266 -22.81 -10.87 32.87
C LYS B 266 -24.15 -11.17 32.21
N ASN B 267 -25.22 -11.27 33.01
CA ASN B 267 -26.55 -11.28 32.45
C ASN B 267 -27.33 -10.04 32.81
N GLU B 268 -28.30 -9.68 31.97
CA GLU B 268 -29.15 -8.54 32.27
C GLU B 268 -30.54 -8.99 32.77
N TYR B 269 -31.06 -8.29 33.77
CA TYR B 269 -32.36 -8.61 34.29
C TYR B 269 -33.29 -7.41 34.29
N LEU B 270 -34.58 -7.65 34.15
CA LEU B 270 -35.57 -6.58 34.17
C LEU B 270 -36.58 -6.77 35.29
N VAL B 271 -36.86 -5.69 36.00
CA VAL B 271 -37.85 -5.68 37.08
C VAL B 271 -38.73 -4.44 36.93
N PRO B 272 -40.05 -4.57 37.10
CA PRO B 272 -40.90 -3.37 37.06
C PRO B 272 -40.52 -2.42 38.19
N VAL B 273 -40.33 -1.14 37.87
CA VAL B 273 -39.76 -0.18 38.82
C VAL B 273 -40.58 -0.07 40.11
N VAL B 274 -41.89 -0.26 40.00
CA VAL B 274 -42.72 -0.11 41.17
C VAL B 274 -42.36 -1.17 42.20
N MET B 275 -41.96 -2.35 41.72
CA MET B 275 -41.60 -3.44 42.63
C MET B 275 -40.36 -3.12 43.45
N ILE B 276 -39.37 -2.53 42.81
CA ILE B 276 -38.18 -2.10 43.54
C ILE B 276 -38.50 -0.98 44.53
N LEU B 277 -39.40 -0.07 44.15
CA LEU B 277 -39.92 0.93 45.09
C LEU B 277 -40.57 0.30 46.32
N LYS B 278 -41.54 -0.60 46.12
CA LYS B 278 -42.26 -1.19 47.26
C LYS B 278 -41.44 -2.18 48.07
N ALA B 279 -40.21 -2.44 47.64
CA ALA B 279 -39.33 -3.35 48.36
C ALA B 279 -38.33 -2.60 49.22
N LEU B 280 -38.08 -1.33 48.88
CA LEU B 280 -37.14 -0.50 49.63
C LEU B 280 -37.59 -0.33 51.08
N CYS B 281 -38.90 -0.14 51.27
CA CYS B 281 -39.46 0.03 52.60
C CYS B 281 -40.96 0.29 52.54
N HIS B 282 -41.60 0.32 53.70
CA HIS B 282 -43.03 0.55 53.78
C HIS B 282 -43.42 1.83 53.05
N THR B 283 -44.47 1.74 52.22
CA THR B 283 -44.94 2.87 51.45
C THR B 283 -46.37 2.67 50.96
N SER B 284 -47.01 3.76 50.62
CA SER B 284 -48.35 3.72 50.07
C SER B 284 -48.34 4.26 48.65
N ASP B 285 -49.39 3.95 47.89
CA ASP B 285 -49.45 4.41 46.52
C ASP B 285 -49.36 5.92 46.45
N ARG B 286 -50.02 6.60 47.38
CA ARG B 286 -50.04 8.07 47.39
C ARG B 286 -48.64 8.61 47.57
N GLU B 287 -47.85 7.95 48.41
CA GLU B 287 -46.46 8.37 48.64
C GLU B 287 -45.61 8.32 47.36
N ILE B 288 -45.71 7.22 46.63
CA ILE B 288 -45.05 7.10 45.36
C ILE B 288 -45.54 8.21 44.44
N PHE B 289 -46.86 8.35 44.35
CA PHE B 289 -47.48 9.39 43.54
C PHE B 289 -46.92 10.80 43.86
N ASP B 290 -46.95 11.17 45.13
CA ASP B 290 -46.42 12.45 45.55
C ASP B 290 -44.94 12.58 45.18
N GLY B 291 -44.22 11.47 45.29
CA GLY B 291 -42.80 11.47 45.00
C GLY B 291 -42.44 11.78 43.56
N ILE B 292 -43.32 11.40 42.64
CA ILE B 292 -43.07 11.63 41.22
C ILE B 292 -43.79 12.87 40.71
N ILE B 293 -45.07 12.98 41.03
CA ILE B 293 -45.88 14.09 40.52
C ILE B 293 -45.65 15.39 41.30
N GLY B 294 -45.51 15.27 42.61
CA GLY B 294 -45.38 16.46 43.43
C GLY B 294 -46.66 17.26 43.44
N ASN B 295 -46.61 18.49 42.94
CA ASN B 295 -47.81 19.33 42.95
C ASN B 295 -48.42 19.42 41.57
N ASP B 296 -47.76 18.84 40.60
CA ASP B 296 -48.15 19.05 39.21
C ASP B 296 -49.30 18.13 38.76
N VAL B 297 -50.41 18.20 39.48
CA VAL B 297 -51.49 17.25 39.27
C VAL B 297 -52.41 17.62 38.12
N LYS B 298 -52.32 18.84 37.63
CA LYS B 298 -53.06 19.22 36.42
C LYS B 298 -52.30 18.79 35.15
N ASP B 299 -51.17 18.12 35.33
CA ASP B 299 -50.42 17.59 34.20
C ASP B 299 -50.97 16.26 33.78
N SER B 300 -51.89 16.32 32.81
CA SER B 300 -52.52 15.16 32.23
C SER B 300 -51.52 14.08 31.79
N PHE B 301 -50.43 14.54 31.15
CA PHE B 301 -49.42 13.62 30.63
C PHE B 301 -48.79 12.79 31.77
N LEU B 302 -48.51 13.44 32.88
CA LEU B 302 -47.91 12.79 34.03
C LEU B 302 -48.87 11.88 34.80
N THR B 303 -50.02 12.40 35.17
CA THR B 303 -50.97 11.60 35.97
C THR B 303 -51.38 10.31 35.26
N ASP B 304 -51.45 10.36 33.94
CA ASP B 304 -51.89 9.18 33.19
C ASP B 304 -50.86 8.07 33.25
N ARG B 305 -49.58 8.37 33.00
CA ARG B 305 -48.57 7.31 33.06
C ARG B 305 -48.50 6.80 34.47
N LEU B 306 -48.65 7.69 35.45
CA LEU B 306 -48.57 7.25 36.83
C LEU B 306 -49.71 6.34 37.25
N GLU B 307 -50.89 6.56 36.69
CA GLU B 307 -51.99 5.65 36.94
C GLU B 307 -51.67 4.30 36.30
N LEU B 308 -51.13 4.32 35.08
CA LEU B 308 -50.72 3.08 34.44
C LEU B 308 -49.76 2.32 35.35
N LEU B 309 -48.72 2.99 35.79
CA LEU B 309 -47.69 2.38 36.62
C LEU B 309 -48.26 1.70 37.88
N LEU B 310 -49.09 2.44 38.62
CA LEU B 310 -49.64 1.97 39.87
C LEU B 310 -50.70 0.90 39.67
N ARG B 311 -51.63 1.13 38.75
CA ARG B 311 -52.69 0.14 38.49
C ARG B 311 -52.12 -1.14 37.92
N GLY B 312 -50.94 -1.05 37.33
CA GLY B 312 -50.34 -2.17 36.65
C GLY B 312 -49.64 -3.06 37.64
N PHE B 313 -49.08 -2.45 38.69
CA PHE B 313 -48.43 -3.22 39.74
C PHE B 313 -49.45 -4.04 40.52
N LYS B 314 -50.52 -3.41 40.99
CA LYS B 314 -51.71 -4.13 41.40
C LYS B 314 -52.17 -4.82 40.13
N LYS B 315 -52.91 -5.91 40.25
CA LYS B 315 -53.38 -6.63 39.07
C LYS B 315 -52.32 -7.46 38.35
N ARG B 316 -51.05 -7.14 38.53
CA ARG B 316 -50.04 -8.11 38.14
C ARG B 316 -49.54 -8.79 39.40
N TYR B 317 -49.59 -8.07 40.52
CA TYR B 317 -49.02 -8.57 41.76
C TYR B 317 -49.94 -8.29 42.95
N PRO B 318 -51.20 -8.74 42.86
CA PRO B 318 -52.24 -8.36 43.81
C PRO B 318 -51.99 -8.87 45.22
N HIS B 319 -51.18 -9.91 45.35
CA HIS B 319 -50.93 -10.50 46.65
C HIS B 319 -49.74 -9.90 47.40
N LEU B 320 -49.06 -8.96 46.73
CA LEU B 320 -47.94 -8.22 47.32
C LEU B 320 -48.40 -6.90 47.93
N GLN B 321 -48.66 -6.91 49.25
CA GLN B 321 -49.26 -5.77 49.95
C GLN B 321 -48.34 -5.28 51.05
N ASN B 322 -47.36 -6.10 51.36
CA ASN B 322 -46.46 -5.87 52.45
C ASN B 322 -45.13 -5.47 51.85
N ARG B 323 -44.27 -4.82 52.62
CA ARG B 323 -42.92 -4.66 52.12
C ARG B 323 -42.20 -6.00 52.25
N THR B 324 -42.54 -6.76 53.29
CA THR B 324 -41.95 -8.07 53.49
C THR B 324 -42.29 -9.00 52.35
N GLN B 325 -43.55 -9.01 51.96
CA GLN B 325 -43.99 -9.83 50.85
C GLN B 325 -43.26 -9.53 49.55
N VAL B 326 -43.03 -8.25 49.26
CA VAL B 326 -42.32 -7.88 48.04
C VAL B 326 -40.88 -8.41 48.07
N LEU B 327 -40.21 -8.25 49.21
CA LEU B 327 -38.86 -8.80 49.35
C LEU B 327 -38.83 -10.31 49.14
N GLN B 328 -39.80 -11.00 49.70
CA GLN B 328 -39.86 -12.45 49.53
C GLN B 328 -40.06 -12.83 48.08
N TYR B 329 -40.88 -12.06 47.36
CA TYR B 329 -41.10 -12.31 45.94
C TYR B 329 -39.77 -12.25 45.21
N LEU B 330 -39.06 -11.14 45.36
CA LEU B 330 -37.77 -10.98 44.70
C LEU B 330 -36.80 -12.09 45.07
N GLY B 331 -36.73 -12.38 46.36
CA GLY B 331 -35.80 -13.37 46.85
C GLY B 331 -36.03 -14.71 46.19
N ASP B 332 -37.30 -15.05 46.00
CA ASP B 332 -37.63 -16.31 45.40
C ASP B 332 -37.14 -16.35 43.96
N LYS B 333 -37.42 -15.30 43.22
CA LYS B 333 -37.06 -15.26 41.80
C LYS B 333 -35.55 -15.11 41.53
N PHE B 334 -34.82 -14.56 42.50
CA PHE B 334 -33.38 -14.33 42.29
C PHE B 334 -32.42 -15.20 43.12
N ARG B 335 -32.94 -16.07 43.97
CA ARG B 335 -32.07 -16.85 44.85
C ARG B 335 -31.13 -17.77 44.05
N VAL B 336 -31.57 -18.23 42.89
CA VAL B 336 -30.66 -18.99 42.04
C VAL B 336 -29.63 -18.08 41.36
N VAL B 337 -30.08 -17.00 40.72
CA VAL B 337 -29.15 -16.05 40.08
C VAL B 337 -28.06 -15.57 41.05
N PHE B 338 -28.45 -15.26 42.29
CA PHE B 338 -27.51 -14.74 43.28
C PHE B 338 -26.79 -15.76 44.15
N GLN B 339 -26.84 -17.02 43.72
CA GLN B 339 -26.17 -18.11 44.40
C GLN B 339 -26.38 -18.14 45.91
N ALA B 340 -27.64 -18.09 46.32
CA ALA B 340 -27.97 -18.03 47.75
C ALA B 340 -27.78 -19.39 48.42
N SER B 341 -27.36 -19.38 49.69
CA SER B 341 -27.21 -20.64 50.42
C SER B 341 -28.59 -21.19 50.82
N PRO B 342 -28.67 -22.49 51.08
CA PRO B 342 -29.97 -23.08 51.44
C PRO B 342 -30.54 -22.64 52.79
N ASP B 343 -29.81 -21.84 53.56
CA ASP B 343 -30.31 -21.38 54.86
C ASP B 343 -30.84 -19.95 54.78
N GLN B 344 -30.65 -19.33 53.62
CA GLN B 344 -31.06 -17.95 53.43
C GLN B 344 -32.49 -17.90 53.00
N SER B 345 -33.31 -17.22 53.79
CA SER B 345 -34.73 -17.09 53.48
C SER B 345 -34.95 -16.33 52.19
N ASP B 346 -36.14 -16.48 51.61
CA ASP B 346 -36.54 -15.67 50.46
C ASP B 346 -36.40 -14.21 50.85
N LEU B 347 -36.85 -13.88 52.06
CA LEU B 347 -36.78 -12.52 52.59
C LEU B 347 -35.36 -11.95 52.61
N GLU B 348 -34.40 -12.73 53.05
CA GLU B 348 -33.01 -12.29 53.04
C GLU B 348 -32.50 -12.03 51.63
N VAL B 349 -32.68 -13.00 50.75
CA VAL B 349 -32.15 -12.88 49.40
C VAL B 349 -32.69 -11.61 48.72
N GLY B 350 -33.95 -11.29 49.01
CA GLY B 350 -34.55 -10.08 48.51
C GLY B 350 -33.75 -8.87 48.96
N GLN B 351 -33.48 -8.76 50.26
CA GLN B 351 -32.64 -7.68 50.74
C GLN B 351 -31.28 -7.71 50.07
N GLU B 352 -30.67 -8.89 49.93
CA GLU B 352 -29.37 -9.00 49.30
C GLU B 352 -29.38 -8.42 47.86
N VAL B 353 -30.43 -8.74 47.10
CA VAL B 353 -30.55 -8.17 45.76
C VAL B 353 -30.55 -6.65 45.82
N LEU B 354 -31.33 -6.08 46.73
CA LEU B 354 -31.36 -4.62 46.90
C LEU B 354 -29.98 -4.07 47.25
N ASP B 355 -29.36 -4.62 48.29
CA ASP B 355 -28.03 -4.17 48.74
C ASP B 355 -26.97 -4.25 47.64
N ARG B 356 -26.98 -5.33 46.87
CA ARG B 356 -25.91 -5.53 45.90
C ARG B 356 -26.13 -4.82 44.57
N ILE B 357 -27.32 -4.31 44.35
CA ILE B 357 -27.65 -3.88 43.00
C ILE B 357 -28.38 -2.55 42.84
N VAL B 358 -29.23 -2.21 43.80
CA VAL B 358 -30.03 -1.01 43.62
C VAL B 358 -29.38 0.21 44.20
N LEU B 359 -28.97 1.14 43.34
CA LEU B 359 -28.39 2.42 43.75
C LEU B 359 -27.31 2.28 44.81
N VAL B 360 -26.28 1.52 44.50
CA VAL B 360 -25.40 1.00 45.54
C VAL B 360 -24.58 2.08 46.22
N HIS B 361 -24.61 3.29 45.70
CA HIS B 361 -23.80 4.35 46.29
C HIS B 361 -24.39 4.80 47.62
N LEU B 362 -25.68 4.55 47.80
CA LEU B 362 -26.38 5.03 49.00
C LEU B 362 -26.27 4.06 50.18
N GLY B 363 -25.77 2.85 49.92
CA GLY B 363 -25.40 1.93 50.96
C GLY B 363 -26.53 1.14 51.61
N LYS B 364 -26.16 0.18 52.45
CA LYS B 364 -27.14 -0.76 52.99
C LYS B 364 -28.15 -0.07 53.92
N ASP B 365 -27.69 0.96 54.62
CA ASP B 365 -28.52 1.70 55.56
C ASP B 365 -29.30 2.85 54.91
N GLY B 366 -29.31 2.92 53.59
CA GLY B 366 -29.93 4.04 52.92
C GLY B 366 -31.16 3.70 52.11
N SER B 367 -31.99 2.81 52.63
CA SER B 367 -33.14 2.38 51.88
C SER B 367 -34.07 3.57 51.59
N GLN B 368 -34.25 4.42 52.59
CA GLN B 368 -35.04 5.65 52.41
C GLN B 368 -34.47 6.62 51.34
N ASP B 369 -33.15 6.77 51.30
CA ASP B 369 -32.48 7.56 50.28
C ASP B 369 -32.57 6.95 48.87
N LYS B 370 -32.55 5.62 48.79
CA LYS B 370 -32.67 4.98 47.48
C LYS B 370 -34.07 5.19 46.95
N PHE B 371 -35.02 5.14 47.85
CA PHE B 371 -36.40 5.40 47.53
C PHE B 371 -36.59 6.77 46.89
N ARG B 372 -36.18 7.84 47.58
CA ARG B 372 -36.37 9.20 47.06
C ARG B 372 -35.69 9.39 45.72
N MET B 373 -34.53 8.76 45.57
CA MET B 373 -33.71 8.90 44.39
C MET B 373 -34.35 8.19 43.22
N LEU B 374 -34.92 7.03 43.50
CA LEU B 374 -35.56 6.26 42.46
C LEU B 374 -36.79 7.01 41.96
N LEU B 375 -37.48 7.68 42.88
CA LEU B 375 -38.60 8.55 42.51
C LEU B 375 -38.14 9.70 41.63
N PHE B 376 -37.05 10.35 42.03
CA PHE B 376 -36.44 11.43 41.27
C PHE B 376 -36.12 11.03 39.83
N MET B 377 -35.52 9.86 39.66
CA MET B 377 -35.24 9.31 38.35
C MET B 377 -36.49 9.12 37.49
N ILE B 378 -37.53 8.55 38.08
CA ILE B 378 -38.75 8.31 37.33
C ILE B 378 -39.29 9.63 36.76
N ARG B 379 -39.32 10.67 37.58
CA ARG B 379 -39.81 11.95 37.12
C ARG B 379 -38.94 12.50 36.01
N LYS B 380 -37.62 12.47 36.21
CA LYS B 380 -36.72 12.95 35.17
C LYS B 380 -36.94 12.19 33.87
N LEU B 381 -37.25 10.89 34.00
CA LEU B 381 -37.54 10.07 32.85
C LEU B 381 -38.76 10.61 32.13
N TYR B 382 -39.82 10.88 32.89
CA TYR B 382 -41.07 11.41 32.33
C TYR B 382 -40.79 12.78 31.72
N SER B 383 -39.88 13.51 32.36
CA SER B 383 -39.49 14.83 31.87
C SER B 383 -38.84 14.73 30.51
N LEU B 384 -37.89 13.83 30.36
CA LEU B 384 -37.29 13.52 29.06
C LEU B 384 -38.30 13.06 27.97
N VAL B 385 -39.17 12.13 28.32
CA VAL B 385 -40.14 11.61 27.36
C VAL B 385 -41.01 12.75 26.83
N ALA B 386 -41.38 13.66 27.72
CA ALA B 386 -42.23 14.79 27.37
C ALA B 386 -41.49 15.92 26.62
N GLY B 387 -40.17 15.82 26.53
CA GLY B 387 -39.40 16.85 25.88
C GLY B 387 -39.12 18.04 26.78
N GLU B 388 -39.54 17.92 28.03
CA GLU B 388 -39.43 19.00 29.01
C GLU B 388 -37.97 19.31 29.28
N CYS B 389 -37.16 18.26 29.30
CA CYS B 389 -35.73 18.43 29.47
C CYS B 389 -34.99 17.74 28.32
N SER B 390 -33.77 18.19 28.06
CA SER B 390 -33.03 17.62 26.94
C SER B 390 -32.13 16.51 27.44
N PRO B 391 -31.70 15.62 26.54
CA PRO B 391 -30.88 14.50 27.05
C PRO B 391 -29.47 14.92 27.39
N ASP B 392 -28.87 14.20 28.32
CA ASP B 392 -27.49 14.47 28.73
C ASP B 392 -26.54 13.74 27.77
N ASN B 393 -25.54 14.44 27.28
CA ASN B 393 -24.62 13.84 26.33
C ASN B 393 -23.48 13.07 26.97
N PRO B 394 -23.50 11.74 26.85
CA PRO B 394 -22.47 10.93 27.52
C PRO B 394 -21.11 11.03 26.84
N ASP B 395 -21.05 11.70 25.70
CA ASP B 395 -19.80 11.78 24.97
C ASP B 395 -19.07 13.07 25.33
N ALA B 396 -19.70 13.90 26.14
CA ALA B 396 -19.16 15.16 26.58
C ALA B 396 -18.49 14.99 27.93
N THR B 397 -17.36 15.63 28.12
CA THR B 397 -16.61 15.55 29.37
C THR B 397 -17.45 16.01 30.54
N GLN B 398 -18.45 16.83 30.26
CA GLN B 398 -19.34 17.35 31.30
C GLN B 398 -20.02 16.22 32.07
N HIS B 399 -20.00 15.02 31.50
CA HIS B 399 -20.62 13.87 32.14
C HIS B 399 -19.73 12.64 32.09
N GLN B 400 -18.52 12.75 32.64
CA GLN B 400 -17.57 11.64 32.65
C GLN B 400 -16.48 11.82 33.72
N GLU B 401 -16.07 10.71 34.33
CA GLU B 401 -15.04 10.74 35.36
C GLU B 401 -13.75 10.10 34.85
N VAL B 402 -13.03 9.41 35.73
CA VAL B 402 -11.79 8.77 35.33
C VAL B 402 -11.42 7.58 36.20
N LEU B 403 -11.23 6.41 35.57
CA LEU B 403 -10.86 5.20 36.26
C LEU B 403 -9.35 5.06 36.28
N LEU B 404 -8.77 5.09 37.48
CA LEU B 404 -7.30 5.06 37.65
C LEU B 404 -6.70 3.65 37.83
N GLY B 405 -5.42 3.52 37.52
CA GLY B 405 -4.82 2.21 37.42
C GLY B 405 -4.83 1.50 38.74
N GLY B 406 -4.59 2.25 39.80
CA GLY B 406 -4.56 1.64 41.11
C GLY B 406 -5.93 1.14 41.52
N PHE B 407 -6.97 1.87 41.11
CA PHE B 407 -8.32 1.51 41.49
C PHE B 407 -8.69 0.28 40.72
N LEU B 408 -8.31 0.23 39.46
CA LEU B 408 -8.63 -0.92 38.63
C LEU B 408 -7.91 -2.17 39.17
N TYR B 409 -6.64 -2.01 39.51
CA TYR B 409 -5.85 -3.06 40.14
C TYR B 409 -6.59 -3.62 41.36
N GLY B 410 -7.10 -2.71 42.19
CA GLY B 410 -7.87 -3.07 43.37
C GLY B 410 -9.10 -3.86 43.03
N MET B 411 -9.85 -3.42 42.03
CA MET B 411 -11.06 -4.10 41.62
C MET B 411 -10.77 -5.55 41.19
N ILE B 412 -9.76 -5.74 40.36
CA ILE B 412 -9.46 -7.06 39.88
C ILE B 412 -9.02 -7.88 41.07
N LEU B 413 -8.22 -7.28 41.93
CA LEU B 413 -7.70 -7.97 43.10
C LEU B 413 -8.83 -8.49 43.99
N LYS B 414 -9.84 -7.66 44.22
CA LYS B 414 -11.01 -8.05 45.00
C LYS B 414 -11.72 -9.24 44.36
N GLU B 415 -11.78 -9.27 43.04
CA GLU B 415 -12.42 -10.38 42.34
C GLU B 415 -11.63 -11.65 42.52
N LYS B 416 -10.30 -11.57 42.48
CA LYS B 416 -9.50 -12.77 42.62
C LYS B 416 -9.64 -13.36 44.02
N ILE B 417 -9.83 -12.50 45.02
CA ILE B 417 -10.06 -12.96 46.39
C ILE B 417 -11.44 -13.61 46.49
N ASP B 418 -12.41 -13.02 45.80
CA ASP B 418 -13.74 -13.61 45.74
C ASP B 418 -13.70 -15.00 45.09
N GLU B 419 -13.00 -15.12 43.95
CA GLU B 419 -12.81 -16.42 43.29
C GLU B 419 -12.11 -17.37 44.27
N TYR B 420 -11.09 -16.85 44.94
CA TYR B 420 -10.36 -17.61 45.95
C TYR B 420 -11.28 -18.22 47.00
N LEU B 421 -12.16 -17.44 47.61
CA LEU B 421 -13.10 -17.96 48.60
C LEU B 421 -14.06 -18.99 47.99
N GLN B 422 -14.41 -18.80 46.73
CA GLN B 422 -15.27 -19.75 46.07
C GLN B 422 -14.57 -21.07 45.79
N ASN B 423 -13.27 -20.98 45.49
CA ASN B 423 -12.47 -22.17 45.26
C ASN B 423 -12.38 -23.04 46.51
N ILE B 424 -12.23 -22.42 47.66
CA ILE B 424 -12.19 -23.14 48.90
C ILE B 424 -13.50 -23.91 49.03
N ILE B 425 -14.62 -23.22 48.83
CA ILE B 425 -15.91 -23.85 49.00
C ILE B 425 -16.06 -24.96 47.99
N ALA B 426 -15.53 -24.70 46.80
CA ALA B 426 -15.60 -25.67 45.72
C ALA B 426 -14.90 -26.97 46.13
N GLN B 427 -13.75 -26.82 46.76
CA GLN B 427 -12.95 -27.94 47.19
C GLN B 427 -13.65 -28.74 48.28
N VAL B 428 -14.33 -28.05 49.19
CA VAL B 428 -15.01 -28.70 50.30
C VAL B 428 -16.21 -29.46 49.78
N ARG B 429 -16.84 -28.95 48.74
CA ARG B 429 -17.98 -29.64 48.12
C ARG B 429 -17.52 -30.94 47.49
N MET B 430 -16.42 -30.89 46.77
CA MET B 430 -15.83 -32.10 46.21
C MET B 430 -15.55 -33.16 47.30
N ASP B 431 -14.98 -32.73 48.42
CA ASP B 431 -14.75 -33.63 49.51
C ASP B 431 -16.06 -34.28 49.94
N ILE B 432 -17.09 -33.45 50.11
CA ILE B 432 -18.39 -33.93 50.58
C ILE B 432 -19.00 -34.94 49.60
N ASN B 433 -18.94 -34.63 48.31
CA ASN B 433 -19.52 -35.51 47.29
C ASN B 433 -18.70 -36.81 47.12
N ARG B 434 -17.41 -36.75 47.45
CA ARG B 434 -16.55 -37.94 47.35
C ARG B 434 -16.70 -38.84 48.60
N GLY B 435 -17.43 -38.35 49.59
CA GLY B 435 -17.60 -39.06 50.85
C GLY B 435 -16.41 -38.96 51.81
N MET B 436 -15.49 -38.06 51.53
CA MET B 436 -14.30 -37.87 52.35
C MET B 436 -14.64 -37.51 53.81
N ALA B 437 -13.77 -37.88 54.74
CA ALA B 437 -14.02 -37.60 56.16
C ALA B 437 -13.78 -36.13 56.45
N ILE B 438 -14.81 -35.43 56.91
CA ILE B 438 -14.69 -33.98 57.02
C ILE B 438 -15.05 -33.44 58.39
N ASN B 439 -14.08 -32.80 59.04
CA ASN B 439 -14.35 -32.09 60.28
C ASN B 439 -13.95 -30.64 60.14
N PHE B 440 -14.94 -29.77 59.98
CA PHE B 440 -14.69 -28.34 59.80
C PHE B 440 -13.91 -27.76 60.97
N LYS B 441 -13.99 -28.39 62.14
CA LYS B 441 -13.40 -27.82 63.34
C LYS B 441 -11.94 -28.23 63.51
N ASP B 442 -11.49 -29.15 62.67
CA ASP B 442 -10.12 -29.63 62.72
C ASP B 442 -9.21 -28.81 61.82
N LYS B 443 -8.15 -28.25 62.37
CA LYS B 443 -7.26 -27.41 61.57
C LYS B 443 -6.46 -28.17 60.51
N ARG B 444 -6.19 -29.45 60.74
CA ARG B 444 -5.51 -30.28 59.74
C ARG B 444 -6.35 -30.44 58.49
N TYR B 445 -7.67 -30.38 58.64
CA TYR B 445 -8.54 -30.44 57.48
C TYR B 445 -8.52 -29.08 56.76
N MET B 446 -8.57 -28.00 57.53
CA MET B 446 -8.57 -26.67 56.93
C MET B 446 -7.32 -26.49 56.08
N SER B 447 -6.19 -27.00 56.59
CA SER B 447 -4.92 -26.85 55.90
C SER B 447 -4.79 -27.84 54.73
N ARG B 448 -5.41 -28.99 54.84
CA ARG B 448 -5.40 -29.94 53.73
C ARG B 448 -6.26 -29.41 52.57
N VAL B 449 -7.35 -28.71 52.91
CA VAL B 449 -8.23 -28.14 51.90
C VAL B 449 -7.53 -27.03 51.15
N LEU B 450 -6.88 -26.14 51.89
CA LEU B 450 -6.21 -24.98 51.28
C LEU B 450 -5.01 -25.43 50.46
N MET B 451 -4.43 -26.57 50.82
CA MET B 451 -3.31 -27.11 50.05
C MET B 451 -3.69 -27.37 48.59
N ARG B 452 -4.97 -27.63 48.33
CA ARG B 452 -5.43 -28.08 47.04
C ARG B 452 -6.08 -26.94 46.28
N VAL B 453 -6.00 -25.76 46.85
CA VAL B 453 -6.63 -24.61 46.23
C VAL B 453 -5.55 -23.69 45.68
N ASN B 454 -5.77 -23.18 44.47
CA ASN B 454 -4.84 -22.25 43.87
C ASN B 454 -4.87 -20.94 44.65
N GLU B 455 -3.84 -20.72 45.44
CA GLU B 455 -3.73 -19.49 46.20
C GLU B 455 -2.87 -18.41 45.53
N ASN B 456 -2.32 -18.72 44.36
CA ASN B 456 -1.41 -17.79 43.70
C ASN B 456 -2.12 -16.62 43.03
N ILE B 457 -2.67 -15.74 43.85
CA ILE B 457 -3.42 -14.60 43.35
C ILE B 457 -2.46 -13.65 42.70
N GLY B 458 -1.28 -13.53 43.31
CA GLY B 458 -0.25 -12.64 42.78
C GLY B 458 0.02 -12.88 41.31
N SER B 459 0.16 -14.13 40.90
CA SER B 459 0.55 -14.43 39.55
C SER B 459 -0.59 -14.13 38.60
N LYS B 460 -1.82 -14.21 39.10
CA LYS B 460 -2.98 -13.85 38.30
C LYS B 460 -2.95 -12.34 38.01
N MET B 461 -2.57 -11.54 39.00
CA MET B 461 -2.40 -10.11 38.80
C MET B 461 -1.27 -9.85 37.81
N GLN B 462 -0.23 -10.66 37.89
CA GLN B 462 0.86 -10.56 36.94
C GLN B 462 0.35 -10.81 35.54
N TYR B 463 -0.48 -11.82 35.36
CA TYR B 463 -1.04 -12.10 34.04
C TYR B 463 -1.76 -10.88 33.49
N PHE B 464 -2.57 -10.23 34.34
CA PHE B 464 -3.28 -9.01 33.95
C PHE B 464 -2.32 -7.90 33.47
N LEU B 465 -1.29 -7.61 34.27
CA LEU B 465 -0.31 -6.61 33.92
C LEU B 465 0.45 -6.99 32.65
N SER B 466 0.61 -8.29 32.46
CA SER B 466 1.44 -8.73 31.36
C SER B 466 0.71 -8.72 30.02
N THR B 467 -0.57 -9.06 30.04
CA THR B 467 -1.38 -9.08 28.82
C THR B 467 -2.36 -7.91 28.78
N GLY B 468 -2.51 -7.24 29.92
CA GLY B 468 -3.41 -6.10 30.02
C GLY B 468 -4.86 -6.49 29.76
N ASN B 469 -5.05 -7.61 29.09
CA ASN B 469 -6.39 -8.10 28.77
C ASN B 469 -7.23 -8.33 30.03
N LEU B 470 -8.55 -8.24 29.88
CA LEU B 470 -9.46 -8.44 31.01
C LEU B 470 -9.99 -9.87 31.03
N VAL B 471 -10.11 -10.43 32.22
CA VAL B 471 -10.60 -11.79 32.39
C VAL B 471 -11.49 -11.90 33.62
N SER B 472 -12.26 -10.85 33.90
CA SER B 472 -13.15 -10.83 35.05
C SER B 472 -14.44 -11.60 34.75
N GLN B 473 -14.42 -12.90 34.99
CA GLN B 473 -15.58 -13.74 34.75
C GLN B 473 -16.89 -12.94 34.89
N SER B 474 -16.93 -12.06 35.89
CA SER B 474 -17.75 -10.86 35.82
C SER B 474 -17.28 -9.92 34.71
N GLY B 475 -18.22 -9.30 34.02
CA GLY B 475 -17.91 -8.36 32.97
C GLY B 475 -17.14 -7.15 33.48
N LEU B 476 -17.55 -6.65 34.63
CA LEU B 476 -16.79 -5.63 35.34
C LEU B 476 -17.06 -4.24 34.77
N ASP B 477 -18.02 -4.17 33.85
CA ASP B 477 -18.39 -2.90 33.23
C ASP B 477 -17.20 -2.26 32.54
N LEU B 478 -16.38 -3.09 31.91
CA LEU B 478 -15.43 -2.61 30.90
C LEU B 478 -15.72 -3.24 29.55
N GLN B 479 -15.79 -2.40 28.52
CA GLN B 479 -16.07 -2.86 27.17
C GLN B 479 -14.89 -3.66 26.61
N GLN B 480 -13.76 -2.98 26.41
CA GLN B 480 -12.57 -3.62 25.88
C GLN B 480 -12.01 -4.64 26.86
N VAL B 481 -11.35 -5.66 26.34
CA VAL B 481 -10.77 -6.71 27.17
C VAL B 481 -9.26 -6.83 26.93
N SER B 482 -8.72 -5.92 26.13
CA SER B 482 -7.30 -5.94 25.81
C SER B 482 -6.73 -4.52 25.82
N GLY B 483 -5.41 -4.41 25.99
CA GLY B 483 -4.74 -3.12 26.01
C GLY B 483 -5.32 -2.17 27.04
N TYR B 484 -5.66 -2.71 28.21
CA TYR B 484 -5.73 -1.91 29.43
C TYR B 484 -4.35 -1.33 29.78
N THR B 485 -3.32 -2.15 29.61
CA THR B 485 -1.97 -1.71 29.86
C THR B 485 -1.25 -1.50 28.55
N VAL B 486 -0.08 -0.91 28.63
CA VAL B 486 0.67 -0.53 27.46
C VAL B 486 2.13 -0.35 27.95
N VAL B 487 3.10 -0.50 27.06
CA VAL B 487 4.46 -0.25 27.48
C VAL B 487 4.71 1.23 27.69
N ALA B 488 5.32 1.57 28.82
CA ALA B 488 5.79 2.93 29.04
C ALA B 488 7.03 3.14 28.20
N GLU B 489 6.82 3.29 26.89
CA GLU B 489 7.90 3.53 25.92
C GLU B 489 8.78 4.65 26.38
N LYS B 490 10.08 4.41 26.38
CA LYS B 490 11.02 5.42 26.81
C LYS B 490 11.80 5.95 25.61
N ILE B 491 11.23 5.83 24.41
CA ILE B 491 11.89 6.23 23.16
C ILE B 491 12.71 7.48 23.36
N ASN B 492 12.07 8.47 23.96
CA ASN B 492 12.73 9.59 24.61
C ASN B 492 11.88 10.02 25.81
N PHE B 493 12.27 11.06 26.51
CA PHE B 493 11.54 11.44 27.71
C PHE B 493 10.19 12.04 27.40
N TYR B 494 10.11 12.78 26.30
CA TYR B 494 8.89 13.49 25.92
C TYR B 494 7.79 12.45 25.72
N ARG B 495 8.14 11.32 25.10
CA ARG B 495 7.15 10.28 24.89
C ARG B 495 6.80 9.61 26.20
N PHE B 496 7.80 9.37 27.04
CA PHE B 496 7.59 8.78 28.35
C PHE B 496 6.59 9.55 29.19
N ILE B 497 6.82 10.84 29.34
CA ILE B 497 5.94 11.65 30.17
C ILE B 497 4.52 11.64 29.62
N SER B 498 4.39 11.66 28.28
CA SER B 498 3.10 11.72 27.63
C SER B 498 2.20 10.58 28.02
N HIS B 499 2.76 9.38 28.08
CA HIS B 499 2.02 8.19 28.51
C HIS B 499 1.17 8.44 29.75
N PHE B 500 1.74 9.15 30.72
CA PHE B 500 1.12 9.35 32.01
C PHE B 500 0.09 10.45 32.02
N ARG B 501 -0.09 11.13 30.91
CA ARG B 501 -1.05 12.22 30.81
C ARG B 501 -2.08 11.91 29.73
N MET B 502 -2.00 10.68 29.21
CA MET B 502 -2.85 10.22 28.11
C MET B 502 -4.13 9.65 28.67
N VAL B 503 -5.23 9.86 27.98
CA VAL B 503 -6.51 9.27 28.35
C VAL B 503 -7.29 8.97 27.09
N HIS B 504 -7.99 7.83 27.06
CA HIS B 504 -8.88 7.49 25.95
C HIS B 504 -10.17 6.90 26.48
N ARG B 505 -11.11 6.61 25.58
CA ARG B 505 -12.43 6.08 25.94
C ARG B 505 -12.49 4.56 25.91
N GLY B 506 -11.61 3.97 25.11
CA GLY B 506 -11.55 2.52 25.03
C GLY B 506 -11.87 2.01 23.64
N SER B 507 -11.23 0.90 23.25
CA SER B 507 -11.38 0.29 21.93
C SER B 507 -12.82 0.19 21.40
N PHE B 508 -13.80 0.04 22.30
CA PHE B 508 -15.21 0.02 21.93
C PHE B 508 -15.64 1.23 21.08
N PHE B 509 -15.30 2.43 21.54
CA PHE B 509 -15.72 3.67 20.86
C PHE B 509 -14.84 4.05 19.67
N ALA B 510 -13.91 3.18 19.31
CA ALA B 510 -12.92 3.43 18.26
C ALA B 510 -13.33 2.88 16.91
N GLN B 511 -14.21 1.89 16.97
CA GLN B 511 -14.63 1.19 15.77
C GLN B 511 -15.94 1.79 15.31
N LEU B 512 -16.51 2.62 16.19
CA LEU B 512 -17.78 3.28 15.87
C LEU B 512 -17.59 4.39 14.83
N LYS B 513 -18.39 4.32 13.77
CA LYS B 513 -18.21 5.12 12.57
C LYS B 513 -18.92 6.48 12.63
N THR B 514 -18.89 7.13 13.78
CA THR B 514 -19.26 8.53 13.81
C THR B 514 -18.06 9.39 14.19
N THR B 515 -18.20 10.69 14.00
CA THR B 515 -17.13 11.62 14.28
C THR B 515 -17.26 12.19 15.68
N THR B 516 -18.48 12.19 16.20
CA THR B 516 -18.77 12.90 17.44
C THR B 516 -17.81 12.58 18.61
N VAL B 517 -17.42 11.33 18.77
CA VAL B 517 -16.46 11.01 19.82
C VAL B 517 -15.09 11.55 19.53
N ARG B 518 -14.85 11.97 18.30
CA ARG B 518 -13.52 12.46 17.92
C ARG B 518 -13.44 13.99 17.90
N LYS B 519 -14.58 14.67 17.88
CA LYS B 519 -14.61 16.12 17.79
C LYS B 519 -14.06 16.75 19.05
N LEU B 520 -13.29 17.82 18.88
CA LEU B 520 -12.90 18.67 19.99
C LEU B 520 -14.07 19.59 20.43
N LEU B 521 -14.47 19.46 21.69
CA LEU B 521 -15.67 20.16 22.19
C LEU B 521 -15.31 21.20 23.23
N PRO B 522 -16.09 22.28 23.30
CA PRO B 522 -15.98 23.34 24.32
C PRO B 522 -15.95 22.78 25.74
N GLU B 523 -16.71 21.71 25.99
CA GLU B 523 -16.76 21.21 27.35
C GLU B 523 -15.45 20.58 27.84
N SER B 524 -14.45 20.50 26.95
CA SER B 524 -13.14 19.97 27.31
C SER B 524 -12.16 21.06 27.79
N TRP B 525 -12.46 22.32 27.44
CA TRP B 525 -11.58 23.46 27.70
C TRP B 525 -10.97 23.38 29.08
N GLY B 526 -9.65 23.36 29.16
CA GLY B 526 -9.00 23.34 30.45
C GLY B 526 -8.83 21.96 31.01
N PHE B 527 -9.46 20.96 30.40
CA PHE B 527 -9.33 19.60 30.91
C PHE B 527 -8.58 18.70 29.94
N LEU B 528 -8.98 18.67 28.68
CA LEU B 528 -8.20 17.96 27.69
C LEU B 528 -7.53 18.98 26.80
N CYS B 529 -6.33 18.66 26.33
CA CYS B 529 -5.60 19.52 25.41
C CYS B 529 -6.18 19.47 24.02
N PRO B 530 -6.38 20.63 23.43
CA PRO B 530 -6.96 20.68 22.08
C PRO B 530 -5.95 20.34 20.97
N VAL B 531 -4.67 20.29 21.32
CA VAL B 531 -3.63 20.04 20.33
C VAL B 531 -3.14 18.57 20.33
N HIS B 532 -2.86 18.04 21.51
CA HIS B 532 -2.09 16.84 21.61
C HIS B 532 -2.97 15.58 21.41
N THR B 533 -3.40 15.39 20.17
CA THR B 533 -4.00 14.13 19.73
C THR B 533 -3.29 13.67 18.42
N PRO B 534 -3.08 12.35 18.24
CA PRO B 534 -2.40 11.83 17.04
C PRO B 534 -3.18 12.05 15.76
N ASP B 535 -2.51 12.09 14.61
CA ASP B 535 -3.24 12.03 13.34
C ASP B 535 -3.47 10.57 13.05
N GLY B 536 -3.91 10.26 11.84
CA GLY B 536 -4.20 8.89 11.52
C GLY B 536 -5.43 8.39 12.25
N SER B 537 -5.43 7.10 12.56
CA SER B 537 -6.64 6.46 12.99
C SER B 537 -7.06 6.66 14.45
N PRO B 538 -6.11 6.92 15.35
CA PRO B 538 -6.67 7.15 16.69
C PRO B 538 -6.98 8.63 16.90
N CYS B 539 -6.97 9.39 15.82
CA CYS B 539 -7.16 10.83 15.91
C CYS B 539 -8.45 11.18 16.61
N GLY B 540 -8.34 11.90 17.72
CA GLY B 540 -9.49 12.37 18.45
C GLY B 540 -9.84 11.42 19.59
N LEU B 541 -9.33 10.20 19.52
CA LEU B 541 -9.65 9.18 20.50
C LEU B 541 -8.60 9.10 21.61
N LEU B 542 -7.31 9.23 21.28
CA LEU B 542 -6.28 9.29 22.31
C LEU B 542 -5.95 10.74 22.59
N ASN B 543 -6.21 11.18 23.81
CA ASN B 543 -6.02 12.57 24.17
C ASN B 543 -5.09 12.70 25.34
N HIS B 544 -4.66 13.92 25.61
CA HIS B 544 -3.87 14.16 26.81
C HIS B 544 -4.49 15.30 27.60
N PHE B 545 -4.37 15.24 28.93
CA PHE B 545 -4.96 16.27 29.76
C PHE B 545 -4.20 17.55 29.56
N ALA B 546 -4.84 18.65 29.91
CA ALA B 546 -4.18 19.93 29.97
C ALA B 546 -3.23 19.83 31.16
N HIS B 547 -2.11 20.55 31.12
CA HIS B 547 -1.04 20.26 32.07
C HIS B 547 -1.40 20.57 33.51
N LYS B 548 -2.31 21.54 33.69
CA LYS B 548 -2.71 21.95 35.03
C LYS B 548 -4.00 21.28 35.55
N CYS B 549 -4.58 20.40 34.75
CA CYS B 549 -5.73 19.58 35.15
C CYS B 549 -5.33 18.47 36.13
N ARG B 550 -6.05 18.37 37.22
CA ARG B 550 -5.77 17.41 38.28
C ARG B 550 -6.89 16.37 38.32
N ILE B 551 -6.64 15.24 38.96
CA ILE B 551 -7.68 14.21 39.09
C ILE B 551 -7.82 13.74 40.54
N SER B 552 -9.00 13.88 41.12
CA SER B 552 -9.14 13.57 42.54
C SER B 552 -8.88 12.08 42.80
N THR B 553 -8.22 11.76 43.90
CA THR B 553 -7.95 10.37 44.24
C THR B 553 -8.50 10.01 45.60
N GLN B 554 -9.03 11.08 46.33
CA GLN B 554 -9.71 10.79 47.57
C GLN B 554 -11.12 11.34 47.53
N GLN B 555 -11.96 10.87 48.44
CA GLN B 555 -13.27 11.47 48.65
C GLN B 555 -13.12 12.56 49.72
N SER B 556 -13.50 13.78 49.41
CA SER B 556 -13.43 14.87 50.39
C SER B 556 -14.52 14.71 51.45
N ASP B 557 -14.21 15.12 52.68
CA ASP B 557 -15.17 15.03 53.77
C ASP B 557 -16.32 15.99 53.55
N VAL B 558 -17.49 15.46 53.21
CA VAL B 558 -18.64 16.30 53.00
C VAL B 558 -19.67 16.11 54.09
N SER B 559 -19.25 15.46 55.18
CA SER B 559 -20.17 15.09 56.26
C SER B 559 -20.88 16.31 56.90
N ARG B 560 -20.30 17.49 56.76
CA ARG B 560 -20.86 18.64 57.43
C ARG B 560 -21.62 19.55 56.48
N ILE B 561 -21.55 19.24 55.19
CA ILE B 561 -22.27 20.02 54.18
C ILE B 561 -23.81 20.08 54.40
N PRO B 562 -24.44 18.92 54.71
CA PRO B 562 -25.87 18.99 54.98
C PRO B 562 -26.24 20.03 55.99
N SER B 563 -25.53 20.15 57.11
CA SER B 563 -25.92 21.18 58.09
C SER B 563 -25.73 22.63 57.59
N ILE B 564 -24.63 22.88 56.90
CA ILE B 564 -24.43 24.16 56.24
C ILE B 564 -25.60 24.43 55.28
N LEU B 565 -26.01 23.42 54.51
CA LEU B 565 -27.13 23.58 53.57
C LEU B 565 -28.43 23.92 54.30
N TYR B 566 -28.68 23.21 55.40
CA TYR B 566 -29.91 23.40 56.13
C TYR B 566 -29.96 24.82 56.65
N SER B 567 -28.82 25.31 57.13
CA SER B 567 -28.74 26.64 57.70
C SER B 567 -28.93 27.72 56.64
N LEU B 568 -28.68 27.38 55.39
CA LEU B 568 -28.84 28.36 54.32
C LEU B 568 -30.26 28.36 53.77
N GLY B 569 -31.14 27.61 54.41
CA GLY B 569 -32.53 27.59 54.00
C GLY B 569 -32.97 26.45 53.11
N VAL B 570 -32.13 25.42 52.98
CA VAL B 570 -32.54 24.19 52.27
C VAL B 570 -33.58 23.40 53.09
N ALA B 571 -34.74 23.16 52.50
CA ALA B 571 -35.80 22.40 53.16
C ALA B 571 -35.44 20.93 53.15
N PRO B 572 -35.30 20.34 54.34
CA PRO B 572 -34.91 18.93 54.48
C PRO B 572 -35.84 17.95 53.74
N ALA B 573 -35.25 17.03 52.99
CA ALA B 573 -36.02 16.11 52.15
C ALA B 573 -36.92 15.15 52.92
N SER B 574 -36.52 14.82 54.15
CA SER B 574 -37.26 13.90 54.98
C SER B 574 -38.72 14.33 55.24
N HIS B 575 -38.98 15.63 55.24
CA HIS B 575 -40.35 16.11 55.41
C HIS B 575 -40.85 17.04 54.32
N THR B 576 -40.21 16.97 53.16
CA THR B 576 -40.57 17.85 52.06
C THR B 576 -40.78 17.03 50.81
N PHE B 577 -42.01 17.04 50.30
CA PHE B 577 -42.34 16.31 49.09
C PHE B 577 -42.47 17.28 47.93
N ALA B 578 -41.47 17.29 47.05
CA ALA B 578 -41.49 18.22 45.93
C ALA B 578 -40.94 17.47 44.75
N ALA B 579 -41.01 18.09 43.58
CA ALA B 579 -40.68 17.42 42.33
C ALA B 579 -40.65 18.39 41.15
N GLY B 580 -39.93 18.00 40.10
CA GLY B 580 -39.90 18.76 38.88
C GLY B 580 -39.12 20.07 38.93
N PRO B 581 -38.90 20.68 37.75
CA PRO B 581 -37.99 21.80 37.52
C PRO B 581 -38.52 23.14 37.97
N SER B 582 -39.64 23.17 38.66
CA SER B 582 -40.19 24.40 39.22
C SER B 582 -39.35 24.86 40.40
N LEU B 583 -38.58 23.93 40.96
CA LEU B 583 -37.67 24.29 42.04
C LEU B 583 -36.35 23.52 42.05
N CYS B 584 -35.47 23.93 42.96
CA CYS B 584 -34.09 23.48 42.95
C CYS B 584 -33.86 22.30 43.88
N CYS B 585 -33.64 21.12 43.29
CA CYS B 585 -33.28 19.97 44.09
C CYS B 585 -31.82 20.07 44.48
N VAL B 586 -31.50 19.89 45.77
CA VAL B 586 -30.13 20.02 46.27
C VAL B 586 -29.52 18.67 46.65
N GLN B 587 -28.42 18.33 45.98
CA GLN B 587 -27.79 17.01 46.13
C GLN B 587 -26.31 17.11 46.48
N ILE B 588 -25.81 16.13 47.24
CA ILE B 588 -24.38 15.99 47.47
C ILE B 588 -24.00 14.58 47.08
N ASP B 589 -23.16 14.48 46.05
CA ASP B 589 -22.60 13.19 45.65
C ASP B 589 -23.72 12.19 45.43
N GLY B 590 -24.76 12.67 44.75
CA GLY B 590 -25.88 11.83 44.38
C GLY B 590 -26.86 11.53 45.51
N LYS B 591 -26.73 12.21 46.65
CA LYS B 591 -27.76 12.12 47.70
C LYS B 591 -28.58 13.41 47.78
N ILE B 592 -29.89 13.28 47.66
CA ILE B 592 -30.78 14.42 47.82
C ILE B 592 -30.87 14.87 49.27
N ILE B 593 -30.52 16.15 49.51
CA ILE B 593 -30.51 16.75 50.84
C ILE B 593 -31.81 17.51 51.09
N GLY B 594 -32.31 18.15 50.05
CA GLY B 594 -33.54 18.90 50.16
C GLY B 594 -33.86 19.83 49.02
N TRP B 595 -34.75 20.79 49.27
CA TRP B 595 -35.31 21.63 48.22
C TRP B 595 -35.30 23.14 48.55
N VAL B 596 -35.04 23.96 47.54
CA VAL B 596 -35.11 25.40 47.68
C VAL B 596 -35.65 25.95 46.38
N SER B 597 -36.05 27.21 46.38
CA SER B 597 -36.37 27.94 45.14
C SER B 597 -35.10 28.07 44.30
N HIS B 598 -35.27 28.31 43.00
CA HIS B 598 -34.11 28.55 42.15
C HIS B 598 -33.35 29.81 42.57
N GLU B 599 -34.07 30.86 42.99
CA GLU B 599 -33.43 32.13 43.35
C GLU B 599 -32.50 31.92 44.53
N GLN B 600 -33.00 31.18 45.53
CA GLN B 600 -32.21 30.91 46.71
C GLN B 600 -31.12 29.89 46.40
N GLY B 601 -31.42 28.99 45.48
CA GLY B 601 -30.46 28.00 45.05
C GLY B 601 -29.21 28.65 44.52
N LYS B 602 -29.36 29.69 43.71
CA LYS B 602 -28.21 30.43 43.18
C LYS B 602 -27.43 31.15 44.27
N ILE B 603 -28.15 31.80 45.17
CA ILE B 603 -27.52 32.48 46.31
C ILE B 603 -26.75 31.50 47.16
N ILE B 604 -27.28 30.28 47.33
CA ILE B 604 -26.58 29.28 48.11
C ILE B 604 -25.30 28.87 47.40
N ALA B 605 -25.40 28.68 46.08
CA ALA B 605 -24.25 28.29 45.28
C ALA B 605 -23.16 29.32 45.42
N ASP B 606 -23.56 30.59 45.33
CA ASP B 606 -22.61 31.70 45.41
C ASP B 606 -22.04 31.85 46.81
N THR B 607 -22.86 31.61 47.83
CA THR B 607 -22.41 31.72 49.20
C THR B 607 -21.42 30.61 49.49
N LEU B 608 -21.80 29.39 49.11
CA LEU B 608 -20.94 28.23 49.29
C LEU B 608 -19.57 28.46 48.65
N ARG B 609 -19.56 28.99 47.43
CA ARG B 609 -18.29 29.28 46.75
C ARG B 609 -17.41 30.28 47.53
N TYR B 610 -17.99 31.43 47.90
CA TYR B 610 -17.30 32.43 48.69
C TYR B 610 -16.75 31.85 49.97
N TRP B 611 -17.55 31.07 50.69
CA TRP B 611 -17.09 30.47 51.95
C TRP B 611 -15.99 29.44 51.73
N LYS B 612 -16.14 28.67 50.66
CA LYS B 612 -15.22 27.62 50.28
C LYS B 612 -13.81 28.20 50.10
N VAL B 613 -13.75 29.27 49.32
CA VAL B 613 -12.50 29.93 48.93
C VAL B 613 -11.88 30.72 50.09
N GLU B 614 -12.73 31.42 50.84
CA GLU B 614 -12.30 32.07 52.08
C GLU B 614 -11.57 31.12 53.03
N GLY B 615 -12.03 29.88 53.14
CA GLY B 615 -11.30 28.88 53.87
C GLY B 615 -11.47 28.89 55.37
N LYS B 616 -12.52 29.57 55.84
CA LYS B 616 -12.73 29.71 57.27
C LYS B 616 -13.95 28.96 57.76
N THR B 617 -14.57 28.20 56.86
CA THR B 617 -15.75 27.39 57.23
C THR B 617 -15.37 25.92 57.29
N PRO B 618 -15.37 25.33 58.49
CA PRO B 618 -14.91 23.95 58.60
C PRO B 618 -15.93 22.98 58.02
N GLY B 619 -15.44 21.95 57.34
CA GLY B 619 -16.31 20.97 56.71
C GLY B 619 -16.63 21.31 55.28
N LEU B 620 -16.03 22.38 54.78
CA LEU B 620 -16.27 22.85 53.42
C LEU B 620 -14.96 23.08 52.64
N PRO B 621 -14.48 22.06 51.91
CA PRO B 621 -13.14 22.00 51.30
C PRO B 621 -13.04 22.74 49.97
N ILE B 622 -11.89 23.34 49.62
CA ILE B 622 -11.78 24.15 48.40
C ILE B 622 -12.24 23.45 47.16
N ASP B 623 -12.04 22.12 47.13
CA ASP B 623 -12.25 21.37 45.90
C ASP B 623 -13.70 20.96 45.67
N LEU B 624 -14.62 21.44 46.49
CA LEU B 624 -16.00 21.06 46.28
C LEU B 624 -16.50 21.59 44.95
N GLU B 625 -17.02 20.70 44.09
CA GLU B 625 -17.71 21.15 42.88
C GLU B 625 -19.09 21.66 43.24
N ILE B 626 -19.40 22.86 42.78
CA ILE B 626 -20.71 23.46 43.04
C ILE B 626 -21.48 23.50 41.72
N GLY B 627 -22.15 22.40 41.41
CA GLY B 627 -22.86 22.28 40.15
C GLY B 627 -24.25 22.90 40.15
N TYR B 628 -24.31 24.22 40.18
CA TYR B 628 -25.59 24.91 40.08
C TYR B 628 -26.02 24.98 38.65
N VAL B 629 -27.23 24.53 38.41
CA VAL B 629 -27.79 24.57 37.06
C VAL B 629 -29.09 25.36 37.15
N PRO B 630 -29.10 26.56 36.55
CA PRO B 630 -30.28 27.42 36.60
C PRO B 630 -31.47 26.84 35.86
N PRO B 631 -32.66 27.34 36.17
CA PRO B 631 -33.82 27.07 35.31
C PRO B 631 -33.55 27.65 33.94
N SER B 632 -34.21 27.11 32.92
CA SER B 632 -34.03 27.61 31.57
C SER B 632 -35.25 27.21 30.79
N THR B 633 -35.26 27.52 29.50
CA THR B 633 -36.34 27.07 28.63
C THR B 633 -35.85 25.94 27.71
N ARG B 634 -36.19 24.71 28.08
CA ARG B 634 -35.76 23.50 27.35
C ARG B 634 -34.26 23.21 27.38
N GLY B 635 -33.58 23.71 28.40
CA GLY B 635 -32.18 23.41 28.63
C GLY B 635 -31.95 22.25 29.56
N GLN B 636 -30.79 22.24 30.20
CA GLN B 636 -30.43 21.16 31.09
C GLN B 636 -31.32 21.20 32.31
N TYR B 637 -31.70 20.01 32.77
CA TYR B 637 -32.56 19.87 33.94
C TYR B 637 -31.88 20.52 35.16
N PRO B 638 -32.55 21.46 35.81
CA PRO B 638 -31.98 22.32 36.84
C PRO B 638 -31.70 21.63 38.17
N GLY B 639 -31.05 22.36 39.06
CA GLY B 639 -30.79 21.87 40.40
C GLY B 639 -29.42 22.29 40.87
N LEU B 640 -29.09 21.95 42.11
CA LEU B 640 -27.80 22.27 42.68
C LEU B 640 -27.07 20.98 43.01
N TYR B 641 -26.12 20.59 42.17
CA TYR B 641 -25.40 19.33 42.35
C TYR B 641 -23.98 19.52 42.91
N LEU B 642 -23.78 19.19 44.18
CA LEU B 642 -22.47 19.25 44.78
C LEU B 642 -21.75 17.92 44.68
N PHE B 643 -20.48 17.95 44.28
CA PHE B 643 -19.65 16.75 44.23
C PHE B 643 -18.35 16.91 45.00
N GLY B 644 -17.92 15.85 45.65
CA GLY B 644 -16.65 15.85 46.34
C GLY B 644 -15.92 14.52 46.21
N GLY B 645 -16.18 13.79 45.13
CA GLY B 645 -15.68 12.43 44.99
C GLY B 645 -14.31 12.17 44.38
N HIS B 646 -13.94 10.89 44.28
CA HIS B 646 -12.67 10.48 43.70
C HIS B 646 -12.63 10.71 42.18
N SER B 647 -11.43 10.96 41.67
CA SER B 647 -11.15 10.81 40.25
C SER B 647 -11.59 12.04 39.46
N ARG B 648 -12.00 13.08 40.18
CA ARG B 648 -12.49 14.30 39.57
C ARG B 648 -11.43 15.13 38.84
N MET B 649 -11.76 15.64 37.66
CA MET B 649 -10.88 16.61 37.02
C MET B 649 -11.04 17.97 37.67
N LEU B 650 -9.93 18.55 38.12
CA LEU B 650 -9.92 19.83 38.80
C LEU B 650 -8.81 20.71 38.24
N ARG B 651 -9.05 22.02 38.16
CA ARG B 651 -8.01 22.94 37.64
C ARG B 651 -8.04 24.27 38.36
N PRO B 652 -6.87 24.92 38.48
CA PRO B 652 -6.87 26.21 39.19
C PRO B 652 -7.29 27.36 38.26
N VAL B 653 -8.17 28.22 38.79
CA VAL B 653 -8.54 29.47 38.13
C VAL B 653 -8.62 30.52 39.21
N ARG B 654 -8.68 31.79 38.81
CA ARG B 654 -8.57 32.91 39.75
C ARG B 654 -9.91 33.59 40.00
N TYR B 655 -10.29 33.62 41.28
CA TYR B 655 -11.59 34.14 41.73
C TYR B 655 -11.50 35.64 41.99
N LEU B 656 -12.36 36.43 41.35
CA LEU B 656 -12.21 37.90 41.39
C LEU B 656 -12.77 38.66 42.61
N PRO B 657 -13.82 38.16 43.29
CA PRO B 657 -14.26 38.92 44.46
C PRO B 657 -13.22 39.05 45.58
N LEU B 658 -12.56 37.96 45.95
CA LEU B 658 -11.33 38.02 46.74
C LEU B 658 -10.29 38.09 45.64
N ASP B 659 -9.04 37.75 45.89
CA ASP B 659 -8.17 37.57 44.72
C ASP B 659 -7.41 36.28 44.87
N LYS B 660 -8.13 35.18 45.11
CA LYS B 660 -7.47 33.95 45.46
C LYS B 660 -7.69 32.92 44.41
N GLU B 661 -6.92 31.86 44.52
CA GLU B 661 -7.10 30.67 43.70
C GLU B 661 -8.43 29.98 44.05
N ASP B 662 -9.18 29.62 43.01
CA ASP B 662 -10.33 28.75 43.13
C ASP B 662 -10.03 27.44 42.37
N ILE B 663 -10.74 26.36 42.71
CA ILE B 663 -10.57 25.08 42.02
C ILE B 663 -11.87 24.69 41.37
N VAL B 664 -11.80 24.24 40.11
CA VAL B 664 -12.97 24.12 39.28
C VAL B 664 -12.98 22.82 38.45
N GLY B 665 -14.16 22.17 38.39
CA GLY B 665 -14.35 20.98 37.58
C GLY B 665 -15.14 21.23 36.32
N PRO B 666 -15.14 20.24 35.40
CA PRO B 666 -15.77 20.38 34.08
C PRO B 666 -17.29 20.45 34.13
N PHE B 667 -17.91 19.99 35.21
CA PHE B 667 -19.36 20.02 35.34
C PHE B 667 -19.82 21.43 35.62
N GLU B 668 -19.16 22.08 36.58
CA GLU B 668 -19.53 23.44 36.98
C GLU B 668 -19.14 24.49 35.94
N GLN B 669 -18.09 24.20 35.19
CA GLN B 669 -17.51 25.19 34.29
C GLN B 669 -18.43 25.60 33.16
N VAL B 670 -19.28 24.68 32.73
CA VAL B 670 -20.20 24.93 31.62
C VAL B 670 -21.01 26.23 31.81
N TYR B 671 -21.31 26.57 33.06
CA TYR B 671 -22.09 27.77 33.37
C TYR B 671 -21.25 28.91 33.96
N MET B 672 -19.93 28.73 34.05
CA MET B 672 -19.03 29.73 34.63
C MET B 672 -18.44 30.75 33.65
N ASN B 673 -18.53 32.03 33.98
CA ASN B 673 -17.87 33.02 33.13
C ASN B 673 -16.43 33.31 33.56
N ILE B 674 -15.47 32.69 32.87
CA ILE B 674 -14.07 32.78 33.23
C ILE B 674 -13.27 33.50 32.13
N ALA B 675 -12.80 34.72 32.42
CA ALA B 675 -12.13 35.51 31.38
C ALA B 675 -10.75 34.93 31.05
N VAL B 676 -10.33 35.02 29.81
CA VAL B 676 -9.05 34.43 29.42
C VAL B 676 -7.88 35.23 29.96
N THR B 677 -7.97 36.55 29.86
CA THR B 677 -6.93 37.46 30.35
C THR B 677 -7.57 38.59 31.16
N PRO B 678 -6.81 39.15 32.10
CA PRO B 678 -7.36 40.23 32.93
C PRO B 678 -7.86 41.41 32.10
N GLN B 679 -7.26 41.61 30.93
CA GLN B 679 -7.69 42.70 30.07
C GLN B 679 -9.12 42.50 29.56
N GLU B 680 -9.55 41.26 29.42
CA GLU B 680 -10.81 40.97 28.75
C GLU B 680 -11.99 40.78 29.69
N ILE B 681 -11.76 41.06 30.99
CA ILE B 681 -12.80 40.96 32.02
C ILE B 681 -13.91 41.99 31.84
N GLN B 682 -15.16 41.54 31.80
CA GLN B 682 -16.31 42.45 31.68
C GLN B 682 -17.08 42.53 32.98
N ASN B 683 -17.58 43.73 33.29
CA ASN B 683 -18.40 43.99 34.46
C ASN B 683 -19.67 43.18 34.43
N ASN B 684 -20.12 42.71 35.59
CA ASN B 684 -21.38 41.96 35.69
C ASN B 684 -21.42 40.75 34.76
N VAL B 685 -20.26 40.22 34.43
CA VAL B 685 -20.16 39.08 33.54
C VAL B 685 -19.20 38.06 34.10
N HIS B 686 -17.92 38.40 34.18
CA HIS B 686 -16.94 37.43 34.62
C HIS B 686 -16.76 37.44 36.13
N THR B 687 -16.81 36.24 36.71
CA THR B 687 -16.52 35.99 38.14
C THR B 687 -15.09 35.49 38.40
N HIS B 688 -14.47 34.92 37.37
CA HIS B 688 -13.10 34.44 37.45
C HIS B 688 -12.30 34.90 36.23
N VAL B 689 -10.99 34.75 36.30
CA VAL B 689 -10.11 34.92 35.15
C VAL B 689 -9.05 33.81 35.25
N GLU B 690 -8.46 33.43 34.13
CA GLU B 690 -7.40 32.42 34.13
C GLU B 690 -6.12 32.96 34.72
N PHE B 691 -5.33 32.09 35.33
CA PHE B 691 -4.00 32.50 35.75
C PHE B 691 -3.13 32.85 34.53
N THR B 692 -3.10 31.94 33.54
CA THR B 692 -2.61 32.25 32.19
C THR B 692 -3.20 31.22 31.25
N PRO B 693 -3.41 31.61 30.00
CA PRO B 693 -3.94 30.67 29.02
C PRO B 693 -3.06 29.44 28.89
N THR B 694 -1.77 29.52 29.21
CA THR B 694 -0.91 28.33 29.06
C THR B 694 -1.40 27.17 29.93
N ASN B 695 -2.25 27.45 30.90
CA ASN B 695 -2.86 26.40 31.71
C ASN B 695 -3.71 25.39 30.92
N ILE B 696 -4.13 25.77 29.72
CA ILE B 696 -5.04 24.94 28.97
C ILE B 696 -4.33 23.98 28.05
N LEU B 697 -3.02 24.14 27.95
CA LEU B 697 -2.23 23.28 27.08
C LEU B 697 -1.56 22.17 27.88
N SER B 698 -1.35 21.05 27.20
CA SER B 698 -0.45 19.98 27.60
C SER B 698 1.02 20.30 27.32
N ILE B 699 1.91 19.56 27.98
CA ILE B 699 3.29 19.99 28.14
C ILE B 699 4.04 20.14 26.82
N LEU B 700 3.82 19.21 25.89
CA LEU B 700 4.50 19.28 24.60
C LEU B 700 4.00 20.46 23.78
N ALA B 701 2.69 20.68 23.85
CA ALA B 701 2.07 21.78 23.12
C ALA B 701 2.57 23.11 23.64
N ASN B 702 2.88 23.15 24.93
CA ASN B 702 3.39 24.37 25.57
C ASN B 702 4.82 24.69 25.17
N LEU B 703 5.55 23.69 24.69
CA LEU B 703 6.97 23.85 24.42
C LEU B 703 7.23 24.38 23.01
N THR B 704 6.27 24.15 22.11
CA THR B 704 6.39 24.65 20.76
C THR B 704 6.46 26.17 20.75
N PRO B 705 7.60 26.71 20.31
CA PRO B 705 7.84 28.16 20.30
C PRO B 705 6.96 28.88 19.31
N PHE B 706 6.34 29.96 19.76
CA PHE B 706 5.52 30.84 18.93
C PHE B 706 4.38 30.08 18.25
N SER B 707 3.84 29.07 18.91
CA SER B 707 2.78 28.26 18.32
C SER B 707 1.59 29.06 17.86
N ASP B 708 1.37 30.23 18.45
CA ASP B 708 0.22 31.06 18.06
C ASP B 708 0.42 31.73 16.71
N PHE B 709 1.53 31.39 16.06
CA PHE B 709 1.87 31.89 14.74
C PHE B 709 1.99 30.76 13.70
N ASN B 710 1.61 29.54 14.09
CA ASN B 710 1.56 28.42 13.14
C ASN B 710 0.13 28.01 12.88
N GLN B 711 -0.14 27.59 11.64
CA GLN B 711 -1.41 26.91 11.35
C GLN B 711 -1.52 25.68 12.24
N SER B 712 -2.72 25.35 12.67
CA SER B 712 -2.90 24.32 13.72
C SER B 712 -2.30 22.95 13.46
N PRO B 713 -2.43 22.42 12.24
CA PRO B 713 -1.87 21.08 12.03
C PRO B 713 -0.36 20.97 12.23
N ARG B 714 0.38 22.08 12.08
CA ARG B 714 1.80 22.11 12.33
C ARG B 714 2.09 21.96 13.80
N ASN B 715 1.39 22.68 14.64
CA ASN B 715 1.58 22.52 16.08
C ASN B 715 1.19 21.10 16.49
N MET B 716 0.21 20.54 15.80
CA MET B 716 -0.23 19.18 16.06
C MET B 716 0.90 18.26 15.66
N TYR B 717 1.39 18.46 14.44
CA TYR B 717 2.48 17.65 13.95
C TYR B 717 3.74 17.71 14.82
N GLN B 718 4.07 18.88 15.35
CA GLN B 718 5.23 18.99 16.24
C GLN B 718 5.15 18.06 17.45
N CYS B 719 3.97 17.87 17.99
CA CYS B 719 3.82 16.98 19.13
C CYS B 719 4.16 15.55 18.72
N GLN B 720 3.89 15.22 17.48
CA GLN B 720 4.23 13.91 16.97
C GLN B 720 5.74 13.77 16.74
N MET B 721 6.33 14.77 16.09
CA MET B 721 7.77 14.76 15.85
C MET B 721 8.58 14.75 17.14
N GLY B 722 8.24 15.61 18.08
CA GLY B 722 8.96 15.67 19.35
C GLY B 722 9.04 14.31 20.02
N LYS B 723 7.98 13.50 19.89
CA LYS B 723 7.91 12.17 20.50
C LYS B 723 8.63 11.10 19.64
N GLN B 724 9.06 11.51 18.46
CA GLN B 724 9.70 10.57 17.57
C GLN B 724 11.22 10.92 17.42
N THR B 725 11.69 11.96 18.11
CA THR B 725 13.09 12.37 17.89
C THR B 725 14.11 11.50 18.62
N MET B 726 15.29 11.36 18.02
CA MET B 726 16.45 10.76 18.67
C MET B 726 17.00 11.80 19.65
N GLY B 727 16.79 11.58 20.94
CA GLY B 727 17.16 12.58 21.93
C GLY B 727 17.84 11.96 23.12
N THR B 728 17.30 12.22 24.32
CA THR B 728 17.89 11.65 25.53
C THR B 728 16.93 10.71 26.27
N PRO B 729 17.16 9.40 26.20
CA PRO B 729 16.24 8.47 26.86
C PRO B 729 16.45 8.47 28.37
N GLY B 730 17.59 9.01 28.77
CA GLY B 730 17.92 8.97 30.16
C GLY B 730 19.42 8.99 30.31
N VAL B 731 19.87 8.93 31.54
CA VAL B 731 21.25 9.23 31.83
C VAL B 731 21.87 8.09 32.64
N ALA B 732 21.01 7.32 33.32
CA ALA B 732 21.43 6.13 34.08
C ALA B 732 21.45 4.88 33.18
N LEU B 733 21.81 5.09 31.91
CA LEU B 733 21.62 4.07 30.89
C LEU B 733 22.44 2.84 31.14
N CYS B 734 23.49 2.97 31.96
CA CYS B 734 24.41 1.86 32.12
C CYS B 734 23.90 0.77 33.06
N HIS B 735 22.74 1.00 33.67
CA HIS B 735 22.14 0.01 34.56
C HIS B 735 20.86 -0.52 33.97
N ARG B 736 20.69 -0.26 32.68
CA ARG B 736 19.51 -0.65 31.95
C ARG B 736 19.84 -1.72 30.93
N SER B 737 18.86 -2.56 30.63
CA SER B 737 19.00 -3.58 29.61
C SER B 737 17.74 -3.54 28.75
N ASP B 738 17.40 -2.33 28.30
CA ASP B 738 16.25 -2.12 27.44
C ASP B 738 16.40 -2.77 26.08
N ASN B 739 15.26 -3.06 25.48
CA ASN B 739 15.23 -3.70 24.19
C ASN B 739 15.91 -2.84 23.13
N LYS B 740 15.55 -1.56 23.08
CA LYS B 740 16.08 -0.63 22.07
C LYS B 740 16.11 0.80 22.62
N LEU B 741 17.27 1.44 22.57
CA LEU B 741 17.39 2.84 22.98
C LEU B 741 17.98 3.64 21.84
N TYR B 742 17.47 4.85 21.65
CA TYR B 742 18.06 5.79 20.71
C TYR B 742 18.66 6.94 21.49
N ARG B 743 19.85 7.36 21.10
CA ARG B 743 20.51 8.43 21.86
C ARG B 743 21.22 9.45 20.97
N LEU B 744 20.77 10.69 21.02
CA LEU B 744 21.51 11.80 20.42
C LEU B 744 22.71 12.04 21.32
N GLN B 745 23.88 12.24 20.73
CA GLN B 745 25.08 12.32 21.55
C GLN B 745 25.22 13.66 22.23
N THR B 746 25.10 14.73 21.45
CA THR B 746 25.25 16.09 21.96
C THR B 746 24.02 16.95 21.73
N GLY B 747 23.26 17.18 22.79
CA GLY B 747 22.16 18.11 22.72
C GLY B 747 22.56 19.48 23.21
N GLN B 748 21.78 20.49 22.81
CA GLN B 748 21.93 21.83 23.34
C GLN B 748 20.62 22.32 23.94
N THR B 749 20.70 23.26 24.89
CA THR B 749 19.52 23.98 25.36
C THR B 749 19.06 24.82 24.19
N PRO B 750 17.75 24.98 24.02
CA PRO B 750 17.31 25.87 22.95
C PRO B 750 17.51 27.36 23.32
N ILE B 751 17.93 28.19 22.38
CA ILE B 751 18.04 29.62 22.65
C ILE B 751 16.64 30.23 22.77
N VAL B 752 15.75 29.79 21.87
CA VAL B 752 14.33 30.13 21.90
C VAL B 752 13.56 29.02 22.62
N LYS B 753 12.90 29.39 23.71
CA LYS B 753 12.47 28.45 24.73
C LYS B 753 11.12 28.90 25.14
N ALA B 754 10.30 27.96 25.61
CA ALA B 754 9.12 28.30 26.40
C ALA B 754 9.58 28.27 27.86
N ASN B 755 9.09 29.16 28.71
CA ASN B 755 9.60 29.18 30.07
C ASN B 755 9.30 27.87 30.77
N LEU B 756 8.21 27.23 30.37
CA LEU B 756 7.85 25.96 30.95
C LEU B 756 8.88 24.86 30.63
N TYR B 757 9.70 25.07 29.61
CA TYR B 757 10.76 24.13 29.31
C TYR B 757 11.70 24.01 30.52
N ASP B 758 11.90 25.11 31.22
CA ASP B 758 12.73 25.09 32.41
C ASP B 758 11.95 24.41 33.54
N ASP B 759 10.67 24.72 33.65
CA ASP B 759 9.86 24.23 34.77
C ASP B 759 9.69 22.71 34.81
N TYR B 760 9.70 22.08 33.64
CA TYR B 760 9.59 20.62 33.55
C TYR B 760 10.96 19.92 33.53
N GLY B 761 12.02 20.70 33.79
CA GLY B 761 13.38 20.20 33.79
C GLY B 761 13.86 19.57 32.50
N MET B 762 13.48 20.14 31.37
CA MET B 762 13.74 19.53 30.08
C MET B 762 15.21 19.48 29.66
N ASP B 763 16.05 20.24 30.34
CA ASP B 763 17.47 20.23 30.02
C ASP B 763 18.09 18.93 30.48
N ASN B 764 17.40 18.21 31.35
CA ASN B 764 17.90 16.92 31.78
C ASN B 764 17.80 15.88 30.69
N PHE B 765 17.06 16.19 29.65
CA PHE B 765 16.92 15.32 28.49
C PHE B 765 16.97 16.13 27.19
N PRO B 766 18.17 16.60 26.83
CA PRO B 766 18.35 17.38 25.60
C PRO B 766 17.75 16.60 24.44
N ASN B 767 17.05 17.29 23.55
CA ASN B 767 16.21 16.68 22.55
C ASN B 767 16.50 17.21 21.15
N GLY B 768 17.59 17.94 21.00
CA GLY B 768 17.85 18.61 19.74
C GLY B 768 19.04 19.52 19.85
N PHE B 769 19.20 20.39 18.86
CA PHE B 769 20.39 21.25 18.80
C PHE B 769 20.09 22.52 18.01
N ASN B 770 20.89 23.56 18.27
CA ASN B 770 20.67 24.83 17.61
C ASN B 770 21.46 24.88 16.32
N ALA B 771 20.77 24.73 15.20
CA ALA B 771 21.42 24.76 13.89
C ALA B 771 21.46 26.16 13.28
N VAL B 772 22.46 26.41 12.44
CA VAL B 772 22.40 27.59 11.62
C VAL B 772 21.60 27.21 10.38
N VAL B 773 20.42 27.80 10.24
CA VAL B 773 19.55 27.41 9.17
C VAL B 773 19.38 28.54 8.20
N ALA B 774 19.55 28.22 6.92
CA ALA B 774 19.28 29.15 5.84
C ALA B 774 18.04 28.72 5.04
N VAL B 775 17.13 29.65 4.79
CA VAL B 775 15.98 29.39 3.95
C VAL B 775 16.34 29.78 2.55
N ILE B 776 16.92 28.84 1.81
CA ILE B 776 17.43 29.17 0.48
C ILE B 776 17.18 28.04 -0.53
N SER B 777 16.83 28.42 -1.75
CA SER B 777 16.88 27.53 -2.90
C SER B 777 18.26 27.70 -3.47
N TYR B 778 19.00 26.61 -3.55
CA TYR B 778 20.40 26.72 -3.96
C TYR B 778 20.95 25.37 -4.49
N THR B 779 20.85 24.31 -3.69
CA THR B 779 21.43 23.04 -4.11
C THR B 779 20.66 22.35 -5.21
N GLY B 780 19.35 22.57 -5.25
CA GLY B 780 18.55 21.86 -6.24
C GLY B 780 18.09 20.48 -5.78
N TYR B 781 18.52 20.09 -4.58
CA TYR B 781 18.29 18.76 -4.04
C TYR B 781 17.34 18.86 -2.86
N ASP B 782 16.78 20.04 -2.64
CA ASP B 782 16.03 20.33 -1.43
C ASP B 782 14.54 20.64 -1.70
N MET B 783 14.07 20.29 -2.90
CA MET B 783 12.65 20.45 -3.23
C MET B 783 11.85 19.31 -2.61
N ASP B 784 10.53 19.41 -2.61
CA ASP B 784 9.65 18.37 -2.05
C ASP B 784 9.96 17.99 -0.59
N ASP B 785 10.29 18.99 0.21
CA ASP B 785 10.56 18.83 1.63
C ASP B 785 11.83 18.08 1.95
N ALA B 786 12.65 17.81 0.94
CA ALA B 786 13.97 17.27 1.20
C ALA B 786 14.84 18.39 1.77
N MET B 787 15.84 18.04 2.58
CA MET B 787 16.74 19.05 3.15
C MET B 787 18.20 18.67 3.02
N ILE B 788 19.05 19.66 3.28
CA ILE B 788 20.49 19.56 3.11
C ILE B 788 21.18 19.67 4.46
N ILE B 789 22.19 18.86 4.69
CA ILE B 789 23.02 19.01 5.88
C ILE B 789 24.44 19.31 5.42
N ASN B 790 25.08 20.26 6.10
CA ASN B 790 26.45 20.61 5.77
C ASN B 790 27.40 19.44 6.04
N LYS B 791 28.17 19.06 5.02
CA LYS B 791 29.07 17.89 5.11
C LYS B 791 30.12 18.06 6.19
N SER B 792 30.60 19.27 6.39
CA SER B 792 31.66 19.50 7.38
C SER B 792 31.04 19.56 8.73
N ALA B 793 29.85 20.15 8.80
CA ALA B 793 29.09 20.16 10.05
C ALA B 793 28.93 18.73 10.52
N ASP B 794 28.46 17.86 9.62
CA ASP B 794 28.34 16.46 9.94
C ASP B 794 29.67 15.92 10.45
N GLU B 795 30.73 16.11 9.67
CA GLU B 795 32.04 15.55 10.03
C GLU B 795 32.58 16.09 11.35
N ARG B 796 32.00 17.18 11.84
CA ARG B 796 32.46 17.78 13.09
C ARG B 796 31.58 17.41 14.28
N GLY B 797 30.69 16.44 14.09
CA GLY B 797 29.82 15.94 15.14
C GLY B 797 28.31 16.29 15.11
N PHE B 798 27.89 17.07 14.14
CA PHE B 798 26.48 17.39 14.04
C PHE B 798 25.71 16.08 13.84
N GLY B 799 24.59 15.95 14.55
CA GLY B 799 23.59 14.95 14.22
C GLY B 799 23.92 13.57 14.75
N TYR B 800 25.00 13.46 15.52
CA TYR B 800 25.61 12.17 15.81
C TYR B 800 24.72 11.27 16.68
N GLY B 801 24.75 9.97 16.41
CA GLY B 801 23.84 9.03 17.05
C GLY B 801 24.54 7.78 17.54
N THR B 802 23.95 7.13 18.55
CA THR B 802 24.20 5.73 18.81
C THR B 802 22.89 4.95 19.07
N MET B 803 22.90 3.65 18.76
CA MET B 803 21.80 2.77 19.14
C MET B 803 22.32 1.63 19.98
N TYR B 804 21.56 1.23 21.00
CA TYR B 804 21.92 0.08 21.83
C TYR B 804 20.84 -0.98 21.74
N LYS B 805 21.24 -2.24 21.58
CA LYS B 805 20.30 -3.38 21.61
C LYS B 805 20.75 -4.38 22.65
N THR B 806 19.85 -4.85 23.53
CA THR B 806 20.19 -5.92 24.47
C THR B 806 19.52 -7.25 24.14
N GLU B 807 20.31 -8.30 23.98
CA GLU B 807 19.81 -9.63 23.64
C GLU B 807 20.02 -10.51 24.84
N LYS B 808 19.10 -11.42 25.12
CA LYS B 808 19.27 -12.33 26.26
C LYS B 808 19.59 -13.73 25.76
N VAL B 809 20.75 -14.25 26.11
CA VAL B 809 21.06 -15.63 25.77
C VAL B 809 20.85 -16.48 27.01
N ASP B 810 19.94 -17.44 26.91
CA ASP B 810 19.50 -18.24 28.06
C ASP B 810 19.40 -19.72 27.69
N LEU B 811 20.47 -20.48 27.90
CA LEU B 811 20.47 -21.86 27.46
C LEU B 811 19.79 -22.84 28.43
N ALA B 812 18.95 -22.30 29.32
CA ALA B 812 18.04 -23.09 30.12
C ALA B 812 16.65 -23.06 29.48
N LEU B 813 16.61 -22.61 28.23
CA LEU B 813 15.37 -22.39 27.49
C LEU B 813 14.66 -23.70 27.17
N ASN B 814 15.45 -24.73 26.87
CA ASN B 814 14.91 -26.05 26.53
C ASN B 814 14.61 -26.92 27.76
N ARG B 815 15.57 -26.99 28.68
CA ARG B 815 15.51 -27.84 29.87
C ARG B 815 14.15 -27.87 30.57
N ASN B 816 13.67 -29.08 30.88
CA ASN B 816 12.38 -29.23 31.55
C ASN B 816 12.47 -29.04 33.06
N ARG B 817 12.49 -27.76 33.47
CA ARG B 817 12.36 -27.35 34.88
C ARG B 817 13.29 -28.01 35.90
N GLY B 818 14.30 -27.28 36.37
CA GLY B 818 15.24 -27.78 37.35
C GLY B 818 15.85 -29.12 36.95
N ASP B 819 16.05 -29.27 35.64
CA ASP B 819 16.46 -30.52 35.00
C ASP B 819 17.99 -30.64 35.12
N PRO B 820 18.55 -31.81 34.77
CA PRO B 820 20.02 -31.82 34.72
C PRO B 820 20.48 -30.85 33.64
N ILE B 821 21.62 -30.20 33.85
CA ILE B 821 22.07 -29.18 32.90
C ILE B 821 22.94 -29.77 31.80
N THR B 822 22.49 -29.60 30.57
CA THR B 822 23.20 -30.15 29.42
C THR B 822 24.31 -29.21 28.96
N GLN B 823 24.00 -27.92 28.90
CA GLN B 823 24.88 -26.95 28.23
C GLN B 823 25.50 -25.92 29.18
N HIS B 824 26.82 -25.81 29.15
CA HIS B 824 27.55 -24.90 30.05
C HIS B 824 28.39 -23.93 29.24
N PHE B 825 28.40 -22.67 29.66
CA PHE B 825 29.20 -21.68 28.96
C PHE B 825 30.68 -22.00 29.11
N GLY B 826 31.36 -22.08 27.98
CA GLY B 826 32.77 -22.33 27.98
C GLY B 826 33.14 -23.21 26.82
N PHE B 827 34.38 -23.67 26.80
CA PHE B 827 34.82 -24.53 25.72
C PHE B 827 35.03 -25.95 26.18
N GLY B 828 34.78 -26.89 25.27
CA GLY B 828 35.02 -28.29 25.52
C GLY B 828 36.43 -28.63 25.10
N ASN B 829 36.79 -29.91 25.20
CA ASN B 829 38.14 -30.33 24.81
C ASN B 829 38.19 -31.05 23.45
N ASP B 830 37.04 -31.13 22.78
CA ASP B 830 37.00 -31.63 21.41
C ASP B 830 37.65 -30.59 20.51
N GLU B 831 37.72 -30.84 19.21
CA GLU B 831 38.34 -29.86 18.33
C GLU B 831 37.36 -28.88 17.66
N TRP B 832 37.56 -27.61 17.94
CA TRP B 832 36.67 -26.54 17.48
C TRP B 832 37.52 -25.41 16.91
N PRO B 833 36.96 -24.62 15.98
CA PRO B 833 37.64 -23.64 15.12
C PRO B 833 38.95 -22.98 15.55
N LYS B 834 38.97 -22.31 16.71
CA LYS B 834 40.12 -21.51 17.20
C LYS B 834 40.03 -20.03 16.78
N GLU B 835 39.42 -19.76 15.62
CA GLU B 835 39.14 -18.38 15.20
C GLU B 835 38.16 -17.80 16.20
N TRP B 836 37.44 -18.71 16.86
CA TRP B 836 36.46 -18.37 17.86
C TRP B 836 37.03 -17.51 19.00
N LEU B 837 38.29 -17.74 19.36
CA LEU B 837 38.91 -17.02 20.48
C LEU B 837 39.21 -15.57 20.14
N GLU B 838 38.99 -15.18 18.88
CA GLU B 838 39.17 -13.79 18.47
C GLU B 838 38.05 -12.95 19.04
N LYS B 839 36.86 -13.54 19.09
CA LYS B 839 35.68 -12.87 19.65
C LYS B 839 35.42 -13.23 21.12
N LEU B 840 35.74 -14.47 21.49
CA LEU B 840 35.33 -15.01 22.79
C LEU B 840 36.44 -15.27 23.81
N ASP B 841 36.18 -14.86 25.06
CA ASP B 841 37.07 -15.12 26.18
C ASP B 841 36.93 -16.58 26.60
N GLU B 842 37.71 -16.98 27.59
CA GLU B 842 37.79 -18.38 28.02
C GLU B 842 36.47 -18.91 28.57
N ASP B 843 35.66 -18.02 29.13
CA ASP B 843 34.40 -18.41 29.73
C ASP B 843 33.34 -18.73 28.67
N GLY B 844 33.61 -18.36 27.42
CA GLY B 844 32.66 -18.55 26.34
C GLY B 844 31.79 -17.33 26.13
N LEU B 845 32.13 -16.27 26.85
CA LEU B 845 31.47 -14.99 26.70
C LEU B 845 32.37 -14.06 25.86
N PRO B 846 31.78 -13.06 25.19
CA PRO B 846 32.61 -12.24 24.30
C PRO B 846 33.38 -11.16 25.04
N TYR B 847 34.62 -10.90 24.67
CA TYR B 847 35.38 -9.82 25.29
C TYR B 847 34.66 -8.50 25.08
N ILE B 848 34.57 -7.67 26.11
CA ILE B 848 33.95 -6.36 25.96
C ILE B 848 34.72 -5.47 24.99
N GLY B 849 34.01 -4.81 24.09
CA GLY B 849 34.64 -3.89 23.15
C GLY B 849 34.76 -4.44 21.73
N THR B 850 34.63 -5.74 21.62
CA THR B 850 34.81 -6.46 20.37
C THR B 850 33.88 -6.01 19.26
N TYR B 851 34.44 -5.80 18.08
CA TYR B 851 33.63 -5.57 16.89
C TYR B 851 33.03 -6.90 16.44
N VAL B 852 31.76 -6.88 16.07
CA VAL B 852 31.03 -8.09 15.78
C VAL B 852 30.08 -7.85 14.63
N GLU B 853 30.31 -8.57 13.53
CA GLU B 853 29.42 -8.47 12.37
C GLU B 853 28.74 -9.81 12.06
N GLU B 854 27.73 -9.78 11.20
CA GLU B 854 26.83 -10.92 10.99
C GLU B 854 27.57 -12.24 10.79
N GLY B 855 27.22 -13.23 11.60
CA GLY B 855 27.84 -14.53 11.53
C GLY B 855 28.89 -14.80 12.59
N ASP B 856 29.41 -13.75 13.22
CA ASP B 856 30.44 -13.93 14.24
C ASP B 856 29.91 -14.64 15.49
N PRO B 857 30.80 -15.24 16.27
CA PRO B 857 30.35 -15.84 17.53
C PRO B 857 30.05 -14.77 18.55
N ILE B 858 28.99 -14.92 19.34
CA ILE B 858 28.81 -14.03 20.47
C ILE B 858 28.73 -14.84 21.74
N CYS B 859 28.95 -16.14 21.60
CA CYS B 859 28.69 -17.07 22.68
C CYS B 859 29.21 -18.46 22.37
N ALA B 860 29.80 -19.12 23.35
CA ALA B 860 30.22 -20.49 23.15
C ALA B 860 29.92 -21.33 24.38
N TYR B 861 29.34 -22.49 24.13
CA TYR B 861 29.02 -23.41 25.21
C TYR B 861 29.33 -24.81 24.80
N PHE B 862 29.47 -25.70 25.77
CA PHE B 862 29.64 -27.11 25.48
C PHE B 862 28.32 -27.82 25.70
N ASP B 863 27.86 -28.55 24.69
CA ASP B 863 26.62 -29.31 24.79
C ASP B 863 26.95 -30.76 25.10
N ASP B 864 26.34 -31.29 26.15
CA ASP B 864 26.62 -32.67 26.57
C ASP B 864 25.99 -33.72 25.64
N THR B 865 24.72 -33.51 25.26
CA THR B 865 24.04 -34.44 24.37
C THR B 865 24.68 -34.49 22.97
N LEU B 866 25.60 -33.59 22.69
CA LEU B 866 26.26 -33.56 21.39
C LEU B 866 27.74 -33.90 21.47
N ASN B 867 28.30 -33.90 22.68
CA ASN B 867 29.74 -34.07 22.87
C ASN B 867 30.56 -33.11 21.99
N LYS B 868 29.96 -31.95 21.72
CA LYS B 868 30.58 -30.91 20.87
C LYS B 868 30.47 -29.54 21.53
N THR B 869 31.32 -28.62 21.09
CA THR B 869 31.27 -27.27 21.58
C THR B 869 30.60 -26.41 20.51
N LYS B 870 29.46 -25.83 20.87
CA LYS B 870 28.68 -25.05 19.94
C LYS B 870 28.69 -23.53 20.20
N ILE B 871 27.96 -22.79 19.38
CA ILE B 871 28.18 -21.36 19.24
C ILE B 871 26.92 -20.60 18.79
N LYS B 872 26.40 -19.73 19.66
CA LYS B 872 25.36 -18.78 19.28
C LYS B 872 25.98 -17.63 18.45
N THR B 873 25.45 -17.39 17.25
CA THR B 873 26.04 -16.39 16.36
C THR B 873 25.25 -15.08 16.32
N TYR B 874 25.92 -14.02 15.89
CA TYR B 874 25.35 -12.69 15.82
C TYR B 874 24.53 -12.57 14.55
N HIS B 875 23.30 -12.04 14.68
CA HIS B 875 22.34 -12.12 13.58
C HIS B 875 22.04 -10.84 12.78
N SER B 876 22.26 -9.66 13.36
CA SER B 876 21.95 -8.43 12.64
C SER B 876 22.85 -8.25 11.41
N SER B 877 22.33 -7.61 10.37
CA SER B 877 23.13 -7.33 9.17
C SER B 877 23.93 -6.06 9.39
N GLU B 878 23.67 -5.41 10.52
CA GLU B 878 24.37 -4.21 10.94
C GLU B 878 25.42 -4.56 12.00
N PRO B 879 26.68 -4.25 11.73
CA PRO B 879 27.73 -4.64 12.66
C PRO B 879 27.68 -3.78 13.92
N ALA B 880 28.21 -4.29 15.04
CA ALA B 880 28.15 -3.59 16.32
C ALA B 880 29.36 -3.90 17.21
N TYR B 881 29.41 -3.26 18.38
CA TYR B 881 30.44 -3.55 19.40
C TYR B 881 29.79 -4.02 20.70
N ILE B 882 30.49 -4.89 21.43
CA ILE B 882 29.98 -5.38 22.70
C ILE B 882 30.13 -4.32 23.80
N GLU B 883 29.04 -3.98 24.48
CA GLU B 883 29.06 -2.94 25.51
C GLU B 883 29.12 -3.49 26.93
N GLU B 884 28.08 -4.17 27.34
CA GLU B 884 28.05 -4.81 28.65
C GLU B 884 27.75 -6.27 28.41
N VAL B 885 28.37 -7.13 29.18
CA VAL B 885 27.95 -8.52 29.25
C VAL B 885 27.60 -8.83 30.70
N ASN B 886 26.33 -9.06 30.98
CA ASN B 886 25.88 -9.31 32.36
C ASN B 886 25.65 -10.79 32.64
N LEU B 887 26.24 -11.28 33.73
CA LEU B 887 25.96 -12.63 34.18
C LEU B 887 24.76 -12.61 35.12
N ILE B 888 23.65 -13.12 34.62
CA ILE B 888 22.44 -13.17 35.42
C ILE B 888 22.39 -14.51 36.14
N GLY B 889 22.86 -14.50 37.38
CA GLY B 889 22.87 -15.68 38.21
C GLY B 889 21.46 -15.99 38.64
N ASP B 890 21.30 -17.15 39.27
CA ASP B 890 19.97 -17.52 39.71
C ASP B 890 19.90 -17.51 41.21
N GLU B 891 18.67 -17.33 41.71
CA GLU B 891 18.44 -17.37 43.15
C GLU B 891 18.13 -18.81 43.54
N SER B 892 17.17 -19.01 44.44
CA SER B 892 16.95 -20.35 44.99
C SER B 892 18.29 -20.94 45.46
N ASN B 893 19.02 -20.13 46.23
CA ASN B 893 20.26 -20.51 46.92
C ASN B 893 21.43 -21.14 46.13
N LYS B 894 22.10 -20.31 45.32
CA LYS B 894 23.43 -20.65 44.75
C LYS B 894 23.45 -21.91 43.87
N PHE B 895 24.20 -22.91 44.36
CA PHE B 895 24.50 -24.19 43.68
C PHE B 895 24.45 -24.26 42.15
N GLN B 896 23.54 -23.50 41.56
CA GLN B 896 23.32 -23.52 40.13
C GLN B 896 24.41 -22.75 39.39
N GLU B 897 24.89 -23.34 38.30
CA GLU B 897 25.91 -22.70 37.48
C GLU B 897 25.28 -21.78 36.42
N LEU B 898 26.15 -21.05 35.73
CA LEU B 898 25.71 -20.01 34.81
C LEU B 898 24.84 -20.53 33.67
N GLN B 899 23.65 -19.95 33.51
CA GLN B 899 22.72 -20.38 32.47
C GLN B 899 22.15 -19.20 31.70
N THR B 900 22.21 -18.01 32.28
CA THR B 900 21.58 -16.83 31.66
C THR B 900 22.56 -15.67 31.53
N VAL B 901 22.64 -15.10 30.32
CA VAL B 901 23.52 -13.94 30.08
C VAL B 901 22.82 -12.86 29.26
N SER B 902 23.07 -11.59 29.58
CA SER B 902 22.62 -10.49 28.71
C SER B 902 23.77 -9.75 28.02
N ILE B 903 23.70 -9.67 26.69
CA ILE B 903 24.72 -9.01 25.90
C ILE B 903 24.13 -7.74 25.29
N LYS B 904 24.77 -6.60 25.55
CA LYS B 904 24.28 -5.34 25.00
C LYS B 904 25.17 -4.88 23.85
N TYR B 905 24.60 -4.76 22.66
CA TYR B 905 25.36 -4.33 21.49
C TYR B 905 25.28 -2.82 21.28
N ARG B 906 26.35 -2.22 20.78
CA ARG B 906 26.36 -0.80 20.47
C ARG B 906 26.47 -0.64 18.98
N ILE B 907 25.54 0.08 18.37
CA ILE B 907 25.56 0.28 16.93
C ILE B 907 25.79 1.76 16.58
N ARG B 908 26.80 2.03 15.75
CA ARG B 908 27.10 3.40 15.37
C ARG B 908 26.04 3.93 14.40
N ARG B 909 25.57 5.15 14.62
CA ARG B 909 24.73 5.84 13.66
C ARG B 909 25.26 7.21 13.27
N THR B 910 26.18 7.27 12.31
CA THR B 910 26.38 8.50 11.55
C THR B 910 25.13 8.88 10.76
N PRO B 911 24.80 10.23 10.76
CA PRO B 911 23.56 10.56 10.03
C PRO B 911 23.72 10.33 8.52
N GLN B 912 22.65 9.89 7.86
CA GLN B 912 22.76 9.45 6.47
C GLN B 912 21.74 10.11 5.58
N ILE B 913 21.90 9.89 4.28
CA ILE B 913 20.90 10.29 3.31
C ILE B 913 19.67 9.53 3.70
N GLY B 914 18.53 10.21 3.70
CA GLY B 914 17.28 9.57 4.06
C GLY B 914 16.88 9.68 5.51
N ASP B 915 17.78 10.16 6.38
CA ASP B 915 17.44 10.44 7.77
C ASP B 915 16.54 11.67 7.86
N LYS B 916 15.62 11.69 8.80
CA LYS B 916 14.67 12.78 8.85
C LYS B 916 14.97 13.79 9.95
N PHE B 917 14.79 15.07 9.62
CA PHE B 917 15.08 16.16 10.55
C PHE B 917 13.89 17.12 10.62
N SER B 918 13.73 17.78 11.76
CA SER B 918 12.62 18.70 11.89
C SER B 918 12.82 19.78 12.92
N SER B 919 12.46 21.01 12.56
CA SER B 919 12.36 22.10 13.53
C SER B 919 11.17 21.82 14.44
N ARG B 920 10.92 22.68 15.41
CA ARG B 920 9.80 22.47 16.29
C ARG B 920 8.52 23.09 15.76
N HIS B 921 8.33 23.09 14.44
CA HIS B 921 7.12 23.65 13.83
C HIS B 921 6.51 22.74 12.76
N GLY B 922 6.78 21.44 12.86
CA GLY B 922 6.11 20.49 12.00
C GLY B 922 6.60 20.60 10.58
N GLN B 923 7.82 21.10 10.45
CA GLN B 923 8.50 21.14 9.15
C GLN B 923 9.55 20.02 9.10
N LYS B 924 9.09 18.85 8.66
CA LYS B 924 9.88 17.64 8.66
C LYS B 924 10.52 17.45 7.31
N GLY B 925 11.76 17.02 7.30
CA GLY B 925 12.48 16.93 6.05
C GLY B 925 13.35 15.70 5.96
N VAL B 926 13.60 15.24 4.74
CA VAL B 926 14.43 14.08 4.56
C VAL B 926 15.75 14.51 3.98
N CYS B 927 16.84 14.15 4.64
CA CYS B 927 18.17 14.47 4.16
C CYS B 927 18.41 13.96 2.75
N SER B 928 18.71 14.89 1.84
CA SER B 928 18.89 14.57 0.43
C SER B 928 20.38 14.47 0.06
N ARG B 929 21.20 15.30 0.70
CA ARG B 929 22.62 15.38 0.41
C ARG B 929 23.36 15.82 1.67
N LYS B 930 24.58 15.34 1.83
CA LYS B 930 25.53 15.98 2.74
C LYS B 930 26.44 16.91 1.92
N TRP B 931 26.04 18.18 1.80
CA TRP B 931 26.66 19.11 0.85
C TRP B 931 28.01 19.60 1.30
N PRO B 932 29.03 19.44 0.44
CA PRO B 932 30.40 19.86 0.79
C PRO B 932 30.42 21.35 1.17
N THR B 933 31.06 21.69 2.28
CA THR B 933 31.01 23.05 2.78
C THR B 933 31.64 24.09 1.81
N ILE B 934 32.58 23.69 0.98
CA ILE B 934 33.11 24.66 0.04
C ILE B 934 32.07 24.95 -1.03
N ASP B 935 31.08 24.06 -1.14
CA ASP B 935 30.03 24.16 -2.16
C ASP B 935 28.74 24.85 -1.66
N MET B 936 28.60 24.99 -0.33
CA MET B 936 27.48 25.70 0.28
C MET B 936 27.49 27.19 -0.02
N PRO B 937 26.35 27.87 0.18
CA PRO B 937 26.45 29.33 0.15
C PRO B 937 27.15 29.80 1.42
N PHE B 938 27.83 30.94 1.38
CA PHE B 938 28.49 31.48 2.58
C PHE B 938 28.20 32.96 2.82
N SER B 939 28.06 33.31 4.10
CA SER B 939 27.59 34.64 4.48
C SER B 939 28.67 35.74 4.49
N GLU B 940 28.22 36.98 4.49
CA GLU B 940 29.11 38.10 4.70
C GLU B 940 29.91 37.86 5.98
N THR B 941 29.30 37.18 6.95
CA THR B 941 29.93 36.90 8.22
C THR B 941 30.92 35.76 8.06
N GLY B 942 30.98 35.17 6.88
CA GLY B 942 31.87 34.03 6.65
C GLY B 942 31.43 32.69 7.24
N ILE B 943 30.13 32.54 7.45
CA ILE B 943 29.53 31.34 8.00
C ILE B 943 28.85 30.52 6.89
N GLN B 944 28.97 29.20 6.97
CA GLN B 944 28.12 28.31 6.16
C GLN B 944 26.99 27.68 6.98
N PRO B 945 25.79 27.61 6.40
CA PRO B 945 24.63 27.03 7.10
C PRO B 945 24.83 25.54 7.46
N ASP B 946 24.37 25.14 8.63
CA ASP B 946 24.41 23.74 9.03
C ASP B 946 23.37 22.96 8.24
N ILE B 947 22.25 23.61 8.00
CA ILE B 947 21.09 22.98 7.40
C ILE B 947 20.51 23.94 6.38
N ILE B 948 20.05 23.43 5.25
CA ILE B 948 19.25 24.23 4.34
C ILE B 948 17.79 23.77 4.36
N ILE B 949 16.86 24.70 4.52
CA ILE B 949 15.48 24.35 4.28
C ILE B 949 14.97 25.20 3.12
N ASN B 950 14.12 24.63 2.28
CA ASN B 950 13.75 25.27 1.02
C ASN B 950 12.60 26.28 1.17
N PRO B 951 12.73 27.49 0.59
CA PRO B 951 11.61 28.41 0.82
C PRO B 951 10.27 27.85 0.38
N HIS B 952 10.27 26.94 -0.58
CA HIS B 952 9.01 26.40 -1.10
C HIS B 952 8.31 25.46 -0.12
N ALA B 953 8.96 25.19 1.00
CA ALA B 953 8.40 24.40 2.06
C ALA B 953 7.51 25.23 2.99
N PHE B 954 7.32 26.50 2.68
CA PHE B 954 6.62 27.37 3.63
C PHE B 954 5.23 27.85 3.23
N PRO B 955 5.05 28.27 1.97
CA PRO B 955 3.75 28.88 1.71
C PRO B 955 2.53 27.96 1.86
N SER B 956 2.68 26.65 1.79
CA SER B 956 1.52 25.77 2.01
C SER B 956 1.25 25.41 3.46
N ARG B 957 2.27 25.54 4.31
CA ARG B 957 2.17 25.10 5.69
C ARG B 957 1.98 26.25 6.67
N MET B 958 2.43 27.42 6.27
CA MET B 958 2.28 28.64 7.07
C MET B 958 2.79 28.46 8.49
N THR B 959 3.96 27.87 8.61
CA THR B 959 4.60 27.81 9.90
C THR B 959 5.34 29.11 10.18
N ILE B 960 4.62 30.21 10.33
CA ILE B 960 5.24 31.52 10.50
C ILE B 960 6.05 31.57 11.79
N GLY B 961 5.75 30.70 12.72
CA GLY B 961 6.51 30.63 13.96
C GLY B 961 7.96 30.22 13.79
N MET B 962 8.30 29.57 12.67
CA MET B 962 9.67 29.18 12.45
C MET B 962 10.46 30.41 12.06
N PHE B 963 9.90 31.24 11.18
CA PHE B 963 10.52 32.51 10.81
C PHE B 963 10.80 33.38 12.05
N VAL B 964 9.87 33.36 13.00
CA VAL B 964 10.09 34.12 14.21
C VAL B 964 11.26 33.50 14.97
N GLU B 965 11.24 32.18 15.15
CA GLU B 965 12.34 31.51 15.84
C GLU B 965 13.70 31.81 15.21
N SER B 966 13.74 31.93 13.87
CA SER B 966 14.97 32.26 13.17
C SER B 966 15.59 33.56 13.64
N LEU B 967 14.79 34.63 13.69
CA LEU B 967 15.28 35.93 14.17
C LEU B 967 15.68 35.84 15.63
N ALA B 968 14.78 35.30 16.45
CA ALA B 968 14.97 35.27 17.89
C ALA B 968 16.22 34.54 18.29
N GLY B 969 16.48 33.43 17.59
CA GLY B 969 17.61 32.58 17.87
C GLY B 969 18.93 33.21 17.49
N LYS B 970 18.97 33.87 16.34
CA LYS B 970 20.13 34.64 15.93
C LYS B 970 20.38 35.79 16.90
N ALA B 971 19.34 36.52 17.27
CA ALA B 971 19.51 37.61 18.22
C ALA B 971 19.95 37.11 19.60
N GLY B 972 19.56 35.90 19.94
CA GLY B 972 19.91 35.35 21.23
C GLY B 972 21.38 34.96 21.25
N ALA B 973 21.82 34.35 20.16
CA ALA B 973 23.21 33.92 20.03
C ALA B 973 24.16 35.12 20.02
N LEU B 974 23.68 36.26 19.54
CA LEU B 974 24.48 37.46 19.49
C LEU B 974 24.58 38.17 20.82
N HIS B 975 23.46 38.32 21.51
CA HIS B 975 23.44 39.09 22.76
C HIS B 975 23.69 38.23 23.99
N GLY B 976 23.73 36.91 23.82
CA GLY B 976 23.91 36.00 24.94
C GLY B 976 22.65 35.95 25.78
N ILE B 977 21.57 35.59 25.12
CA ILE B 977 20.26 35.88 25.64
C ILE B 977 19.35 34.69 25.39
N ALA B 978 18.67 34.22 26.42
CA ALA B 978 17.61 33.25 26.16
C ALA B 978 16.34 34.00 25.74
N GLN B 979 15.64 33.50 24.73
CA GLN B 979 14.42 34.15 24.25
C GLN B 979 13.14 33.39 24.63
N ASP B 980 12.22 34.07 25.33
CA ASP B 980 10.95 33.45 25.73
C ASP B 980 9.98 33.42 24.57
N SER B 981 9.49 32.22 24.25
CA SER B 981 8.62 32.01 23.09
C SER B 981 7.31 31.37 23.50
N THR B 982 6.96 31.53 24.77
CA THR B 982 5.64 31.19 25.27
C THR B 982 4.53 31.78 24.40
N PRO B 983 3.48 31.00 24.12
CA PRO B 983 2.39 31.55 23.30
C PRO B 983 1.68 32.71 23.99
N TRP B 984 1.14 33.61 23.19
CA TRP B 984 0.30 34.71 23.67
C TRP B 984 0.98 35.78 24.54
N ILE B 985 2.30 35.89 24.49
CA ILE B 985 2.94 37.01 25.19
C ILE B 985 3.03 38.25 24.31
N PHE B 986 3.08 38.04 22.99
CA PHE B 986 3.05 39.14 22.03
C PHE B 986 1.63 39.44 21.58
N ASN B 987 1.44 40.49 20.78
CA ASN B 987 0.17 40.75 20.13
C ASN B 987 0.30 41.69 18.95
N GLU B 988 -0.81 42.17 18.43
CA GLU B 988 -0.79 42.95 17.19
C GLU B 988 -0.13 44.31 17.32
N ASP B 989 -0.05 44.80 18.55
CA ASP B 989 0.60 46.08 18.86
C ASP B 989 2.03 45.92 19.34
N ASP B 990 2.49 44.68 19.40
CA ASP B 990 3.79 44.37 19.91
C ASP B 990 4.22 43.05 19.25
N THR B 991 4.60 43.11 17.97
CA THR B 991 4.91 41.91 17.22
C THR B 991 6.34 41.42 17.43
N PRO B 992 6.57 40.11 17.30
CA PRO B 992 7.92 39.58 17.51
C PRO B 992 8.87 39.96 16.38
N ALA B 993 8.37 40.10 15.16
CA ALA B 993 9.22 40.49 14.03
C ALA B 993 9.82 41.85 14.28
N ASP B 994 9.06 42.73 14.93
CA ASP B 994 9.52 44.06 15.30
C ASP B 994 10.47 43.94 16.48
N TYR B 995 10.03 43.24 17.50
CA TYR B 995 10.82 43.04 18.71
C TYR B 995 12.19 42.43 18.45
N PHE B 996 12.24 41.24 17.84
CA PHE B 996 13.51 40.57 17.57
C PHE B 996 14.29 41.29 16.49
N GLY B 997 13.59 41.91 15.54
CA GLY B 997 14.26 42.67 14.51
C GLY B 997 15.00 43.87 15.07
N GLU B 998 14.41 44.52 16.05
CA GLU B 998 15.05 45.62 16.69
C GLU B 998 16.32 45.10 17.37
N GLN B 999 16.22 43.94 18.01
CA GLN B 999 17.37 43.31 18.66
C GLN B 999 18.51 42.98 17.69
N LEU B 1000 18.17 42.53 16.48
CA LEU B 1000 19.20 42.24 15.48
C LEU B 1000 19.88 43.52 15.02
N ALA B 1001 19.08 44.58 14.86
CA ALA B 1001 19.60 45.84 14.38
C ALA B 1001 20.58 46.41 15.41
N LYS B 1002 20.21 46.36 16.70
CA LYS B 1002 21.14 46.74 17.75
C LYS B 1002 22.43 45.93 17.73
N ALA B 1003 22.36 44.66 17.29
CA ALA B 1003 23.56 43.86 17.19
C ALA B 1003 24.44 44.21 15.99
N GLY B 1004 23.82 44.80 14.95
CA GLY B 1004 24.52 45.16 13.73
C GLY B 1004 24.18 44.33 12.50
N TYR B 1005 23.17 43.49 12.59
CA TYR B 1005 22.71 42.74 11.43
C TYR B 1005 21.43 43.36 10.89
N ASN B 1006 21.08 42.99 9.66
CA ASN B 1006 19.81 43.37 9.04
C ASN B 1006 18.57 43.05 9.89
N TYR B 1007 17.70 44.05 9.99
CA TYR B 1007 16.54 44.08 10.87
C TYR B 1007 15.50 43.04 10.46
N HIS B 1008 15.47 42.67 9.19
CA HIS B 1008 14.55 41.64 8.72
C HIS B 1008 15.08 40.21 8.78
N GLY B 1009 16.32 40.06 9.26
CA GLY B 1009 16.92 38.74 9.42
C GLY B 1009 17.60 38.20 8.16
N ASN B 1010 17.54 38.97 7.09
CA ASN B 1010 18.33 38.65 5.92
C ASN B 1010 19.85 38.90 6.13
N GLU B 1011 20.66 38.28 5.29
CA GLU B 1011 22.10 38.38 5.34
C GLU B 1011 22.65 38.25 3.92
N PRO B 1012 23.70 39.01 3.59
CA PRO B 1012 24.23 38.79 2.24
C PRO B 1012 24.95 37.44 2.16
N MET B 1013 24.75 36.70 1.07
CA MET B 1013 25.52 35.49 0.87
C MET B 1013 26.14 35.36 -0.53
N TYR B 1014 27.11 34.47 -0.62
CA TYR B 1014 27.81 34.25 -1.86
C TYR B 1014 27.69 32.79 -2.25
N SER B 1015 27.58 32.53 -3.55
CA SER B 1015 27.56 31.18 -4.09
C SER B 1015 28.89 30.48 -3.89
N GLY B 1016 28.86 29.26 -3.37
CA GLY B 1016 30.08 28.51 -3.15
C GLY B 1016 30.71 28.07 -4.46
N ALA B 1017 29.88 27.97 -5.48
CA ALA B 1017 30.31 27.49 -6.78
C ALA B 1017 30.91 28.58 -7.65
N THR B 1018 30.17 29.69 -7.81
CA THR B 1018 30.58 30.76 -8.72
C THR B 1018 31.39 31.83 -8.01
N GLY B 1019 31.17 31.95 -6.71
CA GLY B 1019 31.90 32.89 -5.88
C GLY B 1019 31.21 34.23 -5.75
N GLU B 1020 30.16 34.44 -6.54
CA GLU B 1020 29.52 35.74 -6.61
C GLU B 1020 28.39 35.95 -5.62
N GLU B 1021 28.06 37.21 -5.33
CA GLU B 1021 27.00 37.54 -4.38
C GLU B 1021 25.72 37.10 -5.03
N LEU B 1022 24.83 36.50 -4.23
CA LEU B 1022 23.54 36.06 -4.74
C LEU B 1022 22.63 37.26 -5.01
N ARG B 1023 21.52 37.02 -5.71
CA ARG B 1023 20.68 38.12 -6.20
C ARG B 1023 20.12 39.02 -5.11
N ALA B 1024 19.68 38.40 -4.01
CA ALA B 1024 19.14 39.14 -2.88
C ALA B 1024 19.73 38.66 -1.57
N ASP B 1025 19.57 39.43 -0.50
CA ASP B 1025 20.00 38.92 0.80
C ASP B 1025 19.16 37.67 1.12
N ILE B 1026 19.79 36.70 1.76
CA ILE B 1026 19.02 35.50 2.03
C ILE B 1026 18.68 35.36 3.53
N TYR B 1027 17.55 34.71 3.83
CA TYR B 1027 17.06 34.62 5.20
C TYR B 1027 17.83 33.55 5.98
N VAL B 1028 18.54 33.95 7.03
CA VAL B 1028 19.37 33.02 7.80
C VAL B 1028 19.19 33.31 9.27
N GLY B 1029 19.42 32.31 10.11
CA GLY B 1029 19.22 32.46 11.53
C GLY B 1029 19.51 31.15 12.23
N VAL B 1030 19.13 31.07 13.50
CA VAL B 1030 19.35 29.89 14.32
C VAL B 1030 18.01 29.29 14.70
N VAL B 1031 17.81 28.03 14.30
CA VAL B 1031 16.57 27.32 14.60
C VAL B 1031 16.90 25.98 15.25
N TYR B 1032 16.24 25.68 16.34
CA TYR B 1032 16.42 24.41 17.05
C TYR B 1032 15.90 23.25 16.21
N TYR B 1033 16.75 22.26 16.00
CA TYR B 1033 16.39 21.15 15.13
C TYR B 1033 16.43 19.81 15.86
N GLN B 1034 15.51 18.94 15.49
CA GLN B 1034 15.41 17.62 16.09
C GLN B 1034 15.78 16.60 15.03
N ARG B 1035 16.56 15.59 15.42
CA ARG B 1035 16.84 14.51 14.49
C ARG B 1035 15.88 13.38 14.80
N LEU B 1036 15.18 12.92 13.76
CA LEU B 1036 14.12 11.93 13.94
C LEU B 1036 14.67 10.51 13.84
N ARG B 1037 14.54 9.75 14.93
CA ARG B 1037 15.02 8.38 14.97
C ARG B 1037 14.19 7.47 14.06
N HIS B 1038 14.69 7.26 12.85
CA HIS B 1038 13.99 6.42 11.88
C HIS B 1038 13.49 5.12 12.53
N ASP B 1042 18.57 3.29 6.15
CA ASP B 1042 17.28 2.65 6.43
C ASP B 1042 17.39 1.14 6.29
N LYS B 1043 16.39 0.42 6.81
CA LYS B 1043 16.36 -1.03 6.74
C LYS B 1043 15.85 -1.51 5.39
N PHE B 1044 16.31 -0.86 4.32
CA PHE B 1044 15.90 -1.23 2.97
C PHE B 1044 16.12 -2.72 2.71
N GLN B 1045 15.75 -3.16 1.51
CA GLN B 1045 15.89 -4.56 1.14
C GLN B 1045 15.82 -4.73 -0.38
N VAL B 1046 16.70 -5.58 -0.92
CA VAL B 1046 16.74 -5.83 -2.34
C VAL B 1046 16.90 -7.32 -2.51
N ARG B 1047 16.30 -7.89 -3.54
CA ARG B 1047 16.47 -9.29 -3.79
C ARG B 1047 16.63 -9.46 -5.25
N SER B 1048 17.64 -10.18 -5.69
CA SER B 1048 17.63 -10.66 -7.05
C SER B 1048 16.95 -12.02 -6.97
N THR B 1049 17.71 -13.07 -6.61
CA THR B 1049 17.12 -14.33 -6.21
C THR B 1049 17.48 -14.61 -4.76
N GLY B 1050 17.13 -15.79 -4.27
CA GLY B 1050 17.24 -16.04 -2.84
C GLY B 1050 16.35 -17.19 -2.39
N PRO B 1051 16.25 -17.44 -1.07
CA PRO B 1051 15.44 -18.57 -0.61
C PRO B 1051 13.95 -18.53 -0.96
N VAL B 1052 13.47 -19.66 -1.46
CA VAL B 1052 12.07 -19.90 -1.76
C VAL B 1052 11.44 -20.86 -0.78
N ASN B 1053 10.13 -20.79 -0.69
CA ASN B 1053 9.34 -21.63 0.20
C ASN B 1053 9.08 -22.97 -0.42
N SER B 1054 9.18 -24.02 0.40
CA SER B 1054 9.06 -25.40 -0.06
C SER B 1054 7.84 -25.78 -0.91
N LEU B 1055 6.68 -25.27 -0.56
CA LEU B 1055 5.43 -25.67 -1.22
C LEU B 1055 5.15 -24.95 -2.52
N THR B 1056 5.37 -23.63 -2.53
CA THR B 1056 5.05 -22.83 -3.68
C THR B 1056 6.23 -22.47 -4.57
N MET B 1057 7.45 -22.67 -4.07
CA MET B 1057 8.68 -22.27 -4.75
C MET B 1057 8.69 -20.79 -5.06
N GLN B 1058 8.00 -20.01 -4.24
CA GLN B 1058 7.95 -18.58 -4.40
C GLN B 1058 8.84 -17.98 -3.33
N PRO B 1059 9.36 -16.76 -3.56
CA PRO B 1059 10.22 -16.10 -2.60
C PRO B 1059 9.66 -16.06 -1.20
N VAL B 1060 10.50 -16.42 -0.26
CA VAL B 1060 10.15 -16.46 1.14
C VAL B 1060 9.89 -15.02 1.63
N LYS B 1061 9.27 -14.83 2.78
CA LYS B 1061 9.16 -13.48 3.38
C LYS B 1061 10.32 -13.28 4.34
N GLY B 1062 10.92 -12.09 4.40
CA GLY B 1062 12.20 -12.03 5.06
C GLY B 1062 12.89 -10.73 5.40
N ARG B 1063 13.41 -10.05 4.39
CA ARG B 1063 14.40 -8.98 4.58
C ARG B 1063 15.68 -9.51 5.23
N LYS B 1064 15.60 -9.88 6.52
CA LYS B 1064 16.76 -10.40 7.22
C LYS B 1064 17.22 -11.73 6.60
N ARG B 1065 16.43 -12.26 5.67
CA ARG B 1065 16.85 -13.48 4.95
C ARG B 1065 16.65 -13.45 3.43
N HIS B 1066 16.68 -12.26 2.86
CA HIS B 1066 16.58 -12.08 1.41
C HIS B 1066 15.22 -12.45 0.84
N GLY B 1067 14.17 -12.06 1.57
CA GLY B 1067 12.81 -12.33 1.14
C GLY B 1067 12.45 -11.47 -0.06
N GLY B 1068 11.48 -11.93 -0.82
CA GLY B 1068 10.94 -11.15 -1.92
C GLY B 1068 9.90 -10.12 -1.51
N ILE B 1069 9.60 -9.24 -2.46
CA ILE B 1069 8.61 -8.18 -2.30
C ILE B 1069 7.28 -8.78 -2.76
N ARG B 1070 6.62 -8.15 -3.75
CA ARG B 1070 5.34 -8.70 -4.22
C ARG B 1070 4.56 -7.93 -5.29
N VAL B 1071 4.62 -8.41 -6.53
CA VAL B 1071 3.85 -7.83 -7.62
C VAL B 1071 2.42 -8.33 -7.39
N GLY B 1072 1.53 -7.46 -6.91
CA GLY B 1072 0.21 -7.88 -6.51
C GLY B 1072 -0.78 -7.59 -7.61
N GLU B 1073 -2.07 -7.73 -7.29
CA GLU B 1073 -3.13 -7.51 -8.27
C GLU B 1073 -3.11 -6.12 -8.95
N MET B 1074 -2.80 -5.05 -8.20
CA MET B 1074 -2.81 -3.74 -8.82
C MET B 1074 -1.72 -3.63 -9.87
N GLU B 1075 -0.55 -4.20 -9.59
CA GLU B 1075 0.54 -4.13 -10.54
C GLU B 1075 0.31 -5.05 -11.74
N ARG B 1076 -0.32 -6.19 -11.51
CA ARG B 1076 -0.85 -7.00 -12.61
C ARG B 1076 -1.70 -6.14 -13.57
N ASP B 1077 -2.67 -5.41 -13.04
CA ASP B 1077 -3.57 -4.64 -13.90
C ASP B 1077 -2.78 -3.60 -14.68
N ALA B 1078 -1.79 -2.99 -14.02
CA ALA B 1078 -0.98 -1.99 -14.67
C ALA B 1078 -0.22 -2.63 -15.84
N LEU B 1079 0.41 -3.76 -15.59
CA LEU B 1079 1.08 -4.50 -16.65
C LEU B 1079 0.15 -4.90 -17.81
N ILE B 1080 -1.10 -5.29 -17.52
CA ILE B 1080 -2.02 -5.51 -18.61
C ILE B 1080 -2.35 -4.19 -19.35
N GLY B 1081 -2.59 -3.12 -18.60
CA GLY B 1081 -2.91 -1.82 -19.17
C GLY B 1081 -1.88 -1.28 -20.14
N HIS B 1082 -0.62 -1.58 -19.88
CA HIS B 1082 0.45 -1.20 -20.80
C HIS B 1082 0.45 -2.03 -22.08
N GLY B 1083 -0.12 -3.23 -22.03
CA GLY B 1083 -0.08 -4.12 -23.17
C GLY B 1083 1.22 -4.91 -23.19
N THR B 1084 1.93 -4.84 -22.07
CA THR B 1084 3.23 -5.46 -21.97
C THR B 1084 3.13 -6.88 -21.45
N SER B 1085 2.83 -7.82 -22.34
CA SER B 1085 2.59 -9.20 -21.93
C SER B 1085 3.85 -9.93 -21.47
N PHE B 1086 5.00 -9.53 -21.98
CA PHE B 1086 6.27 -10.13 -21.56
C PHE B 1086 6.73 -9.62 -20.21
N LEU B 1087 6.38 -8.38 -19.87
CA LEU B 1087 6.73 -7.87 -18.57
C LEU B 1087 5.90 -8.60 -17.55
N LEU B 1088 4.62 -8.80 -17.89
CA LEU B 1088 3.72 -9.58 -17.05
C LEU B 1088 4.24 -11.01 -16.92
N GLN B 1089 4.65 -11.61 -18.03
CA GLN B 1089 5.17 -12.96 -18.00
C GLN B 1089 6.46 -13.03 -17.17
N ASP B 1090 7.29 -12.00 -17.29
CA ASP B 1090 8.55 -11.94 -16.54
C ASP B 1090 8.31 -12.18 -15.06
N ARG B 1091 7.28 -11.55 -14.51
CA ARG B 1091 7.27 -11.16 -13.11
C ARG B 1091 6.30 -12.03 -12.31
N LEU B 1092 5.30 -12.59 -13.00
CA LEU B 1092 4.35 -13.50 -12.37
C LEU B 1092 4.59 -14.93 -12.81
N LEU B 1093 5.60 -15.14 -13.64
CA LEU B 1093 6.01 -16.48 -14.03
C LEU B 1093 7.53 -16.59 -14.09
N ASN B 1094 8.11 -16.07 -15.17
CA ASN B 1094 9.53 -16.26 -15.44
C ASN B 1094 10.40 -15.93 -14.23
N SER B 1095 10.57 -14.64 -13.96
CA SER B 1095 11.37 -14.20 -12.83
C SER B 1095 10.74 -14.61 -11.50
N SER B 1096 10.34 -15.88 -11.41
CA SER B 1096 9.72 -16.40 -10.20
C SER B 1096 9.83 -17.91 -10.14
N ASP B 1097 8.86 -18.60 -10.74
CA ASP B 1097 8.85 -20.05 -10.75
C ASP B 1097 9.24 -20.60 -12.11
N TYR B 1098 8.24 -20.87 -12.96
CA TYR B 1098 8.48 -21.39 -14.30
C TYR B 1098 9.38 -22.62 -14.25
N THR B 1099 8.77 -23.80 -14.18
CA THR B 1099 9.52 -25.05 -14.14
C THR B 1099 8.81 -26.15 -14.93
N GLN B 1100 9.44 -26.60 -16.00
CA GLN B 1100 8.87 -27.64 -16.84
C GLN B 1100 8.31 -28.79 -16.00
N ALA B 1101 7.25 -29.41 -16.50
CA ALA B 1101 6.62 -30.51 -15.80
C ALA B 1101 6.19 -31.53 -16.82
N SER B 1102 6.04 -32.79 -16.41
CA SER B 1102 5.57 -33.81 -17.33
C SER B 1102 4.05 -33.92 -17.34
N VAL B 1103 3.48 -34.10 -18.53
CA VAL B 1103 2.07 -34.42 -18.70
C VAL B 1103 1.97 -35.72 -19.44
N CYS B 1104 0.90 -36.46 -19.17
CA CYS B 1104 0.50 -37.55 -20.05
C CYS B 1104 -0.46 -36.99 -21.08
N ARG B 1105 -0.02 -37.00 -22.33
CA ARG B 1105 -0.82 -36.58 -23.46
C ARG B 1105 -2.11 -37.38 -23.57
N GLU B 1106 -2.14 -38.53 -22.91
CA GLU B 1106 -3.21 -39.50 -23.14
C GLU B 1106 -4.36 -39.32 -22.18
N CYS B 1107 -4.06 -39.14 -20.89
CA CYS B 1107 -5.08 -38.87 -19.86
C CYS B 1107 -5.13 -37.40 -19.45
N GLY B 1108 -4.13 -36.63 -19.89
CA GLY B 1108 -4.06 -35.21 -19.59
C GLY B 1108 -3.76 -34.89 -18.14
N SER B 1109 -2.96 -35.71 -17.48
CA SER B 1109 -2.61 -35.42 -16.10
C SER B 1109 -1.15 -34.98 -15.93
N ILE B 1110 -0.88 -34.23 -14.86
CA ILE B 1110 0.47 -33.80 -14.54
C ILE B 1110 0.81 -34.35 -13.18
N LEU B 1111 -0.01 -35.26 -12.68
CA LEU B 1111 0.21 -35.83 -11.35
C LEU B 1111 0.54 -37.33 -11.34
N THR B 1112 0.33 -37.99 -12.48
CA THR B 1112 0.43 -39.44 -12.55
C THR B 1112 1.62 -39.89 -13.36
N THR B 1113 2.51 -38.96 -13.67
CA THR B 1113 3.75 -39.31 -14.34
C THR B 1113 4.83 -39.56 -13.28
N GLN B 1114 5.85 -40.33 -13.65
CA GLN B 1114 7.05 -40.52 -12.83
C GLN B 1114 8.17 -40.93 -13.77
N GLN B 1115 9.40 -40.87 -13.27
CA GLN B 1115 10.52 -41.45 -13.99
C GLN B 1115 10.47 -42.97 -13.83
N SER B 1116 10.76 -43.70 -14.89
CA SER B 1116 10.86 -45.14 -14.74
C SER B 1116 12.14 -45.40 -13.98
N VAL B 1117 12.22 -46.57 -13.36
CA VAL B 1117 13.48 -47.03 -12.80
C VAL B 1117 14.01 -48.14 -13.69
N PRO B 1118 15.15 -47.91 -14.35
CA PRO B 1118 15.61 -48.86 -15.35
C PRO B 1118 16.62 -49.88 -14.78
N ARG B 1119 16.85 -50.97 -15.50
CA ARG B 1119 17.95 -51.89 -15.20
C ARG B 1119 19.23 -51.11 -15.41
N ILE B 1120 20.33 -51.56 -14.81
CA ILE B 1120 21.57 -50.82 -14.98
C ILE B 1120 21.98 -50.91 -16.45
N GLY B 1121 22.50 -49.82 -16.98
CA GLY B 1121 22.84 -49.75 -18.40
C GLY B 1121 21.77 -49.15 -19.29
N SER B 1122 20.50 -49.41 -18.97
CA SER B 1122 19.39 -48.76 -19.66
C SER B 1122 19.13 -47.32 -19.18
N ILE B 1123 18.41 -46.55 -19.97
CA ILE B 1123 18.12 -45.17 -19.61
C ILE B 1123 16.69 -45.00 -19.11
N SER B 1124 16.52 -44.13 -18.13
CA SER B 1124 15.19 -43.88 -17.56
C SER B 1124 14.26 -43.15 -18.50
N THR B 1125 12.99 -43.52 -18.46
CA THR B 1125 12.02 -42.87 -19.33
C THR B 1125 10.82 -42.27 -18.52
N VAL B 1126 9.97 -41.47 -19.15
CA VAL B 1126 8.89 -40.82 -18.39
C VAL B 1126 7.51 -41.43 -18.65
N CYS B 1127 6.86 -41.92 -17.60
CA CYS B 1127 5.69 -42.79 -17.79
C CYS B 1127 4.51 -42.39 -16.96
N CYS B 1128 3.31 -42.77 -17.41
CA CYS B 1128 2.07 -42.46 -16.71
C CYS B 1128 1.49 -43.63 -15.95
N ARG B 1129 1.36 -43.49 -14.63
CA ARG B 1129 0.79 -44.56 -13.82
C ARG B 1129 -0.69 -44.81 -14.12
N ARG B 1130 -1.40 -43.85 -14.68
CA ARG B 1130 -2.82 -44.08 -14.91
C ARG B 1130 -3.07 -44.92 -16.15
N CYS B 1131 -2.29 -44.64 -17.19
CA CYS B 1131 -2.55 -45.17 -18.52
C CYS B 1131 -1.87 -46.52 -18.80
N SER B 1132 -1.19 -47.06 -17.80
CA SER B 1132 -0.45 -48.28 -18.02
C SER B 1132 -1.02 -49.41 -17.18
N MET B 1133 -0.90 -50.64 -17.69
CA MET B 1133 -1.33 -51.87 -17.01
C MET B 1133 -0.22 -52.47 -16.17
N ARG B 1134 -0.62 -53.04 -15.04
CA ARG B 1134 0.28 -53.93 -14.27
C ARG B 1134 0.67 -55.05 -15.24
N PHE B 1135 1.93 -55.49 -15.19
CA PHE B 1135 2.46 -56.41 -16.23
C PHE B 1135 1.65 -57.71 -16.33
N GLU B 1136 1.36 -58.30 -15.18
CA GLU B 1136 0.54 -59.52 -15.12
C GLU B 1136 -0.76 -59.41 -15.91
N ASP B 1137 -1.60 -58.44 -15.53
CA ASP B 1137 -2.89 -58.18 -16.13
C ASP B 1137 -2.83 -57.99 -17.65
N ALA B 1138 -1.70 -57.48 -18.16
CA ALA B 1138 -1.56 -57.22 -19.59
C ALA B 1138 -1.27 -58.50 -20.36
N LYS B 1139 -0.47 -59.38 -19.75
CA LYS B 1139 -0.18 -60.70 -20.28
C LYS B 1139 -1.51 -61.45 -20.44
N LYS B 1140 -2.30 -61.42 -19.37
CA LYS B 1140 -3.61 -62.07 -19.33
C LYS B 1140 -4.61 -61.55 -20.36
N LEU B 1141 -4.15 -60.77 -21.34
CA LEU B 1141 -4.97 -60.42 -22.49
C LEU B 1141 -4.11 -60.13 -23.72
N ILE B 1151 -0.66 -62.03 -30.44
CA ILE B 1151 0.04 -60.76 -30.26
C ILE B 1151 1.18 -60.85 -29.23
N PHE B 1152 2.28 -60.13 -29.49
CA PHE B 1152 3.43 -60.15 -28.61
C PHE B 1152 3.72 -58.75 -28.07
N ILE B 1153 4.23 -58.67 -26.85
CA ILE B 1153 4.51 -57.39 -26.20
C ILE B 1153 5.97 -56.91 -26.32
N ASP B 1154 6.13 -55.82 -27.07
CA ASP B 1154 7.42 -55.19 -27.35
C ASP B 1154 8.19 -54.80 -26.08
N ASP B 1155 9.52 -54.77 -26.16
CA ASP B 1155 10.36 -54.49 -24.99
C ASP B 1155 10.30 -53.03 -24.51
N SER B 1156 10.15 -52.11 -25.46
CA SER B 1156 10.16 -50.67 -25.19
C SER B 1156 8.91 -50.24 -24.45
N GLN B 1157 7.93 -51.14 -24.41
CA GLN B 1157 6.61 -50.88 -23.83
C GLN B 1157 6.50 -51.29 -22.35
N ILE B 1158 7.59 -51.82 -21.78
CA ILE B 1158 7.60 -52.23 -20.39
C ILE B 1158 8.48 -51.30 -19.62
N TRP B 1159 8.03 -50.92 -18.42
CA TRP B 1159 8.87 -50.11 -17.55
C TRP B 1159 8.59 -50.58 -16.14
N GLU B 1160 9.45 -50.16 -15.21
CA GLU B 1160 9.37 -50.62 -13.82
C GLU B 1160 9.51 -49.47 -12.86
N ASP B 1161 8.95 -49.61 -11.67
CA ASP B 1161 9.23 -48.62 -10.63
C ASP B 1161 10.31 -49.09 -9.69
N GLY B 1162 10.53 -48.34 -8.62
CA GLY B 1162 11.50 -48.69 -7.60
C GLY B 1162 11.15 -49.93 -6.81
N GLN B 1163 9.90 -50.05 -6.35
CA GLN B 1163 9.43 -51.28 -5.70
C GLN B 1163 9.71 -52.52 -6.52
N GLY B 1164 9.46 -52.47 -7.83
CA GLY B 1164 9.79 -53.58 -8.70
C GLY B 1164 8.70 -54.03 -9.65
N ASN B 1165 7.48 -53.52 -9.48
CA ASN B 1165 6.36 -53.85 -10.36
C ASN B 1165 6.59 -53.44 -11.81
N LYS B 1166 6.16 -54.27 -12.74
CA LYS B 1166 6.40 -54.01 -14.15
C LYS B 1166 5.14 -53.47 -14.75
N PHE B 1167 5.27 -52.55 -15.68
CA PHE B 1167 4.12 -51.95 -16.33
C PHE B 1167 4.21 -52.04 -17.83
N VAL B 1168 3.04 -52.05 -18.46
CA VAL B 1168 2.94 -52.03 -19.89
C VAL B 1168 2.22 -50.75 -20.32
N GLY B 1169 2.85 -49.99 -21.22
CA GLY B 1169 2.24 -48.77 -21.74
C GLY B 1169 2.45 -47.52 -20.88
N GLY B 1170 1.72 -46.46 -21.24
CA GLY B 1170 1.84 -45.18 -20.55
C GLY B 1170 3.03 -44.34 -20.98
N ASN B 1171 3.37 -44.40 -22.27
CA ASN B 1171 4.59 -43.75 -22.77
C ASN B 1171 4.29 -42.49 -23.58
N GLU B 1172 3.06 -42.02 -23.51
CA GLU B 1172 2.68 -40.83 -24.25
C GLU B 1172 2.83 -39.60 -23.35
N THR B 1173 4.07 -39.25 -23.02
CA THR B 1173 4.30 -38.12 -22.14
C THR B 1173 5.08 -37.05 -22.87
N THR B 1174 4.93 -35.79 -22.45
CA THR B 1174 5.86 -34.70 -22.77
C THR B 1174 6.04 -33.78 -21.60
N THR B 1175 6.65 -32.64 -21.89
CA THR B 1175 6.78 -31.62 -20.87
C THR B 1175 6.13 -30.33 -21.34
N VAL B 1176 5.52 -29.63 -20.39
CA VAL B 1176 4.83 -28.38 -20.66
C VAL B 1176 5.34 -27.41 -19.62
N ALA B 1177 5.21 -26.11 -19.87
CA ALA B 1177 5.65 -25.12 -18.87
C ALA B 1177 4.46 -24.57 -18.10
N ILE B 1178 4.41 -24.88 -16.80
CA ILE B 1178 3.29 -24.43 -15.97
C ILE B 1178 3.72 -23.77 -14.69
N PRO B 1179 2.86 -22.95 -14.12
CA PRO B 1179 3.26 -22.43 -12.82
C PRO B 1179 3.18 -23.56 -11.81
N PHE B 1180 4.14 -23.65 -10.91
CA PHE B 1180 4.17 -24.74 -9.97
C PHE B 1180 2.90 -24.81 -9.16
N VAL B 1181 2.36 -23.66 -8.81
CA VAL B 1181 1.20 -23.65 -7.94
C VAL B 1181 0.01 -24.40 -8.59
N LEU B 1182 0.11 -24.64 -9.90
CA LEU B 1182 -0.94 -25.37 -10.59
C LEU B 1182 -0.95 -26.80 -10.11
N LYS B 1183 0.25 -27.33 -9.91
CA LYS B 1183 0.39 -28.69 -9.42
C LYS B 1183 -0.24 -28.84 -8.06
N TYR B 1184 0.00 -27.86 -7.19
CA TYR B 1184 -0.63 -27.85 -5.88
C TYR B 1184 -2.16 -27.80 -5.97
N LEU B 1185 -2.67 -26.95 -6.84
CA LEU B 1185 -4.10 -26.87 -6.95
C LEU B 1185 -4.65 -28.22 -7.44
N ASP B 1186 -4.05 -28.78 -8.49
CA ASP B 1186 -4.50 -30.05 -9.03
C ASP B 1186 -4.46 -31.14 -7.96
N SER B 1187 -3.41 -31.13 -7.16
CA SER B 1187 -3.27 -32.09 -6.07
C SER B 1187 -4.40 -31.97 -5.04
N GLU B 1188 -4.65 -30.76 -4.55
CA GLU B 1188 -5.76 -30.51 -3.64
C GLU B 1188 -7.10 -30.97 -4.22
N LEU B 1189 -7.33 -30.67 -5.50
CA LEU B 1189 -8.57 -31.03 -6.18
C LEU B 1189 -8.74 -32.54 -6.23
N SER B 1190 -7.64 -33.28 -6.41
CA SER B 1190 -7.79 -34.72 -6.50
C SER B 1190 -8.06 -35.32 -5.11
N ALA B 1191 -7.63 -34.62 -4.06
CA ALA B 1191 -8.01 -35.02 -2.72
C ALA B 1191 -9.52 -34.96 -2.56
N MET B 1192 -10.13 -33.97 -3.19
CA MET B 1192 -11.57 -33.78 -3.13
C MET B 1192 -12.30 -34.64 -4.17
N GLY B 1193 -11.56 -35.50 -4.85
CA GLY B 1193 -12.15 -36.41 -5.82
C GLY B 1193 -12.33 -35.80 -7.19
N ILE B 1194 -11.71 -34.64 -7.39
CA ILE B 1194 -11.87 -33.89 -8.64
C ILE B 1194 -10.68 -34.04 -9.58
N ARG B 1195 -10.98 -34.22 -10.87
CA ARG B 1195 -9.92 -34.44 -11.86
C ARG B 1195 -9.78 -33.31 -12.88
N LEU B 1196 -8.59 -32.71 -12.95
CA LEU B 1196 -8.28 -31.81 -14.05
C LEU B 1196 -7.64 -32.61 -15.18
N ARG B 1197 -8.04 -32.33 -16.42
CA ARG B 1197 -7.52 -33.01 -17.58
C ARG B 1197 -7.02 -31.99 -18.61
N TYR B 1198 -5.70 -31.86 -18.73
CA TYR B 1198 -5.10 -30.88 -19.64
C TYR B 1198 -4.99 -31.42 -21.05
N ASN B 1199 -5.60 -30.75 -22.01
CA ASN B 1199 -5.43 -31.13 -23.39
C ASN B 1199 -4.19 -30.47 -23.95
N VAL B 1200 -3.24 -31.30 -24.33
CA VAL B 1200 -1.94 -30.88 -24.82
C VAL B 1200 -1.85 -31.04 -26.34
N GLU B 1201 -1.18 -30.12 -27.01
CA GLU B 1201 -0.89 -30.24 -28.43
C GLU B 1201 0.58 -30.00 -28.63
N PRO B 1202 1.19 -30.64 -29.65
CA PRO B 1202 0.61 -31.50 -30.68
C PRO B 1202 0.31 -32.85 -30.09
N LYS B 1203 -0.69 -33.51 -30.66
CA LYS B 1203 -1.01 -34.88 -30.30
C LYS B 1203 -0.05 -35.83 -31.01
N TRP C 31 41.48 41.25 -23.05
CA TRP C 31 42.17 40.72 -21.88
C TRP C 31 43.43 40.02 -22.31
N ASN C 32 44.26 39.71 -21.31
CA ASN C 32 45.67 39.45 -21.50
C ASN C 32 46.23 39.33 -20.09
N VAL C 33 47.17 38.40 -19.88
CA VAL C 33 47.72 38.22 -18.54
C VAL C 33 48.50 39.44 -18.00
N GLU C 34 49.15 40.18 -18.89
CA GLU C 34 49.83 41.41 -18.48
C GLU C 34 48.85 42.50 -18.08
N LYS C 35 47.72 42.59 -18.76
CA LYS C 35 46.75 43.62 -18.43
C LYS C 35 46.25 43.36 -17.04
N PHE C 36 46.08 42.07 -16.72
CA PHE C 36 45.66 41.64 -15.38
C PHE C 36 46.70 42.01 -14.31
N LYS C 37 47.97 41.72 -14.61
CA LYS C 37 49.07 42.02 -13.70
C LYS C 37 49.12 43.49 -13.32
N LYS C 38 48.93 44.35 -14.31
CA LYS C 38 48.96 45.80 -14.09
C LYS C 38 47.79 46.29 -13.22
N ASP C 39 46.64 45.63 -13.34
CA ASP C 39 45.45 46.08 -12.63
C ASP C 39 45.18 45.37 -11.30
N PHE C 40 45.66 44.14 -11.16
CA PHE C 40 45.44 43.42 -9.92
C PHE C 40 46.14 44.09 -8.76
N GLU C 41 45.56 44.03 -7.57
CA GLU C 41 46.12 44.72 -6.42
C GLU C 41 45.71 44.01 -5.13
N VAL C 42 46.59 44.01 -4.13
CA VAL C 42 46.31 43.39 -2.83
C VAL C 42 46.44 44.43 -1.73
N ASN C 43 45.53 44.42 -0.76
CA ASN C 43 45.61 45.34 0.37
C ASN C 43 45.52 44.53 1.64
N ILE C 44 46.49 44.65 2.54
CA ILE C 44 46.46 43.85 3.76
C ILE C 44 46.11 44.64 5.00
N SER C 45 44.84 44.56 5.39
CA SER C 45 44.31 45.37 6.47
C SER C 45 44.88 44.97 7.83
N SER C 46 44.97 43.67 8.07
CA SER C 46 45.45 43.15 9.34
C SER C 46 45.94 41.73 9.18
N LEU C 47 47.16 41.48 9.60
CA LEU C 47 47.68 40.12 9.61
C LEU C 47 48.20 39.82 11.00
N ASP C 48 48.03 38.57 11.38
CA ASP C 48 48.14 38.13 12.75
C ASP C 48 48.51 36.65 12.66
N ALA C 49 48.88 36.01 13.77
CA ALA C 49 49.23 34.57 13.73
C ALA C 49 48.02 33.68 13.51
N ARG C 50 46.84 34.15 13.91
CA ARG C 50 45.59 33.39 13.76
C ARG C 50 44.69 33.89 12.62
N GLU C 51 44.49 35.20 12.49
CA GLU C 51 43.64 35.68 11.39
C GLU C 51 44.14 36.81 10.49
N ALA C 52 43.78 36.73 9.23
CA ALA C 52 44.13 37.74 8.22
C ALA C 52 42.90 38.43 7.62
N ASN C 53 43.01 39.73 7.40
CA ASN C 53 41.98 40.48 6.71
C ASN C 53 42.60 41.26 5.56
N PHE C 54 42.25 40.89 4.34
CA PHE C 54 42.89 41.50 3.19
C PHE C 54 41.97 41.57 1.98
N ASP C 55 42.23 42.51 1.08
CA ASP C 55 41.40 42.66 -0.12
C ASP C 55 42.14 42.20 -1.37
N LEU C 56 41.46 41.46 -2.24
CA LEU C 56 41.95 41.25 -3.59
C LEU C 56 41.16 42.19 -4.50
N ILE C 57 41.84 43.04 -5.25
CA ILE C 57 41.15 44.04 -6.09
C ILE C 57 41.34 43.79 -7.58
N ASN C 58 40.25 43.85 -8.33
CA ASN C 58 40.30 43.65 -9.79
C ASN C 58 40.51 42.20 -10.24
N ILE C 59 40.03 41.23 -9.46
CA ILE C 59 40.16 39.84 -9.83
C ILE C 59 38.76 39.36 -10.10
N ASP C 60 38.60 38.34 -10.93
CA ASP C 60 37.25 37.84 -11.23
C ASP C 60 36.72 36.94 -10.12
N THR C 61 35.42 37.05 -9.89
CA THR C 61 34.75 36.27 -8.86
C THR C 61 35.04 34.75 -8.96
N SER C 62 35.15 34.22 -10.18
CA SER C 62 35.41 32.78 -10.35
C SER C 62 36.69 32.33 -9.69
N ILE C 63 37.66 33.24 -9.60
CA ILE C 63 38.98 32.91 -9.09
C ILE C 63 39.06 33.16 -7.60
N ALA C 64 38.44 34.24 -7.15
CA ALA C 64 38.33 34.51 -5.72
C ALA C 64 37.62 33.33 -5.08
N ASN C 65 36.51 32.93 -5.69
CA ASN C 65 35.76 31.79 -5.22
C ASN C 65 36.62 30.53 -5.17
N ALA C 66 37.41 30.29 -6.21
CA ALA C 66 38.33 29.14 -6.22
C ALA C 66 39.21 29.12 -4.98
N PHE C 67 39.89 30.24 -4.69
CA PHE C 67 40.81 30.30 -3.57
C PHE C 67 40.04 29.95 -2.31
N ARG C 68 38.87 30.59 -2.15
CA ARG C 68 37.99 30.37 -0.99
C ARG C 68 37.64 28.91 -0.78
N ARG C 69 37.19 28.26 -1.86
CA ARG C 69 36.83 26.86 -1.82
C ARG C 69 38.05 25.96 -1.59
N ILE C 70 39.23 26.39 -2.04
CA ILE C 70 40.42 25.59 -1.85
C ILE C 70 40.92 25.68 -0.41
N MET C 71 40.92 26.90 0.13
CA MET C 71 41.33 27.14 1.51
C MET C 71 40.54 26.31 2.53
N ILE C 72 39.24 26.19 2.28
CA ILE C 72 38.38 25.43 3.18
C ILE C 72 38.59 23.94 3.01
N SER C 73 38.69 23.47 1.77
CA SER C 73 38.51 22.04 1.51
C SER C 73 39.70 21.23 0.95
N GLU C 74 40.75 21.92 0.53
CA GLU C 74 41.95 21.27 0.02
C GLU C 74 43.20 21.82 0.69
N VAL C 75 43.40 21.44 1.96
CA VAL C 75 44.60 21.82 2.69
C VAL C 75 45.42 20.60 3.09
N PRO C 76 46.77 20.64 2.80
CA PRO C 76 47.57 19.67 3.55
C PRO C 76 47.54 19.93 5.05
N SER C 77 47.48 18.86 5.84
CA SER C 77 47.57 18.98 7.29
C SER C 77 47.69 17.60 7.95
N VAL C 78 48.25 17.56 9.15
CA VAL C 78 48.42 16.32 9.87
C VAL C 78 47.36 16.21 10.95
N ALA C 79 46.68 15.07 10.98
CA ALA C 79 45.64 14.83 11.97
C ALA C 79 45.42 13.32 12.19
N ALA C 80 45.22 12.95 13.45
CA ALA C 80 44.99 11.54 13.78
C ALA C 80 44.00 10.90 12.84
N GLU C 81 44.34 9.72 12.34
CA GLU C 81 43.48 8.99 11.42
C GLU C 81 43.11 7.61 11.97
N TYR C 82 44.06 6.98 12.64
CA TYR C 82 43.85 5.66 13.22
C TYR C 82 44.18 5.64 14.70
N VAL C 83 43.24 5.17 15.51
CA VAL C 83 43.43 5.10 16.95
C VAL C 83 43.38 3.65 17.40
N TYR C 84 44.43 3.22 18.11
CA TYR C 84 44.51 1.85 18.58
C TYR C 84 44.32 1.78 20.08
N PHE C 85 43.15 1.30 20.49
CA PHE C 85 42.81 1.16 21.91
C PHE C 85 43.33 -0.13 22.52
N PHE C 86 43.91 -0.04 23.71
CA PHE C 86 44.25 -1.25 24.45
C PHE C 86 43.32 -1.35 25.64
N ASN C 87 42.83 -0.21 26.07
CA ASN C 87 41.84 -0.17 27.12
C ASN C 87 41.18 1.19 27.25
N ASN C 88 39.88 1.17 27.51
CA ASN C 88 39.15 2.39 27.80
C ASN C 88 37.94 2.09 28.66
N THR C 89 38.07 2.26 29.97
CA THR C 89 36.93 2.01 30.85
C THR C 89 36.34 3.33 31.37
N SER C 90 36.48 4.37 30.55
CA SER C 90 35.85 5.63 30.84
C SER C 90 34.42 5.58 30.34
N VAL C 91 33.72 6.66 30.65
CA VAL C 91 32.33 6.77 30.36
C VAL C 91 32.11 7.13 28.88
N ILE C 92 33.18 7.59 28.22
CA ILE C 92 33.12 7.98 26.81
C ILE C 92 33.49 6.81 25.87
N GLN C 93 32.65 6.52 24.91
CA GLN C 93 32.85 5.34 24.09
C GLN C 93 34.04 5.49 23.12
N ASP C 94 34.74 4.37 22.88
CA ASP C 94 35.96 4.35 22.05
C ASP C 94 35.84 5.23 20.80
N GLU C 95 34.86 4.97 19.95
CA GLU C 95 34.80 5.61 18.65
C GLU C 95 34.65 7.11 18.81
N VAL C 96 33.95 7.51 19.87
CA VAL C 96 33.74 8.92 20.13
C VAL C 96 35.05 9.54 20.60
N LEU C 97 35.73 8.88 21.54
CA LEU C 97 37.05 9.33 21.97
C LEU C 97 38.03 9.44 20.78
N ALA C 98 38.07 8.40 19.96
CA ALA C 98 38.89 8.41 18.75
C ALA C 98 38.57 9.64 17.91
N HIS C 99 37.28 9.92 17.73
CA HIS C 99 36.85 11.05 16.92
C HIS C 99 37.41 12.39 17.40
N ARG C 100 37.43 12.59 18.71
CA ARG C 100 37.80 13.90 19.24
C ARG C 100 39.30 14.07 19.08
N ILE C 101 40.02 12.96 19.29
CA ILE C 101 41.47 12.97 19.11
C ILE C 101 41.79 13.36 17.66
N GLY C 102 40.93 12.94 16.75
CA GLY C 102 41.12 13.27 15.35
C GLY C 102 40.86 14.73 15.08
N LEU C 103 40.14 15.39 15.96
CA LEU C 103 39.79 16.81 15.75
C LEU C 103 40.85 17.72 16.35
N VAL C 104 41.67 17.15 17.23
CA VAL C 104 42.77 17.88 17.82
C VAL C 104 43.77 18.27 16.73
N PRO C 105 43.99 19.58 16.57
CA PRO C 105 44.93 20.12 15.60
C PRO C 105 46.33 19.92 16.12
N LEU C 106 47.12 19.14 15.40
CA LEU C 106 48.51 18.89 15.78
C LEU C 106 49.42 19.96 15.17
N LYS C 107 50.31 20.50 15.99
CA LYS C 107 51.25 21.53 15.55
C LYS C 107 52.40 20.81 14.86
N VAL C 108 52.19 20.43 13.61
CA VAL C 108 53.17 19.67 12.84
C VAL C 108 53.27 20.30 11.47
N ASP C 109 54.49 20.47 10.98
CA ASP C 109 54.66 20.98 9.63
C ASP C 109 54.40 19.85 8.63
N PRO C 110 53.33 19.97 7.83
CA PRO C 110 52.98 18.91 6.88
C PRO C 110 54.06 18.63 5.85
N ASP C 111 54.98 19.57 5.65
CA ASP C 111 56.08 19.36 4.73
C ASP C 111 57.06 18.31 5.25
N MET C 112 57.03 18.10 6.57
CA MET C 112 57.96 17.18 7.22
C MET C 112 57.52 15.71 7.07
N LEU C 113 56.45 15.49 6.34
CA LEU C 113 55.86 14.17 6.20
C LEU C 113 55.59 13.87 4.73
N THR C 114 55.67 12.60 4.36
CA THR C 114 55.28 12.17 3.03
C THR C 114 53.91 11.49 3.15
N TRP C 115 53.24 11.30 2.01
CA TRP C 115 51.92 10.68 2.03
C TRP C 115 51.99 9.17 2.16
N VAL C 116 50.95 8.62 2.78
CA VAL C 116 50.80 7.18 2.93
C VAL C 116 50.27 6.60 1.63
N ASP C 117 50.82 5.46 1.22
CA ASP C 117 50.22 4.73 0.09
C ASP C 117 49.23 3.70 0.65
N SER C 118 47.96 3.85 0.30
CA SER C 118 46.91 3.02 0.91
C SER C 118 46.62 1.74 0.12
N ASN C 119 47.64 1.21 -0.54
CA ASN C 119 47.53 -0.03 -1.30
C ASN C 119 48.43 -1.11 -0.72
N LEU C 120 49.26 -0.72 0.23
CA LEU C 120 50.15 -1.64 0.92
C LEU C 120 49.47 -2.19 2.17
N PRO C 121 49.89 -3.38 2.59
CA PRO C 121 49.42 -3.95 3.87
C PRO C 121 49.81 -3.04 5.05
N ASP C 122 49.20 -3.24 6.20
CA ASP C 122 49.44 -2.39 7.37
C ASP C 122 50.91 -2.30 7.82
N ASP C 123 51.66 -3.39 7.68
CA ASP C 123 53.07 -3.39 8.08
C ASP C 123 53.90 -2.41 7.24
N GLU C 124 53.72 -2.48 5.92
CA GLU C 124 54.45 -1.64 4.97
C GLU C 124 53.90 -0.22 4.90
N LYS C 125 52.62 -0.08 5.24
CA LYS C 125 51.91 1.17 5.08
C LYS C 125 52.51 2.32 5.91
N PHE C 126 52.89 2.04 7.16
CA PHE C 126 53.29 3.11 8.07
C PHE C 126 54.79 3.20 8.34
N THR C 127 55.42 4.28 7.88
CA THR C 127 56.87 4.47 8.03
C THR C 127 57.21 5.74 8.80
N ASP C 128 58.51 5.97 9.02
CA ASP C 128 58.98 7.19 9.69
C ASP C 128 58.80 8.47 8.85
N GLU C 129 58.60 8.31 7.55
CA GLU C 129 58.26 9.43 6.68
C GLU C 129 56.74 9.58 6.54
N ASN C 130 56.01 8.56 6.96
CA ASN C 130 54.56 8.56 6.83
C ASN C 130 53.74 9.05 8.01
N THR C 131 53.71 8.27 9.08
CA THR C 131 52.92 8.63 10.25
C THR C 131 53.66 8.95 11.55
N ILE C 132 52.99 9.78 12.35
CA ILE C 132 53.42 10.24 13.66
C ILE C 132 52.63 9.49 14.72
N VAL C 133 53.30 8.98 15.74
CA VAL C 133 52.64 8.19 16.77
C VAL C 133 52.46 8.96 18.07
N LEU C 134 51.21 9.03 18.54
CA LEU C 134 50.90 9.62 19.82
C LEU C 134 50.38 8.54 20.75
N SER C 135 50.72 8.64 22.03
CA SER C 135 50.21 7.69 23.01
C SER C 135 49.44 8.45 24.07
N LEU C 136 48.58 7.74 24.80
CA LEU C 136 47.81 8.34 25.86
C LEU C 136 47.59 7.28 26.94
N ASN C 137 47.96 7.59 28.17
CA ASN C 137 47.93 6.57 29.21
C ASN C 137 47.60 7.10 30.59
N VAL C 138 46.32 7.14 30.91
CA VAL C 138 45.87 7.68 32.19
C VAL C 138 45.04 6.66 32.97
N LYS C 139 45.32 6.54 34.28
CA LYS C 139 44.45 5.85 35.22
C LYS C 139 44.00 6.86 36.26
N CYS C 140 42.73 6.80 36.64
CA CYS C 140 42.21 7.68 37.66
C CYS C 140 42.12 6.97 39.02
N THR C 141 42.72 7.57 40.04
CA THR C 141 42.63 7.03 41.38
C THR C 141 41.96 8.03 42.30
N ARG C 142 41.48 7.59 43.45
CA ARG C 142 40.87 8.51 44.40
C ARG C 142 41.97 9.18 45.25
N ASN C 143 41.74 10.44 45.61
CA ASN C 143 42.70 11.20 46.41
C ASN C 143 42.35 11.14 47.90
N PRO C 144 43.28 10.62 48.72
CA PRO C 144 43.06 10.58 50.17
C PRO C 144 43.05 11.98 50.80
N ASP C 145 43.96 12.83 50.34
CA ASP C 145 44.17 14.17 50.92
C ASP C 145 43.19 15.23 50.43
N ALA C 146 41.98 14.81 50.09
CA ALA C 146 40.95 15.73 49.64
C ALA C 146 40.41 16.54 50.82
N PRO C 147 40.43 17.88 50.71
CA PRO C 147 39.88 18.77 51.75
C PRO C 147 38.40 18.52 51.98
N LYS C 148 38.09 17.75 53.03
CA LYS C 148 36.74 17.22 53.29
C LYS C 148 35.61 18.20 53.00
N GLY C 149 34.64 17.76 52.20
CA GLY C 149 33.59 18.62 51.73
C GLY C 149 34.05 19.45 50.55
N SER C 150 34.60 18.78 49.54
CA SER C 150 35.10 19.43 48.34
C SER C 150 34.29 19.00 47.13
N THR C 151 34.11 19.92 46.18
CA THR C 151 33.34 19.69 44.96
C THR C 151 34.29 19.53 43.77
N ASP C 152 35.41 20.23 43.84
CA ASP C 152 36.41 20.23 42.78
C ASP C 152 37.04 18.84 42.56
N PRO C 153 36.96 18.35 41.33
CA PRO C 153 37.48 17.02 40.98
C PRO C 153 39.00 16.99 40.86
N LYS C 154 39.67 18.15 40.85
CA LYS C 154 41.13 18.17 40.84
C LYS C 154 41.66 17.67 42.18
N GLU C 155 40.99 18.10 43.25
CA GLU C 155 41.41 17.72 44.59
C GLU C 155 40.74 16.44 45.09
N LEU C 156 39.63 16.07 44.47
CA LEU C 156 38.96 14.83 44.83
C LEU C 156 39.59 13.63 44.15
N TYR C 157 39.94 13.81 42.87
CA TYR C 157 40.49 12.72 42.08
C TYR C 157 41.84 13.08 41.43
N ASN C 158 42.70 12.07 41.30
CA ASN C 158 43.94 12.26 40.56
C ASN C 158 43.75 11.89 39.11
N ASN C 159 44.02 12.85 38.23
CA ASN C 159 43.86 12.69 36.78
C ASN C 159 42.43 12.47 36.37
N ALA C 160 41.50 13.21 36.99
CA ALA C 160 40.11 13.12 36.59
C ALA C 160 39.95 13.63 35.17
N HIS C 161 40.65 14.71 34.85
CA HIS C 161 40.51 15.36 33.55
C HIS C 161 41.69 15.08 32.62
N VAL C 162 41.37 14.66 31.40
CA VAL C 162 42.39 14.32 30.41
C VAL C 162 42.41 15.38 29.33
N TYR C 163 43.58 15.98 29.11
CA TYR C 163 43.72 17.05 28.12
C TYR C 163 44.54 16.64 26.90
N ALA C 164 44.44 17.41 25.82
CA ALA C 164 45.18 17.11 24.60
C ALA C 164 46.68 17.08 24.87
N ARG C 165 47.16 18.01 25.68
CA ARG C 165 48.55 18.04 26.10
C ARG C 165 49.05 16.69 26.67
N ASP C 166 48.12 15.82 27.08
CA ASP C 166 48.45 14.50 27.63
C ASP C 166 48.78 13.46 26.57
N LEU C 167 48.54 13.80 25.30
CA LEU C 167 49.02 13.00 24.17
C LEU C 167 50.54 13.06 24.09
N LYS C 168 51.22 11.97 24.43
CA LYS C 168 52.69 11.98 24.39
C LYS C 168 53.21 11.63 23.00
N PHE C 169 54.18 12.41 22.53
CA PHE C 169 54.74 12.18 21.21
C PHE C 169 55.82 11.12 21.30
N GLU C 170 55.57 9.97 20.67
CA GLU C 170 56.58 8.92 20.62
C GLU C 170 57.25 8.84 19.24
N PRO C 171 58.50 9.32 19.16
CA PRO C 171 59.23 9.38 17.90
C PRO C 171 59.64 7.98 17.45
N GLN C 172 59.58 7.72 16.14
CA GLN C 172 59.96 6.42 15.60
C GLN C 172 61.10 6.55 14.60
N GLY C 173 62.09 5.68 14.69
CA GLY C 173 63.18 5.67 13.73
C GLY C 173 63.84 7.03 13.61
N ARG C 174 64.02 7.49 12.38
CA ARG C 174 64.75 8.73 12.10
C ARG C 174 64.16 9.95 12.80
N GLN C 175 62.92 9.83 13.30
CA GLN C 175 62.19 10.98 13.82
C GLN C 175 62.79 11.55 15.10
N SER C 176 63.45 10.69 15.86
CA SER C 176 64.16 11.11 17.05
C SER C 176 65.10 12.26 16.68
N THR C 177 65.66 12.17 15.48
CA THR C 177 66.54 13.22 14.95
C THR C 177 65.73 14.35 14.30
N THR C 178 64.94 14.02 13.27
CA THR C 178 64.18 15.01 12.50
C THR C 178 63.29 15.93 13.35
N PHE C 179 62.56 15.32 14.29
CA PHE C 179 61.66 16.08 15.15
C PHE C 179 62.27 16.45 16.51
N ALA C 180 63.59 16.38 16.64
CA ALA C 180 64.23 16.69 17.90
C ALA C 180 64.12 18.19 18.21
N ASP C 181 64.00 18.98 17.16
CA ASP C 181 63.98 20.43 17.31
C ASP C 181 62.57 20.98 17.39
N CYS C 182 61.59 20.09 17.25
CA CYS C 182 60.18 20.48 17.29
C CYS C 182 59.29 19.30 17.67
N PRO C 183 59.21 18.99 18.97
CA PRO C 183 58.36 17.89 19.46
C PRO C 183 56.94 18.08 18.97
N VAL C 184 56.18 16.99 18.88
CA VAL C 184 54.81 17.08 18.41
C VAL C 184 53.86 17.40 19.55
N VAL C 185 53.18 18.52 19.43
CA VAL C 185 52.38 19.09 20.51
C VAL C 185 51.04 19.54 19.91
N PRO C 186 49.96 19.34 20.66
CA PRO C 186 48.73 19.86 20.08
C PRO C 186 48.77 21.39 20.09
N ALA C 187 48.22 22.02 19.06
CA ALA C 187 48.22 23.47 18.98
C ALA C 187 47.38 24.14 20.07
N ASP C 188 46.47 23.38 20.68
CA ASP C 188 45.58 23.89 21.72
C ASP C 188 45.62 22.95 22.92
N PRO C 189 46.64 23.10 23.77
CA PRO C 189 46.95 22.10 24.80
C PRO C 189 45.77 21.83 25.73
N ASP C 190 45.01 22.86 26.05
CA ASP C 190 44.00 22.76 27.10
C ASP C 190 42.65 22.22 26.67
N ILE C 191 42.60 21.61 25.47
CA ILE C 191 41.41 20.94 24.98
C ILE C 191 41.05 19.82 25.92
N LEU C 192 39.78 19.79 26.34
CA LEU C 192 39.30 18.75 27.24
C LEU C 192 39.01 17.52 26.41
N LEU C 193 39.63 16.40 26.73
CA LEU C 193 39.46 15.24 25.89
C LEU C 193 38.52 14.18 26.50
N ALA C 194 38.63 13.98 27.80
CA ALA C 194 37.86 12.97 28.48
C ALA C 194 37.84 13.29 29.96
N LYS C 195 36.90 12.72 30.69
CA LYS C 195 36.90 12.80 32.14
C LYS C 195 36.77 11.41 32.74
N LEU C 196 37.37 11.19 33.90
CA LEU C 196 37.34 9.86 34.53
C LEU C 196 36.94 9.91 36.01
N ARG C 197 36.63 8.74 36.56
CA ARG C 197 36.47 8.62 37.99
C ARG C 197 37.31 7.42 38.45
N PRO C 198 37.64 7.34 39.75
CA PRO C 198 38.51 6.32 40.32
C PRO C 198 38.33 4.90 39.77
N GLY C 199 39.40 4.34 39.20
CA GLY C 199 39.38 2.98 38.71
C GLY C 199 39.32 2.88 37.20
N GLN C 200 39.02 4.00 36.55
CA GLN C 200 38.88 4.00 35.11
C GLN C 200 40.17 4.40 34.43
N GLU C 201 40.49 3.75 33.32
CA GLU C 201 41.73 4.04 32.61
C GLU C 201 41.54 4.18 31.10
N ILE C 202 42.41 4.98 30.47
CA ILE C 202 42.44 5.07 29.02
C ILE C 202 43.85 4.74 28.55
N SER C 203 43.94 3.95 27.48
CA SER C 203 45.21 3.50 26.97
C SER C 203 45.13 3.33 25.44
N LEU C 204 45.79 4.22 24.71
CA LEU C 204 45.68 4.22 23.25
C LEU C 204 46.91 4.77 22.55
N LYS C 205 47.13 4.29 21.33
CA LYS C 205 48.14 4.86 20.46
C LYS C 205 47.42 5.38 19.23
N ALA C 206 47.83 6.54 18.74
CA ALA C 206 47.23 7.10 17.54
C ALA C 206 48.27 7.31 16.42
N HIS C 207 47.91 6.91 15.20
CA HIS C 207 48.74 7.20 14.04
C HIS C 207 48.21 8.43 13.33
N CYS C 208 49.07 9.41 13.11
CA CYS C 208 48.64 10.66 12.52
C CYS C 208 49.35 10.85 11.20
N ILE C 209 48.60 11.20 10.17
CA ILE C 209 49.12 11.22 8.81
C ILE C 209 48.68 12.45 8.06
N LEU C 210 49.15 12.60 6.81
CA LEU C 210 48.68 13.67 5.94
C LEU C 210 47.27 13.41 5.40
N GLY C 211 46.48 14.47 5.28
CA GLY C 211 45.16 14.36 4.67
C GLY C 211 44.67 15.73 4.27
N ILE C 212 43.54 15.79 3.57
CA ILE C 212 42.97 17.09 3.17
C ILE C 212 41.51 17.27 3.57
N GLY C 213 41.12 18.52 3.76
CA GLY C 213 39.80 18.84 4.28
C GLY C 213 38.66 18.26 3.47
N GLY C 214 38.84 18.22 2.16
CA GLY C 214 37.82 17.69 1.26
C GLY C 214 37.46 16.26 1.61
N ASP C 215 38.46 15.52 2.11
CA ASP C 215 38.27 14.15 2.57
C ASP C 215 37.53 14.10 3.89
N HIS C 216 38.08 14.80 4.90
CA HIS C 216 37.45 14.93 6.20
C HIS C 216 37.87 16.26 6.84
N ALA C 217 36.93 16.96 7.47
CA ALA C 217 37.15 18.31 7.95
C ALA C 217 38.21 18.42 9.04
N LYS C 218 38.64 17.28 9.57
CA LYS C 218 39.65 17.25 10.63
C LYS C 218 41.03 17.58 10.07
N PHE C 219 41.15 17.54 8.75
CA PHE C 219 42.43 17.84 8.10
C PHE C 219 42.51 19.30 7.67
N SER C 220 41.35 19.91 7.43
CA SER C 220 41.29 21.31 7.03
C SER C 220 42.02 22.20 8.02
N PRO C 221 43.20 22.77 7.56
CA PRO C 221 43.87 23.63 8.53
C PRO C 221 43.57 25.11 8.30
N VAL C 222 42.37 25.54 8.65
CA VAL C 222 41.96 26.93 8.47
C VAL C 222 40.74 27.26 9.31
N SER C 223 40.93 28.05 10.36
CA SER C 223 39.83 28.44 11.25
C SER C 223 38.75 28.96 10.33
N THR C 224 39.20 29.22 9.10
CA THR C 224 38.42 29.67 7.98
C THR C 224 39.00 30.78 7.16
N ALA C 225 38.92 30.53 5.87
CA ALA C 225 39.38 31.42 4.85
C ALA C 225 38.12 31.77 4.07
N SER C 226 37.87 33.06 3.91
CA SER C 226 36.74 33.48 3.12
C SER C 226 37.07 34.87 2.58
N TYR C 227 36.22 35.37 1.69
CA TYR C 227 36.35 36.74 1.22
C TYR C 227 35.01 37.47 1.16
N ARG C 228 35.09 38.77 0.97
CA ARG C 228 33.92 39.59 0.71
C ARG C 228 34.34 40.53 -0.41
N LEU C 229 33.38 40.98 -1.21
CA LEU C 229 33.70 41.98 -2.21
C LEU C 229 33.65 43.33 -1.53
N LEU C 230 34.52 44.25 -1.95
CA LEU C 230 34.56 45.58 -1.37
C LEU C 230 33.17 46.20 -1.33
N PRO C 231 32.99 47.23 -0.41
CA PRO C 231 31.63 47.80 -0.41
C PRO C 231 31.58 49.10 -1.20
N GLN C 232 30.41 49.74 -1.23
CA GLN C 232 30.23 50.98 -1.97
C GLN C 232 28.97 51.72 -1.55
N ILE C 233 29.12 52.99 -1.21
CA ILE C 233 28.00 53.81 -0.79
C ILE C 233 28.12 55.11 -1.54
N ASN C 234 27.32 55.30 -2.57
CA ASN C 234 27.37 56.58 -3.25
C ASN C 234 26.10 57.42 -3.12
N ILE C 235 26.30 58.64 -2.63
CA ILE C 235 25.22 59.58 -2.33
C ILE C 235 24.82 60.37 -3.57
N LEU C 236 23.52 60.40 -3.85
CA LEU C 236 23.01 60.91 -5.13
C LEU C 236 22.69 62.39 -5.11
N GLN C 237 22.94 63.02 -3.96
CA GLN C 237 22.87 64.47 -3.82
C GLN C 237 23.34 64.80 -2.42
N PRO C 238 23.81 66.04 -2.20
CA PRO C 238 24.29 66.39 -0.86
C PRO C 238 23.23 66.17 0.21
N ILE C 239 23.68 65.82 1.40
CA ILE C 239 22.77 65.61 2.51
C ILE C 239 23.43 66.25 3.69
N LYS C 240 22.75 67.23 4.29
CA LYS C 240 23.37 68.05 5.32
C LYS C 240 22.48 68.34 6.53
N GLY C 241 23.07 68.97 7.53
CA GLY C 241 22.33 69.40 8.70
C GLY C 241 21.84 68.25 9.54
N GLU C 242 20.55 68.27 9.84
CA GLU C 242 19.98 67.23 10.68
C GLU C 242 19.80 65.92 9.90
N SER C 243 19.72 66.03 8.58
CA SER C 243 19.69 64.86 7.74
C SER C 243 21.04 64.14 7.79
N ALA C 244 22.12 64.91 7.71
CA ALA C 244 23.46 64.33 7.77
C ALA C 244 23.65 63.47 9.02
N ARG C 245 23.35 64.03 10.19
CA ARG C 245 23.44 63.25 11.43
C ARG C 245 22.58 61.99 11.35
N ARG C 246 21.35 62.13 10.87
CA ARG C 246 20.42 61.00 10.72
C ARG C 246 21.00 59.95 9.78
N PHE C 247 21.33 60.39 8.57
CA PHE C 247 21.95 59.55 7.56
C PHE C 247 23.19 58.81 8.08
N GLN C 248 24.05 59.52 8.79
CA GLN C 248 25.28 58.95 9.34
C GLN C 248 25.02 57.76 10.28
N LYS C 249 23.92 57.82 11.04
CA LYS C 249 23.60 56.78 12.02
C LYS C 249 22.96 55.52 11.41
N CYS C 250 22.77 55.51 10.09
CA CYS C 250 22.27 54.33 9.43
C CYS C 250 23.40 53.37 9.07
N PHE C 251 24.63 53.80 9.30
CA PHE C 251 25.78 52.96 9.00
C PHE C 251 26.63 52.86 10.26
N PRO C 252 27.46 51.81 10.37
CA PRO C 252 28.28 51.67 11.58
C PRO C 252 29.18 52.91 11.81
N PRO C 253 29.55 53.13 13.07
CA PRO C 253 30.48 54.20 13.44
C PRO C 253 31.72 54.31 12.54
N GLY C 254 31.93 55.47 11.94
CA GLY C 254 33.13 55.66 11.16
C GLY C 254 32.96 55.51 9.67
N VAL C 255 31.85 54.92 9.25
CA VAL C 255 31.59 54.72 7.81
C VAL C 255 31.25 56.07 7.13
N ILE C 256 30.29 56.77 7.71
CA ILE C 256 29.86 58.03 7.16
C ILE C 256 30.43 59.16 7.98
N GLY C 257 31.03 60.12 7.31
CA GLY C 257 31.53 61.30 7.98
C GLY C 257 30.67 62.50 7.70
N ILE C 258 30.63 63.43 8.65
CA ILE C 258 30.02 64.72 8.43
C ILE C 258 31.15 65.73 8.30
N ASP C 259 31.23 66.39 7.15
CA ASP C 259 32.30 67.36 6.94
C ASP C 259 32.01 68.71 7.59
N GLU C 260 33.03 69.31 8.19
CA GLU C 260 32.89 70.66 8.71
C GLU C 260 33.09 71.64 7.57
N GLY C 261 32.18 72.61 7.47
CA GLY C 261 32.21 73.56 6.39
C GLY C 261 30.98 73.45 5.51
N SER C 262 31.00 72.50 4.58
CA SER C 262 29.85 72.25 3.72
C SER C 262 28.70 71.61 4.53
N ASP C 263 29.03 71.17 5.73
CA ASP C 263 28.10 70.49 6.63
C ASP C 263 27.45 69.25 6.03
N GLU C 264 27.86 68.90 4.82
CA GLU C 264 27.31 67.77 4.08
C GLU C 264 27.98 66.46 4.47
N ALA C 265 27.26 65.36 4.27
CA ALA C 265 27.78 64.05 4.61
C ALA C 265 28.59 63.52 3.44
N TYR C 266 29.60 62.72 3.78
CA TYR C 266 30.46 62.08 2.78
C TYR C 266 30.88 60.72 3.33
N VAL C 267 31.38 59.85 2.47
CA VAL C 267 31.83 58.53 2.91
C VAL C 267 33.29 58.52 3.35
N LYS C 268 33.53 58.21 4.63
CA LYS C 268 34.89 58.05 5.18
C LYS C 268 35.56 56.78 4.65
N ASP C 269 35.25 55.62 5.23
CA ASP C 269 35.61 54.35 4.58
C ASP C 269 34.53 53.29 4.53
N ALA C 270 34.16 52.95 3.30
CA ALA C 270 33.19 51.94 3.04
C ALA C 270 33.69 50.60 3.57
N ARG C 271 35.00 50.47 3.66
CA ARG C 271 35.59 49.19 4.06
C ARG C 271 35.09 48.68 5.44
N LYS C 272 34.56 49.58 6.26
CA LYS C 272 34.03 49.24 7.59
C LYS C 272 32.55 48.90 7.55
N ASP C 273 31.90 49.16 6.42
CA ASP C 273 30.46 48.93 6.32
C ASP C 273 30.09 47.43 6.24
N THR C 274 28.96 47.09 6.86
CA THR C 274 28.49 45.73 6.96
C THR C 274 27.35 45.43 5.98
N VAL C 275 26.95 46.46 5.23
CA VAL C 275 25.88 46.38 4.23
C VAL C 275 24.55 45.90 4.84
N SER C 276 24.14 46.52 5.92
CA SER C 276 22.90 46.15 6.58
C SER C 276 21.66 46.65 5.81
N ARG C 277 21.90 47.58 4.90
CA ARG C 277 20.86 48.27 4.13
C ARG C 277 19.88 49.04 5.01
N GLU C 278 20.29 49.34 6.23
CA GLU C 278 19.48 50.10 7.17
C GLU C 278 18.98 51.43 6.60
N VAL C 279 19.82 52.13 5.86
CA VAL C 279 19.43 53.38 5.20
C VAL C 279 18.13 53.23 4.46
N LEU C 280 18.05 52.15 3.68
CA LEU C 280 16.93 51.95 2.79
C LEU C 280 15.57 51.79 3.49
N ARG C 281 15.59 51.62 4.80
CA ARG C 281 14.36 51.62 5.58
C ARG C 281 13.71 53.01 5.71
N TYR C 282 14.49 53.99 6.17
CA TYR C 282 14.01 55.36 6.32
C TYR C 282 13.67 56.05 5.00
N GLU C 283 12.42 56.47 4.87
CA GLU C 283 11.85 56.97 3.62
C GLU C 283 12.62 58.14 3.03
N GLU C 284 13.09 59.03 3.88
CA GLU C 284 13.74 60.25 3.41
C GLU C 284 15.05 59.99 2.69
N PHE C 285 15.68 58.85 2.97
CA PHE C 285 16.98 58.56 2.39
C PHE C 285 16.90 57.61 1.22
N ALA C 286 15.94 56.69 1.23
CA ALA C 286 15.84 55.66 0.18
C ALA C 286 15.88 56.25 -1.24
N ASP C 287 15.55 57.53 -1.33
CA ASP C 287 15.55 58.28 -2.58
C ASP C 287 16.96 58.76 -3.01
N LYS C 288 17.83 58.95 -2.02
CA LYS C 288 19.07 59.69 -2.21
C LYS C 288 20.36 58.87 -2.10
N VAL C 289 20.25 57.54 -2.03
CA VAL C 289 21.42 56.68 -1.89
C VAL C 289 21.29 55.44 -2.74
N LYS C 290 22.35 55.11 -3.46
CA LYS C 290 22.49 53.79 -4.06
C LYS C 290 23.58 53.00 -3.33
N LEU C 291 23.32 51.72 -3.10
CA LEU C 291 24.29 50.88 -2.41
C LEU C 291 24.81 49.88 -3.41
N GLY C 292 26.13 49.86 -3.62
CA GLY C 292 26.74 48.96 -4.59
C GLY C 292 28.02 48.32 -4.10
N ARG C 293 28.85 47.88 -5.03
CA ARG C 293 30.13 47.24 -4.70
C ARG C 293 31.25 47.72 -5.62
N VAL C 294 32.41 47.09 -5.50
CA VAL C 294 33.56 47.45 -6.32
C VAL C 294 33.91 46.33 -7.30
N ARG C 295 33.09 45.29 -7.30
CA ARG C 295 33.30 44.14 -8.19
C ARG C 295 34.75 43.64 -8.10
N ASN C 296 35.59 44.15 -9.00
CA ASN C 296 36.99 43.75 -9.03
C ASN C 296 37.74 44.18 -7.78
N HIS C 297 37.57 43.42 -6.70
CA HIS C 297 38.22 43.72 -5.43
C HIS C 297 37.77 42.75 -4.34
N PHE C 298 38.67 41.88 -3.93
CA PHE C 298 38.37 40.90 -2.89
C PHE C 298 39.08 41.13 -1.56
N ILE C 299 38.31 41.29 -0.49
CA ILE C 299 38.87 41.35 0.84
C ILE C 299 38.90 39.97 1.47
N PHE C 300 40.08 39.36 1.49
CA PHE C 300 40.29 38.03 2.06
C PHE C 300 40.56 38.07 3.56
N ASN C 301 39.97 37.13 4.29
CA ASN C 301 40.37 36.96 5.67
C ASN C 301 40.74 35.50 5.91
N VAL C 302 41.98 35.26 6.30
CA VAL C 302 42.45 33.89 6.49
C VAL C 302 42.90 33.65 7.92
N GLU C 303 42.26 32.70 8.61
CA GLU C 303 42.67 32.27 9.94
C GLU C 303 43.28 30.87 9.91
N SER C 304 44.41 30.70 10.55
CA SER C 304 45.05 29.41 10.56
C SER C 304 44.61 28.63 11.77
N ALA C 305 44.41 27.32 11.56
CA ALA C 305 44.11 26.39 12.64
C ALA C 305 45.28 26.21 13.60
N GLY C 306 46.49 26.59 13.16
CA GLY C 306 47.63 26.69 14.06
C GLY C 306 48.95 26.08 13.59
N ALA C 307 48.93 25.41 12.44
CA ALA C 307 50.08 24.62 12.03
C ALA C 307 51.01 25.47 11.19
N MET C 308 50.44 26.16 10.22
CA MET C 308 51.17 27.07 9.35
C MET C 308 50.64 28.48 9.52
N THR C 309 51.41 29.47 9.13
CA THR C 309 50.96 30.85 9.13
C THR C 309 49.95 31.06 8.00
N PRO C 310 49.10 32.09 8.08
CA PRO C 310 48.14 32.39 7.01
C PRO C 310 48.82 32.53 5.67
N GLU C 311 49.85 33.38 5.60
CA GLU C 311 50.53 33.68 4.35
C GLU C 311 51.07 32.42 3.71
N GLU C 312 51.60 31.50 4.51
CA GLU C 312 52.05 30.21 3.98
C GLU C 312 50.90 29.45 3.35
N ILE C 313 49.74 29.44 4.02
CA ILE C 313 48.57 28.71 3.55
C ILE C 313 48.06 29.33 2.25
N PHE C 314 48.10 30.66 2.16
CA PHE C 314 47.68 31.30 0.94
C PHE C 314 48.67 31.09 -0.19
N PHE C 315 49.96 31.15 0.14
CA PHE C 315 50.98 30.87 -0.84
C PHE C 315 50.77 29.47 -1.39
N LYS C 316 50.65 28.51 -0.48
CA LYS C 316 50.50 27.11 -0.85
C LYS C 316 49.33 26.89 -1.79
N SER C 317 48.26 27.66 -1.58
CA SER C 317 47.10 27.55 -2.45
C SER C 317 47.34 28.13 -3.84
N VAL C 318 48.03 29.26 -3.91
CA VAL C 318 48.32 29.88 -5.20
C VAL C 318 49.23 28.96 -5.99
N ARG C 319 50.09 28.24 -5.27
CA ARG C 319 50.97 27.26 -5.87
C ARG C 319 50.18 26.02 -6.32
N ILE C 320 49.26 25.56 -5.48
CA ILE C 320 48.47 24.38 -5.81
C ILE C 320 47.69 24.57 -7.11
N LEU C 321 47.14 25.76 -7.30
CA LEU C 321 46.36 26.06 -8.50
C LEU C 321 47.26 25.96 -9.70
N LYS C 322 48.45 26.53 -9.59
CA LYS C 322 49.40 26.55 -10.69
C LYS C 322 49.83 25.13 -11.09
N ASN C 323 50.00 24.25 -10.11
CA ASN C 323 50.40 22.88 -10.42
C ASN C 323 49.32 22.11 -11.14
N LYS C 324 48.06 22.39 -10.80
CA LYS C 324 46.95 21.77 -11.50
C LYS C 324 47.04 22.11 -12.97
N ALA C 325 47.32 23.37 -13.26
CA ALA C 325 47.39 23.81 -14.65
C ALA C 325 48.60 23.18 -15.32
N GLU C 326 49.73 23.15 -14.59
CA GLU C 326 50.97 22.57 -15.10
C GLU C 326 50.92 21.05 -15.27
N TYR C 327 50.32 20.36 -14.30
CA TYR C 327 50.23 18.91 -14.38
C TYR C 327 49.36 18.51 -15.55
N LEU C 328 48.36 19.33 -15.83
CA LEU C 328 47.43 19.05 -16.92
C LEU C 328 48.06 19.36 -18.29
N LYS C 329 48.79 20.46 -18.39
CA LYS C 329 49.43 20.83 -19.66
C LYS C 329 50.35 19.71 -20.13
N ASN C 330 50.95 18.98 -19.18
CA ASN C 330 51.93 17.92 -19.48
C ASN C 330 51.35 16.51 -19.58
N CYS C 331 50.07 16.33 -19.27
CA CYS C 331 49.43 15.03 -19.50
C CYS C 331 49.07 14.88 -20.95
N PRO C 332 49.35 13.70 -21.53
CA PRO C 332 48.93 13.40 -22.90
C PRO C 332 47.41 13.24 -22.98
N ILE C 333 46.82 13.80 -24.02
CA ILE C 333 45.39 13.68 -24.24
C ILE C 333 45.09 12.39 -25.02
N THR C 334 44.58 11.39 -24.31
CA THR C 334 44.21 10.13 -24.94
C THR C 334 42.97 10.34 -25.80
N GLN C 335 42.97 9.76 -27.00
CA GLN C 335 41.78 9.82 -27.84
C GLN C 335 40.65 8.94 -27.26
N THR D 12 21.58 -36.58 -23.53
CA THR D 12 20.25 -37.17 -23.73
C THR D 12 19.31 -36.26 -24.55
N ALA D 13 18.05 -36.68 -24.61
CA ALA D 13 17.09 -36.17 -25.58
C ALA D 13 16.44 -34.85 -25.16
N THR D 14 16.56 -33.84 -26.00
CA THR D 14 15.89 -32.57 -25.77
C THR D 14 15.07 -32.16 -27.00
N THR D 15 14.45 -30.99 -26.92
CA THR D 15 13.66 -30.48 -28.04
C THR D 15 14.56 -30.00 -29.17
N LEU D 16 15.86 -29.97 -28.90
CA LEU D 16 16.82 -29.54 -29.90
C LEU D 16 17.29 -30.67 -30.84
N ASN D 17 17.27 -31.92 -30.36
CA ASN D 17 17.80 -33.05 -31.12
C ASN D 17 16.74 -34.13 -31.38
N THR D 18 15.57 -33.97 -30.79
CA THR D 18 14.49 -34.93 -30.93
C THR D 18 13.19 -34.29 -31.36
N PRO D 19 12.58 -34.82 -32.43
CA PRO D 19 11.22 -34.45 -32.84
C PRO D 19 10.25 -34.46 -31.65
N VAL D 20 9.29 -33.54 -31.61
CA VAL D 20 8.32 -33.54 -30.53
C VAL D 20 7.40 -34.73 -30.65
N VAL D 21 7.04 -35.07 -31.89
CA VAL D 21 6.27 -36.26 -32.17
C VAL D 21 6.54 -36.75 -33.61
N ILE D 22 6.44 -38.06 -33.83
CA ILE D 22 6.56 -38.67 -35.16
C ILE D 22 5.34 -39.55 -35.49
N HIS D 23 4.82 -39.46 -36.71
CA HIS D 23 3.69 -40.30 -37.12
C HIS D 23 3.88 -40.82 -38.54
N ALA D 24 3.67 -42.13 -38.73
CA ALA D 24 3.65 -42.65 -40.08
C ALA D 24 2.35 -42.20 -40.73
N THR D 25 2.44 -41.74 -41.99
CA THR D 25 1.27 -41.28 -42.72
C THR D 25 0.68 -42.35 -43.62
N GLN D 26 1.44 -43.42 -43.84
CA GLN D 26 0.93 -44.53 -44.63
C GLN D 26 1.40 -45.84 -44.03
N LEU D 27 0.87 -46.92 -44.54
CA LEU D 27 1.45 -48.21 -44.25
C LEU D 27 2.76 -48.26 -44.98
N PRO D 28 3.79 -48.80 -44.30
CA PRO D 28 5.10 -49.05 -44.90
C PRO D 28 4.97 -49.88 -46.18
N GLN D 29 5.77 -49.51 -47.19
CA GLN D 29 5.78 -50.20 -48.47
C GLN D 29 7.11 -50.94 -48.60
N HIS D 30 7.06 -52.24 -48.89
CA HIS D 30 8.29 -52.99 -49.02
C HIS D 30 9.06 -52.62 -50.28
N VAL D 31 10.38 -52.66 -50.19
CA VAL D 31 11.23 -52.24 -51.31
C VAL D 31 12.15 -53.35 -51.79
N SER D 32 12.28 -53.46 -53.11
CA SER D 32 13.14 -54.47 -53.72
C SER D 32 14.59 -54.21 -53.41
N THR D 33 15.43 -55.22 -53.61
CA THR D 33 16.86 -55.06 -53.42
C THR D 33 17.45 -53.98 -54.33
N ASP D 34 16.98 -53.93 -55.57
CA ASP D 34 17.46 -52.97 -56.55
C ASP D 34 17.16 -51.55 -56.10
N GLU D 35 16.10 -51.39 -55.32
CA GLU D 35 15.71 -50.10 -54.79
C GLU D 35 16.54 -49.72 -53.55
N VAL D 36 16.68 -50.68 -52.64
CA VAL D 36 17.54 -50.54 -51.47
C VAL D 36 18.93 -50.10 -51.88
N LEU D 37 19.42 -50.67 -52.97
CA LEU D 37 20.74 -50.32 -53.48
C LEU D 37 20.79 -48.92 -54.08
N GLN D 38 19.78 -48.54 -54.85
CA GLN D 38 19.74 -47.21 -55.45
C GLN D 38 19.64 -46.13 -54.37
N PHE D 39 18.88 -46.41 -53.31
CA PHE D 39 18.77 -45.48 -52.20
C PHE D 39 20.06 -45.35 -51.40
N LEU D 40 20.66 -46.48 -51.04
CA LEU D 40 21.92 -46.48 -50.29
C LEU D 40 22.98 -45.69 -51.03
N GLU D 41 23.13 -46.00 -52.31
CA GLU D 41 23.98 -45.26 -53.23
C GLU D 41 23.91 -43.76 -52.98
N SER D 42 22.76 -43.17 -53.29
CA SER D 42 22.60 -41.72 -53.23
C SER D 42 22.69 -41.14 -51.82
N PHE D 43 22.16 -41.85 -50.83
CA PHE D 43 22.18 -41.35 -49.45
C PHE D 43 23.61 -41.26 -48.96
N ILE D 44 24.40 -42.27 -49.28
CA ILE D 44 25.81 -42.28 -48.92
C ILE D 44 26.60 -41.15 -49.60
N ASP D 45 26.38 -40.96 -50.91
CA ASP D 45 27.03 -39.88 -51.65
C ASP D 45 26.70 -38.50 -51.10
N GLU D 46 25.41 -38.24 -50.88
CA GLU D 46 24.95 -36.92 -50.44
C GLU D 46 25.56 -36.52 -49.11
N LYS D 47 25.75 -37.50 -48.22
CA LYS D 47 26.29 -37.26 -46.88
C LYS D 47 27.82 -37.38 -46.79
N GLU D 48 28.52 -36.98 -47.85
CA GLU D 48 29.99 -37.02 -47.90
C GLU D 48 30.61 -35.85 -48.66
N THR D 80 30.83 -35.39 -37.55
CA THR D 80 31.81 -36.44 -37.28
C THR D 80 31.09 -37.75 -37.02
N ASN D 81 30.00 -37.66 -36.27
CA ASN D 81 29.17 -38.81 -35.97
C ASN D 81 28.51 -39.35 -37.24
N LEU D 82 28.05 -38.43 -38.09
CA LEU D 82 27.42 -38.81 -39.35
C LEU D 82 28.41 -39.49 -40.31
N SER D 83 29.67 -39.04 -40.27
CA SER D 83 30.71 -39.62 -41.13
C SER D 83 30.97 -41.08 -40.78
N SER D 84 31.15 -41.35 -39.49
CA SER D 84 31.46 -42.71 -39.04
C SER D 84 30.25 -43.63 -39.19
N SER D 85 29.07 -43.02 -39.35
CA SER D 85 27.83 -43.77 -39.54
C SER D 85 27.60 -44.16 -41.00
N ILE D 86 27.79 -43.24 -41.93
CA ILE D 86 27.66 -43.59 -43.35
C ILE D 86 28.74 -44.58 -43.71
N SER D 87 29.83 -44.58 -42.95
CA SER D 87 30.90 -45.54 -43.15
C SER D 87 30.36 -46.92 -42.86
N GLN D 88 29.62 -47.03 -41.76
CA GLN D 88 29.02 -48.29 -41.38
C GLN D 88 27.92 -48.72 -42.35
N LEU D 89 27.12 -47.76 -42.79
CA LEU D 89 26.09 -48.05 -43.79
C LEU D 89 26.73 -48.59 -45.06
N LYS D 90 27.87 -48.00 -45.42
CA LYS D 90 28.64 -48.44 -46.58
C LYS D 90 29.04 -49.90 -46.48
N ARG D 91 29.37 -50.33 -45.25
CA ARG D 91 29.69 -51.73 -44.97
C ARG D 91 28.48 -52.64 -45.11
N ILE D 92 27.32 -52.17 -44.66
CA ILE D 92 26.07 -52.93 -44.77
C ILE D 92 25.61 -53.08 -46.21
N GLN D 93 25.73 -52.02 -47.01
CA GLN D 93 25.32 -52.10 -48.43
C GLN D 93 26.27 -53.02 -49.20
N ARG D 94 27.47 -53.16 -48.68
CA ARG D 94 28.46 -54.05 -49.27
C ARG D 94 28.01 -55.48 -49.05
N ASP D 95 27.57 -55.78 -47.83
CA ASP D 95 27.12 -57.12 -47.48
C ASP D 95 25.86 -57.51 -48.24
N PHE D 96 24.99 -56.53 -48.48
CA PHE D 96 23.75 -56.81 -49.18
C PHE D 96 24.12 -57.35 -50.55
N LYS D 97 25.17 -56.77 -51.12
CA LYS D 97 25.60 -57.13 -52.48
C LYS D 97 26.49 -58.37 -52.47
N GLY D 98 26.74 -58.91 -51.28
CA GLY D 98 27.65 -60.03 -51.09
C GLY D 98 29.09 -59.69 -51.41
N LEU D 99 29.92 -59.48 -50.39
CA LEU D 99 31.32 -59.05 -50.60
C LEU D 99 32.37 -59.55 -49.52
N PRO D 100 32.90 -58.69 -48.60
CA PRO D 100 33.70 -59.44 -47.62
C PRO D 100 32.98 -59.60 -46.27
N GLU E 4 -67.48 13.80 -16.48
CA GLU E 4 -66.09 14.25 -16.45
C GLU E 4 -65.12 13.26 -17.14
N ASN E 5 -65.60 12.59 -18.18
CA ASN E 5 -64.77 11.60 -18.87
C ASN E 5 -63.86 12.26 -19.87
N GLU E 6 -63.84 13.59 -19.83
CA GLU E 6 -63.03 14.38 -20.76
C GLU E 6 -61.58 13.89 -20.77
N ARG E 7 -61.05 13.58 -19.59
CA ARG E 7 -59.72 12.99 -19.49
C ARG E 7 -59.71 11.66 -20.22
N ASN E 8 -60.61 10.77 -19.80
CA ASN E 8 -60.68 9.41 -20.31
C ASN E 8 -60.71 9.35 -21.82
N ILE E 9 -61.49 10.24 -22.43
CA ILE E 9 -61.55 10.31 -23.88
C ILE E 9 -60.23 10.78 -24.46
N SER E 10 -59.67 11.83 -23.85
CA SER E 10 -58.38 12.35 -24.27
C SER E 10 -57.32 11.26 -24.16
N ARG E 11 -57.33 10.53 -23.06
CA ARG E 11 -56.37 9.44 -22.86
C ARG E 11 -56.55 8.37 -23.94
N LEU E 12 -57.78 8.15 -24.36
CA LEU E 12 -58.05 7.12 -25.37
C LEU E 12 -57.63 7.64 -26.73
N TRP E 13 -57.92 8.91 -26.97
CA TRP E 13 -57.50 9.58 -28.19
C TRP E 13 -55.99 9.52 -28.30
N ARG E 14 -55.30 9.74 -27.19
CA ARG E 14 -53.86 9.74 -27.15
C ARG E 14 -53.29 8.36 -27.42
N ALA E 15 -53.90 7.34 -26.81
CA ALA E 15 -53.40 5.97 -26.94
C ALA E 15 -53.62 5.52 -28.35
N PHE E 16 -54.70 5.99 -28.95
CA PHE E 16 -55.02 5.67 -30.33
C PHE E 16 -53.92 6.20 -31.25
N ARG E 17 -53.54 7.46 -31.03
CA ARG E 17 -52.47 8.08 -31.80
C ARG E 17 -51.19 7.24 -31.75
N THR E 18 -50.80 6.84 -30.55
CA THR E 18 -49.62 6.00 -30.38
C THR E 18 -49.75 4.72 -31.22
N VAL E 19 -50.92 4.10 -31.23
CA VAL E 19 -51.10 2.84 -31.94
C VAL E 19 -50.91 3.04 -33.45
N LYS E 20 -51.55 4.06 -34.01
CA LYS E 20 -51.34 4.40 -35.42
C LYS E 20 -49.86 4.65 -35.71
N GLU E 21 -49.22 5.50 -34.90
CA GLU E 21 -47.79 5.79 -35.03
C GLU E 21 -46.96 4.51 -35.00
N MET E 22 -47.31 3.62 -34.06
CA MET E 22 -46.63 2.34 -33.91
C MET E 22 -46.82 1.46 -35.15
N VAL E 23 -48.05 1.39 -35.64
CA VAL E 23 -48.34 0.59 -36.82
C VAL E 23 -47.64 1.17 -38.05
N LYS E 24 -47.62 2.50 -38.17
CA LYS E 24 -46.88 3.13 -39.27
C LYS E 24 -45.38 2.83 -39.19
N ASP E 25 -44.81 2.98 -38.00
CA ASP E 25 -43.40 2.70 -37.79
C ASP E 25 -43.04 1.26 -38.14
N ARG E 26 -44.01 0.35 -37.99
CA ARG E 26 -43.74 -1.07 -38.26
C ARG E 26 -43.67 -1.36 -39.74
N GLY E 27 -44.08 -0.40 -40.55
CA GLY E 27 -43.99 -0.51 -42.00
C GLY E 27 -45.31 -0.50 -42.73
N TYR E 28 -46.41 -0.36 -42.01
CA TYR E 28 -47.73 -0.48 -42.62
C TYR E 28 -48.21 0.86 -43.17
N PHE E 29 -49.16 0.81 -44.11
CA PHE E 29 -49.64 2.05 -44.72
C PHE E 29 -50.66 2.81 -43.88
N ILE E 30 -50.18 3.85 -43.23
CA ILE E 30 -51.04 4.77 -42.50
C ILE E 30 -50.70 6.20 -42.91
N THR E 31 -51.71 6.94 -43.32
CA THR E 31 -51.55 8.33 -43.76
C THR E 31 -51.02 9.19 -42.62
N GLN E 32 -50.36 10.29 -42.95
CA GLN E 32 -49.92 11.20 -41.90
C GLN E 32 -51.10 11.94 -41.25
N GLU E 33 -52.08 12.35 -42.05
CA GLU E 33 -53.25 13.04 -41.51
C GLU E 33 -54.00 12.13 -40.53
N GLU E 34 -53.89 10.82 -40.76
CA GLU E 34 -54.62 9.85 -39.96
C GLU E 34 -54.04 9.79 -38.55
N VAL E 35 -52.72 9.84 -38.47
CA VAL E 35 -52.04 9.91 -37.20
C VAL E 35 -52.43 11.19 -36.48
N GLU E 36 -52.28 12.31 -37.17
CA GLU E 36 -52.48 13.63 -36.56
C GLU E 36 -53.94 14.03 -36.46
N LEU E 37 -54.81 13.04 -36.30
CA LEU E 37 -56.24 13.26 -36.14
C LEU E 37 -56.50 14.15 -34.92
N PRO E 38 -57.15 15.31 -35.15
CA PRO E 38 -57.39 16.29 -34.07
C PRO E 38 -58.38 15.73 -33.08
N LEU E 39 -58.33 16.19 -31.82
CA LEU E 39 -59.18 15.62 -30.77
C LEU E 39 -60.68 15.61 -31.13
N GLU E 40 -61.16 16.68 -31.77
CA GLU E 40 -62.59 16.80 -32.08
C GLU E 40 -63.07 15.75 -33.07
N ASP E 41 -62.35 15.63 -34.19
CA ASP E 41 -62.68 14.65 -35.22
C ASP E 41 -62.80 13.26 -34.61
N PHE E 42 -61.96 12.99 -33.62
CA PHE E 42 -61.94 11.68 -32.96
C PHE E 42 -63.27 11.34 -32.30
N LYS E 43 -63.84 12.30 -31.56
CA LYS E 43 -65.13 12.07 -30.92
C LYS E 43 -66.20 11.93 -31.99
N ALA E 44 -66.09 12.76 -33.02
CA ALA E 44 -67.03 12.75 -34.13
C ALA E 44 -67.14 11.35 -34.72
N LYS E 45 -66.00 10.74 -35.03
CA LYS E 45 -65.99 9.44 -35.70
C LYS E 45 -66.24 8.24 -34.78
N TYR E 46 -65.89 8.38 -33.50
CA TYR E 46 -65.84 7.20 -32.63
C TYR E 46 -66.69 7.28 -31.35
N CYS E 47 -67.43 8.37 -31.18
CA CYS E 47 -68.32 8.49 -30.02
C CYS E 47 -69.80 8.51 -30.42
N ASP E 48 -70.64 7.90 -29.59
CA ASP E 48 -72.08 8.01 -29.76
C ASP E 48 -72.54 9.38 -29.26
N SER E 49 -73.76 9.76 -29.60
CA SER E 49 -74.33 10.98 -29.02
C SER E 49 -74.69 10.69 -27.57
N MET E 50 -73.66 10.74 -26.72
CA MET E 50 -73.75 10.34 -25.33
C MET E 50 -72.41 10.70 -24.70
N GLY E 51 -71.44 11.00 -25.56
CA GLY E 51 -70.12 11.41 -25.11
C GLY E 51 -69.19 10.26 -24.78
N ARG E 52 -69.75 9.07 -24.60
CA ARG E 52 -68.96 7.88 -24.28
C ARG E 52 -68.33 7.30 -25.56
N PRO E 53 -67.12 6.73 -25.42
CA PRO E 53 -66.31 6.30 -26.59
C PRO E 53 -66.48 4.83 -26.99
N GLN E 54 -66.71 4.60 -28.27
CA GLN E 54 -67.02 3.26 -28.77
C GLN E 54 -65.80 2.54 -29.34
N ARG E 55 -65.16 1.72 -28.51
CA ARG E 55 -63.92 1.04 -28.86
C ARG E 55 -64.04 0.15 -30.10
N LYS E 56 -65.19 -0.49 -30.27
CA LYS E 56 -65.39 -1.45 -31.35
C LYS E 56 -65.27 -0.80 -32.73
N MET E 57 -65.58 0.48 -32.80
CA MET E 57 -65.46 1.22 -34.06
C MET E 57 -64.01 1.61 -34.38
N MET E 58 -63.15 1.58 -33.35
CA MET E 58 -61.76 2.01 -33.51
C MET E 58 -60.89 0.96 -34.18
N SER E 59 -61.21 -0.30 -33.94
CA SER E 59 -60.45 -1.43 -34.50
C SER E 59 -60.25 -1.29 -36.01
N PHE E 60 -59.06 -1.61 -36.49
CA PHE E 60 -58.76 -1.37 -37.90
C PHE E 60 -57.76 -2.37 -38.50
N GLN E 61 -57.73 -2.42 -39.83
CA GLN E 61 -56.82 -3.28 -40.56
C GLN E 61 -55.69 -2.43 -41.15
N ALA E 62 -54.53 -3.03 -41.36
CA ALA E 62 -53.40 -2.33 -41.95
C ALA E 62 -52.62 -3.24 -42.89
N ASN E 63 -52.30 -2.72 -44.07
CA ASN E 63 -51.58 -3.49 -45.08
C ASN E 63 -50.17 -2.94 -45.21
N PRO E 64 -49.22 -3.82 -45.57
CA PRO E 64 -47.84 -3.37 -45.74
C PRO E 64 -47.74 -2.37 -46.87
N THR E 65 -46.75 -1.49 -46.80
CA THR E 65 -46.54 -0.48 -47.82
C THR E 65 -45.74 -1.03 -48.99
N GLU E 66 -45.43 -0.15 -49.93
CA GLU E 66 -44.56 -0.47 -51.05
C GLU E 66 -43.19 -0.97 -50.62
N GLU E 67 -42.45 -0.11 -49.91
CA GLU E 67 -41.10 -0.41 -49.45
C GLU E 67 -41.10 -1.66 -48.60
N SER E 68 -42.14 -1.82 -47.79
CA SER E 68 -42.22 -2.94 -46.88
C SER E 68 -42.29 -4.27 -47.61
N ILE E 69 -43.14 -4.33 -48.63
CA ILE E 69 -43.29 -5.56 -49.40
C ILE E 69 -41.97 -5.97 -50.04
N SER E 70 -41.22 -4.99 -50.54
CA SER E 70 -39.92 -5.25 -51.17
C SER E 70 -38.86 -5.71 -50.16
N LYS E 71 -38.84 -5.11 -48.98
CA LYS E 71 -37.82 -5.39 -47.97
C LYS E 71 -38.14 -6.60 -47.11
N PHE E 72 -39.44 -6.83 -46.89
CA PHE E 72 -39.94 -7.90 -46.03
C PHE E 72 -41.06 -8.65 -46.74
N PRO E 73 -40.70 -9.49 -47.73
CA PRO E 73 -41.66 -10.12 -48.66
C PRO E 73 -42.81 -10.82 -47.96
N ASP E 74 -42.56 -11.43 -46.81
CA ASP E 74 -43.58 -12.21 -46.09
C ASP E 74 -44.24 -11.43 -44.96
N MET E 75 -44.27 -10.10 -45.07
CA MET E 75 -44.98 -9.30 -44.08
C MET E 75 -46.46 -9.44 -44.36
N GLY E 76 -47.21 -9.91 -43.38
CA GLY E 76 -48.63 -10.16 -43.60
C GLY E 76 -49.44 -8.91 -43.39
N SER E 77 -50.75 -9.07 -43.25
CA SER E 77 -51.59 -7.95 -42.89
C SER E 77 -51.79 -7.93 -41.38
N LEU E 78 -52.14 -6.76 -40.85
CA LEU E 78 -52.24 -6.58 -39.40
C LEU E 78 -53.65 -6.13 -39.00
N TRP E 79 -54.10 -6.62 -37.84
CA TRP E 79 -55.39 -6.22 -37.28
C TRP E 79 -55.24 -5.74 -35.85
N VAL E 80 -55.82 -4.56 -35.57
CA VAL E 80 -55.77 -3.97 -34.23
C VAL E 80 -57.17 -3.96 -33.59
N GLU E 81 -57.27 -4.48 -32.37
CA GLU E 81 -58.54 -4.59 -31.68
C GLU E 81 -58.56 -3.74 -30.42
N PHE E 82 -59.61 -2.97 -30.22
CA PHE E 82 -59.82 -2.29 -28.95
C PHE E 82 -60.98 -2.91 -28.21
N CYS E 83 -60.69 -3.77 -27.23
CA CYS E 83 -61.73 -4.44 -26.45
C CYS E 83 -62.58 -3.41 -25.72
N ASP E 84 -63.90 -3.60 -25.73
CA ASP E 84 -64.79 -2.63 -25.12
C ASP E 84 -65.02 -2.92 -23.63
N GLU E 85 -64.55 -4.09 -23.21
CA GLU E 85 -64.83 -4.60 -21.87
C GLU E 85 -63.67 -4.42 -20.91
N PRO E 86 -63.93 -3.77 -19.76
CA PRO E 86 -62.95 -3.54 -18.69
C PRO E 86 -62.04 -4.73 -18.44
N SER E 87 -62.58 -5.95 -18.52
CA SER E 87 -61.72 -7.12 -18.47
C SER E 87 -61.91 -7.96 -19.72
N VAL E 88 -60.93 -8.80 -20.00
CA VAL E 88 -60.94 -9.62 -21.21
C VAL E 88 -61.23 -11.07 -20.92
N GLY E 89 -62.45 -11.50 -21.25
CA GLY E 89 -62.85 -12.88 -21.06
C GLY E 89 -62.12 -13.77 -22.04
N VAL E 90 -62.18 -15.07 -21.80
CA VAL E 90 -61.60 -16.03 -22.74
C VAL E 90 -62.54 -16.14 -23.94
N LYS E 91 -63.79 -15.71 -23.73
CA LYS E 91 -64.78 -15.67 -24.80
C LYS E 91 -64.35 -14.67 -25.88
N THR E 92 -64.06 -13.44 -25.44
CA THR E 92 -63.67 -12.37 -26.34
C THR E 92 -62.36 -12.69 -27.05
N MET E 93 -61.43 -13.25 -26.29
CA MET E 93 -60.13 -13.65 -26.79
C MET E 93 -60.23 -14.61 -27.97
N LYS E 94 -61.05 -15.65 -27.80
CA LYS E 94 -61.30 -16.63 -28.84
C LYS E 94 -61.86 -15.93 -30.09
N THR E 95 -62.92 -15.13 -29.91
CA THR E 95 -63.56 -14.41 -31.01
C THR E 95 -62.55 -13.57 -31.79
N PHE E 96 -61.70 -12.87 -31.05
CA PHE E 96 -60.61 -12.13 -31.64
C PHE E 96 -59.64 -13.06 -32.37
N VAL E 97 -59.15 -14.09 -31.69
CA VAL E 97 -58.22 -15.03 -32.30
C VAL E 97 -58.76 -15.69 -33.58
N ILE E 98 -60.01 -16.14 -33.53
CA ILE E 98 -60.69 -16.68 -34.70
C ILE E 98 -60.62 -15.69 -35.86
N HIS E 99 -61.00 -14.44 -35.59
CA HIS E 99 -60.96 -13.34 -36.58
C HIS E 99 -59.58 -13.28 -37.23
N ILE E 100 -58.55 -13.39 -36.39
CA ILE E 100 -57.16 -13.33 -36.85
C ILE E 100 -56.84 -14.52 -37.76
N GLN E 101 -57.27 -15.70 -37.36
CA GLN E 101 -56.93 -16.90 -38.12
C GLN E 101 -57.76 -17.00 -39.39
N GLU E 102 -59.07 -16.82 -39.24
CA GLU E 102 -60.00 -16.94 -40.35
C GLU E 102 -59.65 -16.03 -41.52
N LYS E 103 -59.62 -14.72 -41.25
CA LYS E 103 -59.35 -13.74 -42.30
C LYS E 103 -57.85 -13.56 -42.54
N ASN E 104 -57.07 -14.49 -42.02
CA ASN E 104 -55.68 -14.68 -42.42
C ASN E 104 -54.75 -13.47 -42.22
N PHE E 105 -54.59 -13.04 -40.96
CA PHE E 105 -53.68 -11.93 -40.65
C PHE E 105 -52.41 -12.52 -40.07
N GLN E 106 -51.30 -11.84 -40.29
CA GLN E 106 -50.04 -12.28 -39.71
C GLN E 106 -49.89 -11.82 -38.26
N THR E 107 -50.45 -10.66 -37.96
CA THR E 107 -50.34 -10.11 -36.61
C THR E 107 -51.66 -9.59 -36.09
N GLY E 108 -51.94 -9.94 -34.84
CA GLY E 108 -53.04 -9.32 -34.12
C GLY E 108 -52.51 -8.51 -32.95
N ILE E 109 -52.98 -7.28 -32.82
CA ILE E 109 -52.64 -6.46 -31.68
C ILE E 109 -53.90 -6.24 -30.87
N PHE E 110 -53.90 -6.72 -29.64
CA PHE E 110 -55.05 -6.56 -28.76
C PHE E 110 -54.84 -5.44 -27.75
N VAL E 111 -55.58 -4.35 -27.88
CA VAL E 111 -55.44 -3.26 -26.93
C VAL E 111 -56.50 -3.31 -25.83
N TYR E 112 -56.15 -3.96 -24.74
CA TYR E 112 -57.09 -4.14 -23.63
C TYR E 112 -57.08 -2.94 -22.70
N GLN E 113 -58.08 -2.83 -21.84
CA GLN E 113 -58.19 -1.66 -20.97
C GLN E 113 -57.40 -1.82 -19.68
N ASN E 114 -57.49 -2.98 -19.03
CA ASN E 114 -56.66 -3.24 -17.85
C ASN E 114 -56.46 -4.71 -17.46
N ASN E 115 -57.38 -5.57 -17.83
CA ASN E 115 -57.28 -6.95 -17.36
C ASN E 115 -57.41 -7.99 -18.47
N ILE E 116 -56.37 -8.79 -18.65
CA ILE E 116 -56.53 -10.00 -19.42
C ILE E 116 -56.38 -11.18 -18.48
N THR E 117 -57.47 -11.95 -18.32
CA THR E 117 -57.45 -13.14 -17.49
C THR E 117 -56.41 -14.11 -18.04
N PRO E 118 -55.54 -14.64 -17.17
CA PRO E 118 -54.48 -15.55 -17.63
C PRO E 118 -55.06 -16.81 -18.28
N SER E 119 -56.35 -17.04 -18.07
CA SER E 119 -57.09 -18.07 -18.81
C SER E 119 -57.01 -17.76 -20.31
N ALA E 120 -57.17 -16.48 -20.63
CA ALA E 120 -57.20 -16.02 -22.01
C ALA E 120 -55.80 -15.80 -22.59
N MET E 121 -54.84 -15.49 -21.72
CA MET E 121 -53.44 -15.33 -22.13
C MET E 121 -52.90 -16.62 -22.75
N LYS E 122 -53.57 -17.73 -22.48
CA LYS E 122 -53.19 -19.03 -23.04
C LYS E 122 -53.28 -19.03 -24.56
N LEU E 123 -54.35 -18.43 -25.07
CA LEU E 123 -54.65 -18.42 -26.49
C LEU E 123 -53.75 -17.51 -27.34
N VAL E 124 -52.70 -16.95 -26.75
CA VAL E 124 -51.85 -16.02 -27.49
C VAL E 124 -51.02 -16.69 -28.60
N PRO E 125 -50.23 -17.73 -28.28
CA PRO E 125 -49.52 -18.39 -29.38
C PRO E 125 -50.35 -19.52 -30.02
N SER E 126 -51.67 -19.44 -29.92
CA SER E 126 -52.54 -20.53 -30.31
C SER E 126 -52.65 -20.74 -31.83
N ILE E 127 -52.44 -19.68 -32.62
CA ILE E 127 -52.63 -19.83 -34.06
C ILE E 127 -51.43 -19.52 -34.96
N PRO E 128 -50.33 -20.29 -34.83
CA PRO E 128 -49.25 -20.12 -35.81
C PRO E 128 -49.72 -20.40 -37.25
N PRO E 129 -49.01 -19.86 -38.26
CA PRO E 129 -47.78 -19.04 -38.16
C PRO E 129 -47.99 -17.65 -37.58
N ALA E 130 -49.25 -17.19 -37.58
CA ALA E 130 -49.65 -15.86 -37.10
C ALA E 130 -49.18 -15.57 -35.67
N THR E 131 -48.91 -14.30 -35.41
CA THR E 131 -48.40 -13.88 -34.11
C THR E 131 -49.34 -12.85 -33.45
N ILE E 132 -49.46 -12.91 -32.12
CA ILE E 132 -50.40 -12.05 -31.40
C ILE E 132 -49.72 -11.22 -30.29
N GLU E 133 -50.12 -9.96 -30.16
CA GLU E 133 -49.52 -9.07 -29.18
C GLU E 133 -50.59 -8.38 -28.35
N THR E 134 -50.28 -8.09 -27.09
CA THR E 134 -51.21 -7.43 -26.18
C THR E 134 -50.61 -6.14 -25.66
N PHE E 135 -51.42 -5.09 -25.58
CA PHE E 135 -50.98 -3.84 -24.99
C PHE E 135 -52.08 -3.35 -24.07
N ASN E 136 -51.70 -2.78 -22.93
CA ASN E 136 -52.65 -2.08 -22.07
C ASN E 136 -52.83 -0.64 -22.57
N GLU E 137 -54.03 -0.09 -22.44
CA GLU E 137 -54.29 1.28 -22.88
C GLU E 137 -53.41 2.32 -22.20
N ALA E 138 -53.38 2.31 -20.87
CA ALA E 138 -52.72 3.35 -20.08
C ALA E 138 -51.22 3.48 -20.36
N ALA E 139 -50.63 2.45 -20.97
CA ALA E 139 -49.22 2.46 -21.27
C ALA E 139 -48.98 2.90 -22.70
N LEU E 140 -50.02 3.37 -23.37
CA LEU E 140 -49.94 3.82 -24.75
C LEU E 140 -50.27 5.30 -24.84
N VAL E 141 -50.57 5.89 -23.70
CA VAL E 141 -50.91 7.30 -23.64
C VAL E 141 -49.77 8.16 -24.20
N VAL E 142 -48.57 7.61 -24.14
CA VAL E 142 -47.36 8.30 -24.54
C VAL E 142 -46.61 7.37 -25.48
N ASN E 143 -45.97 7.92 -26.50
CA ASN E 143 -45.14 7.12 -27.40
C ASN E 143 -43.70 7.16 -26.94
N ILE E 144 -43.26 6.06 -26.33
CA ILE E 144 -42.07 6.03 -25.50
C ILE E 144 -40.84 6.35 -26.34
N THR E 145 -40.82 5.84 -27.55
CA THR E 145 -39.68 6.01 -28.44
C THR E 145 -39.48 7.48 -28.72
N HIS E 146 -40.59 8.20 -28.89
CA HIS E 146 -40.51 9.65 -29.11
C HIS E 146 -39.62 10.32 -28.07
N HIS E 147 -39.21 9.55 -27.08
CA HIS E 147 -38.44 10.08 -25.96
C HIS E 147 -36.99 10.41 -26.32
N GLU E 148 -36.46 11.47 -25.70
CA GLU E 148 -35.08 11.88 -25.95
C GLU E 148 -34.05 10.79 -25.66
N LEU E 149 -34.33 9.92 -24.69
CA LEU E 149 -33.36 8.94 -24.27
C LEU E 149 -33.45 7.65 -25.06
N VAL E 150 -34.44 7.56 -25.93
CA VAL E 150 -34.65 6.35 -26.70
C VAL E 150 -34.23 6.53 -28.17
N PRO E 151 -33.05 6.02 -28.52
CA PRO E 151 -32.55 6.18 -29.89
C PRO E 151 -33.44 5.41 -30.85
N LYS E 152 -33.38 5.75 -32.12
CA LYS E 152 -34.16 5.10 -33.15
C LYS E 152 -33.74 3.66 -33.35
N HIS E 153 -34.67 2.73 -33.18
CA HIS E 153 -34.39 1.33 -33.48
C HIS E 153 -34.97 1.01 -34.86
N ILE E 154 -34.19 0.34 -35.70
CA ILE E 154 -34.69 -0.12 -36.99
C ILE E 154 -34.52 -1.64 -37.08
N ARG E 155 -35.57 -2.36 -37.48
CA ARG E 155 -35.46 -3.80 -37.64
C ARG E 155 -34.74 -4.14 -38.94
N LEU E 156 -33.82 -5.10 -38.88
CA LEU E 156 -33.10 -5.53 -40.07
C LEU E 156 -33.83 -6.68 -40.78
N SER E 157 -33.68 -6.73 -42.11
CA SER E 157 -34.15 -7.84 -42.91
C SER E 157 -33.15 -8.97 -42.77
N SER E 158 -33.57 -10.18 -43.10
CA SER E 158 -32.70 -11.35 -43.02
C SER E 158 -31.41 -11.17 -43.83
N ASP E 159 -31.53 -10.48 -44.96
CA ASP E 159 -30.38 -10.10 -45.79
C ASP E 159 -29.47 -9.14 -45.05
N GLU E 160 -30.05 -8.11 -44.46
CA GLU E 160 -29.27 -7.15 -43.70
C GLU E 160 -28.57 -7.82 -42.54
N LYS E 161 -29.26 -8.75 -41.89
CA LYS E 161 -28.68 -9.46 -40.76
C LYS E 161 -27.54 -10.39 -41.17
N ARG E 162 -27.72 -11.08 -42.31
CA ARG E 162 -26.72 -12.00 -42.79
C ARG E 162 -25.45 -11.21 -43.09
N GLU E 163 -25.63 -10.01 -43.63
CA GLU E 163 -24.51 -9.17 -44.00
C GLU E 163 -23.78 -8.60 -42.79
N LEU E 164 -24.53 -8.23 -41.76
CA LEU E 164 -23.94 -7.77 -40.51
C LEU E 164 -23.08 -8.85 -39.88
N LEU E 165 -23.62 -10.05 -39.77
CA LEU E 165 -22.89 -11.17 -39.18
C LEU E 165 -21.63 -11.53 -39.97
N LYS E 166 -21.71 -11.40 -41.29
CA LYS E 166 -20.56 -11.66 -42.15
C LYS E 166 -19.47 -10.60 -42.00
N ARG E 167 -19.87 -9.32 -41.98
CA ARG E 167 -18.92 -8.21 -41.93
C ARG E 167 -18.07 -8.22 -40.65
N TYR E 168 -18.62 -8.73 -39.56
CA TYR E 168 -17.92 -8.68 -38.28
C TYR E 168 -17.56 -10.09 -37.84
N ARG E 169 -17.73 -11.03 -38.77
CA ARG E 169 -17.47 -12.47 -38.53
C ARG E 169 -18.01 -12.94 -37.16
N LEU E 170 -19.32 -12.82 -37.01
CA LEU E 170 -19.99 -12.97 -35.73
C LEU E 170 -20.87 -14.18 -35.71
N LYS E 171 -20.88 -14.87 -34.58
CA LYS E 171 -21.98 -15.77 -34.28
C LYS E 171 -23.14 -14.91 -33.74
N GLU E 172 -24.37 -15.27 -34.11
CA GLU E 172 -25.58 -14.63 -33.61
C GLU E 172 -25.52 -14.19 -32.14
N SER E 173 -25.02 -15.08 -31.28
CA SER E 173 -25.08 -14.87 -29.84
C SER E 173 -23.93 -14.02 -29.30
N GLN E 174 -23.07 -13.56 -30.19
CA GLN E 174 -22.00 -12.68 -29.76
C GLN E 174 -22.43 -11.22 -29.83
N LEU E 175 -23.60 -10.99 -30.41
CA LEU E 175 -24.14 -9.65 -30.48
C LEU E 175 -24.66 -9.22 -29.12
N PRO E 176 -24.70 -7.91 -28.85
CA PRO E 176 -25.39 -7.38 -27.68
C PRO E 176 -26.86 -7.74 -27.76
N ARG E 177 -27.47 -7.98 -26.62
CA ARG E 177 -28.83 -8.49 -26.56
C ARG E 177 -29.87 -7.40 -26.36
N ILE E 178 -31.06 -7.59 -26.93
CA ILE E 178 -32.22 -6.85 -26.48
C ILE E 178 -33.31 -7.85 -26.11
N GLN E 179 -33.80 -7.77 -24.88
CA GLN E 179 -34.79 -8.72 -24.37
C GLN E 179 -36.06 -8.68 -25.21
N ARG E 180 -36.58 -9.86 -25.52
CA ARG E 180 -37.79 -9.99 -26.30
C ARG E 180 -38.94 -9.16 -25.71
N ALA E 181 -38.94 -9.01 -24.38
CA ALA E 181 -39.98 -8.23 -23.71
C ALA E 181 -39.56 -6.79 -23.38
N ASP E 182 -38.40 -6.36 -23.89
CA ASP E 182 -37.98 -4.98 -23.79
C ASP E 182 -39.06 -4.10 -24.42
N PRO E 183 -39.41 -2.99 -23.76
CA PRO E 183 -40.46 -2.08 -24.26
C PRO E 183 -40.32 -1.70 -25.74
N VAL E 184 -39.12 -1.48 -26.22
CA VAL E 184 -38.97 -1.13 -27.63
C VAL E 184 -39.11 -2.35 -28.51
N ALA E 185 -38.61 -3.49 -28.05
CA ALA E 185 -38.79 -4.74 -28.78
C ALA E 185 -40.28 -5.00 -29.00
N LEU E 186 -41.06 -4.83 -27.94
CA LEU E 186 -42.50 -5.08 -27.96
C LEU E 186 -43.20 -4.12 -28.91
N TYR E 187 -42.65 -2.91 -28.99
CA TYR E 187 -43.20 -1.85 -29.82
C TYR E 187 -43.02 -2.20 -31.29
N LEU E 188 -41.80 -2.60 -31.65
CA LEU E 188 -41.50 -2.99 -33.03
C LEU E 188 -41.99 -4.38 -33.40
N GLY E 189 -42.45 -5.14 -32.41
CA GLY E 189 -42.93 -6.51 -32.62
C GLY E 189 -41.82 -7.52 -32.91
N LEU E 190 -40.67 -7.34 -32.25
CA LEU E 190 -39.50 -8.15 -32.57
C LEU E 190 -39.72 -9.61 -32.21
N LYS E 191 -39.36 -10.47 -33.15
CA LYS E 191 -39.29 -11.91 -32.93
C LYS E 191 -37.85 -12.28 -32.53
N ARG E 192 -37.68 -13.43 -31.90
CA ARG E 192 -36.33 -13.85 -31.50
C ARG E 192 -35.48 -14.04 -32.74
N GLY E 193 -34.26 -13.55 -32.70
CA GLY E 193 -33.38 -13.72 -33.82
C GLY E 193 -33.32 -12.51 -34.73
N GLU E 194 -34.31 -11.62 -34.63
CA GLU E 194 -34.27 -10.40 -35.44
C GLU E 194 -33.21 -9.48 -34.85
N VAL E 195 -32.54 -8.71 -35.70
CA VAL E 195 -31.54 -7.75 -35.22
C VAL E 195 -32.06 -6.34 -35.42
N VAL E 196 -31.95 -5.50 -34.39
CA VAL E 196 -32.23 -4.08 -34.56
C VAL E 196 -30.95 -3.26 -34.73
N LYS E 197 -30.98 -2.38 -35.72
CA LYS E 197 -29.97 -1.35 -35.87
C LYS E 197 -30.41 -0.16 -35.06
N ILE E 198 -29.48 0.42 -34.31
CA ILE E 198 -29.77 1.50 -33.38
C ILE E 198 -28.92 2.73 -33.69
N ILE E 199 -29.54 3.86 -34.02
CA ILE E 199 -28.78 5.05 -34.33
C ILE E 199 -28.72 5.92 -33.11
N ARG E 200 -27.60 5.85 -32.40
CA ARG E 200 -27.41 6.61 -31.19
C ARG E 200 -26.85 7.99 -31.47
N LYS E 201 -27.18 8.95 -30.62
CA LYS E 201 -26.37 10.17 -30.56
C LYS E 201 -25.24 9.97 -29.53
N SER E 202 -23.99 10.03 -29.98
CA SER E 202 -22.81 9.91 -29.12
C SER E 202 -22.38 11.29 -28.61
N GLU E 203 -21.85 11.37 -27.40
CA GLU E 203 -21.41 12.65 -26.89
C GLU E 203 -20.12 12.92 -27.62
N THR E 204 -19.46 11.83 -27.92
CA THR E 204 -18.16 11.80 -28.55
C THR E 204 -18.27 11.95 -30.08
N SER E 205 -18.88 10.95 -30.71
CA SER E 205 -19.13 10.96 -32.16
C SER E 205 -20.47 11.65 -32.47
N GLY E 206 -20.81 11.87 -33.73
CA GLY E 206 -22.18 12.32 -33.97
C GLY E 206 -23.20 11.19 -33.85
N ARG E 207 -23.95 10.93 -34.93
CA ARG E 207 -24.68 9.67 -35.08
C ARG E 207 -23.71 8.49 -35.03
N TYR E 208 -24.16 7.36 -34.51
CA TYR E 208 -23.32 6.17 -34.34
C TYR E 208 -24.21 4.92 -34.37
N ALA E 209 -23.97 4.02 -35.32
CA ALA E 209 -24.83 2.83 -35.42
C ALA E 209 -24.31 1.72 -34.55
N SER E 210 -25.17 1.24 -33.67
CA SER E 210 -24.93 0.02 -32.93
C SER E 210 -26.05 -0.98 -33.26
N TYR E 211 -25.93 -2.21 -32.78
CA TYR E 211 -26.93 -3.21 -33.08
C TYR E 211 -27.16 -4.05 -31.84
N ARG E 212 -28.36 -4.62 -31.74
CA ARG E 212 -28.67 -5.62 -30.70
C ARG E 212 -29.47 -6.74 -31.35
N ILE E 213 -29.25 -7.95 -30.88
CA ILE E 213 -30.02 -9.08 -31.38
C ILE E 213 -31.10 -9.38 -30.36
N CYS E 214 -32.27 -9.78 -30.84
CA CYS E 214 -33.35 -10.06 -29.93
C CYS E 214 -33.32 -11.54 -29.55
N MET E 215 -33.18 -11.81 -28.25
CA MET E 215 -33.16 -13.17 -27.71
C MET E 215 -33.98 -13.20 -26.42
N PRO F 55 -2.41 -44.88 -36.26
CA PRO F 55 -1.31 -44.47 -37.14
C PRO F 55 -1.81 -44.04 -38.51
N GLU F 56 -2.70 -44.85 -39.10
CA GLU F 56 -3.38 -44.50 -40.34
C GLU F 56 -4.28 -43.29 -40.09
N ASP F 57 -4.87 -43.22 -38.91
CA ASP F 57 -5.86 -42.19 -38.63
C ASP F 57 -5.28 -40.90 -38.06
N PHE F 58 -4.08 -40.94 -37.49
CA PHE F 58 -3.43 -39.67 -37.20
C PHE F 58 -3.18 -38.94 -38.51
N GLN F 59 -2.81 -39.68 -39.56
CA GLN F 59 -2.59 -39.09 -40.87
C GLN F 59 -3.85 -38.36 -41.28
N GLN F 60 -4.98 -39.02 -41.09
CA GLN F 60 -6.26 -38.45 -41.43
C GLN F 60 -6.51 -37.21 -40.58
N HIS F 61 -6.20 -37.30 -39.29
CA HIS F 61 -6.40 -36.17 -38.38
C HIS F 61 -5.60 -34.96 -38.86
N GLU F 62 -4.35 -35.19 -39.23
CA GLU F 62 -3.48 -34.13 -39.73
C GLU F 62 -4.06 -33.50 -40.98
N GLN F 63 -4.54 -34.32 -41.91
CA GLN F 63 -5.06 -33.82 -43.18
C GLN F 63 -6.26 -32.93 -42.97
N ILE F 64 -7.08 -33.26 -41.97
CA ILE F 64 -8.24 -32.46 -41.61
C ILE F 64 -7.80 -31.13 -41.00
N ARG F 65 -6.87 -31.18 -40.06
CA ARG F 65 -6.33 -29.96 -39.46
C ARG F 65 -5.81 -29.02 -40.54
N ARG F 66 -4.97 -29.57 -41.41
CA ARG F 66 -4.31 -28.78 -42.42
C ARG F 66 -5.29 -28.25 -43.45
N LYS F 67 -6.28 -29.06 -43.80
CA LYS F 67 -7.33 -28.63 -44.72
C LYS F 67 -8.14 -27.46 -44.13
N THR F 68 -8.63 -27.59 -42.90
CA THR F 68 -9.44 -26.52 -42.34
C THR F 68 -8.59 -25.26 -42.18
N LEU F 69 -7.35 -25.42 -41.74
CA LEU F 69 -6.44 -24.29 -41.55
C LEU F 69 -6.26 -23.51 -42.84
N LYS F 70 -6.45 -24.18 -43.97
CA LYS F 70 -6.31 -23.54 -45.27
C LYS F 70 -7.65 -23.00 -45.77
N GLU F 71 -8.70 -23.19 -44.97
CA GLU F 71 -10.02 -22.72 -45.33
C GLU F 71 -10.42 -21.52 -44.49
N LYS F 72 -9.46 -20.98 -43.75
CA LYS F 72 -9.71 -19.82 -42.90
C LYS F 72 -8.83 -18.65 -43.29
N ALA F 73 -7.53 -18.90 -43.39
CA ALA F 73 -6.58 -17.85 -43.76
C ALA F 73 -7.08 -17.04 -44.94
N ILE F 74 -7.28 -15.75 -44.73
CA ILE F 74 -7.76 -14.87 -45.78
C ILE F 74 -6.67 -14.58 -46.81
N PRO F 75 -7.05 -14.45 -48.07
CA PRO F 75 -6.10 -14.17 -49.15
C PRO F 75 -5.49 -12.78 -49.03
N LYS F 76 -4.29 -12.62 -49.55
CA LYS F 76 -3.60 -11.32 -49.49
C LYS F 76 -4.42 -10.23 -50.17
N ASP F 77 -4.81 -10.48 -51.41
CA ASP F 77 -5.60 -9.52 -52.17
C ASP F 77 -6.98 -9.32 -51.54
N GLN F 78 -7.20 -9.94 -50.39
CA GLN F 78 -8.47 -9.83 -49.69
C GLN F 78 -8.28 -9.33 -48.26
N ARG F 79 -7.12 -8.74 -48.00
CA ARG F 79 -6.80 -8.22 -46.67
C ARG F 79 -7.54 -6.93 -46.36
N ALA F 80 -7.89 -6.74 -45.10
CA ALA F 80 -8.80 -5.68 -44.74
C ALA F 80 -8.42 -4.90 -43.47
N THR F 81 -7.31 -5.27 -42.83
CA THR F 81 -6.86 -4.55 -41.64
C THR F 81 -5.90 -3.38 -41.96
N THR F 82 -5.47 -2.67 -40.92
CA THR F 82 -4.69 -1.46 -41.12
C THR F 82 -3.36 -1.70 -41.81
N PRO F 83 -3.01 -0.87 -42.81
CA PRO F 83 -1.75 -1.03 -43.54
C PRO F 83 -0.60 -0.46 -42.73
N TYR F 84 -0.90 0.03 -41.53
CA TYR F 84 0.11 0.55 -40.63
C TYR F 84 0.55 -0.51 -39.64
N MET F 85 1.84 -0.51 -39.31
CA MET F 85 2.33 -1.43 -38.30
C MET F 85 1.84 -0.90 -36.97
N THR F 86 1.31 -1.74 -36.11
CA THR F 86 0.82 -1.25 -34.84
C THR F 86 1.97 -1.11 -33.85
N LYS F 87 1.79 -0.23 -32.86
CA LYS F 87 2.80 0.01 -31.81
C LYS F 87 3.19 -1.31 -31.13
N TYR F 88 2.21 -2.23 -30.98
CA TYR F 88 2.49 -3.56 -30.44
C TYR F 88 3.33 -4.41 -31.39
N GLU F 89 2.97 -4.40 -32.67
CA GLU F 89 3.67 -5.24 -33.62
C GLU F 89 5.12 -4.79 -33.66
N ARG F 90 5.34 -3.47 -33.63
CA ARG F 90 6.70 -2.93 -33.71
C ARG F 90 7.58 -3.42 -32.58
N ALA F 91 7.12 -3.20 -31.35
CA ALA F 91 7.87 -3.66 -30.19
C ALA F 91 8.22 -5.15 -30.26
N ARG F 92 7.26 -6.02 -30.61
CA ARG F 92 7.55 -7.43 -30.59
C ARG F 92 8.51 -7.79 -31.72
N ILE F 93 8.29 -7.23 -32.90
CA ILE F 93 9.21 -7.42 -34.02
C ILE F 93 10.66 -7.08 -33.63
N LEU F 94 10.84 -5.98 -32.93
CA LEU F 94 12.16 -5.56 -32.50
C LEU F 94 12.76 -6.52 -31.51
N GLY F 95 12.01 -6.85 -30.47
CA GLY F 95 12.47 -7.79 -29.44
C GLY F 95 12.82 -9.17 -30.00
N THR F 96 11.95 -9.68 -30.84
CA THR F 96 12.13 -11.03 -31.35
C THR F 96 13.31 -11.07 -32.31
N ARG F 97 13.38 -10.09 -33.19
CA ARG F 97 14.52 -10.03 -34.10
C ARG F 97 15.81 -9.81 -33.30
N ALA F 98 15.73 -9.03 -32.24
CA ALA F 98 16.89 -8.86 -31.37
C ALA F 98 17.33 -10.18 -30.75
N LEU F 99 16.36 -10.99 -30.35
CA LEU F 99 16.64 -12.29 -29.78
C LEU F 99 17.39 -13.16 -30.80
N GLN F 100 16.98 -13.10 -32.05
CA GLN F 100 17.57 -13.96 -33.05
C GLN F 100 18.97 -13.48 -33.34
N ILE F 101 19.17 -12.17 -33.27
CA ILE F 101 20.50 -11.62 -33.47
C ILE F 101 21.43 -12.08 -32.35
N SER F 102 20.91 -12.16 -31.14
CA SER F 102 21.75 -12.56 -30.02
C SER F 102 22.20 -14.01 -30.16
N MET F 103 21.58 -14.75 -31.06
CA MET F 103 21.98 -16.15 -31.21
C MET F 103 22.40 -16.45 -32.63
N ASN F 104 23.05 -15.44 -33.23
CA ASN F 104 23.81 -15.60 -34.46
C ASN F 104 22.98 -15.78 -35.70
N ALA F 105 21.80 -15.20 -35.71
CA ALA F 105 21.09 -15.08 -36.96
C ALA F 105 21.95 -14.27 -37.92
N PRO F 106 21.97 -14.65 -39.19
CA PRO F 106 22.58 -13.84 -40.24
C PRO F 106 21.99 -12.45 -40.18
N VAL F 107 22.85 -11.43 -40.15
CA VAL F 107 22.43 -10.04 -40.02
C VAL F 107 22.54 -9.28 -41.35
N PHE F 108 21.51 -8.51 -41.65
CA PHE F 108 21.34 -7.95 -42.98
C PHE F 108 21.77 -6.50 -43.10
N VAL F 109 22.62 -6.06 -42.17
CA VAL F 109 22.99 -4.66 -42.16
C VAL F 109 24.38 -4.48 -41.53
N ASP F 110 25.00 -3.32 -41.73
CA ASP F 110 26.34 -3.09 -41.17
C ASP F 110 26.25 -2.71 -39.71
N LEU F 111 26.98 -3.41 -38.85
CA LEU F 111 26.84 -3.15 -37.43
C LEU F 111 27.37 -1.79 -36.99
N GLU F 112 28.42 -1.32 -37.67
CA GLU F 112 29.06 -0.05 -37.33
C GLU F 112 29.30 0.13 -35.84
N GLY F 113 29.83 -0.92 -35.20
CA GLY F 113 30.23 -0.84 -33.81
C GLY F 113 29.17 -1.14 -32.78
N GLU F 114 27.92 -1.31 -33.21
CA GLU F 114 26.83 -1.61 -32.28
C GLU F 114 26.98 -2.94 -31.54
N THR F 115 26.68 -2.93 -30.25
CA THR F 115 26.80 -4.14 -29.43
C THR F 115 25.47 -4.56 -28.80
N ASP F 116 24.48 -3.70 -28.92
CA ASP F 116 23.14 -3.96 -28.42
C ASP F 116 22.31 -4.57 -29.54
N PRO F 117 21.86 -5.82 -29.34
CA PRO F 117 21.13 -6.50 -30.41
C PRO F 117 19.78 -5.82 -30.72
N LEU F 118 19.23 -5.13 -29.73
CA LEU F 118 18.00 -4.37 -29.96
C LEU F 118 18.27 -3.22 -30.92
N ARG F 119 19.42 -2.58 -30.76
CA ARG F 119 19.80 -1.47 -31.63
C ARG F 119 20.06 -1.98 -33.04
N ILE F 120 20.63 -3.18 -33.15
CA ILE F 120 20.87 -3.78 -34.46
C ILE F 120 19.54 -4.03 -35.18
N ALA F 121 18.59 -4.56 -34.43
CA ALA F 121 17.23 -4.80 -34.93
C ALA F 121 16.59 -3.51 -35.41
N MET F 122 16.74 -2.46 -34.62
CA MET F 122 16.17 -1.17 -34.96
C MET F 122 16.72 -0.70 -36.28
N LYS F 123 18.02 -0.90 -36.44
CA LYS F 123 18.70 -0.53 -37.66
C LYS F 123 18.13 -1.33 -38.83
N GLU F 124 18.03 -2.64 -38.66
CA GLU F 124 17.44 -3.51 -39.67
C GLU F 124 16.02 -3.04 -40.01
N LEU F 125 15.27 -2.63 -39.00
CA LEU F 125 13.90 -2.22 -39.21
C LEU F 125 13.87 -0.97 -40.09
N ALA F 126 14.79 -0.07 -39.79
CA ALA F 126 14.90 1.20 -40.49
C ALA F 126 15.16 1.02 -41.97
N GLU F 127 15.96 0.01 -42.31
CA GLU F 127 16.26 -0.27 -43.71
C GLU F 127 15.30 -1.31 -44.32
N LYS F 128 14.34 -1.74 -43.52
CA LYS F 128 13.37 -2.76 -43.93
C LYS F 128 14.04 -4.08 -44.35
N LYS F 129 14.98 -4.53 -43.54
CA LYS F 129 15.63 -5.80 -43.78
C LYS F 129 15.33 -6.79 -42.65
N ILE F 130 14.14 -6.73 -42.06
CA ILE F 130 13.80 -7.73 -41.05
C ILE F 130 12.91 -8.80 -41.70
N PRO F 131 13.42 -10.04 -41.79
CA PRO F 131 12.73 -11.17 -42.46
C PRO F 131 11.66 -11.80 -41.60
N LEU F 132 10.80 -10.99 -41.00
CA LEU F 132 9.72 -11.49 -40.18
C LEU F 132 8.35 -11.13 -40.77
N VAL F 133 7.35 -11.89 -40.37
CA VAL F 133 6.01 -11.72 -40.88
C VAL F 133 5.06 -11.70 -39.70
N ILE F 134 4.13 -10.75 -39.69
CA ILE F 134 3.18 -10.71 -38.62
C ILE F 134 1.92 -11.41 -39.06
N ARG F 135 1.45 -12.34 -38.25
CA ARG F 135 0.18 -13.01 -38.50
C ARG F 135 -0.88 -12.45 -37.55
N ARG F 136 -1.76 -11.61 -38.10
CA ARG F 136 -2.84 -10.97 -37.35
C ARG F 136 -4.07 -11.84 -37.30
N TYR F 137 -4.57 -12.10 -36.08
CA TYR F 137 -5.76 -12.92 -35.91
C TYR F 137 -7.00 -12.07 -35.71
N LEU F 138 -7.99 -12.29 -36.57
CA LEU F 138 -9.35 -11.78 -36.35
C LEU F 138 -10.03 -12.66 -35.31
N PRO F 139 -11.13 -12.17 -34.71
CA PRO F 139 -11.58 -12.87 -33.50
C PRO F 139 -12.15 -14.26 -33.72
N ASP F 140 -12.44 -14.65 -34.97
CA ASP F 140 -12.91 -16.01 -35.29
C ASP F 140 -11.74 -16.98 -35.56
N GLY F 141 -10.52 -16.48 -35.42
CA GLY F 141 -9.33 -17.30 -35.58
C GLY F 141 -8.72 -17.30 -36.98
N SER F 142 -9.42 -16.69 -37.93
CA SER F 142 -8.85 -16.54 -39.24
C SER F 142 -7.83 -15.39 -39.21
N PHE F 143 -6.93 -15.34 -40.16
CA PHE F 143 -5.79 -14.45 -40.01
C PHE F 143 -5.29 -13.84 -41.31
N GLU F 144 -4.58 -12.71 -41.18
CA GLU F 144 -3.93 -12.10 -42.34
C GLU F 144 -2.42 -12.07 -42.10
N ASP F 145 -1.64 -12.57 -43.06
CA ASP F 145 -0.19 -12.45 -42.97
C ASP F 145 0.32 -11.13 -43.58
N TRP F 146 1.06 -10.36 -42.80
CA TRP F 146 1.64 -9.11 -43.30
C TRP F 146 3.14 -9.15 -43.07
N SER F 147 3.91 -8.92 -44.12
CA SER F 147 5.36 -8.89 -44.01
C SER F 147 5.79 -7.58 -43.35
N VAL F 148 6.84 -7.64 -42.53
CA VAL F 148 7.33 -6.45 -41.88
C VAL F 148 7.69 -5.37 -42.90
N GLU F 149 8.26 -5.76 -44.03
CA GLU F 149 8.66 -4.75 -45.01
C GLU F 149 7.49 -3.99 -45.61
N GLU F 150 6.34 -4.64 -45.76
CA GLU F 150 5.22 -3.98 -46.42
C GLU F 150 4.39 -3.07 -45.52
N LEU F 151 4.54 -3.22 -44.21
CA LEU F 151 3.73 -2.41 -43.30
C LEU F 151 4.36 -1.04 -43.20
N ILE F 152 3.52 0.00 -43.12
CA ILE F 152 4.01 1.36 -42.99
C ILE F 152 4.40 1.55 -41.54
N VAL F 153 5.64 1.97 -41.33
CA VAL F 153 6.13 2.03 -39.97
C VAL F 153 6.15 3.44 -39.46
N ASP F 154 5.39 3.68 -38.40
CA ASP F 154 5.48 4.89 -37.58
C ASP F 154 4.58 4.77 -36.36
N ALA G 14 -15.45 -53.09 -27.35
CA ALA G 14 -15.92 -51.98 -26.54
C ALA G 14 -14.76 -51.13 -25.98
N ARG G 15 -13.56 -51.69 -26.02
CA ARG G 15 -12.34 -51.01 -25.55
C ARG G 15 -11.14 -51.34 -26.43
N PHE G 16 -10.40 -50.32 -26.88
CA PHE G 16 -9.32 -50.55 -27.83
C PHE G 16 -7.94 -50.02 -27.45
N ILE G 17 -7.25 -50.78 -26.61
CA ILE G 17 -5.80 -50.63 -26.45
C ILE G 17 -5.15 -51.38 -27.61
N LYS G 18 -5.96 -52.18 -28.31
CA LYS G 18 -5.54 -53.01 -29.43
C LYS G 18 -5.05 -52.18 -30.62
N LYS G 19 -4.89 -50.88 -30.40
CA LYS G 19 -4.26 -50.00 -31.35
C LYS G 19 -2.77 -49.87 -31.01
N HIS G 20 -2.20 -51.02 -30.62
CA HIS G 20 -0.76 -51.26 -30.71
C HIS G 20 -0.55 -52.64 -31.33
N LYS G 21 -1.12 -52.81 -32.53
CA LYS G 21 -1.07 -54.06 -33.28
C LYS G 21 -0.31 -53.83 -34.58
N LYS G 22 0.71 -54.63 -34.84
CA LYS G 22 1.61 -54.45 -35.98
C LYS G 22 0.86 -54.42 -37.31
N GLN G 23 0.74 -53.22 -37.87
CA GLN G 23 0.02 -52.99 -39.13
C GLN G 23 0.99 -52.87 -40.30
N VAL G 24 2.13 -53.52 -40.15
CA VAL G 24 3.06 -53.74 -41.25
C VAL G 24 3.36 -55.22 -41.36
N THR G 25 2.50 -55.98 -42.04
CA THR G 25 2.75 -57.41 -42.24
C THR G 25 4.10 -57.65 -42.93
N ASN G 26 4.34 -58.86 -43.45
CA ASN G 26 5.60 -59.17 -44.13
C ASN G 26 5.76 -60.61 -44.66
N PRO G 27 6.35 -60.75 -45.91
CA PRO G 27 6.48 -62.14 -46.38
C PRO G 27 7.94 -62.65 -46.46
N ILE G 28 8.19 -63.54 -47.42
CA ILE G 28 9.53 -64.13 -47.64
C ILE G 28 10.09 -63.75 -49.02
N ASP G 29 10.92 -64.60 -49.63
CA ASP G 29 11.45 -64.23 -50.94
C ASP G 29 11.64 -65.39 -51.95
N GLU G 30 11.97 -65.01 -53.17
CA GLU G 30 12.33 -65.90 -54.27
C GLU G 30 12.94 -65.02 -55.37
N LYS G 31 13.98 -65.47 -56.09
CA LYS G 31 14.67 -66.75 -55.90
C LYS G 31 15.55 -66.74 -54.65
N ASN G 32 14.99 -67.26 -53.56
CA ASN G 32 15.58 -67.18 -52.24
C ASN G 32 14.71 -67.90 -51.22
N GLY G 33 14.91 -67.62 -49.93
CA GLY G 33 14.10 -68.21 -48.88
C GLY G 33 13.92 -67.32 -47.66
N THR G 34 14.60 -66.16 -47.67
CA THR G 34 14.59 -65.27 -46.52
C THR G 34 13.43 -64.28 -46.56
N SER G 35 13.23 -63.55 -45.47
CA SER G 35 12.27 -62.47 -45.47
C SER G 35 12.94 -61.13 -45.77
N ASN G 36 12.07 -60.45 -46.47
CA ASN G 36 12.52 -59.09 -46.71
C ASN G 36 11.90 -58.17 -45.66
N CYS G 37 12.75 -57.57 -44.83
CA CYS G 37 12.29 -56.66 -43.77
C CYS G 37 12.60 -55.20 -44.04
N ILE G 38 13.22 -54.89 -45.17
CA ILE G 38 13.48 -53.50 -45.48
C ILE G 38 12.25 -52.89 -46.13
N VAL G 39 11.86 -51.73 -45.63
CA VAL G 39 10.59 -51.16 -45.98
C VAL G 39 10.77 -49.64 -46.10
N ARG G 40 9.96 -48.99 -46.94
CA ARG G 40 10.01 -47.53 -47.07
C ARG G 40 8.70 -46.89 -46.58
N VAL G 41 8.80 -46.13 -45.49
CA VAL G 41 7.64 -45.51 -44.89
C VAL G 41 7.70 -43.98 -44.92
N PRO G 42 6.62 -43.34 -45.39
CA PRO G 42 6.57 -41.87 -45.38
C PRO G 42 6.13 -41.38 -44.01
N ILE G 43 6.81 -40.37 -43.48
CA ILE G 43 6.40 -39.82 -42.20
C ILE G 43 6.21 -38.33 -42.23
N ALA G 44 5.51 -37.85 -41.21
CA ALA G 44 5.40 -36.44 -40.86
C ALA G 44 6.03 -36.32 -39.50
N LEU G 45 6.76 -35.23 -39.27
CA LEU G 45 7.40 -35.02 -37.98
C LEU G 45 7.46 -33.53 -37.66
N TYR G 46 7.17 -33.21 -36.42
CA TYR G 46 7.09 -31.83 -35.94
C TYR G 46 8.39 -31.56 -35.18
N VAL G 47 9.19 -30.65 -35.69
CA VAL G 47 10.54 -30.46 -35.17
C VAL G 47 10.90 -29.00 -34.92
N SER G 48 11.90 -28.81 -34.08
CA SER G 48 12.38 -27.49 -33.79
C SER G 48 13.43 -27.08 -34.80
N LEU G 49 13.51 -25.79 -35.12
CA LEU G 49 14.58 -25.26 -35.94
C LEU G 49 15.31 -24.18 -35.16
N ALA G 50 16.60 -24.39 -34.93
CA ALA G 50 17.40 -23.44 -34.16
C ALA G 50 17.66 -22.19 -34.98
N PRO G 51 17.79 -21.05 -34.32
CA PRO G 51 18.03 -19.78 -35.00
C PRO G 51 19.26 -19.75 -35.91
N MET G 52 20.28 -20.53 -35.56
CA MET G 52 21.48 -20.57 -36.40
C MET G 52 21.21 -21.12 -37.81
N TYR G 53 20.08 -21.81 -37.99
CA TYR G 53 19.78 -22.46 -39.25
C TYR G 53 18.76 -21.70 -40.10
N LEU G 54 18.42 -20.50 -39.67
CA LEU G 54 17.37 -19.72 -40.33
C LEU G 54 17.62 -19.47 -41.81
N GLU G 55 18.87 -19.63 -42.27
CA GLU G 55 19.18 -19.48 -43.68
C GLU G 55 19.38 -20.83 -44.35
N ASN G 56 19.40 -21.88 -43.54
CA ASN G 56 19.55 -23.25 -44.02
C ASN G 56 18.58 -24.24 -43.39
N PRO G 57 17.27 -23.97 -43.49
CA PRO G 57 16.33 -24.78 -42.70
C PRO G 57 16.41 -26.30 -42.95
N LEU G 58 16.59 -26.74 -44.19
CA LEU G 58 16.69 -28.18 -44.46
C LEU G 58 17.94 -28.77 -43.83
N GLN G 59 19.07 -28.09 -44.01
CA GLN G 59 20.31 -28.45 -43.35
C GLN G 59 20.06 -28.62 -41.84
N GLY G 60 19.35 -27.67 -41.25
CA GLY G 60 19.14 -27.68 -39.82
C GLY G 60 18.25 -28.81 -39.36
N VAL G 61 17.17 -29.06 -40.09
CA VAL G 61 16.34 -30.22 -39.75
C VAL G 61 17.15 -31.49 -39.84
N MET G 62 18.00 -31.62 -40.85
CA MET G 62 18.86 -32.79 -41.00
C MET G 62 19.83 -32.95 -39.81
N LYS G 63 20.61 -31.92 -39.50
CA LYS G 63 21.60 -32.00 -38.43
C LYS G 63 21.02 -32.09 -37.00
N GLN G 64 19.81 -31.58 -36.81
CA GLN G 64 19.23 -31.57 -35.47
C GLN G 64 18.45 -32.86 -35.20
N HIS G 65 17.68 -33.31 -36.18
CA HIS G 65 16.67 -34.35 -35.92
C HIS G 65 16.81 -35.70 -36.66
N LEU G 66 17.04 -35.63 -37.97
CA LEU G 66 17.11 -36.80 -38.82
C LEU G 66 18.39 -37.60 -38.65
N ASN G 67 19.54 -36.95 -38.83
CA ASN G 67 20.85 -37.61 -38.65
C ASN G 67 20.96 -38.45 -37.38
N PRO G 68 20.51 -37.92 -36.23
CA PRO G 68 20.55 -38.73 -35.00
C PRO G 68 19.68 -39.98 -35.02
N LEU G 69 18.76 -40.09 -35.97
CA LEU G 69 17.90 -41.28 -36.07
C LEU G 69 18.59 -42.46 -36.79
N VAL G 70 19.66 -42.16 -37.52
CA VAL G 70 20.28 -43.14 -38.39
C VAL G 70 20.95 -44.28 -37.63
N MET G 71 20.53 -45.51 -37.96
CA MET G 71 21.06 -46.74 -37.38
C MET G 71 20.76 -46.87 -35.89
N LYS G 72 19.60 -46.36 -35.49
CA LYS G 72 19.06 -46.58 -34.15
C LYS G 72 17.62 -47.05 -34.28
N TYR G 73 17.16 -47.85 -33.33
CA TYR G 73 15.77 -48.28 -33.36
C TYR G 73 14.89 -47.08 -33.04
N ASN G 74 13.78 -46.97 -33.76
CA ASN G 74 12.80 -45.92 -33.50
C ASN G 74 11.38 -46.44 -33.23
N ASN G 75 10.89 -46.15 -32.03
CA ASN G 75 9.66 -46.77 -31.54
C ASN G 75 8.47 -46.60 -32.47
N LYS G 76 8.44 -45.52 -33.22
CA LYS G 76 7.27 -45.20 -34.06
C LYS G 76 7.21 -45.95 -35.40
N VAL G 77 8.33 -46.07 -36.11
CA VAL G 77 8.34 -46.84 -37.35
C VAL G 77 8.54 -48.33 -37.07
N GLY G 78 8.75 -48.67 -35.80
CA GLY G 78 8.87 -50.05 -35.39
C GLY G 78 10.04 -50.82 -35.98
N GLY G 79 11.16 -50.15 -36.18
CA GLY G 79 12.35 -50.80 -36.70
C GLY G 79 13.57 -49.91 -36.54
N VAL G 80 14.66 -50.26 -37.21
CA VAL G 80 15.85 -49.44 -37.24
C VAL G 80 15.77 -48.54 -38.45
N VAL G 81 16.04 -47.25 -38.25
CA VAL G 81 16.05 -46.36 -39.38
C VAL G 81 17.39 -46.43 -40.08
N LEU G 82 17.36 -46.77 -41.37
CA LEU G 82 18.58 -46.86 -42.16
C LEU G 82 18.96 -45.48 -42.72
N GLY G 83 17.96 -44.70 -43.11
CA GLY G 83 18.23 -43.41 -43.71
C GLY G 83 16.97 -42.72 -44.17
N TYR G 84 17.14 -41.68 -44.98
CA TYR G 84 16.00 -40.84 -45.35
C TYR G 84 16.15 -40.14 -46.71
N GLU G 85 15.02 -39.92 -47.36
CA GLU G 85 14.96 -39.25 -48.66
C GLU G 85 13.86 -38.21 -48.71
N GLY G 86 14.03 -37.18 -49.53
CA GLY G 86 12.97 -36.26 -49.90
C GLY G 86 12.38 -35.43 -48.78
N LEU G 87 13.24 -34.84 -47.95
CA LEU G 87 12.78 -33.98 -46.87
C LEU G 87 12.09 -32.76 -47.46
N LYS G 88 10.97 -32.39 -46.86
CA LYS G 88 10.18 -31.25 -47.29
C LYS G 88 9.62 -30.56 -46.07
N ILE G 89 9.70 -29.23 -46.05
CA ILE G 89 9.11 -28.48 -44.98
C ILE G 89 7.70 -28.08 -45.39
N LEU G 90 6.75 -28.16 -44.48
CA LEU G 90 5.41 -27.72 -44.79
C LEU G 90 5.29 -26.26 -44.42
N ASP G 91 5.14 -25.43 -45.44
CA ASP G 91 4.99 -24.00 -45.24
C ASP G 91 3.83 -23.67 -44.33
N ALA G 92 4.06 -22.88 -43.28
CA ALA G 92 2.97 -22.37 -42.43
C ALA G 92 2.05 -21.42 -43.19
N ASP G 93 2.51 -20.92 -44.34
CA ASP G 93 1.65 -20.17 -45.25
C ASP G 93 0.95 -21.14 -46.19
N PRO G 94 -0.34 -21.38 -45.94
CA PRO G 94 -1.03 -22.42 -46.67
C PRO G 94 -1.36 -21.95 -48.08
N LEU G 95 -1.06 -20.70 -48.38
CA LEU G 95 -1.43 -20.11 -49.67
C LEU G 95 -0.32 -20.21 -50.71
N SER G 96 0.88 -20.58 -50.29
CA SER G 96 2.01 -20.68 -51.22
C SER G 96 1.99 -21.99 -52.01
N LYS G 97 2.73 -22.01 -53.11
CA LYS G 97 2.85 -23.20 -53.98
C LYS G 97 3.90 -24.14 -53.40
N GLU G 98 3.72 -25.46 -53.53
CA GLU G 98 4.66 -26.42 -52.93
C GLU G 98 6.07 -26.23 -53.50
N ASP G 99 6.10 -25.60 -54.67
CA ASP G 99 7.30 -25.14 -55.34
C ASP G 99 8.21 -24.24 -54.46
N THR G 100 7.86 -22.96 -54.30
CA THR G 100 8.74 -21.90 -53.77
C THR G 100 9.72 -22.27 -52.65
N SER G 101 10.86 -21.60 -52.67
CA SER G 101 11.92 -21.91 -51.74
C SER G 101 11.93 -20.91 -50.60
N GLU G 102 10.94 -20.02 -50.59
CA GLU G 102 10.72 -19.17 -49.41
C GLU G 102 9.52 -19.66 -48.61
N LYS G 103 9.76 -20.08 -47.35
CA LYS G 103 8.68 -20.64 -46.51
C LYS G 103 8.58 -19.99 -45.13
N LEU G 104 7.42 -20.14 -44.50
CA LEU G 104 7.21 -19.62 -43.15
C LEU G 104 7.31 -20.68 -42.08
N ILE G 105 8.02 -20.35 -41.01
CA ILE G 105 8.11 -21.22 -39.85
C ILE G 105 7.76 -20.42 -38.60
N LYS G 106 6.68 -20.80 -37.93
CA LYS G 106 6.20 -20.05 -36.75
C LYS G 106 7.19 -20.11 -35.59
N ILE G 107 7.46 -18.94 -34.99
CA ILE G 107 8.40 -18.83 -33.91
C ILE G 107 7.69 -18.91 -32.59
N THR G 108 8.28 -19.65 -31.65
CA THR G 108 7.77 -19.79 -30.29
C THR G 108 7.52 -18.42 -29.71
N PRO G 109 6.45 -18.28 -28.94
CA PRO G 109 6.32 -17.02 -28.21
C PRO G 109 7.51 -16.77 -27.27
N ASP G 110 7.80 -17.71 -26.38
CA ASP G 110 8.89 -17.52 -25.40
C ASP G 110 10.33 -17.50 -25.95
N THR G 111 10.63 -18.25 -27.02
CA THR G 111 12.02 -18.45 -27.43
C THR G 111 12.23 -18.08 -28.90
N PRO G 112 13.50 -17.99 -29.35
CA PRO G 112 13.75 -17.71 -30.77
C PRO G 112 13.63 -18.93 -31.68
N PHE G 113 13.26 -20.08 -31.15
CA PHE G 113 13.21 -21.31 -31.95
C PHE G 113 11.96 -21.40 -32.82
N GLY G 114 12.10 -21.94 -34.01
CA GLY G 114 10.95 -22.26 -34.83
C GLY G 114 10.49 -23.67 -34.53
N PHE G 115 9.30 -24.01 -35.02
CA PHE G 115 8.78 -25.37 -35.03
C PHE G 115 7.99 -25.54 -36.30
N THR G 116 8.35 -26.51 -37.11
CA THR G 116 7.59 -26.74 -38.31
C THR G 116 7.25 -28.22 -38.48
N TRP G 117 6.24 -28.51 -39.28
CA TRP G 117 6.01 -29.89 -39.72
C TRP G 117 6.93 -30.19 -40.89
N CYS G 118 7.33 -31.45 -41.02
CA CYS G 118 8.10 -31.89 -42.18
C CYS G 118 7.57 -33.19 -42.73
N HIS G 119 7.73 -33.39 -44.02
CA HIS G 119 7.55 -34.72 -44.58
C HIS G 119 8.90 -35.27 -45.01
N VAL G 120 9.15 -36.53 -44.73
CA VAL G 120 10.35 -37.19 -45.19
C VAL G 120 10.03 -38.68 -45.40
N ASN G 121 10.89 -39.38 -46.13
CA ASN G 121 10.78 -40.83 -46.32
C ASN G 121 11.84 -41.59 -45.55
N LEU G 122 11.42 -42.59 -44.77
CA LEU G 122 12.37 -43.37 -43.99
C LEU G 122 12.55 -44.77 -44.57
N TYR G 123 13.78 -45.26 -44.56
CA TYR G 123 14.04 -46.64 -44.90
C TYR G 123 14.28 -47.38 -43.60
N VAL G 124 13.49 -48.42 -43.38
CA VAL G 124 13.44 -49.07 -42.07
C VAL G 124 13.61 -50.57 -42.18
N TRP G 125 14.50 -51.10 -41.34
CA TRP G 125 14.64 -52.52 -41.15
C TRP G 125 13.73 -52.90 -40.00
N GLN G 126 12.61 -53.56 -40.31
CA GLN G 126 11.61 -53.89 -39.31
C GLN G 126 11.35 -55.39 -39.15
N PRO G 127 12.34 -56.10 -38.62
CA PRO G 127 12.22 -57.56 -38.41
C PRO G 127 11.16 -57.89 -37.35
N GLN G 128 10.48 -59.02 -37.52
CA GLN G 128 9.46 -59.44 -36.58
C GLN G 128 9.55 -60.94 -36.30
N VAL G 129 9.25 -61.32 -35.06
CA VAL G 129 9.30 -62.72 -34.66
C VAL G 129 8.65 -63.62 -35.72
N GLY G 130 9.34 -64.70 -36.07
CA GLY G 130 8.83 -65.63 -37.06
C GLY G 130 9.60 -65.57 -38.35
N ASP G 131 10.23 -64.43 -38.61
CA ASP G 131 10.95 -64.23 -39.88
C ASP G 131 12.18 -65.13 -40.03
N VAL G 132 12.55 -65.37 -41.28
CA VAL G 132 13.72 -66.18 -41.60
C VAL G 132 14.86 -65.28 -42.09
N LEU G 133 15.96 -65.28 -41.35
CA LEU G 133 17.11 -64.44 -41.70
C LEU G 133 18.36 -65.27 -41.89
N GLU G 134 19.35 -64.69 -42.56
CA GLU G 134 20.66 -65.32 -42.75
C GLU G 134 21.77 -64.49 -42.10
N GLY G 135 22.69 -65.16 -41.41
CA GLY G 135 23.75 -64.45 -40.72
C GLY G 135 25.12 -65.01 -41.02
N TYR G 136 26.15 -64.17 -40.85
CA TYR G 136 27.55 -64.58 -41.03
C TYR G 136 28.16 -64.92 -39.67
N ILE G 137 28.51 -66.18 -39.47
CA ILE G 137 29.01 -66.64 -38.18
C ILE G 137 30.35 -66.01 -37.82
N PHE G 138 30.42 -65.38 -36.65
CA PHE G 138 31.65 -64.75 -36.21
C PHE G 138 32.22 -65.27 -34.86
N ILE G 139 31.50 -66.19 -34.21
CA ILE G 139 31.88 -66.68 -32.88
C ILE G 139 31.12 -67.96 -32.50
N GLN G 140 31.83 -68.95 -31.94
CA GLN G 140 31.20 -70.21 -31.52
C GLN G 140 31.69 -70.76 -30.18
N SER G 141 30.89 -70.56 -29.12
CA SER G 141 31.17 -71.15 -27.82
C SER G 141 30.21 -72.32 -27.60
N ALA G 142 30.35 -73.01 -26.47
CA ALA G 142 29.41 -74.09 -26.14
C ALA G 142 28.06 -73.53 -25.66
N SER G 143 27.97 -72.20 -25.56
CA SER G 143 26.79 -71.54 -25.00
C SER G 143 25.89 -70.83 -26.03
N HIS G 144 26.47 -70.43 -27.16
CA HIS G 144 25.72 -69.75 -28.23
C HIS G 144 26.50 -69.65 -29.55
N ILE G 145 25.78 -69.44 -30.64
CA ILE G 145 26.41 -69.12 -31.93
C ILE G 145 26.13 -67.66 -32.24
N GLY G 146 27.19 -66.91 -32.56
CA GLY G 146 27.05 -65.48 -32.83
C GLY G 146 27.14 -65.13 -34.30
N LEU G 147 26.11 -64.49 -34.83
CA LEU G 147 26.03 -64.17 -36.26
C LEU G 147 25.93 -62.66 -36.52
N LEU G 148 26.18 -62.27 -37.77
CA LEU G 148 26.02 -60.88 -38.17
C LEU G 148 25.16 -60.79 -39.43
N ILE G 149 23.94 -60.27 -39.27
CA ILE G 149 22.97 -60.17 -40.36
C ILE G 149 23.26 -58.95 -41.23
N HIS G 150 23.31 -59.17 -42.55
CA HIS G 150 23.67 -58.11 -43.51
C HIS G 150 25.00 -57.45 -43.16
N ASP G 151 25.85 -58.17 -42.40
CA ASP G 151 27.14 -57.66 -41.93
C ASP G 151 26.99 -56.37 -41.13
N ALA G 152 25.98 -56.34 -40.26
CA ALA G 152 25.64 -55.10 -39.56
C ALA G 152 24.97 -55.27 -38.20
N PHE G 153 23.99 -56.16 -38.11
CA PHE G 153 23.20 -56.32 -36.89
C PHE G 153 23.49 -57.63 -36.18
N ASN G 154 23.57 -57.57 -34.86
CA ASN G 154 23.90 -58.75 -34.05
C ASN G 154 22.81 -59.81 -33.96
N ALA G 155 23.20 -61.07 -34.08
CA ALA G 155 22.27 -62.15 -33.83
C ALA G 155 22.92 -63.14 -32.86
N SER G 156 22.11 -63.98 -32.24
CA SER G 156 22.62 -64.99 -31.31
C SER G 156 21.64 -66.16 -31.14
N ILE G 157 22.14 -67.37 -31.35
CA ILE G 157 21.32 -68.57 -31.15
C ILE G 157 21.76 -69.24 -29.86
N LYS G 158 20.89 -69.25 -28.85
CA LYS G 158 21.24 -69.83 -27.55
C LYS G 158 21.40 -71.35 -27.62
N LYS G 159 22.26 -71.87 -26.75
CA LYS G 159 22.66 -73.29 -26.73
C LYS G 159 21.51 -74.29 -26.92
N ASN G 160 20.36 -74.00 -26.33
CA ASN G 160 19.21 -74.89 -26.45
C ASN G 160 18.12 -74.35 -27.37
N ASN G 161 18.55 -73.67 -28.42
CA ASN G 161 17.70 -73.41 -29.56
C ASN G 161 18.31 -74.10 -30.77
N ILE G 162 19.54 -74.55 -30.58
CA ILE G 162 20.23 -75.43 -31.50
C ILE G 162 19.71 -76.84 -31.27
N PRO G 163 19.30 -77.54 -32.34
CA PRO G 163 18.77 -78.91 -32.26
C PRO G 163 19.62 -79.89 -31.43
N VAL G 164 18.95 -80.85 -30.80
CA VAL G 164 19.55 -81.67 -29.75
C VAL G 164 20.72 -82.56 -30.21
N ASP G 165 20.68 -83.04 -31.45
CA ASP G 165 21.72 -83.93 -31.96
C ASP G 165 22.98 -83.21 -32.45
N TRP G 166 22.94 -81.88 -32.44
CA TRP G 166 24.12 -81.09 -32.76
C TRP G 166 25.09 -81.14 -31.59
N THR G 167 26.37 -81.23 -31.91
CA THR G 167 27.40 -81.41 -30.90
C THR G 167 28.43 -80.28 -30.97
N PHE G 168 29.26 -80.16 -29.94
CA PHE G 168 30.26 -79.10 -29.87
C PHE G 168 31.66 -79.68 -29.64
N VAL G 169 32.69 -78.94 -30.02
CA VAL G 169 34.08 -79.37 -29.82
C VAL G 169 35.02 -78.18 -29.59
N HIS G 170 36.28 -78.45 -29.24
CA HIS G 170 37.24 -77.38 -28.93
C HIS G 170 38.39 -77.23 -29.93
N GLY G 215 35.57 -72.94 -29.21
CA GLY G 215 35.70 -74.04 -30.14
C GLY G 215 34.91 -73.82 -31.42
N HIS G 216 34.20 -74.85 -31.87
CA HIS G 216 33.38 -74.78 -33.09
C HIS G 216 32.29 -75.86 -33.14
N TRP G 217 31.10 -75.51 -33.62
CA TRP G 217 29.97 -76.44 -33.65
C TRP G 217 30.01 -77.47 -34.78
N VAL G 218 29.25 -78.55 -34.63
CA VAL G 218 29.15 -79.63 -35.61
C VAL G 218 27.69 -80.05 -35.66
N ASP G 219 27.18 -80.34 -36.86
CA ASP G 219 25.75 -80.58 -37.02
C ASP G 219 25.27 -82.04 -36.88
N SER G 220 24.09 -82.28 -37.43
CA SER G 220 23.39 -83.55 -37.32
C SER G 220 24.15 -84.66 -38.02
N ASN G 221 24.89 -84.32 -39.07
CA ASN G 221 25.58 -85.30 -39.88
C ASN G 221 27.10 -85.33 -39.65
N GLY G 222 27.56 -84.62 -38.62
CA GLY G 222 28.96 -84.67 -38.23
C GLY G 222 29.87 -83.66 -38.92
N GLU G 223 29.31 -82.82 -39.79
CA GLU G 223 30.12 -81.83 -40.50
C GLU G 223 30.00 -80.45 -39.87
N PRO G 224 31.12 -79.72 -39.76
CA PRO G 224 31.11 -78.39 -39.13
C PRO G 224 30.34 -77.34 -39.92
N ILE G 225 29.75 -76.38 -39.22
CA ILE G 225 29.01 -75.30 -39.85
C ILE G 225 29.94 -74.09 -40.03
N ASP G 226 29.62 -73.23 -40.99
CA ASP G 226 30.48 -72.10 -41.30
C ASP G 226 29.76 -70.99 -42.05
N GLY G 227 30.26 -69.77 -41.90
CA GLY G 227 29.80 -68.63 -42.69
C GLY G 227 28.30 -68.44 -42.60
N LYS G 228 27.64 -68.41 -43.76
CA LYS G 228 26.20 -68.17 -43.82
C LYS G 228 25.39 -69.26 -43.09
N LEU G 229 24.52 -68.82 -42.19
CA LEU G 229 23.59 -69.71 -41.49
C LEU G 229 22.18 -69.11 -41.51
N ARG G 230 21.20 -69.99 -41.68
CA ARG G 230 19.81 -69.59 -41.82
C ARG G 230 19.06 -69.93 -40.54
N PHE G 231 18.44 -68.93 -39.92
CA PHE G 231 17.73 -69.13 -38.66
C PHE G 231 16.40 -68.37 -38.66
N THR G 232 15.52 -68.71 -37.71
CA THR G 232 14.25 -68.01 -37.55
C THR G 232 14.25 -67.15 -36.29
N VAL G 233 13.53 -66.03 -36.34
CA VAL G 233 13.54 -65.05 -35.26
C VAL G 233 12.72 -65.48 -34.05
N ARG G 234 13.37 -65.62 -32.90
CA ARG G 234 12.69 -65.95 -31.65
C ARG G 234 12.22 -64.69 -30.86
N ASN G 235 13.15 -63.76 -30.62
CA ASN G 235 12.80 -62.44 -30.10
C ASN G 235 13.83 -61.41 -30.56
N VAL G 236 13.40 -60.16 -30.65
CA VAL G 236 14.29 -59.06 -31.00
C VAL G 236 14.51 -58.14 -29.80
N HIS G 237 15.71 -58.16 -29.23
CA HIS G 237 16.06 -57.29 -28.10
C HIS G 237 16.47 -55.92 -28.66
N THR G 238 15.92 -54.86 -28.10
CA THR G 238 16.03 -53.56 -28.73
C THR G 238 16.46 -52.46 -27.79
N THR G 239 16.50 -52.76 -26.49
CA THR G 239 16.69 -51.73 -25.47
C THR G 239 18.16 -51.47 -25.14
N GLY G 240 19.03 -52.39 -25.53
CA GLY G 240 20.45 -52.25 -25.26
C GLY G 240 21.08 -51.16 -26.10
N ARG G 241 22.41 -51.08 -26.06
CA ARG G 241 23.14 -50.11 -26.86
C ARG G 241 22.81 -50.29 -28.35
N VAL G 242 22.91 -51.53 -28.81
CA VAL G 242 22.58 -51.85 -30.20
C VAL G 242 21.56 -52.97 -30.28
N VAL G 243 20.84 -53.05 -31.39
CA VAL G 243 19.86 -54.10 -31.58
C VAL G 243 20.54 -55.48 -31.57
N SER G 244 19.80 -56.48 -31.12
CA SER G 244 20.29 -57.86 -31.07
C SER G 244 19.14 -58.82 -31.30
N VAL G 245 19.37 -59.81 -32.17
CA VAL G 245 18.31 -60.74 -32.54
C VAL G 245 18.52 -62.09 -31.86
N ASP G 246 17.44 -62.62 -31.28
CA ASP G 246 17.46 -63.96 -30.71
C ASP G 246 16.89 -64.92 -31.76
N GLY G 247 17.71 -65.86 -32.21
CA GLY G 247 17.29 -66.75 -33.28
C GLY G 247 17.24 -68.19 -32.82
N THR G 248 16.46 -69.00 -33.53
CA THR G 248 16.34 -70.43 -33.22
C THR G 248 16.53 -71.31 -34.46
N LEU G 249 16.80 -72.58 -34.23
CA LEU G 249 16.95 -73.53 -35.33
C LEU G 249 15.96 -74.70 -35.21
N ILE G 250 14.94 -74.52 -34.37
CA ILE G 250 13.86 -75.50 -34.21
C ILE G 250 12.50 -74.83 -34.07
N ASN H 3 21.40 48.72 -45.74
CA ASN H 3 20.73 50.01 -45.94
C ASN H 3 19.68 50.42 -44.87
N THR H 4 19.44 51.73 -44.77
CA THR H 4 18.55 52.33 -43.77
C THR H 4 17.06 52.26 -44.16
N LEU H 5 16.20 51.89 -43.22
CA LEU H 5 14.78 51.74 -43.53
C LEU H 5 13.90 52.84 -42.95
N PHE H 6 14.37 53.51 -41.90
CA PHE H 6 13.59 54.52 -41.19
C PHE H 6 14.44 55.35 -40.22
N ASP H 7 14.29 56.67 -40.24
CA ASP H 7 14.81 57.49 -39.16
C ASP H 7 13.89 58.69 -38.91
N ASP H 8 14.02 59.30 -37.73
CA ASP H 8 13.21 60.45 -37.33
C ASP H 8 13.75 60.95 -36.01
N ILE H 9 13.53 62.21 -35.69
CA ILE H 9 13.86 62.69 -34.36
C ILE H 9 12.59 62.60 -33.50
N PHE H 10 12.67 61.86 -32.40
CA PHE H 10 11.55 61.74 -31.48
C PHE H 10 11.78 62.53 -30.19
N GLN H 11 10.70 63.02 -29.59
CA GLN H 11 10.83 63.67 -28.29
C GLN H 11 10.07 62.85 -27.24
N VAL H 12 10.77 62.53 -26.17
CA VAL H 12 10.24 61.67 -25.13
C VAL H 12 9.20 62.33 -24.21
N SER H 13 8.06 61.68 -24.07
CA SER H 13 6.96 62.13 -23.22
C SER H 13 7.09 61.59 -21.82
N GLU H 14 7.29 60.28 -21.73
CA GLU H 14 7.23 59.58 -20.46
C GLU H 14 8.38 58.57 -20.40
N VAL H 15 9.00 58.41 -19.24
CA VAL H 15 9.96 57.34 -19.04
C VAL H 15 9.59 56.50 -17.79
N ASP H 16 8.85 55.41 -18.00
CA ASP H 16 8.33 54.63 -16.89
C ASP H 16 9.21 53.44 -16.56
N PRO H 17 9.72 53.39 -15.32
CA PRO H 17 10.61 52.31 -14.89
C PRO H 17 9.84 51.05 -14.54
N GLY H 18 8.51 51.12 -14.60
CA GLY H 18 7.68 50.00 -14.22
C GLY H 18 8.16 49.42 -12.91
N ARG H 19 8.13 48.10 -12.80
CA ARG H 19 8.60 47.46 -11.59
C ARG H 19 10.05 46.97 -11.73
N TYR H 20 10.70 47.33 -12.83
CA TYR H 20 12.09 46.93 -13.10
C TYR H 20 13.03 47.99 -12.56
N ASN H 21 14.33 47.69 -12.59
CA ASN H 21 15.29 48.74 -12.33
C ASN H 21 16.50 48.81 -13.27
N LYS H 22 16.33 48.31 -14.49
CA LYS H 22 17.33 48.46 -15.53
C LYS H 22 16.66 48.81 -16.87
N VAL H 23 15.35 48.67 -16.90
CA VAL H 23 14.58 48.85 -18.12
C VAL H 23 13.53 49.90 -17.84
N CYS H 24 13.25 50.72 -18.84
CA CYS H 24 12.17 51.69 -18.75
C CYS H 24 11.41 51.66 -20.05
N ARG H 25 10.11 51.92 -19.95
CA ARG H 25 9.25 52.05 -21.10
C ARG H 25 9.20 53.53 -21.49
N ILE H 26 9.51 53.81 -22.74
CA ILE H 26 9.59 55.16 -23.22
C ILE H 26 8.42 55.40 -24.15
N GLU H 27 7.80 56.55 -24.02
CA GLU H 27 6.77 56.96 -24.95
C GLU H 27 7.27 58.25 -25.55
N ALA H 28 7.25 58.36 -26.87
CA ALA H 28 7.80 59.53 -27.52
C ALA H 28 7.13 59.78 -28.85
N ALA H 29 7.00 61.05 -29.21
CA ALA H 29 6.38 61.43 -30.47
C ALA H 29 7.38 62.08 -31.41
N SER H 30 7.16 61.88 -32.70
CA SER H 30 8.02 62.47 -33.71
C SER H 30 7.88 63.99 -33.74
N THR H 31 8.94 64.66 -34.15
CA THR H 31 8.94 66.12 -34.25
C THR H 31 8.62 66.53 -35.69
N THR H 32 8.67 65.55 -36.60
CA THR H 32 8.54 65.81 -38.03
C THR H 32 7.20 65.35 -38.58
N GLN H 33 6.61 64.30 -38.00
CA GLN H 33 5.28 63.85 -38.38
C GLN H 33 4.33 63.95 -37.19
N ASP H 34 3.14 64.50 -37.43
CA ASP H 34 2.15 64.66 -36.36
C ASP H 34 1.49 63.34 -36.01
N GLN H 35 1.69 62.34 -36.87
CA GLN H 35 0.98 61.08 -36.73
C GLN H 35 1.87 59.92 -36.32
N CYS H 36 3.17 60.20 -36.18
CA CYS H 36 4.16 59.17 -35.91
C CYS H 36 4.57 59.14 -34.42
N LYS H 37 4.24 58.04 -33.75
CA LYS H 37 4.57 57.90 -32.32
C LYS H 37 5.21 56.55 -31.99
N LEU H 38 5.78 56.45 -30.81
CA LEU H 38 6.68 55.36 -30.52
C LEU H 38 6.57 54.91 -29.08
N THR H 39 6.81 53.63 -28.86
CA THR H 39 6.83 53.02 -27.53
C THR H 39 8.04 52.07 -27.51
N LEU H 40 8.92 52.18 -26.53
CA LEU H 40 10.16 51.40 -26.58
C LEU H 40 10.73 51.09 -25.21
N ASP H 41 11.07 49.82 -25.01
CA ASP H 41 11.74 49.37 -23.79
C ASP H 41 13.23 49.57 -23.97
N ILE H 42 13.89 50.16 -22.99
CA ILE H 42 15.30 50.48 -23.11
C ILE H 42 16.05 50.11 -21.85
N ASN H 43 17.18 49.44 -22.01
CA ASN H 43 18.12 49.25 -20.91
C ASN H 43 18.69 50.62 -20.56
N VAL H 44 18.06 51.24 -19.57
CA VAL H 44 18.32 52.62 -19.24
C VAL H 44 19.53 52.71 -18.32
N GLU H 45 20.01 51.56 -17.88
CA GLU H 45 21.27 51.51 -17.15
C GLU H 45 22.40 51.77 -18.12
N LEU H 46 22.26 51.29 -19.35
CA LEU H 46 23.29 51.51 -20.38
C LEU H 46 23.03 52.78 -21.18
N PHE H 47 21.79 53.27 -21.15
CA PHE H 47 21.45 54.45 -21.92
C PHE H 47 20.35 55.24 -21.23
N PRO H 48 20.72 56.07 -20.24
CA PRO H 48 19.72 56.78 -19.43
C PRO H 48 18.87 57.71 -20.29
N VAL H 49 17.58 57.82 -19.99
CA VAL H 49 16.68 58.70 -20.71
C VAL H 49 15.78 59.43 -19.73
N ALA H 50 15.60 60.74 -19.94
CA ALA H 50 14.65 61.50 -19.15
C ALA H 50 13.58 62.10 -20.05
N ALA H 51 12.43 62.43 -19.48
CA ALA H 51 11.38 63.09 -20.26
C ALA H 51 11.94 64.34 -20.91
N GLN H 52 11.39 64.68 -22.07
CA GLN H 52 11.78 65.84 -22.86
C GLN H 52 13.11 65.69 -23.62
N ASP H 53 13.81 64.58 -23.40
CA ASP H 53 14.97 64.25 -24.24
C ASP H 53 14.56 64.19 -25.70
N SER H 54 15.52 64.44 -26.59
CA SER H 54 15.26 64.25 -28.01
C SER H 54 16.21 63.18 -28.52
N LEU H 55 15.62 62.11 -29.04
CA LEU H 55 16.38 60.98 -29.48
C LEU H 55 16.21 60.87 -30.98
N THR H 56 17.33 60.63 -31.67
CA THR H 56 17.27 60.26 -33.08
C THR H 56 17.13 58.73 -33.15
N VAL H 57 16.14 58.25 -33.87
CA VAL H 57 15.89 56.81 -33.90
C VAL H 57 15.90 56.24 -35.31
N THR H 58 16.81 55.28 -35.53
CA THR H 58 16.98 54.69 -36.85
C THR H 58 16.73 53.17 -36.83
N ILE H 59 15.91 52.69 -37.76
CA ILE H 59 15.83 51.27 -38.01
C ILE H 59 16.52 50.95 -39.33
N ALA H 60 17.45 49.99 -39.31
CA ALA H 60 18.15 49.58 -40.52
C ALA H 60 18.21 48.06 -40.63
N SER H 61 18.21 47.55 -41.86
CA SER H 61 18.23 46.11 -42.12
C SER H 61 19.60 45.49 -41.86
N SER H 62 20.66 46.26 -42.05
CA SER H 62 22.03 45.78 -41.83
C SER H 62 22.92 46.92 -41.36
N LEU H 63 24.21 46.66 -41.14
CA LEU H 63 25.16 47.72 -40.77
C LEU H 63 26.41 47.75 -41.69
N ASN H 64 26.55 48.78 -42.52
CA ASN H 64 27.71 48.95 -43.45
C ASN H 64 28.36 50.36 -43.48
N SER H 78 28.30 36.84 -39.40
CA SER H 78 27.45 37.02 -38.21
C SER H 78 28.26 37.48 -37.00
N TRP H 79 27.57 37.89 -35.94
CA TRP H 79 28.18 38.66 -34.86
C TRP H 79 29.30 37.95 -34.13
N ARG H 80 30.28 38.77 -33.79
CA ARG H 80 31.53 38.34 -33.23
C ARG H 80 32.03 39.58 -32.49
N PRO H 81 32.77 39.40 -31.39
CA PRO H 81 33.35 40.54 -30.69
C PRO H 81 34.16 41.43 -31.62
N PRO H 82 33.96 42.76 -31.54
CA PRO H 82 34.77 43.79 -32.22
C PRO H 82 36.25 43.42 -32.31
N GLN H 83 36.85 43.68 -33.48
CA GLN H 83 38.27 43.40 -33.67
C GLN H 83 39.04 44.67 -34.00
N ALA H 84 40.29 44.47 -34.38
CA ALA H 84 41.14 45.53 -34.88
C ALA H 84 40.50 46.24 -36.08
N GLY H 85 40.14 47.50 -35.91
CA GLY H 85 39.66 48.35 -37.00
C GLY H 85 38.36 47.95 -37.69
N ASP H 86 37.41 47.40 -36.93
CA ASP H 86 36.09 47.14 -37.47
C ASP H 86 35.30 48.44 -37.56
N ARG H 87 34.68 48.69 -38.71
CA ARG H 87 33.83 49.87 -38.84
C ARG H 87 32.44 49.51 -39.41
N SER H 88 31.40 50.06 -38.79
CA SER H 88 30.02 49.80 -39.20
C SER H 88 29.07 50.93 -38.79
N LEU H 89 27.81 50.82 -39.20
CA LEU H 89 26.83 51.88 -38.97
C LEU H 89 26.66 52.17 -37.47
N ALA H 90 26.99 51.19 -36.64
CA ALA H 90 26.86 51.34 -35.20
C ALA H 90 27.73 52.47 -34.65
N ASP H 91 28.83 52.75 -35.34
CA ASP H 91 29.76 53.80 -34.91
C ASP H 91 29.11 55.18 -34.80
N ASP H 92 28.07 55.42 -35.59
CA ASP H 92 27.41 56.72 -35.63
C ASP H 92 26.40 56.94 -34.49
N TYR H 93 26.21 55.93 -33.65
CA TYR H 93 25.18 56.01 -32.62
C TYR H 93 25.64 55.62 -31.22
N ASP H 94 24.80 55.92 -30.23
CA ASP H 94 25.10 55.66 -28.83
C ASP H 94 24.65 54.27 -28.38
N TYR H 95 23.46 53.87 -28.82
CA TYR H 95 22.78 52.67 -28.33
C TYR H 95 22.22 51.86 -29.48
N VAL H 96 22.64 50.59 -29.58
CA VAL H 96 22.20 49.76 -30.70
C VAL H 96 21.64 48.40 -30.28
N MET H 97 20.44 48.09 -30.76
CA MET H 97 19.81 46.81 -30.47
C MET H 97 19.45 46.02 -31.73
N TYR H 98 19.48 44.69 -31.61
CA TYR H 98 19.08 43.79 -32.69
C TYR H 98 17.82 43.00 -32.32
N GLY H 99 16.89 42.90 -33.26
CA GLY H 99 15.61 42.28 -32.97
C GLY H 99 14.77 41.87 -34.17
N THR H 100 13.52 41.53 -33.91
CA THR H 100 12.64 40.97 -34.93
C THR H 100 11.32 41.73 -35.03
N ALA H 101 10.87 41.96 -36.25
CA ALA H 101 9.50 42.43 -36.46
C ALA H 101 8.58 41.22 -36.42
N TYR H 102 7.49 41.29 -35.64
CA TYR H 102 6.68 40.11 -35.41
C TYR H 102 5.19 40.31 -35.62
N LYS H 103 4.76 41.55 -35.74
CA LYS H 103 3.37 41.83 -36.00
C LYS H 103 3.25 43.17 -36.73
N PHE H 104 2.39 43.22 -37.75
CA PHE H 104 1.95 44.48 -38.38
C PHE H 104 0.44 44.67 -38.16
N GLU H 105 -0.04 45.90 -38.03
CA GLU H 105 -1.48 46.11 -37.95
C GLU H 105 -2.00 47.41 -38.57
N GLU H 106 -3.17 47.33 -39.20
CA GLU H 106 -3.90 48.52 -39.65
C GLU H 106 -4.49 49.24 -38.45
N VAL H 107 -4.15 50.50 -38.27
CA VAL H 107 -4.72 51.26 -37.16
C VAL H 107 -5.90 52.05 -37.66
N SER H 108 -5.77 52.58 -38.87
CA SER H 108 -6.84 53.29 -39.54
C SER H 108 -6.60 53.21 -41.04
N LYS H 109 -7.44 53.92 -41.81
CA LYS H 109 -7.34 53.93 -43.25
C LYS H 109 -6.00 54.49 -43.69
N ASP H 110 -5.41 55.30 -42.82
CA ASP H 110 -4.18 56.01 -43.14
C ASP H 110 -2.98 55.47 -42.38
N LEU H 111 -3.18 55.02 -41.16
CA LEU H 111 -2.01 54.68 -40.36
C LEU H 111 -1.84 53.22 -39.91
N ILE H 112 -0.58 52.87 -39.68
CA ILE H 112 -0.11 51.50 -39.51
C ILE H 112 0.83 51.43 -38.28
N ALA H 113 0.91 50.26 -37.65
CA ALA H 113 1.83 50.07 -36.54
C ALA H 113 2.64 48.81 -36.72
N VAL H 114 3.95 48.89 -36.47
CA VAL H 114 4.75 47.67 -36.53
C VAL H 114 5.32 47.36 -35.15
N TYR H 115 5.47 46.06 -34.89
CA TYR H 115 5.87 45.62 -33.56
C TYR H 115 7.21 44.91 -33.63
N TYR H 116 8.13 45.31 -32.78
CA TYR H 116 9.46 44.73 -32.76
C TYR H 116 9.69 44.13 -31.39
N SER H 117 10.50 43.07 -31.35
CA SER H 117 10.96 42.56 -30.07
C SER H 117 12.47 42.47 -30.10
N PHE H 118 13.09 42.98 -29.05
CA PHE H 118 14.53 42.89 -28.93
C PHE H 118 14.78 42.03 -27.72
N GLY H 119 14.78 40.71 -27.95
CA GLY H 119 14.93 39.73 -26.90
C GLY H 119 13.95 39.94 -25.76
N GLY H 120 12.77 40.46 -26.09
CA GLY H 120 11.81 40.80 -25.06
C GLY H 120 11.55 42.28 -24.82
N LEU H 121 12.51 43.15 -25.12
CA LEU H 121 12.25 44.57 -24.95
C LEU H 121 11.44 45.03 -26.15
N LEU H 122 10.21 45.52 -25.92
CA LEU H 122 9.28 45.72 -27.03
C LEU H 122 9.20 47.16 -27.55
N MET H 123 9.15 47.24 -28.88
CA MET H 123 8.91 48.51 -29.54
C MET H 123 7.61 48.45 -30.33
N ARG H 124 6.80 49.51 -30.21
CA ARG H 124 5.66 49.69 -31.10
C ARG H 124 5.77 51.05 -31.77
N LEU H 125 5.95 51.02 -33.10
CA LEU H 125 6.08 52.22 -33.92
C LEU H 125 4.87 52.42 -34.81
N GLU H 126 4.14 53.50 -34.56
CA GLU H 126 2.95 53.81 -35.33
C GLU H 126 3.25 55.03 -36.19
N GLY H 127 2.71 55.06 -37.40
CA GLY H 127 2.98 56.14 -38.33
C GLY H 127 2.19 56.01 -39.61
N ASN H 128 2.36 56.98 -40.52
CA ASN H 128 1.67 56.96 -41.80
C ASN H 128 2.20 55.86 -42.73
N TYR H 129 1.30 55.18 -43.45
CA TYR H 129 1.69 53.98 -44.19
C TYR H 129 2.73 54.22 -45.29
N ARG H 130 2.92 55.49 -45.66
CA ARG H 130 3.94 55.87 -46.63
C ARG H 130 5.24 56.19 -45.93
N ASN H 131 5.12 56.73 -44.72
CA ASN H 131 6.27 57.04 -43.89
C ASN H 131 6.99 55.77 -43.39
N LEU H 132 6.26 54.65 -43.29
CA LEU H 132 6.83 53.40 -42.80
C LEU H 132 6.89 52.33 -43.89
N ASN H 133 6.95 52.77 -45.14
CA ASN H 133 6.90 51.88 -46.30
C ASN H 133 7.99 50.81 -46.34
N ASN H 134 9.19 51.16 -45.89
CA ASN H 134 10.33 50.27 -46.04
C ASN H 134 10.40 49.16 -45.00
N LEU H 135 9.63 49.29 -43.92
CA LEU H 135 9.67 48.30 -42.84
C LEU H 135 9.04 46.99 -43.28
N LYS H 136 9.77 45.89 -43.10
CA LYS H 136 9.24 44.59 -43.45
C LYS H 136 9.21 43.73 -42.22
N GLN H 137 8.58 42.56 -42.34
CA GLN H 137 8.56 41.58 -41.25
C GLN H 137 9.81 40.70 -41.33
N GLU H 138 10.93 41.28 -40.91
CA GLU H 138 12.23 40.61 -40.93
C GLU H 138 12.92 40.95 -39.62
N ASN H 139 14.22 40.70 -39.57
CA ASN H 139 15.02 41.19 -38.47
C ASN H 139 15.54 42.57 -38.80
N ALA H 140 15.91 43.32 -37.77
CA ALA H 140 16.34 44.69 -37.99
C ALA H 140 17.18 45.17 -36.82
N TYR H 141 18.05 46.14 -37.09
CA TYR H 141 18.82 46.76 -36.04
C TYR H 141 18.12 48.05 -35.65
N LEU H 142 18.22 48.42 -34.39
CA LEU H 142 17.71 49.69 -33.91
C LEU H 142 18.85 50.57 -33.41
N LEU H 143 18.90 51.80 -33.87
CA LEU H 143 20.00 52.68 -33.53
C LEU H 143 19.46 53.97 -32.94
N ILE H 144 20.00 54.34 -31.79
CA ILE H 144 19.54 55.52 -31.09
C ILE H 144 20.75 56.38 -30.71
N ARG H 145 20.64 57.68 -30.93
CA ARG H 145 21.68 58.58 -30.43
C ARG H 145 21.03 59.82 -29.87
N ARG H 146 21.71 60.47 -28.95
CA ARG H 146 21.16 61.65 -28.32
C ARG H 146 21.45 62.93 -29.12
N SER I 2 -57.57 11.88 49.24
CA SER I 2 -58.56 11.21 48.40
C SER I 2 -58.36 11.60 46.94
N VAL I 3 -59.13 12.57 46.48
CA VAL I 3 -59.27 12.82 45.05
C VAL I 3 -58.15 13.64 44.44
N VAL I 4 -57.58 13.11 43.35
CA VAL I 4 -56.58 13.80 42.55
C VAL I 4 -56.89 13.51 41.11
N GLY I 5 -58.09 13.90 40.67
CA GLY I 5 -58.58 13.74 39.32
C GLY I 5 -58.27 12.43 38.62
N SER I 6 -59.27 11.58 38.53
CA SER I 6 -59.15 10.27 37.86
C SER I 6 -58.44 9.22 38.71
N LEU I 7 -57.62 9.66 39.66
CA LEU I 7 -57.10 8.75 40.66
C LEU I 7 -57.70 9.11 42.01
N ILE I 8 -58.22 8.11 42.72
CA ILE I 8 -58.68 8.36 44.08
C ILE I 8 -57.92 7.48 45.05
N PHE I 9 -57.29 8.12 46.04
CA PHE I 9 -56.49 7.44 47.04
C PHE I 9 -57.32 7.23 48.30
N CYS I 10 -57.08 6.14 48.99
CA CYS I 10 -57.77 5.84 50.23
C CYS I 10 -57.40 6.87 51.28
N LEU I 11 -58.36 7.27 52.10
CA LEU I 11 -58.11 8.28 53.11
C LEU I 11 -57.30 7.71 54.24
N ASP I 12 -57.51 6.43 54.50
CA ASP I 12 -56.97 5.78 55.70
C ASP I 12 -55.53 5.33 55.54
N CYS I 13 -55.30 4.30 54.71
CA CYS I 13 -53.96 3.96 54.24
C CYS I 13 -53.73 4.83 53.02
N GLY I 14 -52.70 4.57 52.24
CA GLY I 14 -52.48 5.48 51.13
C GLY I 14 -52.82 4.94 49.75
N ASP I 15 -53.43 3.75 49.71
CA ASP I 15 -53.57 3.02 48.47
C ASP I 15 -54.53 3.61 47.44
N LEU I 16 -54.27 3.30 46.18
CA LEU I 16 -55.12 3.72 45.08
C LEU I 16 -56.37 2.82 45.03
N LEU I 17 -57.54 3.44 45.19
CA LEU I 17 -58.81 2.71 45.16
C LEU I 17 -59.09 2.27 43.74
N GLU I 18 -59.83 1.17 43.61
CA GLU I 18 -60.15 0.64 42.29
C GLU I 18 -61.11 1.57 41.58
N ASN I 19 -61.14 1.51 40.26
CA ASN I 19 -62.03 2.37 39.48
C ASN I 19 -63.43 1.80 39.62
N PRO I 20 -64.35 2.57 40.25
CA PRO I 20 -65.70 2.11 40.63
C PRO I 20 -66.34 1.24 39.56
N ASN I 21 -66.29 1.67 38.31
CA ASN I 21 -66.93 0.95 37.21
C ASN I 21 -66.31 -0.42 36.86
N ALA I 22 -65.70 -1.05 37.85
CA ALA I 22 -65.14 -2.39 37.68
C ALA I 22 -65.31 -3.20 38.97
N VAL I 23 -66.28 -2.81 39.77
CA VAL I 23 -66.58 -3.48 41.03
C VAL I 23 -68.05 -3.87 41.02
N LEU I 24 -68.31 -5.16 41.23
CA LEU I 24 -69.65 -5.74 41.08
C LEU I 24 -70.71 -5.13 42.00
N GLY I 25 -70.30 -4.74 43.21
CA GLY I 25 -71.23 -4.21 44.19
C GLY I 25 -71.67 -2.77 43.96
N SER I 26 -72.14 -2.13 45.02
CA SER I 26 -72.57 -0.74 44.96
C SER I 26 -71.65 0.13 45.82
N ASN I 27 -70.59 -0.49 46.34
CA ASN I 27 -69.58 0.21 47.12
C ASN I 27 -68.17 -0.22 46.74
N VAL I 28 -67.18 0.59 47.07
CA VAL I 28 -65.80 0.29 46.73
C VAL I 28 -64.98 0.05 47.99
N GLU I 29 -64.26 -1.07 48.03
CA GLU I 29 -63.48 -1.39 49.22
C GLU I 29 -61.98 -1.40 48.99
N CYS I 30 -61.25 -0.71 49.86
CA CYS I 30 -59.80 -0.68 49.79
C CYS I 30 -59.20 -2.04 50.13
N SER I 31 -58.63 -2.71 49.15
CA SER I 31 -58.07 -4.03 49.36
C SER I 31 -56.91 -4.06 50.36
N GLN I 32 -56.53 -2.89 50.87
CA GLN I 32 -55.40 -2.79 51.78
C GLN I 32 -55.83 -2.78 53.23
N CYS I 33 -56.70 -1.83 53.59
CA CYS I 33 -57.08 -1.65 54.98
C CYS I 33 -58.56 -1.91 55.27
N LYS I 34 -59.29 -2.36 54.25
CA LYS I 34 -60.72 -2.71 54.36
C LYS I 34 -61.65 -1.51 54.57
N ALA I 35 -61.20 -0.32 54.20
CA ALA I 35 -62.05 0.87 54.29
C ALA I 35 -63.21 0.76 53.30
N ILE I 36 -64.35 1.35 53.63
CA ILE I 36 -65.51 1.29 52.74
C ILE I 36 -65.87 2.66 52.16
N TYR I 37 -66.11 2.71 50.86
CA TYR I 37 -66.44 3.96 50.17
C TYR I 37 -67.67 3.77 49.30
N PRO I 38 -68.69 4.63 49.49
CA PRO I 38 -69.91 4.60 48.66
C PRO I 38 -69.61 4.94 47.21
N LYS I 39 -70.07 4.10 46.27
CA LYS I 39 -69.78 4.27 44.85
C LYS I 39 -70.19 5.66 44.36
N SER I 40 -71.28 6.16 44.94
CA SER I 40 -71.79 7.50 44.67
C SER I 40 -70.98 8.55 45.41
N GLN I 41 -69.91 9.00 44.78
CA GLN I 41 -68.97 9.93 45.40
C GLN I 41 -67.88 10.15 44.40
N PHE I 42 -67.72 9.18 43.50
CA PHE I 42 -66.55 9.13 42.63
C PHE I 42 -66.97 9.11 41.16
N SER I 43 -67.94 9.96 40.87
CA SER I 43 -68.62 9.94 39.57
C SER I 43 -68.00 10.88 38.53
N ASN I 44 -68.06 10.41 37.28
CA ASN I 44 -67.83 11.21 36.08
C ASN I 44 -66.77 12.30 36.22
N LEU I 45 -65.59 11.89 36.68
CA LEU I 45 -64.43 12.78 36.75
C LEU I 45 -63.74 12.84 35.39
N LYS I 46 -63.42 14.05 34.95
CA LYS I 46 -62.84 14.23 33.61
C LYS I 46 -61.35 14.50 33.66
N VAL I 47 -60.63 14.07 32.62
CA VAL I 47 -59.24 14.42 32.44
C VAL I 47 -59.07 14.99 31.04
N VAL I 48 -58.29 16.06 30.91
CA VAL I 48 -58.08 16.68 29.61
C VAL I 48 -56.64 16.62 29.14
N THR I 49 -56.38 15.84 28.10
CA THR I 49 -55.05 15.73 27.52
C THR I 49 -55.00 16.43 26.16
N THR I 50 -53.88 17.06 25.84
CA THR I 50 -53.69 17.67 24.53
C THR I 50 -52.39 17.20 23.89
N THR I 51 -52.32 17.29 22.56
CA THR I 51 -51.09 16.94 21.86
C THR I 51 -50.05 18.01 22.12
N ALA I 52 -48.80 17.56 22.29
CA ALA I 52 -47.68 18.46 22.53
C ALA I 52 -47.49 19.37 21.32
N ASP I 53 -46.99 20.59 21.56
CA ASP I 53 -46.82 21.55 20.47
C ASP I 53 -46.01 21.01 19.27
N ASP I 54 -44.97 20.24 19.59
CA ASP I 54 -44.09 19.69 18.59
C ASP I 54 -44.53 18.33 18.04
N ALA I 55 -45.78 17.97 18.29
CA ALA I 55 -46.25 16.64 17.92
C ALA I 55 -46.39 16.47 16.43
N PHE I 56 -46.84 17.52 15.72
CA PHE I 56 -47.10 17.43 14.29
C PHE I 56 -46.29 18.41 13.46
N PRO I 57 -45.01 18.08 13.21
CA PRO I 57 -44.09 18.95 12.48
C PRO I 57 -44.60 19.11 11.08
N SER I 58 -44.56 20.32 10.54
CA SER I 58 -45.10 20.55 9.22
C SER I 58 -44.67 21.92 8.76
N SER I 59 -44.79 22.17 7.46
CA SER I 59 -44.49 23.46 6.89
C SER I 59 -45.21 24.57 7.68
N LEU I 60 -46.46 24.33 8.06
CA LEU I 60 -47.27 25.32 8.74
C LEU I 60 -46.87 25.53 10.18
N ARG I 61 -46.60 24.44 10.89
CA ARG I 61 -46.22 24.50 12.29
C ARG I 61 -45.04 25.45 12.49
N ALA I 62 -44.01 25.30 11.67
CA ALA I 62 -42.82 26.14 11.75
C ALA I 62 -43.14 27.57 11.33
N LYS I 63 -44.35 27.78 10.82
CA LYS I 63 -44.77 29.11 10.37
C LYS I 63 -45.37 29.90 11.53
N LYS I 64 -46.17 29.24 12.35
CA LYS I 64 -46.79 29.89 13.50
C LYS I 64 -45.80 30.75 14.26
N SER I 65 -44.52 30.38 14.19
CA SER I 65 -43.46 31.11 14.88
C SER I 65 -43.38 32.54 14.36
N VAL I 66 -42.92 33.45 15.22
CA VAL I 66 -42.79 34.85 14.86
C VAL I 66 -41.38 35.17 14.37
N VAL I 67 -40.58 34.12 14.16
CA VAL I 67 -39.22 34.28 13.69
C VAL I 67 -38.92 33.38 12.51
N LYS I 68 -37.87 33.70 11.75
CA LYS I 68 -37.49 32.93 10.58
C LYS I 68 -37.16 31.49 10.92
N THR I 69 -37.84 30.55 10.27
CA THR I 69 -37.60 29.13 10.47
C THR I 69 -37.03 28.38 9.26
N SER I 70 -36.71 29.10 8.18
CA SER I 70 -36.15 28.50 6.97
C SER I 70 -35.29 29.49 6.25
N LEU I 71 -34.37 28.98 5.44
CA LEU I 71 -33.50 29.85 4.65
C LEU I 71 -33.82 29.73 3.18
N LYS I 72 -33.72 30.84 2.46
CA LYS I 72 -33.89 30.82 1.01
C LYS I 72 -32.59 30.34 0.36
N LYS I 73 -32.54 30.29 -0.96
CA LYS I 73 -31.36 29.78 -1.66
C LYS I 73 -30.19 30.78 -1.62
N ASN I 74 -30.51 32.08 -1.60
CA ASN I 74 -29.48 33.12 -1.66
C ASN I 74 -28.56 33.20 -0.43
N THR I 81 -16.62 34.27 -1.65
CA THR I 81 -16.15 34.74 -2.93
C THR I 81 -14.71 35.23 -2.77
N ILE I 82 -13.92 35.19 -3.85
CA ILE I 82 -12.54 35.66 -3.79
C ILE I 82 -12.05 36.09 -5.16
N LYS I 83 -11.04 36.96 -5.19
CA LYS I 83 -10.42 37.36 -6.45
C LYS I 83 -9.57 36.21 -7.01
N GLU I 84 -9.96 35.76 -8.19
CA GLU I 84 -9.29 34.67 -8.87
C GLU I 84 -9.89 34.65 -10.26
N LYS I 85 -9.07 34.98 -11.27
CA LYS I 85 -9.55 35.04 -12.65
C LYS I 85 -10.10 33.69 -13.10
N CYS I 86 -11.35 33.69 -13.58
CA CYS I 86 -11.93 32.49 -14.15
C CYS I 86 -11.19 32.21 -15.44
N PRO I 87 -10.62 31.00 -15.55
CA PRO I 87 -9.91 30.65 -16.78
C PRO I 87 -10.84 30.61 -18.01
N GLN I 88 -12.10 30.20 -17.83
CA GLN I 88 -13.07 30.16 -18.94
C GLN I 88 -13.53 31.54 -19.45
N CYS I 89 -14.14 32.35 -18.58
CA CYS I 89 -14.77 33.60 -19.02
C CYS I 89 -13.98 34.88 -18.72
N GLY I 90 -13.04 34.80 -17.78
CA GLY I 90 -12.19 35.93 -17.48
C GLY I 90 -12.61 36.69 -16.25
N ASN I 91 -13.73 36.29 -15.65
CA ASN I 91 -14.30 36.90 -14.45
C ASN I 91 -13.29 37.07 -13.31
N GLU I 92 -13.48 38.13 -12.53
CA GLU I 92 -12.55 38.44 -11.44
C GLU I 92 -12.87 37.71 -10.12
N GLU I 93 -14.14 37.45 -9.84
CA GLU I 93 -14.55 36.73 -8.62
C GLU I 93 -14.85 35.28 -8.92
N MET I 94 -14.56 34.39 -7.96
CA MET I 94 -15.06 33.00 -8.00
C MET I 94 -15.39 32.52 -6.61
N ASN I 95 -16.33 31.61 -6.50
CA ASN I 95 -16.63 31.01 -5.20
C ASN I 95 -15.71 29.83 -4.90
N TYR I 96 -15.46 29.56 -3.63
CA TYR I 96 -14.45 28.56 -3.29
C TYR I 96 -14.83 27.73 -2.08
N HIS I 97 -14.26 26.53 -2.01
CA HIS I 97 -14.36 25.63 -0.86
C HIS I 97 -13.02 24.94 -0.71
N THR I 98 -12.70 24.46 0.50
CA THR I 98 -11.45 23.75 0.75
C THR I 98 -11.64 22.37 1.38
N VAL I 110 -8.34 23.32 -3.25
CA VAL I 110 -9.28 24.43 -3.29
C VAL I 110 -10.22 24.25 -4.48
N PHE I 111 -11.52 24.28 -4.19
CA PHE I 111 -12.53 24.09 -5.23
C PHE I 111 -13.08 25.45 -5.61
N TYR I 112 -12.99 25.77 -6.90
CA TYR I 112 -13.51 27.04 -7.40
C TYR I 112 -14.75 26.87 -8.25
N THR I 113 -15.68 27.81 -8.11
CA THR I 113 -16.86 27.90 -8.97
C THR I 113 -17.01 29.33 -9.45
N CYS I 114 -16.94 29.54 -10.77
CA CYS I 114 -17.06 30.89 -11.32
C CYS I 114 -18.42 31.49 -11.04
N THR I 115 -18.42 32.69 -10.49
CA THR I 115 -19.65 33.33 -9.99
C THR I 115 -20.69 33.60 -11.06
N SER I 116 -20.23 34.02 -12.25
CA SER I 116 -21.14 34.33 -13.34
C SER I 116 -21.29 33.18 -14.36
N CYS I 117 -20.18 32.58 -14.80
CA CYS I 117 -20.24 31.62 -15.90
C CYS I 117 -20.39 30.13 -15.49
N GLY I 118 -20.26 29.84 -14.20
CA GLY I 118 -20.58 28.52 -13.66
C GLY I 118 -19.50 27.44 -13.73
N TYR I 119 -18.46 27.70 -14.53
CA TYR I 119 -17.28 26.82 -14.61
C TYR I 119 -16.73 26.42 -13.23
N LYS I 120 -16.44 25.14 -13.04
CA LYS I 120 -15.93 24.65 -11.77
C LYS I 120 -14.57 24.01 -11.98
N PHE I 121 -13.62 24.27 -11.09
CA PHE I 121 -12.34 23.53 -11.12
C PHE I 121 -11.68 23.43 -9.74
N ARG I 122 -10.72 22.53 -9.60
CA ARG I 122 -10.01 22.33 -8.34
C ARG I 122 -8.53 22.61 -8.56
N THR I 123 -7.80 22.77 -7.45
CA THR I 123 -6.41 23.20 -7.49
C THR I 123 -5.68 22.60 -6.31
N ASN I 124 -4.55 21.94 -6.55
CA ASN I 124 -3.78 21.38 -5.45
C ASN I 124 -2.53 22.21 -5.12
N ASN I 125 -2.13 23.02 -6.09
CA ASN I 125 -0.94 23.85 -5.99
C ASN I 125 -0.91 24.80 -4.80
N MET J 1 27.34 16.09 25.28
CA MET J 1 27.82 15.49 26.53
C MET J 1 28.99 16.26 27.15
N ILE J 2 30.13 16.19 26.47
CA ILE J 2 31.28 17.00 26.85
C ILE J 2 31.42 18.10 25.79
N VAL J 3 32.14 19.16 26.12
CA VAL J 3 32.35 20.28 25.19
C VAL J 3 32.71 19.78 23.81
N PRO J 4 32.12 20.34 22.77
CA PRO J 4 32.62 19.89 21.47
C PRO J 4 33.99 20.44 21.25
N VAL J 5 34.80 19.75 20.46
CA VAL J 5 36.15 20.23 20.16
C VAL J 5 36.12 21.45 19.25
N ARG J 6 35.50 21.33 18.07
CA ARG J 6 35.40 22.47 17.15
C ARG J 6 33.95 22.94 17.06
N CYS J 7 33.78 24.22 16.73
CA CYS J 7 32.48 24.81 16.37
C CYS J 7 31.97 24.13 15.11
N PHE J 8 30.72 23.67 15.14
CA PHE J 8 30.15 22.97 13.99
C PHE J 8 30.26 23.68 12.64
N SER J 9 30.14 25.00 12.63
CA SER J 9 30.12 25.75 11.38
C SER J 9 31.46 26.40 10.97
N CYS J 10 32.14 27.01 11.95
CA CYS J 10 33.40 27.81 11.82
C CYS J 10 34.56 26.84 11.54
N GLY J 11 34.61 25.77 12.33
CA GLY J 11 35.76 24.88 12.38
C GLY J 11 36.64 25.27 13.56
N LYS J 12 36.31 26.39 14.20
CA LYS J 12 37.17 26.99 15.21
C LYS J 12 37.20 26.20 16.51
N VAL J 13 38.40 25.97 17.03
CA VAL J 13 38.50 25.21 18.27
C VAL J 13 37.76 25.91 19.38
N VAL J 14 36.95 25.13 20.11
CA VAL J 14 36.09 25.67 21.13
C VAL J 14 36.24 24.87 22.43
N GLY J 15 36.76 23.65 22.29
CA GLY J 15 36.93 22.75 23.42
C GLY J 15 37.89 23.14 24.52
N ASP J 16 38.73 24.14 24.27
CA ASP J 16 39.64 24.61 25.32
C ASP J 16 38.99 25.71 26.13
N LYS J 17 37.75 26.05 25.76
CA LYS J 17 37.09 27.24 26.28
C LYS J 17 35.98 27.02 27.32
N TRP J 18 35.65 25.78 27.62
CA TRP J 18 34.54 25.52 28.53
C TRP J 18 34.85 25.83 29.99
N GLU J 19 35.96 25.28 30.48
CA GLU J 19 36.32 25.43 31.88
C GLU J 19 36.55 26.89 32.24
N SER J 20 37.13 27.64 31.31
CA SER J 20 37.38 29.07 31.51
C SER J 20 36.10 29.88 31.49
N TYR J 21 35.23 29.59 30.53
CA TYR J 21 33.94 30.26 30.43
C TYR J 21 33.15 30.17 31.72
N LEU J 22 33.15 29.00 32.35
CA LEU J 22 32.48 28.85 33.64
C LEU J 22 33.14 29.72 34.69
N ASN J 23 34.47 29.70 34.73
CA ASN J 23 35.19 30.54 35.67
C ASN J 23 34.93 32.03 35.43
N LEU J 24 34.70 32.43 34.19
CA LEU J 24 34.35 33.81 33.92
C LEU J 24 32.99 34.20 34.52
N LEU J 25 31.98 33.37 34.29
CA LEU J 25 30.63 33.62 34.83
C LEU J 25 30.67 33.60 36.35
N GLN J 26 31.39 32.63 36.89
CA GLN J 26 31.43 32.38 38.31
C GLN J 26 32.23 33.42 39.05
N GLU J 27 33.55 33.44 38.78
CA GLU J 27 34.52 34.26 39.51
C GLU J 27 34.47 35.74 39.15
N ASP J 28 34.56 36.05 37.87
CA ASP J 28 34.59 37.43 37.38
C ASP J 28 33.20 38.07 37.31
N GLU J 29 32.18 37.25 37.54
CA GLU J 29 30.79 37.69 37.56
C GLU J 29 30.39 38.50 36.34
N LEU J 30 30.74 38.00 35.16
CA LEU J 30 30.36 38.66 33.90
C LEU J 30 29.05 38.09 33.42
N ASP J 31 28.42 38.78 32.47
CA ASP J 31 27.28 38.18 31.79
C ASP J 31 27.78 37.26 30.68
N GLU J 32 26.88 36.56 30.01
CA GLU J 32 27.33 35.52 29.10
C GLU J 32 27.99 36.13 27.85
N GLY J 33 27.40 37.19 27.31
CA GLY J 33 27.91 37.74 26.07
C GLY J 33 29.23 38.45 26.25
N THR J 34 29.49 38.97 27.44
CA THR J 34 30.79 39.58 27.67
C THR J 34 31.87 38.51 27.77
N ALA J 35 31.54 37.41 28.46
CA ALA J 35 32.50 36.33 28.68
C ALA J 35 32.86 35.64 27.37
N LEU J 36 31.85 35.42 26.52
CA LEU J 36 32.08 34.79 25.23
C LEU J 36 33.04 35.62 24.40
N SER J 37 32.87 36.93 24.46
CA SER J 37 33.74 37.84 23.70
C SER J 37 35.17 37.73 24.21
N ARG J 38 35.32 37.73 25.53
CA ARG J 38 36.65 37.65 26.13
C ARG J 38 37.41 36.36 25.76
N LEU J 39 36.70 35.31 25.38
CA LEU J 39 37.35 34.07 24.96
C LEU J 39 37.60 34.02 23.44
N GLY J 40 37.18 35.08 22.74
CA GLY J 40 37.50 35.20 21.34
C GLY J 40 36.43 34.66 20.43
N LEU J 41 35.26 34.36 20.98
CA LEU J 41 34.19 33.83 20.16
C LEU J 41 33.41 34.98 19.52
N LYS J 42 33.72 35.27 18.25
CA LYS J 42 33.15 36.44 17.60
C LYS J 42 31.92 36.11 16.78
N ARG J 43 32.07 35.19 15.82
CA ARG J 43 30.92 34.78 15.01
C ARG J 43 29.81 34.16 15.85
N TYR J 44 28.54 34.45 15.55
CA TYR J 44 27.47 33.80 16.34
C TYR J 44 27.45 32.26 16.21
N CYS J 45 27.91 31.73 15.07
CA CYS J 45 28.38 30.34 14.92
C CYS J 45 29.00 29.86 16.23
N CYS J 46 30.10 30.51 16.59
CA CYS J 46 30.96 30.06 17.69
C CYS J 46 30.43 30.41 19.08
N ARG J 47 29.74 31.54 19.20
CA ARG J 47 29.22 31.94 20.50
C ARG J 47 28.18 30.92 20.93
N ARG J 48 27.42 30.43 19.95
CA ARG J 48 26.36 29.45 20.19
C ARG J 48 26.89 28.16 20.82
N MET J 49 28.06 27.72 20.39
CA MET J 49 28.64 26.47 20.88
C MET J 49 28.87 26.47 22.39
N ILE J 50 29.45 27.55 22.92
CA ILE J 50 29.74 27.62 24.34
C ILE J 50 28.53 28.11 25.15
N LEU J 51 27.79 29.07 24.59
CA LEU J 51 26.63 29.64 25.27
C LEU J 51 25.63 28.55 25.65
N THR J 52 25.38 27.63 24.74
CA THR J 52 24.33 26.65 24.91
C THR J 52 24.82 25.23 25.19
N HIS J 53 26.08 25.07 25.57
CA HIS J 53 26.54 23.74 25.89
C HIS J 53 25.95 23.23 27.20
N VAL J 54 25.56 21.95 27.21
CA VAL J 54 25.10 21.31 28.44
C VAL J 54 26.07 20.21 28.83
N ASP J 55 26.79 20.42 29.94
CA ASP J 55 27.86 19.51 30.35
C ASP J 55 27.24 18.27 30.97
N LEU J 56 26.39 17.60 30.21
CA LEU J 56 25.67 16.43 30.64
C LEU J 56 26.60 15.36 31.19
N ILE J 57 27.84 15.35 30.72
CA ILE J 57 28.80 14.33 31.17
C ILE J 57 28.93 14.33 32.70
N GLU J 58 28.86 15.50 33.31
CA GLU J 58 29.05 15.58 34.73
C GLU J 58 27.98 14.80 35.50
N LYS J 59 26.85 14.57 34.83
CA LYS J 59 25.79 13.70 35.37
C LYS J 59 26.18 12.24 35.18
N PHE J 60 26.57 11.88 33.95
CA PHE J 60 26.99 10.50 33.64
C PHE J 60 28.07 10.02 34.58
N LEU J 61 28.96 10.93 34.97
CA LEU J 61 30.13 10.59 35.76
C LEU J 61 29.81 10.15 37.20
N ARG J 62 28.60 10.43 37.66
CA ARG J 62 28.22 10.15 39.05
C ARG J 62 27.87 8.68 39.22
N TYR J 63 27.69 8.00 38.09
CA TYR J 63 27.48 6.57 38.11
C TYR J 63 28.78 5.92 37.66
N ASN J 64 29.63 5.61 38.61
CA ASN J 64 30.88 4.95 38.30
C ASN J 64 30.90 3.56 38.90
N PRO J 65 30.73 2.54 38.05
CA PRO J 65 30.65 1.12 38.41
C PRO J 65 31.94 0.58 39.01
N LEU J 66 33.01 1.39 39.00
CA LEU J 66 34.32 0.94 39.47
C LEU J 66 34.78 1.54 40.81
N GLU J 67 33.83 1.88 41.70
CA GLU J 67 34.18 2.37 43.02
C GLU J 67 33.07 2.18 44.05
N LYS J 68 33.45 1.83 45.29
CA LYS J 68 32.50 1.51 46.37
C LYS J 68 31.82 2.76 46.96
N ARG J 69 30.62 3.06 46.47
CA ARG J 69 29.85 4.24 46.90
C ARG J 69 29.63 4.30 48.41
N PRO K 42 54.36 8.60 -17.74
CA PRO K 42 53.39 9.69 -17.88
C PRO K 42 52.18 9.47 -16.98
N ASP K 43 51.06 10.11 -17.32
CA ASP K 43 49.75 9.71 -16.81
C ASP K 43 48.67 9.97 -17.84
N ARG K 44 48.17 8.90 -18.44
CA ARG K 44 47.25 8.99 -19.57
C ARG K 44 45.78 9.05 -19.14
N GLU K 45 45.53 8.76 -17.87
CA GLU K 45 44.17 8.65 -17.40
C GLU K 45 43.55 9.97 -16.92
N LYS K 46 44.34 11.04 -16.90
CA LYS K 46 43.89 12.34 -16.38
C LYS K 46 42.95 13.11 -17.30
N ILE K 47 43.38 13.34 -18.54
CA ILE K 47 42.58 14.10 -19.48
C ILE K 47 42.40 13.30 -20.76
N LYS K 48 41.18 13.26 -21.28
CA LYS K 48 40.98 12.58 -22.54
C LYS K 48 40.04 13.36 -23.45
N LEU K 49 40.16 13.11 -24.75
CA LEU K 49 39.34 13.74 -25.76
C LEU K 49 38.04 12.96 -25.86
N LEU K 50 36.92 13.67 -26.00
CA LEU K 50 35.64 13.02 -26.23
C LEU K 50 35.35 13.13 -27.72
N THR K 51 35.84 12.14 -28.48
CA THR K 51 35.89 12.18 -29.96
C THR K 51 34.52 12.29 -30.66
N GLN K 52 33.44 12.22 -29.88
CA GLN K 52 32.08 12.25 -30.41
C GLN K 52 31.50 13.67 -30.37
N ALA K 53 32.35 14.62 -30.01
CA ALA K 53 31.99 16.04 -30.01
C ALA K 53 33.20 16.87 -30.43
N THR K 54 34.17 16.23 -31.07
CA THR K 54 35.32 16.91 -31.65
C THR K 54 35.31 16.82 -33.18
N SER K 55 35.40 17.97 -33.84
CA SER K 55 35.26 18.04 -35.30
C SER K 55 36.50 17.51 -36.02
N GLU K 56 36.39 17.38 -37.36
CA GLU K 56 37.49 16.87 -38.18
C GLU K 56 38.68 17.82 -38.20
N ASP K 57 38.39 19.11 -38.29
CA ASP K 57 39.40 20.15 -38.40
C ASP K 57 40.05 20.50 -37.07
N GLY K 58 39.49 19.95 -35.98
CA GLY K 58 40.04 20.15 -34.66
C GLY K 58 39.88 21.55 -34.10
N THR K 59 39.02 22.35 -34.73
CA THR K 59 38.75 23.69 -34.23
C THR K 59 37.64 23.68 -33.19
N SER K 60 37.27 22.48 -32.75
CA SER K 60 36.19 22.30 -31.81
C SER K 60 36.39 20.96 -31.12
N ALA K 61 36.27 20.94 -29.80
CA ALA K 61 36.61 19.73 -29.05
C ALA K 61 36.10 19.75 -27.62
N SER K 62 35.94 18.55 -27.08
CA SER K 62 35.48 18.38 -25.71
C SER K 62 36.45 17.47 -24.98
N PHE K 63 36.83 17.87 -23.76
CA PHE K 63 37.82 17.13 -22.99
C PHE K 63 37.21 16.71 -21.67
N GLN K 64 37.56 15.52 -21.22
CA GLN K 64 37.11 15.06 -19.92
C GLN K 64 38.29 14.88 -19.00
N ILE K 65 38.31 15.69 -17.94
CA ILE K 65 39.39 15.70 -16.98
C ILE K 65 38.94 15.10 -15.65
N VAL K 66 39.70 14.13 -15.19
CA VAL K 66 39.42 13.42 -13.94
C VAL K 66 39.96 14.20 -12.73
N GLU K 67 39.30 14.08 -11.59
CA GLU K 67 39.77 14.66 -10.33
C GLU K 67 39.82 16.19 -10.33
N GLU K 68 38.84 16.82 -10.97
CA GLU K 68 38.80 18.27 -10.96
C GLU K 68 37.37 18.82 -10.97
N ASP K 69 37.11 19.80 -10.12
CA ASP K 69 35.78 20.39 -10.07
C ASP K 69 35.80 21.84 -10.54
N HIS K 70 34.88 22.63 -9.99
CA HIS K 70 34.80 24.07 -10.27
C HIS K 70 36.12 24.81 -10.12
N THR K 71 36.90 24.46 -9.09
CA THR K 71 38.15 25.14 -8.76
C THR K 71 38.97 25.43 -10.00
N LEU K 72 39.45 24.39 -10.67
CA LEU K 72 40.20 24.56 -11.90
C LEU K 72 39.31 24.89 -13.10
N GLY K 73 38.12 24.31 -13.16
CA GLY K 73 37.26 24.44 -14.31
C GLY K 73 36.88 25.88 -14.61
N ASN K 74 36.36 26.58 -13.61
CA ASN K 74 35.97 27.95 -13.77
C ASN K 74 37.17 28.84 -14.13
N ALA K 75 38.28 28.64 -13.41
CA ALA K 75 39.50 29.41 -13.63
C ALA K 75 40.05 29.23 -15.04
N LEU K 76 39.93 28.00 -15.53
CA LEU K 76 40.45 27.66 -16.85
C LEU K 76 39.58 28.24 -17.96
N ARG K 77 38.27 28.22 -17.78
CA ARG K 77 37.41 28.80 -18.81
C ARG K 77 37.56 30.32 -18.84
N TYR K 78 37.85 30.94 -17.69
CA TYR K 78 38.03 32.39 -17.61
C TYR K 78 39.22 32.79 -18.45
N VAL K 79 40.30 32.03 -18.26
CA VAL K 79 41.53 32.29 -18.98
C VAL K 79 41.37 32.03 -20.48
N ILE K 80 40.86 30.85 -20.83
CA ILE K 80 40.64 30.48 -22.23
C ILE K 80 39.79 31.49 -23.01
N MET K 81 38.80 32.09 -22.35
CA MET K 81 37.87 32.97 -23.05
C MET K 81 38.50 34.31 -23.38
N LYS K 82 39.66 34.57 -22.80
CA LYS K 82 40.41 35.77 -23.10
C LYS K 82 41.16 35.60 -24.44
N ASN K 83 41.39 34.36 -24.84
CA ASN K 83 42.01 34.07 -26.13
C ASN K 83 41.06 34.49 -27.26
N PRO K 84 41.46 35.49 -28.05
CA PRO K 84 40.64 36.10 -29.11
C PRO K 84 40.22 35.14 -30.22
N ASP K 85 40.89 34.00 -30.39
CA ASP K 85 40.50 33.02 -31.40
C ASP K 85 39.44 31.99 -30.91
N VAL K 86 39.16 32.01 -29.62
CA VAL K 86 38.14 31.17 -29.06
C VAL K 86 36.74 31.74 -29.33
N GLU K 87 35.90 30.92 -29.96
CA GLU K 87 34.53 31.31 -30.31
C GLU K 87 33.55 30.83 -29.23
N PHE K 88 33.90 29.74 -28.57
CA PHE K 88 33.04 29.22 -27.53
C PHE K 88 33.86 28.50 -26.49
N CYS K 89 33.47 28.64 -25.23
CA CYS K 89 34.05 27.84 -24.17
C CYS K 89 33.19 27.82 -22.92
N GLY K 90 33.07 26.64 -22.32
CA GLY K 90 32.40 26.47 -21.05
C GLY K 90 32.86 25.18 -20.43
N TYR K 91 32.61 25.02 -19.13
CA TYR K 91 32.91 23.78 -18.47
C TYR K 91 31.62 23.30 -17.82
N SER K 92 31.55 22.01 -17.53
CA SER K 92 30.41 21.46 -16.79
C SER K 92 30.81 20.27 -15.94
N ILE K 93 29.99 19.99 -14.94
CA ILE K 93 30.26 18.86 -14.05
C ILE K 93 29.06 17.93 -14.14
N PRO K 94 29.20 16.86 -14.95
CA PRO K 94 28.19 15.82 -15.17
C PRO K 94 27.45 15.49 -13.88
N HIS K 95 28.18 15.10 -12.86
CA HIS K 95 27.57 14.77 -11.60
C HIS K 95 28.55 14.99 -10.46
N PRO K 96 28.09 15.60 -9.37
CA PRO K 96 28.80 15.80 -8.10
C PRO K 96 29.41 14.53 -7.51
N SER K 97 29.08 13.35 -8.04
CA SER K 97 29.53 12.12 -7.39
C SER K 97 30.56 11.38 -8.19
N GLU K 98 30.68 11.76 -9.46
CA GLU K 98 31.82 11.32 -10.28
C GLU K 98 32.78 12.51 -10.43
N ASN K 99 34.02 12.32 -10.00
CA ASN K 99 35.01 13.38 -10.12
C ASN K 99 35.41 13.57 -11.57
N LEU K 100 34.62 14.37 -12.29
CA LEU K 100 34.84 14.61 -13.71
C LEU K 100 34.52 16.02 -14.07
N LEU K 101 35.28 16.53 -15.04
CA LEU K 101 35.15 17.91 -15.46
C LEU K 101 35.19 17.91 -16.99
N ASN K 102 34.20 18.55 -17.59
CA ASN K 102 34.10 18.56 -19.03
C ASN K 102 34.35 19.97 -19.53
N ILE K 103 35.33 20.15 -20.41
CA ILE K 103 35.61 21.45 -20.99
C ILE K 103 35.31 21.40 -22.47
N ARG K 104 34.64 22.43 -22.97
CA ARG K 104 34.38 22.53 -24.39
C ARG K 104 35.12 23.75 -24.94
N ILE K 105 35.83 23.58 -26.06
CA ILE K 105 36.46 24.72 -26.74
C ILE K 105 36.17 24.70 -28.25
N GLN K 106 35.75 25.85 -28.76
CA GLN K 106 35.58 26.01 -30.20
C GLN K 106 36.33 27.26 -30.62
N THR K 107 37.12 27.17 -31.70
CA THR K 107 37.89 28.32 -32.14
C THR K 107 37.36 28.87 -33.45
N TYR K 108 37.82 30.07 -33.82
CA TYR K 108 37.38 30.71 -35.04
C TYR K 108 38.20 30.23 -36.22
N GLY K 109 39.14 29.31 -35.97
CA GLY K 109 39.86 28.65 -37.04
C GLY K 109 41.34 28.99 -37.23
N GLU K 110 41.87 29.86 -36.38
CA GLU K 110 43.28 30.23 -36.46
C GLU K 110 44.14 29.20 -35.74
N THR K 111 43.69 28.76 -34.57
CA THR K 111 44.37 27.68 -33.85
C THR K 111 43.39 26.54 -33.66
N THR K 112 43.90 25.37 -33.30
CA THR K 112 43.02 24.26 -33.00
C THR K 112 42.45 24.40 -31.60
N ALA K 113 41.55 23.49 -31.22
CA ALA K 113 40.98 23.52 -29.88
C ALA K 113 42.01 23.11 -28.84
N VAL K 114 42.88 22.18 -29.21
CA VAL K 114 43.93 21.71 -28.32
C VAL K 114 44.94 22.81 -28.03
N ASP K 115 45.26 23.63 -29.03
CA ASP K 115 46.10 24.82 -28.83
C ASP K 115 45.51 25.73 -27.75
N ALA K 116 44.24 26.09 -27.90
CA ALA K 116 43.59 26.98 -26.94
C ALA K 116 43.65 26.41 -25.52
N LEU K 117 43.53 25.11 -25.39
CA LEU K 117 43.62 24.47 -24.09
C LEU K 117 45.00 24.70 -23.49
N GLN K 118 46.03 24.60 -24.33
CA GLN K 118 47.40 24.75 -23.87
C GLN K 118 47.74 26.19 -23.51
N LYS K 119 47.32 27.14 -24.36
CA LYS K 119 47.54 28.56 -24.09
C LYS K 119 46.81 28.94 -22.81
N GLY K 120 45.62 28.40 -22.63
CA GLY K 120 44.84 28.66 -21.43
C GLY K 120 45.55 28.14 -20.20
N LEU K 121 46.02 26.91 -20.27
CA LEU K 121 46.73 26.32 -19.15
C LEU K 121 48.00 27.11 -18.83
N LYS K 122 48.72 27.52 -19.88
CA LYS K 122 49.94 28.31 -19.70
C LYS K 122 49.59 29.66 -19.12
N ASP K 123 48.64 30.34 -19.74
CA ASP K 123 48.13 31.61 -19.25
C ASP K 123 47.77 31.53 -17.76
N LEU K 124 47.13 30.44 -17.37
CA LEU K 124 46.72 30.27 -15.98
C LEU K 124 47.92 30.16 -15.05
N MET K 125 48.92 29.37 -15.43
CA MET K 125 50.16 29.25 -14.67
C MET K 125 50.84 30.60 -14.48
N ASP K 126 50.97 31.34 -15.58
CA ASP K 126 51.62 32.64 -15.55
C ASP K 126 50.87 33.59 -14.63
N LEU K 127 49.54 33.49 -14.68
CA LEU K 127 48.68 34.34 -13.87
C LEU K 127 48.92 34.10 -12.38
N CYS K 128 49.21 32.86 -12.00
CA CYS K 128 49.45 32.55 -10.61
C CYS K 128 50.77 33.11 -10.16
N ASP K 129 51.77 32.99 -11.03
CA ASP K 129 53.07 33.58 -10.77
C ASP K 129 52.92 35.06 -10.44
N VAL K 130 52.17 35.79 -11.27
CA VAL K 130 51.98 37.21 -11.05
C VAL K 130 51.44 37.49 -9.64
N VAL K 131 50.52 36.64 -9.20
CA VAL K 131 49.91 36.78 -7.87
C VAL K 131 50.89 36.48 -6.74
N GLU K 132 51.66 35.41 -6.91
CA GLU K 132 52.61 34.98 -5.91
C GLU K 132 53.66 36.07 -5.72
N SER K 133 54.18 36.58 -6.83
CA SER K 133 55.21 37.60 -6.79
C SER K 133 54.66 38.87 -6.14
N LYS K 134 53.44 39.27 -6.50
CA LYS K 134 52.86 40.49 -5.95
C LYS K 134 52.66 40.39 -4.46
N PHE K 135 52.22 39.21 -4.03
CA PHE K 135 51.95 38.96 -2.61
C PHE K 135 53.25 38.99 -1.84
N THR K 136 54.28 38.35 -2.39
CA THR K 136 55.59 38.36 -1.79
C THR K 136 56.06 39.79 -1.54
N GLU K 137 56.05 40.62 -2.58
CA GLU K 137 56.52 42.00 -2.46
C GLU K 137 55.79 42.74 -1.36
N LYS K 138 54.48 42.52 -1.25
CA LYS K 138 53.68 43.26 -0.28
C LYS K 138 53.95 42.80 1.13
N ILE K 139 54.31 41.54 1.28
CA ILE K 139 54.65 41.02 2.59
C ILE K 139 55.98 41.59 3.04
N LYS K 140 56.96 41.59 2.13
CA LYS K 140 58.26 42.22 2.38
C LYS K 140 58.07 43.68 2.75
N SER K 141 57.40 44.43 1.88
CA SER K 141 57.23 45.87 2.07
C SER K 141 56.37 46.22 3.28
N MET K 142 55.57 45.27 3.74
CA MET K 142 54.68 45.50 4.89
C MET K 142 55.47 45.84 6.15
N LEU L 27 41.21 -12.11 37.86
CA LEU L 27 39.94 -11.74 38.50
C LEU L 27 38.93 -11.16 37.51
N LYS L 28 38.33 -12.03 36.70
CA LYS L 28 37.52 -11.62 35.56
C LYS L 28 36.24 -10.79 35.83
N TYR L 29 35.63 -10.96 37.00
CA TYR L 29 34.32 -10.36 37.28
C TYR L 29 34.30 -9.38 38.44
N ILE L 30 33.22 -8.63 38.52
CA ILE L 30 32.99 -7.63 39.56
C ILE L 30 31.57 -7.75 40.07
N CYS L 31 31.39 -7.62 41.38
CA CYS L 31 30.06 -7.63 41.92
C CYS L 31 29.36 -6.32 41.57
N ALA L 32 28.09 -6.40 41.19
CA ALA L 32 27.36 -5.20 40.81
C ALA L 32 26.85 -4.41 42.01
N GLU L 33 26.82 -5.06 43.18
CA GLU L 33 26.30 -4.41 44.39
C GLU L 33 27.38 -3.88 45.34
N CYS L 34 28.38 -4.71 45.65
CA CYS L 34 29.39 -4.36 46.65
C CYS L 34 30.73 -4.00 46.03
N SER L 35 30.89 -4.37 44.76
CA SER L 35 32.05 -4.00 43.94
C SER L 35 33.29 -4.86 44.16
N SER L 36 33.16 -5.90 44.99
CA SER L 36 34.29 -6.76 45.26
C SER L 36 34.71 -7.46 43.96
N LYS L 37 36.00 -7.38 43.65
CA LYS L 37 36.54 -8.06 42.48
C LYS L 37 36.68 -9.53 42.80
N LEU L 38 36.24 -10.41 41.90
CA LEU L 38 36.30 -11.84 42.16
C LEU L 38 36.26 -12.69 40.89
N SER L 39 36.67 -13.95 41.01
CA SER L 39 36.71 -14.85 39.86
C SER L 39 35.86 -16.10 40.06
N LEU L 40 35.52 -16.76 38.95
CA LEU L 40 34.71 -17.97 39.00
C LEU L 40 35.49 -19.18 38.54
N SER L 41 34.84 -20.33 38.57
CA SER L 41 35.42 -21.56 38.04
C SER L 41 34.36 -22.43 37.36
N ARG L 42 34.72 -23.68 37.05
CA ARG L 42 33.78 -24.59 36.40
C ARG L 42 32.73 -25.07 37.40
N THR L 43 31.46 -24.83 37.06
CA THR L 43 30.33 -24.98 37.98
C THR L 43 30.65 -24.39 39.36
N ASP L 44 30.47 -23.07 39.45
CA ASP L 44 30.76 -22.33 40.65
C ASP L 44 29.55 -21.47 40.95
N ALA L 45 29.48 -20.95 42.18
CA ALA L 45 28.33 -20.15 42.61
C ALA L 45 28.24 -18.81 41.88
N VAL L 46 27.42 -18.74 40.84
CA VAL L 46 27.24 -17.48 40.11
C VAL L 46 26.62 -16.41 41.02
N ARG L 47 27.47 -15.87 41.91
CA ARG L 47 27.06 -14.92 42.92
C ARG L 47 28.30 -14.34 43.61
N CYS L 48 28.14 -13.18 44.25
CA CYS L 48 29.24 -12.58 44.99
C CYS L 48 29.54 -13.39 46.25
N LYS L 49 30.82 -13.70 46.45
CA LYS L 49 31.23 -14.48 47.61
C LYS L 49 31.17 -13.66 48.91
N ASP L 50 30.95 -12.36 48.78
CA ASP L 50 30.75 -11.48 49.93
C ASP L 50 29.27 -11.16 50.15
N CYS L 51 28.61 -10.63 49.12
CA CYS L 51 27.22 -10.17 49.20
C CYS L 51 26.23 -11.30 49.16
N GLY L 52 26.39 -12.15 48.15
CA GLY L 52 25.39 -13.13 47.82
C GLY L 52 24.49 -12.55 46.76
N HIS L 53 24.88 -11.41 46.21
CA HIS L 53 24.15 -10.87 45.07
C HIS L 53 24.47 -11.65 43.83
N ARG L 54 23.46 -11.90 43.01
CA ARG L 54 23.60 -12.86 41.94
C ARG L 54 23.75 -12.16 40.60
N ILE L 55 24.38 -11.00 40.61
CA ILE L 55 24.53 -10.25 39.39
C ILE L 55 25.97 -9.69 39.25
N LEU L 56 26.69 -10.16 38.23
CA LEU L 56 28.13 -9.89 38.13
C LEU L 56 28.54 -9.21 36.83
N LEU L 57 29.39 -8.20 36.91
CA LEU L 57 29.86 -7.49 35.73
C LEU L 57 31.22 -8.03 35.32
N LYS L 58 31.40 -8.28 34.02
CA LYS L 58 32.65 -8.80 33.51
C LYS L 58 33.55 -7.68 33.01
N ALA L 59 34.27 -7.05 33.93
CA ALA L 59 35.17 -5.95 33.60
C ALA L 59 36.00 -6.28 32.35
N ARG L 60 36.34 -5.25 31.59
CA ARG L 60 37.14 -5.42 30.38
C ARG L 60 38.58 -5.80 30.71
N THR L 61 39.36 -6.11 29.68
CA THR L 61 40.75 -6.48 29.86
C THR L 61 41.63 -5.94 28.73
N LYS L 62 42.89 -5.66 29.05
CA LYS L 62 43.83 -5.12 28.06
C LYS L 62 43.73 -5.88 26.75
N ARG L 63 42.94 -5.35 25.82
CA ARG L 63 42.77 -5.98 24.51
C ARG L 63 43.69 -5.35 23.48
N LEU L 64 43.26 -5.39 22.22
CA LEU L 64 44.05 -4.82 21.12
C LEU L 64 43.18 -4.47 19.93
N VAL L 65 42.15 -3.68 20.18
CA VAL L 65 41.22 -3.27 19.12
C VAL L 65 41.66 -1.95 18.48
N GLN L 66 41.67 -1.91 17.15
CA GLN L 66 42.07 -0.72 16.42
C GLN L 66 40.91 0.01 15.74
N PHE L 67 40.88 1.33 15.87
CA PHE L 67 39.80 2.13 15.32
C PHE L 67 40.29 3.30 14.47
N GLU L 68 39.46 3.71 13.51
CA GLU L 68 39.80 4.81 12.62
C GLU L 68 38.75 5.91 12.69
N ALA L 69 38.74 6.77 11.67
CA ALA L 69 37.78 7.87 11.62
C ALA L 69 36.34 7.36 11.65
N SER M 8 -42.99 43.87 59.64
CA SER M 8 -42.25 44.89 60.38
C SER M 8 -41.76 44.40 61.75
N GLU M 9 -42.46 44.78 62.82
CA GLU M 9 -42.04 44.40 64.17
C GLU M 9 -43.05 43.52 64.91
N ILE M 10 -42.54 42.47 65.56
CA ILE M 10 -43.36 41.53 66.34
C ILE M 10 -42.70 41.19 67.67
N GLU M 11 -43.44 41.40 68.77
CA GLU M 11 -42.96 41.12 70.13
C GLU M 11 -43.18 39.66 70.53
N ILE M 12 -42.23 39.09 71.26
CA ILE M 12 -42.31 37.69 71.67
C ILE M 12 -42.77 37.53 73.12
N GLU M 13 -44.04 37.19 73.32
CA GLU M 13 -44.60 37.03 74.66
C GLU M 13 -43.86 35.98 75.48
N SER M 14 -43.88 34.73 75.00
CA SER M 14 -43.28 33.62 75.73
C SER M 14 -42.56 32.67 74.78
N VAL M 15 -41.58 31.95 75.32
CA VAL M 15 -40.92 30.89 74.58
C VAL M 15 -40.74 29.63 75.43
N GLN M 16 -41.47 28.59 75.03
CA GLN M 16 -41.43 27.30 75.73
C GLN M 16 -40.26 26.40 75.29
N ASP M 17 -39.55 25.84 76.25
CA ASP M 17 -38.33 25.11 75.99
C ASP M 17 -38.56 23.63 76.13
N GLN M 18 -39.73 23.30 76.68
CA GLN M 18 -40.05 21.94 77.07
C GLN M 18 -41.00 21.28 76.06
N PRO M 19 -41.01 19.94 76.01
CA PRO M 19 -41.98 19.26 75.16
C PRO M 19 -43.41 19.71 75.45
N SER M 20 -44.03 20.29 74.43
CA SER M 20 -45.40 20.76 74.47
C SER M 20 -46.19 20.13 73.32
N VAL M 21 -45.98 20.65 72.12
CA VAL M 21 -46.62 20.08 70.94
C VAL M 21 -45.61 19.39 70.03
N ALA M 22 -46.12 18.66 69.04
CA ALA M 22 -45.29 17.99 68.05
C ALA M 22 -45.87 18.19 66.67
N VAL M 23 -45.05 17.96 65.65
CA VAL M 23 -45.47 18.13 64.27
C VAL M 23 -45.17 16.87 63.47
N GLY M 24 -46.17 16.39 62.74
CA GLY M 24 -46.02 15.17 61.98
C GLY M 24 -46.36 15.41 60.53
N SER M 25 -45.50 14.93 59.65
CA SER M 25 -45.81 14.96 58.24
C SER M 25 -46.20 13.56 57.83
N PHE M 26 -47.46 13.40 57.45
CA PHE M 26 -47.94 12.11 57.00
C PHE M 26 -48.11 12.13 55.50
N PHE M 27 -49.12 12.86 55.05
CA PHE M 27 -49.35 13.14 53.64
C PHE M 27 -50.44 14.18 53.56
N LYS M 28 -50.77 14.62 52.35
CA LYS M 28 -51.75 15.67 52.20
C LYS M 28 -53.19 15.19 52.49
N GLY M 29 -53.93 16.01 53.22
CA GLY M 29 -55.32 15.69 53.53
C GLY M 29 -55.43 14.64 54.63
N PHE M 30 -54.32 14.37 55.28
CA PHE M 30 -54.28 13.38 56.34
C PHE M 30 -55.18 13.76 57.50
N ARG M 31 -55.94 12.77 57.99
CA ARG M 31 -56.64 12.90 59.27
C ARG M 31 -56.72 11.55 59.94
N ALA M 32 -57.08 11.58 61.22
CA ALA M 32 -57.25 10.35 61.95
C ALA M 32 -58.58 10.47 62.64
N PRO M 33 -59.23 9.33 62.88
CA PRO M 33 -60.49 9.23 63.63
C PRO M 33 -60.47 10.03 64.94
N SER M 34 -61.65 10.43 65.42
CA SER M 34 -61.79 11.31 66.60
C SER M 34 -60.97 10.86 67.82
N ASP M 35 -61.13 9.59 68.17
CA ASP M 35 -60.51 9.02 69.37
C ASP M 35 -58.98 9.07 69.36
N THR M 36 -58.37 8.67 68.24
CA THR M 36 -56.91 8.54 68.09
C THR M 36 -56.02 9.44 68.95
N THR M 37 -55.01 8.82 69.55
CA THR M 37 -54.17 9.51 70.52
C THR M 37 -52.72 9.06 70.36
N PHE M 38 -51.78 10.00 70.51
CA PHE M 38 -50.39 9.78 70.13
C PHE M 38 -49.42 9.91 71.29
N ASP M 39 -48.62 8.86 71.52
CA ASP M 39 -47.63 8.88 72.59
C ASP M 39 -46.28 9.31 72.06
N LEU M 40 -45.72 10.36 72.67
CA LEU M 40 -44.43 10.94 72.27
C LEU M 40 -43.29 10.44 73.17
N TYR M 41 -42.11 10.24 72.59
CA TYR M 41 -40.98 9.70 73.35
C TYR M 41 -39.72 10.50 73.06
N LYS M 42 -38.82 10.63 74.04
CA LYS M 42 -37.66 11.52 73.92
C LYS M 42 -36.33 10.99 74.51
N LYS M 43 -35.26 11.10 73.74
CA LYS M 43 -33.92 10.65 74.15
C LYS M 43 -32.93 11.81 74.13
N LYS M 44 -32.00 11.87 75.09
CA LYS M 44 -31.04 12.98 75.13
C LYS M 44 -29.65 12.64 74.55
N LYS M 45 -29.54 12.61 73.22
CA LYS M 45 -28.31 12.22 72.52
C LYS M 45 -27.42 13.44 72.20
N SER M 46 -26.29 13.55 72.90
CA SER M 46 -25.43 14.74 72.83
C SER M 46 -26.21 15.96 73.33
N GLU M 47 -26.00 17.11 72.67
CA GLU M 47 -26.81 18.30 72.91
C GLU M 47 -27.87 18.45 71.81
N LYS M 48 -28.38 17.30 71.37
CA LYS M 48 -29.48 17.25 70.40
C LYS M 48 -30.60 16.40 70.98
N ASP M 49 -31.85 16.79 70.70
CA ASP M 49 -32.98 16.03 71.22
C ASP M 49 -33.67 15.22 70.13
N GLU M 50 -33.65 13.89 70.29
CA GLU M 50 -34.34 12.98 69.36
C GLU M 50 -35.75 12.65 69.84
N PHE M 51 -36.68 12.49 68.91
CA PHE M 51 -38.05 12.16 69.27
C PHE M 51 -38.60 10.99 68.49
N VAL M 52 -39.46 10.21 69.12
CA VAL M 52 -40.16 9.13 68.42
C VAL M 52 -41.65 9.17 68.75
N LEU M 53 -42.47 8.97 67.73
CA LEU M 53 -43.92 9.03 67.87
C LEU M 53 -44.57 7.67 67.67
N HIS M 54 -45.52 7.35 68.55
CA HIS M 54 -46.30 6.12 68.41
C HIS M 54 -47.75 6.36 68.79
N GLY M 55 -48.63 6.16 67.82
CA GLY M 55 -50.05 6.35 68.00
C GLY M 55 -50.78 5.05 67.73
N GLU M 56 -51.98 4.97 68.26
CA GLU M 56 -52.72 3.73 68.22
C GLU M 56 -54.20 4.02 68.20
N ASN M 57 -54.89 3.44 67.22
CA ASN M 57 -56.33 3.36 67.34
C ASN M 57 -56.81 1.95 67.01
N GLU M 58 -58.11 1.77 66.86
CA GLU M 58 -58.69 0.43 66.79
C GLU M 58 -58.14 -0.42 65.64
N ARG M 59 -57.98 0.18 64.46
CA ARG M 59 -57.52 -0.57 63.32
C ARG M 59 -56.38 0.09 62.52
N LEU M 60 -55.68 1.02 63.14
CA LEU M 60 -54.53 1.67 62.52
C LEU M 60 -53.44 1.92 63.55
N GLU M 61 -52.19 1.82 63.11
CA GLU M 61 -51.07 2.25 63.92
C GLU M 61 -50.48 3.50 63.28
N TYR M 62 -49.82 4.32 64.08
CA TYR M 62 -49.16 5.51 63.59
C TYR M 62 -47.75 5.57 64.18
N GLU M 63 -46.73 5.70 63.34
CA GLU M 63 -45.37 5.85 63.86
C GLU M 63 -44.65 7.03 63.23
N GLY M 64 -43.64 7.55 63.93
CA GLY M 64 -42.92 8.73 63.48
C GLY M 64 -41.56 8.92 64.13
N TYR M 65 -40.58 9.38 63.35
CA TYR M 65 -39.25 9.65 63.89
C TYR M 65 -38.72 11.02 63.49
N THR M 66 -37.75 11.52 64.24
CA THR M 66 -37.12 12.76 63.86
C THR M 66 -35.96 12.45 62.93
N ASP M 67 -35.82 13.22 61.85
CA ASP M 67 -34.75 12.99 60.89
C ASP M 67 -33.39 13.31 61.51
N SER M 68 -32.55 12.29 61.65
CA SER M 68 -31.23 12.43 62.27
C SER M 68 -30.37 13.48 61.58
N SER M 69 -30.51 13.61 60.27
CA SER M 69 -29.67 14.51 59.50
C SER M 69 -30.09 15.97 59.57
N SER M 70 -31.38 16.24 59.47
CA SER M 70 -31.83 17.63 59.44
C SER M 70 -31.73 18.28 60.83
N GLN M 71 -31.99 17.48 61.87
CA GLN M 71 -31.99 18.00 63.25
C GLN M 71 -30.60 18.44 63.72
N ALA M 72 -29.60 18.08 62.94
CA ALA M 72 -28.25 18.57 63.18
C ALA M 72 -28.11 20.05 62.80
N SER M 73 -29.00 20.56 61.96
CA SER M 73 -28.89 21.96 61.54
C SER M 73 -30.20 22.74 61.46
N ASN M 74 -31.32 22.04 61.67
CA ASN M 74 -32.63 22.70 61.74
C ASN M 74 -33.32 22.53 63.09
N GLN M 75 -33.81 23.65 63.63
CA GLN M 75 -34.59 23.64 64.88
C GLN M 75 -35.97 24.14 64.52
N TYR M 76 -37.00 23.47 65.01
CA TYR M 76 -38.35 23.86 64.63
C TYR M 76 -39.19 24.36 65.81
N VAL M 77 -40.05 25.33 65.52
CA VAL M 77 -40.80 26.05 66.53
C VAL M 77 -42.19 26.43 66.02
N VAL M 78 -43.22 26.07 66.80
CA VAL M 78 -44.59 26.43 66.47
C VAL M 78 -44.95 27.75 67.12
N GLY M 79 -45.65 28.61 66.40
CA GLY M 79 -45.97 29.93 66.89
C GLY M 79 -47.45 30.27 66.91
N LEU M 80 -47.89 30.89 67.99
CA LEU M 80 -49.26 31.37 68.11
C LEU M 80 -49.23 32.88 67.98
N PHE M 81 -50.01 33.39 67.04
CA PHE M 81 -49.92 34.79 66.65
C PHE M 81 -51.15 35.60 67.04
N ASN M 82 -50.91 36.73 67.70
CA ASN M 82 -51.98 37.65 68.07
C ASN M 82 -51.85 38.92 67.22
N PRO M 83 -52.67 39.04 66.15
CA PRO M 83 -52.64 40.20 65.24
C PRO M 83 -53.31 41.45 65.84
N GLU M 84 -54.13 41.29 66.87
CA GLU M 84 -54.64 42.42 67.66
C GLU M 84 -53.64 42.66 68.79
N LYS M 85 -52.39 42.87 68.39
CA LYS M 85 -51.21 42.94 69.25
C LYS M 85 -50.07 42.80 68.27
N LYS M 86 -48.85 43.10 68.70
CA LYS M 86 -47.69 42.80 67.87
C LYS M 86 -46.99 41.58 68.45
N SER M 87 -47.76 40.66 69.02
CA SER M 87 -47.21 39.59 69.84
C SER M 87 -47.34 38.18 69.24
N ILE M 88 -46.42 37.30 69.64
CA ILE M 88 -46.43 35.91 69.21
C ILE M 88 -45.90 35.01 70.33
N GLN M 89 -46.42 33.78 70.40
CA GLN M 89 -46.02 32.83 71.44
C GLN M 89 -45.37 31.61 70.81
N LEU M 90 -44.09 31.41 71.08
CA LEU M 90 -43.33 30.33 70.45
C LEU M 90 -43.18 29.14 71.36
N TYR M 91 -43.40 27.96 70.80
CA TYR M 91 -43.22 26.68 71.49
C TYR M 91 -42.29 25.80 70.64
N LYS M 92 -41.31 25.15 71.27
CA LYS M 92 -40.44 24.26 70.51
C LYS M 92 -41.16 22.96 70.23
N ALA M 93 -40.91 22.43 69.04
CA ALA M 93 -41.61 21.26 68.58
C ALA M 93 -40.69 20.46 67.70
N PRO M 94 -40.72 19.13 67.84
CA PRO M 94 -39.99 18.32 66.87
C PRO M 94 -40.85 18.12 65.62
N VAL M 95 -40.21 17.99 64.46
CA VAL M 95 -40.93 17.57 63.26
C VAL M 95 -40.63 16.12 63.01
N LEU M 96 -41.65 15.27 63.00
CA LEU M 96 -41.46 13.84 62.83
C LEU M 96 -41.93 13.33 61.48
N VAL M 97 -41.09 12.50 60.85
CA VAL M 97 -41.45 11.82 59.61
C VAL M 97 -42.29 10.60 59.97
N SER M 98 -43.54 10.60 59.53
CA SER M 98 -44.49 9.64 60.05
C SER M 98 -45.28 8.89 58.98
N LYS M 99 -45.71 7.68 59.31
CA LYS M 99 -46.51 6.88 58.42
C LYS M 99 -47.76 6.39 59.14
N VAL M 100 -48.74 5.94 58.36
CA VAL M 100 -49.93 5.30 58.91
C VAL M 100 -49.92 3.87 58.44
N VAL M 101 -50.01 2.93 59.38
CA VAL M 101 -49.99 1.52 59.03
C VAL M 101 -51.32 0.87 59.32
N SER M 102 -51.82 0.08 58.38
CA SER M 102 -53.07 -0.63 58.57
C SER M 102 -52.83 -1.91 59.35
N LYS M 103 -53.48 -2.03 60.50
CA LYS M 103 -53.23 -3.16 61.40
C LYS M 103 -53.62 -4.48 60.73
N SER M 104 -54.75 -4.47 60.02
CA SER M 104 -55.29 -5.69 59.44
C SER M 104 -54.33 -6.28 58.42
N SER M 105 -53.71 -5.43 57.62
CA SER M 105 -52.77 -5.88 56.59
C SER M 105 -51.33 -5.51 56.97
N LYS M 106 -51.15 -5.07 58.21
CA LYS M 106 -49.83 -4.69 58.69
C LYS M 106 -48.98 -5.91 59.00
N ASN M 107 -49.59 -6.90 59.63
CA ASN M 107 -48.90 -8.13 59.99
C ASN M 107 -49.20 -9.27 59.02
N LEU M 108 -49.86 -8.94 57.92
CA LEU M 108 -50.23 -9.94 56.91
C LEU M 108 -48.98 -10.49 56.23
N ARG M 109 -48.72 -11.77 56.43
CA ARG M 109 -47.56 -12.43 55.84
C ARG M 109 -47.85 -13.90 55.53
N GLY M 110 -47.47 -14.33 54.33
CA GLY M 110 -47.69 -15.71 53.92
C GLY M 110 -46.68 -16.66 54.51
N PRO M 111 -46.55 -17.89 53.87
CA PRO M 111 -45.56 -18.78 54.48
C PRO M 111 -44.22 -18.74 53.72
N LYS M 112 -43.15 -19.16 54.40
CA LYS M 112 -41.83 -19.16 53.79
C LYS M 112 -41.73 -20.21 52.69
N SER N 24 -43.27 -0.29 70.65
CA SER N 24 -41.94 -0.89 70.85
C SER N 24 -40.80 0.14 71.01
N ILE N 25 -40.91 0.90 72.09
CA ILE N 25 -39.92 1.88 72.54
C ILE N 25 -38.47 1.45 72.31
N PRO N 26 -37.68 2.31 71.64
CA PRO N 26 -36.25 2.07 71.39
C PRO N 26 -35.39 2.47 72.59
N ASP N 27 -34.10 2.13 72.53
CA ASP N 27 -33.17 2.34 73.64
C ASP N 27 -32.91 3.81 73.96
N GLY N 28 -33.23 4.23 75.18
CA GLY N 28 -32.86 5.54 75.65
C GLY N 28 -33.96 6.58 75.67
N PHE N 29 -35.12 6.25 75.11
CA PHE N 29 -36.26 7.17 75.08
C PHE N 29 -37.20 6.93 76.26
N LYS N 30 -37.62 8.00 76.93
CA LYS N 30 -38.63 7.92 77.97
C LYS N 30 -39.86 8.73 77.56
N LYS N 31 -41.05 8.19 77.84
CA LYS N 31 -42.29 8.84 77.46
C LYS N 31 -42.39 10.25 78.05
N CYS N 32 -42.77 11.19 77.21
CA CYS N 32 -42.87 12.58 77.64
C CYS N 32 -44.04 12.74 78.57
N LYS N 33 -43.74 12.76 79.88
CA LYS N 33 -44.77 12.68 80.91
C LYS N 33 -45.64 13.93 80.97
N HIS N 34 -45.08 15.04 81.44
CA HIS N 34 -45.88 16.25 81.68
C HIS N 34 -45.77 17.29 80.57
N LEU N 35 -46.71 17.25 79.64
CA LEU N 35 -46.71 18.15 78.50
C LEU N 35 -47.15 19.56 78.85
N LYS N 36 -46.35 20.55 78.48
CA LYS N 36 -46.68 21.95 78.77
C LYS N 36 -47.87 22.46 77.93
N ASN N 37 -48.37 23.63 78.27
CA ASN N 37 -49.66 24.12 77.76
C ASN N 37 -49.62 24.85 76.41
N PHE N 38 -50.70 24.72 75.64
CA PHE N 38 -50.74 25.29 74.30
C PHE N 38 -52.05 26.02 73.98
N PRO N 39 -52.15 27.30 74.37
CA PRO N 39 -53.34 28.15 74.24
C PRO N 39 -53.86 28.36 72.81
N LEU N 40 -54.78 27.51 72.35
CA LEU N 40 -55.34 27.60 71.02
C LEU N 40 -56.62 28.46 70.95
N ASN N 41 -57.47 28.23 69.95
CA ASN N 41 -58.71 28.98 69.78
C ASN N 41 -59.75 28.30 68.89
N LYS N 49 -60.99 39.58 62.78
CA LYS N 49 -59.61 39.15 62.61
C LYS N 49 -59.19 38.26 63.77
N GLN N 50 -58.97 36.97 63.48
CA GLN N 50 -58.73 35.96 64.50
C GLN N 50 -57.24 35.61 64.60
N GLN N 51 -56.90 34.64 65.43
CA GLN N 51 -55.49 34.30 65.65
C GLN N 51 -54.97 33.30 64.63
N GLN N 52 -53.65 33.25 64.46
CA GLN N 52 -53.02 32.38 63.46
C GLN N 52 -51.94 31.47 64.06
N VAL N 53 -51.74 30.31 63.44
CA VAL N 53 -50.70 29.37 63.88
C VAL N 53 -49.59 29.27 62.83
N TRP N 54 -48.36 29.50 63.26
CA TRP N 54 -47.23 29.52 62.34
C TRP N 54 -46.23 28.41 62.66
N LEU N 55 -45.51 27.96 61.64
CA LEU N 55 -44.34 27.11 61.82
C LEU N 55 -43.11 27.88 61.40
N ILE N 56 -42.06 27.85 62.22
CA ILE N 56 -40.86 28.61 61.92
C ILE N 56 -39.62 27.75 62.10
N LYS N 57 -38.74 27.74 61.09
CA LYS N 57 -37.43 27.11 61.18
C LYS N 57 -36.33 28.12 61.56
N PHE N 58 -35.57 27.78 62.60
CA PHE N 58 -34.41 28.55 63.03
C PHE N 58 -33.22 27.63 62.90
N PRO N 59 -32.02 28.19 62.73
CA PRO N 59 -30.80 27.38 62.78
C PRO N 59 -30.68 26.75 64.15
N SER N 60 -30.24 25.49 64.22
CA SER N 60 -30.21 24.75 65.47
C SER N 60 -29.32 25.40 66.52
N ASN N 61 -28.33 26.16 66.07
CA ASN N 61 -27.39 26.86 66.96
C ASN N 61 -27.92 28.14 67.60
N VAL N 62 -29.16 28.50 67.27
CA VAL N 62 -29.77 29.73 67.78
C VAL N 62 -30.59 29.49 69.06
N ASP N 63 -30.20 30.17 70.12
CA ASP N 63 -30.98 30.17 71.35
C ASP N 63 -32.23 30.99 71.12
N ILE N 64 -33.36 30.31 70.96
CA ILE N 64 -34.63 30.96 70.69
C ILE N 64 -35.19 31.62 71.94
N SER N 65 -34.79 31.09 73.09
CA SER N 65 -35.32 31.55 74.38
C SER N 65 -35.01 33.01 74.69
N LYS N 66 -34.16 33.63 73.89
CA LYS N 66 -33.87 35.03 74.12
C LYS N 66 -33.88 35.88 72.84
N LEU N 67 -35.08 36.19 72.37
CA LEU N 67 -35.27 37.09 71.25
C LEU N 67 -36.31 38.15 71.59
N LYS N 68 -36.58 39.03 70.64
CA LYS N 68 -37.59 40.07 70.83
C LYS N 68 -38.35 40.36 69.55
N SER N 69 -37.63 40.75 68.50
CA SER N 69 -38.24 41.16 67.24
C SER N 69 -38.59 40.00 66.31
N LEU N 70 -39.14 40.35 65.15
CA LEU N 70 -39.62 39.42 64.14
C LEU N 70 -40.35 40.22 63.05
N PRO N 71 -39.93 40.10 61.79
CA PRO N 71 -40.52 40.88 60.70
C PRO N 71 -41.64 40.18 59.94
N VAL N 72 -42.37 40.93 59.11
CA VAL N 72 -43.44 40.41 58.24
C VAL N 72 -43.11 40.58 56.73
N THR N 78 -38.07 39.29 53.90
CA THR N 78 -36.93 40.21 54.07
C THR N 78 -35.88 39.72 55.05
N THR N 79 -35.35 40.67 55.83
CA THR N 79 -34.13 40.44 56.59
C THR N 79 -34.33 40.69 58.07
N MET N 80 -33.57 39.94 58.88
CA MET N 80 -33.54 40.15 60.32
C MET N 80 -32.18 39.76 60.88
N THR N 81 -31.84 40.34 62.02
CA THR N 81 -30.62 39.95 62.70
C THR N 81 -30.98 39.35 64.05
N ILE N 82 -30.28 38.30 64.43
CA ILE N 82 -30.44 37.69 65.74
C ILE N 82 -29.04 37.54 66.34
N ASP N 83 -28.86 38.13 67.53
CA ASP N 83 -27.55 38.22 68.19
C ASP N 83 -26.50 38.86 67.29
N LYS N 84 -26.84 40.02 66.74
CA LYS N 84 -25.96 40.81 65.87
C LYS N 84 -25.53 40.13 64.55
N HIS N 85 -25.78 38.83 64.42
CA HIS N 85 -25.54 38.15 63.17
C HIS N 85 -26.82 38.27 62.32
N ASP N 86 -26.68 38.42 61.02
CA ASP N 86 -27.86 38.61 60.16
C ASP N 86 -28.33 37.39 59.31
N TYR N 87 -29.65 37.24 59.32
CA TYR N 87 -30.32 36.13 58.66
C TYR N 87 -31.36 36.66 57.69
N LYS N 88 -32.06 35.74 57.04
CA LYS N 88 -33.09 36.09 56.07
C LYS N 88 -34.36 35.27 56.38
N ILE N 89 -35.51 35.92 56.43
CA ILE N 89 -36.79 35.24 56.63
C ILE N 89 -37.51 35.02 55.30
N MET N 90 -37.82 33.76 54.99
CA MET N 90 -38.50 33.45 53.74
C MET N 90 -39.86 32.85 54.01
N ASP N 91 -40.83 33.21 53.16
CA ASP N 91 -42.20 32.72 53.28
C ASP N 91 -42.34 31.42 52.50
N ASP N 92 -41.96 30.32 53.13
CA ASP N 92 -41.98 29.02 52.48
C ASP N 92 -43.35 28.34 52.61
N THR N 93 -44.41 29.14 52.71
CA THR N 93 -45.73 28.57 52.83
C THR N 93 -46.14 27.76 51.60
N ASP N 94 -45.77 28.23 50.40
CA ASP N 94 -46.15 27.52 49.16
C ASP N 94 -45.41 26.19 48.93
N ILE N 95 -44.47 25.87 49.82
CA ILE N 95 -43.75 24.61 49.78
C ILE N 95 -44.39 23.60 50.74
N GLU N 96 -44.79 24.08 51.92
CA GLU N 96 -45.47 23.25 52.89
C GLU N 96 -46.92 23.02 52.51
N SER N 97 -47.50 23.95 51.75
CA SER N 97 -48.91 23.85 51.36
C SER N 97 -49.20 24.58 50.06
N SER N 98 -50.46 24.59 49.64
CA SER N 98 -50.85 25.37 48.47
C SER N 98 -51.41 26.73 48.88
N LEU N 99 -51.03 27.77 48.14
CA LEU N 99 -51.58 29.10 48.39
C LEU N 99 -52.95 29.25 47.75
N THR N 100 -53.18 28.58 46.61
CA THR N 100 -54.42 28.72 45.85
C THR N 100 -55.52 27.73 46.24
N GLN N 101 -55.15 26.61 46.84
CA GLN N 101 -56.14 25.59 47.16
C GLN N 101 -56.00 25.04 48.58
N ASP N 102 -57.14 24.80 49.23
CA ASP N 102 -57.19 24.26 50.58
C ASP N 102 -56.85 22.75 50.68
N ASN N 103 -56.46 22.33 51.90
CA ASN N 103 -56.26 20.93 52.23
C ASN N 103 -55.05 20.28 51.54
N LEU N 104 -54.13 21.12 51.07
CA LEU N 104 -52.93 20.59 50.45
C LEU N 104 -51.71 20.76 51.36
N SER N 105 -51.92 20.61 52.67
CA SER N 105 -50.85 20.78 53.66
C SER N 105 -50.06 19.51 53.96
N ASN N 106 -48.74 19.63 53.96
CA ASN N 106 -47.85 18.52 54.29
C ASN N 106 -47.91 18.15 55.77
N MET N 107 -48.10 19.14 56.64
CA MET N 107 -47.96 18.93 58.07
C MET N 107 -49.24 19.04 58.85
N THR N 108 -49.31 18.25 59.92
CA THR N 108 -50.45 18.24 60.81
C THR N 108 -49.95 18.48 62.23
N LEU N 109 -50.63 19.36 62.95
CA LEU N 109 -50.20 19.78 64.28
C LEU N 109 -50.74 18.85 65.36
N LEU N 110 -49.90 18.51 66.33
CA LEU N 110 -50.31 17.62 67.41
C LEU N 110 -50.15 18.31 68.75
N VAL N 111 -51.27 18.50 69.44
CA VAL N 111 -51.28 19.23 70.72
C VAL N 111 -51.56 18.28 71.88
N PRO N 112 -51.17 18.68 73.11
CA PRO N 112 -51.43 17.83 74.28
C PRO N 112 -52.92 17.60 74.51
N SER N 113 -53.27 16.37 74.85
CA SER N 113 -54.68 16.01 75.10
C SER N 113 -55.09 16.25 76.56
N GLU N 114 -56.32 15.84 76.89
CA GLU N 114 -56.91 16.15 78.18
C GLU N 114 -56.35 15.32 79.33
N SER N 115 -55.02 15.27 79.42
CA SER N 115 -54.34 14.45 80.40
C SER N 115 -52.89 14.91 80.49
N LYS N 116 -52.48 15.67 79.49
CA LYS N 116 -51.10 16.13 79.34
C LYS N 116 -50.11 14.96 79.31
N GLU N 117 -50.57 13.79 78.88
CA GLU N 117 -49.70 12.62 78.80
C GLU N 117 -49.71 12.02 77.40
N SER N 118 -50.35 12.71 76.47
CA SER N 118 -50.40 12.27 75.08
C SER N 118 -50.81 13.41 74.16
N LEU N 119 -50.91 13.11 72.86
CA LEU N 119 -51.16 14.15 71.86
C LEU N 119 -52.37 13.86 71.01
N LYS N 120 -53.10 14.91 70.65
CA LYS N 120 -54.25 14.79 69.76
C LYS N 120 -53.97 15.64 68.56
N ILE N 121 -54.60 15.32 67.43
CA ILE N 121 -54.49 16.17 66.25
C ILE N 121 -55.20 17.48 66.51
N ALA N 122 -54.46 18.58 66.38
CA ALA N 122 -55.02 19.91 66.65
C ALA N 122 -56.08 20.30 65.63
N SER N 123 -57.26 20.67 66.11
CA SER N 123 -58.31 21.15 65.24
C SER N 123 -58.95 22.42 65.77
N THR N 124 -59.68 23.10 64.88
CA THR N 124 -60.25 24.41 65.19
C THR N 124 -61.64 24.53 64.57
N ALA N 125 -61.94 23.59 63.66
CA ALA N 125 -63.10 23.69 62.76
C ALA N 125 -64.45 23.27 63.36
N LYS N 126 -64.44 22.81 64.62
CA LYS N 126 -65.62 22.21 65.24
C LYS N 126 -66.20 21.16 64.30
N ASP N 127 -65.28 20.42 63.68
CA ASP N 127 -65.56 19.45 62.65
C ASP N 127 -64.43 18.41 62.71
N ASN N 128 -63.47 18.68 63.59
CA ASN N 128 -62.27 17.87 63.76
C ASN N 128 -61.35 17.89 62.53
N ALA N 129 -61.67 18.77 61.59
CA ALA N 129 -60.82 19.03 60.44
C ALA N 129 -59.49 19.55 60.95
N PRO N 130 -58.42 18.82 60.65
CA PRO N 130 -57.10 19.13 61.22
C PRO N 130 -56.69 20.57 60.91
N LEU N 131 -56.03 21.20 61.87
CA LEU N 131 -55.50 22.54 61.67
C LEU N 131 -54.45 22.51 60.57
N GLN N 132 -54.45 23.55 59.74
CA GLN N 132 -53.40 23.75 58.74
C GLN N 132 -52.61 24.98 59.14
N PHE N 133 -51.30 24.96 58.90
CA PHE N 133 -50.50 26.11 59.27
C PHE N 133 -50.86 27.32 58.42
N ASP N 134 -51.05 28.46 59.08
CA ASP N 134 -51.41 29.68 58.38
C ASP N 134 -50.21 30.20 57.60
N LYS N 135 -49.03 29.98 58.15
CA LYS N 135 -47.78 30.39 57.53
C LYS N 135 -46.61 29.51 57.96
N VAL N 136 -45.66 29.31 57.05
CA VAL N 136 -44.41 28.61 57.38
C VAL N 136 -43.22 29.51 57.04
N PHE N 137 -42.35 29.73 58.02
CA PHE N 137 -41.24 30.65 57.82
C PHE N 137 -39.91 29.97 58.00
N SER N 138 -38.95 30.32 57.16
CA SER N 138 -37.61 29.79 57.26
C SER N 138 -36.64 30.92 57.55
N VAL N 139 -36.10 30.92 58.78
CA VAL N 139 -35.02 31.82 59.15
C VAL N 139 -33.71 31.15 58.83
N SER N 140 -33.05 31.62 57.78
CA SER N 140 -31.76 31.06 57.36
C SER N 140 -30.68 32.13 57.38
N GLU N 141 -29.42 31.67 57.37
CA GLU N 141 -28.28 32.59 57.38
C GLU N 141 -28.06 33.22 56.02
N THR N 142 -27.34 34.34 55.98
CA THR N 142 -27.07 35.04 54.74
C THR N 142 -25.69 35.69 54.77
N ALA N 143 -25.12 35.93 53.59
CA ALA N 143 -23.81 36.56 53.48
C ALA N 143 -23.76 37.53 52.31
N LYS N 144 -22.97 38.59 52.47
CA LYS N 144 -22.82 39.60 51.43
C LYS N 144 -21.49 39.46 50.70
N ILE N 145 -21.55 38.99 49.46
CA ILE N 145 -20.36 38.80 48.65
C ILE N 145 -19.83 40.14 48.12
N PRO N 146 -18.55 40.39 48.34
CA PRO N 146 -17.92 41.64 47.89
C PRO N 146 -18.08 41.85 46.40
N ALA N 147 -18.18 43.10 45.98
CA ALA N 147 -18.18 43.39 44.56
C ALA N 147 -16.76 43.26 44.04
N ILE N 148 -16.63 42.92 42.77
CA ILE N 148 -15.33 42.86 42.16
C ILE N 148 -14.80 44.27 42.03
N ASP N 149 -13.50 44.43 42.30
CA ASP N 149 -12.82 45.70 42.09
C ASP N 149 -12.15 45.74 40.72
N TYR N 150 -12.88 46.20 39.72
CA TYR N 150 -12.38 46.17 38.34
C TYR N 150 -11.13 47.05 38.15
N SER N 151 -10.92 48.03 39.02
CA SER N 151 -9.72 48.87 38.95
C SER N 151 -8.48 48.07 39.26
N LYS N 152 -8.55 47.25 40.31
CA LYS N 152 -7.40 46.46 40.72
C LYS N 152 -7.25 45.25 39.82
N VAL N 153 -8.36 44.82 39.22
CA VAL N 153 -8.38 43.51 38.61
C VAL N 153 -8.32 43.50 37.07
N ARG N 154 -8.96 44.47 36.43
CA ARG N 154 -8.92 44.59 34.98
C ARG N 154 -7.81 45.55 34.56
N VAL N 155 -6.63 45.00 34.38
CA VAL N 155 -5.43 45.77 34.10
C VAL N 155 -5.02 45.66 32.64
N PRO N 156 -4.70 46.80 32.00
CA PRO N 156 -4.16 46.84 30.65
C PRO N 156 -3.03 45.84 30.44
N ARG N 157 -2.90 45.34 29.22
CA ARG N 157 -1.80 44.42 28.90
C ARG N 157 -0.50 45.21 28.86
N LYS N 158 0.59 44.62 29.33
CA LYS N 158 1.91 45.24 29.20
C LYS N 158 2.64 44.58 28.04
N ASP N 159 3.46 45.35 27.32
CA ASP N 159 4.23 44.82 26.20
C ASP N 159 5.31 43.92 26.75
N VAL N 160 5.89 43.07 25.91
CA VAL N 160 7.04 42.27 26.33
C VAL N 160 8.20 43.25 26.48
N PRO N 161 8.80 43.27 27.68
CA PRO N 161 9.78 44.28 28.09
C PRO N 161 11.02 44.32 27.18
N LYS N 162 11.39 45.53 26.78
CA LYS N 162 12.58 45.73 25.97
C LYS N 162 13.79 45.47 26.86
N VAL N 163 14.79 44.75 26.33
CA VAL N 163 16.04 44.54 27.06
C VAL N 163 16.91 45.77 26.92
N GLU N 164 17.29 46.35 28.06
CA GLU N 164 18.00 47.64 28.07
C GLU N 164 19.50 47.54 27.82
N GLY N 165 20.02 48.49 27.07
CA GLY N 165 21.45 48.61 26.90
C GLY N 165 22.03 47.67 25.89
N LEU N 166 21.39 47.59 24.72
CA LEU N 166 21.92 46.74 23.68
C LEU N 166 22.82 47.57 22.74
N LYS N 167 24.01 47.04 22.45
CA LYS N 167 24.97 47.70 21.58
C LYS N 167 25.29 46.83 20.37
N LEU N 168 26.01 47.40 19.41
CA LEU N 168 26.55 46.64 18.29
C LEU N 168 27.37 45.47 18.82
N GLU N 169 27.12 44.28 18.29
CA GLU N 169 27.90 43.10 18.65
C GLU N 169 28.38 42.43 17.36
N HIS N 170 28.35 43.19 16.28
CA HIS N 170 28.83 42.73 14.98
C HIS N 170 29.58 43.81 14.16
N PHE N 171 30.76 43.47 13.66
CA PHE N 171 31.48 44.42 12.83
C PHE N 171 32.03 43.74 11.58
N ALA N 172 32.23 44.53 10.52
CA ALA N 172 32.78 44.00 9.29
C ALA N 172 34.17 43.44 9.59
N THR N 173 34.58 42.41 8.86
CA THR N 173 35.84 41.75 9.16
C THR N 173 36.98 42.75 9.02
N GLY N 174 37.80 42.84 10.05
CA GLY N 174 38.92 43.76 10.03
C GLY N 174 38.70 44.94 10.94
N TYR N 175 37.61 44.90 11.70
CA TYR N 175 37.30 45.97 12.65
C TYR N 175 36.73 45.38 13.92
N ASP N 176 36.71 46.16 14.98
CA ASP N 176 36.22 45.67 16.25
C ASP N 176 35.48 46.79 16.97
N ALA N 177 34.96 46.47 18.15
CA ALA N 177 34.16 47.41 18.94
C ALA N 177 34.74 48.83 19.06
N GLU N 178 35.99 48.96 19.52
CA GLU N 178 36.54 50.29 19.77
C GLU N 178 37.05 51.03 18.52
N ASP N 179 36.64 50.56 17.35
CA ASP N 179 36.79 51.29 16.09
C ASP N 179 35.49 52.05 15.79
N PHE N 180 34.63 52.13 16.82
CA PHE N 180 33.29 52.71 16.71
C PHE N 180 32.87 53.39 18.03
N SER O 48 37.08 -80.54 -3.77
CA SER O 48 37.35 -79.18 -4.25
C SER O 48 37.14 -79.11 -5.77
N ALA O 49 38.20 -79.39 -6.53
CA ALA O 49 38.12 -79.28 -7.99
C ALA O 49 36.76 -79.69 -8.54
N ALA O 50 36.33 -80.90 -8.21
CA ALA O 50 35.05 -81.42 -8.68
C ALA O 50 33.91 -81.07 -7.73
N MET O 51 34.25 -80.82 -6.47
CA MET O 51 33.23 -80.34 -5.52
C MET O 51 32.68 -79.00 -5.98
N TYR O 52 33.58 -78.09 -6.36
CA TYR O 52 33.14 -76.78 -6.83
C TYR O 52 32.33 -76.91 -8.11
N SER O 53 32.79 -77.75 -9.03
CA SER O 53 32.03 -78.00 -10.27
C SER O 53 30.59 -78.38 -9.95
N ARG O 54 30.41 -79.08 -8.84
CA ARG O 54 29.08 -79.44 -8.35
C ARG O 54 28.39 -78.21 -7.79
N PHE O 55 29.08 -77.52 -6.87
CA PHE O 55 28.54 -76.33 -6.25
C PHE O 55 27.85 -75.39 -7.25
N VAL O 56 28.54 -75.08 -8.34
CA VAL O 56 27.99 -74.17 -9.34
C VAL O 56 26.85 -74.84 -10.11
N LYS O 57 27.10 -76.08 -10.54
CA LYS O 57 26.12 -76.84 -11.33
C LYS O 57 24.81 -76.94 -10.56
N SER O 58 24.93 -77.06 -9.24
CA SER O 58 23.80 -76.98 -8.33
C SER O 58 23.21 -75.58 -8.38
N ALA O 59 24.06 -74.59 -8.16
CA ALA O 59 23.64 -73.18 -8.16
C ALA O 59 22.78 -72.83 -9.37
N LEU O 60 23.17 -73.33 -10.53
CA LEU O 60 22.43 -73.07 -11.77
C LEU O 60 21.07 -73.78 -11.79
N ASP O 61 21.05 -75.05 -11.37
CA ASP O 61 19.78 -75.75 -11.19
C ASP O 61 18.90 -74.92 -10.26
N ASP O 62 19.47 -74.56 -9.11
CA ASP O 62 18.78 -73.74 -8.11
C ASP O 62 18.31 -72.40 -8.68
N LEU O 63 18.94 -71.95 -9.76
CA LEU O 63 18.57 -70.68 -10.38
C LEU O 63 17.38 -70.89 -11.33
N ASP O 64 17.34 -72.04 -11.98
CA ASP O 64 16.20 -72.40 -12.82
C ASP O 64 14.96 -72.54 -11.95
N LYS O 65 15.18 -72.68 -10.64
CA LYS O 65 14.11 -72.78 -9.66
C LYS O 65 13.89 -71.45 -8.96
N ASN O 66 14.81 -70.50 -9.17
CA ASN O 66 14.64 -69.12 -8.72
C ASN O 66 15.10 -68.86 -7.28
N ASP O 67 15.72 -69.86 -6.66
CA ASP O 67 16.15 -69.70 -5.28
C ASP O 67 17.22 -68.61 -5.21
N SER O 68 18.12 -68.62 -6.18
CA SER O 68 19.03 -67.48 -6.41
C SER O 68 20.06 -67.27 -5.29
N THR O 69 19.94 -68.03 -4.21
CA THR O 69 20.86 -67.88 -3.07
C THR O 69 22.28 -68.34 -3.44
N GLN O 70 22.37 -69.56 -3.94
CA GLN O 70 23.67 -70.15 -4.26
C GLN O 70 24.49 -69.26 -5.20
N ILE O 71 23.88 -68.86 -6.32
CA ILE O 71 24.52 -67.92 -7.22
C ILE O 71 25.04 -66.70 -6.47
N GLY O 72 24.14 -65.98 -5.82
CA GLY O 72 24.49 -64.78 -5.09
C GLY O 72 25.68 -64.98 -4.15
N ILE O 73 25.74 -66.17 -3.56
CA ILE O 73 26.86 -66.48 -2.68
C ILE O 73 28.14 -66.46 -3.49
N ILE O 74 28.06 -67.04 -4.69
CA ILE O 74 29.19 -67.08 -5.62
C ILE O 74 29.53 -65.68 -6.10
N ALA O 75 28.53 -64.96 -6.59
CA ALA O 75 28.74 -63.61 -7.09
C ALA O 75 29.46 -62.78 -6.05
N ASN O 76 28.85 -62.66 -4.89
CA ASN O 76 29.46 -61.94 -3.77
C ASN O 76 30.90 -62.35 -3.55
N GLN O 77 31.23 -63.62 -3.82
CA GLN O 77 32.57 -64.13 -3.60
C GLN O 77 33.52 -63.62 -4.68
N VAL O 78 33.00 -63.38 -5.88
CA VAL O 78 33.86 -62.90 -6.96
C VAL O 78 33.97 -61.38 -6.96
N ALA O 79 32.96 -60.73 -6.38
CA ALA O 79 32.90 -59.26 -6.35
C ALA O 79 33.91 -58.62 -5.40
N LEU O 80 34.40 -59.41 -4.44
CA LEU O 80 35.37 -58.93 -3.46
C LEU O 80 36.56 -58.22 -4.11
N PRO O 81 37.21 -57.31 -3.35
CA PRO O 81 38.35 -56.52 -3.81
C PRO O 81 39.63 -57.32 -4.00
N SER O 82 40.44 -56.92 -4.98
CA SER O 82 41.74 -57.51 -5.25
C SER O 82 42.58 -57.80 -3.99
N LYS O 83 42.26 -57.13 -2.89
CA LYS O 83 43.04 -57.24 -1.66
C LYS O 83 42.57 -58.37 -0.73
N ASN O 84 41.26 -58.51 -0.57
CA ASN O 84 40.70 -59.48 0.36
C ASN O 84 41.07 -60.91 -0.03
N PRO O 85 41.78 -61.62 0.86
CA PRO O 85 42.19 -63.01 0.65
C PRO O 85 41.00 -63.92 0.35
N GLU O 86 39.82 -63.56 0.82
CA GLU O 86 38.63 -64.41 0.70
C GLU O 86 37.91 -64.31 -0.63
N ARG O 87 38.46 -63.55 -1.57
CA ARG O 87 37.92 -63.47 -2.92
C ARG O 87 38.20 -64.78 -3.64
N ILE O 88 37.21 -65.24 -4.40
CA ILE O 88 37.35 -66.48 -5.16
C ILE O 88 38.72 -66.59 -5.82
N ASN O 89 39.39 -67.72 -5.59
CA ASN O 89 40.71 -68.00 -6.14
C ASN O 89 40.69 -68.45 -7.61
N ASP O 90 41.85 -68.36 -8.25
CA ASP O 90 41.98 -68.69 -9.68
C ASP O 90 41.33 -70.01 -10.07
N LYS O 91 41.78 -71.11 -9.46
CA LYS O 91 41.32 -72.43 -9.88
C LYS O 91 39.80 -72.56 -9.86
N ASN O 92 39.16 -72.17 -8.77
CA ASN O 92 37.70 -72.18 -8.71
C ASN O 92 37.09 -71.23 -9.74
N LEU O 93 37.70 -70.06 -9.93
CA LEU O 93 37.25 -69.12 -10.93
C LEU O 93 37.36 -69.70 -12.34
N ASN O 94 38.47 -70.41 -12.61
CA ASN O 94 38.61 -71.12 -13.87
C ASN O 94 37.37 -71.96 -14.13
N ILE O 95 36.91 -72.63 -13.09
CA ILE O 95 35.79 -73.54 -13.18
C ILE O 95 34.51 -72.77 -13.43
N LEU O 96 34.17 -71.89 -12.49
CA LEU O 96 32.98 -71.05 -12.64
C LEU O 96 32.87 -70.48 -14.05
N LEU O 97 33.99 -69.97 -14.57
CA LEU O 97 33.98 -69.31 -15.86
C LEU O 97 33.66 -70.27 -16.99
N ASP O 98 34.43 -71.34 -17.09
CA ASP O 98 34.27 -72.31 -18.17
C ASP O 98 32.90 -72.96 -18.18
N ILE O 99 32.28 -73.10 -17.01
CA ILE O 99 30.92 -73.61 -16.92
C ILE O 99 29.90 -72.59 -17.43
N LEU O 100 30.05 -71.33 -17.03
CA LEU O 100 29.14 -70.27 -17.49
C LEU O 100 29.25 -70.03 -19.00
N SER O 101 30.47 -70.04 -19.53
CA SER O 101 30.68 -69.83 -20.96
C SER O 101 29.98 -70.91 -21.80
N SER O 102 29.95 -72.12 -21.26
CA SER O 102 29.49 -73.28 -22.04
C SER O 102 27.99 -73.23 -22.36
N ASN O 103 27.23 -72.54 -21.52
CA ASN O 103 25.82 -72.26 -21.83
C ASN O 103 25.37 -70.93 -21.24
N ILE O 104 25.78 -69.86 -21.90
CA ILE O 104 25.53 -68.51 -21.40
C ILE O 104 24.03 -68.21 -21.29
N ASN O 105 23.22 -68.92 -22.07
CA ASN O 105 21.77 -68.67 -22.10
C ASN O 105 21.10 -69.02 -20.79
N ARG O 106 21.74 -69.86 -20.01
CA ARG O 106 21.23 -70.26 -18.71
C ARG O 106 21.15 -69.05 -17.77
N ILE O 107 21.95 -68.02 -18.07
CA ILE O 107 22.10 -66.89 -17.18
C ILE O 107 21.36 -65.63 -17.65
N GLU O 108 20.97 -65.59 -18.93
CA GLU O 108 20.37 -64.37 -19.46
C GLU O 108 18.97 -64.10 -18.89
N SER O 109 18.92 -63.90 -17.58
CA SER O 109 17.67 -63.67 -16.87
C SER O 109 17.86 -62.62 -15.80
N SER O 110 16.75 -62.08 -15.31
CA SER O 110 16.78 -61.10 -14.24
C SER O 110 17.50 -61.67 -13.02
N ARG O 111 17.36 -62.97 -12.79
CA ARG O 111 18.00 -63.63 -11.66
C ARG O 111 19.51 -63.68 -11.88
N GLY O 112 19.91 -63.67 -13.15
CA GLY O 112 21.31 -63.85 -13.52
C GLY O 112 22.10 -62.56 -13.55
N THR O 113 21.39 -61.45 -13.65
CA THR O 113 22.00 -60.12 -13.72
C THR O 113 23.12 -59.89 -12.71
N PHE O 114 22.83 -60.10 -11.41
CA PHE O 114 23.79 -59.79 -10.36
C PHE O 114 25.11 -60.53 -10.54
N LEU O 115 25.03 -61.79 -10.92
CA LEU O 115 26.22 -62.62 -11.13
C LEU O 115 27.11 -62.01 -12.20
N ILE O 116 26.48 -61.65 -13.32
CA ILE O 116 27.17 -61.09 -14.46
C ILE O 116 27.84 -59.76 -14.10
N GLN O 117 27.09 -58.90 -13.45
CA GLN O 117 27.57 -57.60 -13.01
C GLN O 117 28.83 -57.76 -12.15
N SER O 118 28.83 -58.82 -11.34
CA SER O 118 29.93 -59.10 -10.45
C SER O 118 31.20 -59.56 -11.17
N ILE O 119 31.04 -60.16 -12.34
CA ILE O 119 32.20 -60.62 -13.11
C ILE O 119 32.76 -59.51 -14.00
N ILE O 120 31.89 -58.65 -14.52
CA ILE O 120 32.34 -57.50 -15.29
C ILE O 120 33.12 -56.57 -14.36
N ASN O 121 32.67 -56.50 -13.12
CA ASN O 121 33.30 -55.63 -12.11
C ASN O 121 34.40 -56.33 -11.30
N PHE O 122 35.00 -57.35 -11.87
CA PHE O 122 36.10 -58.08 -11.23
C PHE O 122 37.37 -57.22 -11.25
N GLU O 123 37.83 -56.84 -10.06
CA GLU O 123 39.00 -55.95 -9.93
C GLU O 123 40.27 -56.44 -10.61
N LYS O 124 40.93 -55.54 -11.32
CA LYS O 124 42.21 -55.84 -11.92
C LYS O 124 42.20 -57.20 -12.61
N TRP O 125 41.19 -57.45 -13.45
CA TRP O 125 41.14 -58.70 -14.19
C TRP O 125 42.34 -58.85 -15.13
N TRP O 126 42.76 -57.74 -15.73
CA TRP O 126 43.92 -57.77 -16.61
C TRP O 126 45.14 -58.29 -15.84
N GLU O 127 45.00 -58.36 -14.52
CA GLU O 127 46.08 -58.83 -13.66
C GLU O 127 45.91 -60.30 -13.33
N LEU O 128 44.97 -60.95 -14.00
CA LEU O 128 44.71 -62.37 -13.77
C LEU O 128 45.82 -63.25 -14.35
N PRO O 129 45.53 -64.60 -14.44
CA PRO O 129 46.62 -65.41 -15.00
C PRO O 129 46.41 -65.71 -16.47
N PRO O 130 47.48 -66.29 -17.15
CA PRO O 130 47.20 -66.55 -18.58
C PRO O 130 45.95 -67.39 -18.76
N HIS O 131 46.06 -68.70 -18.50
CA HIS O 131 44.92 -69.61 -18.65
C HIS O 131 43.59 -69.05 -18.13
N THR O 132 43.62 -68.44 -16.94
CA THR O 132 42.41 -67.88 -16.36
C THR O 132 41.98 -66.62 -17.10
N LEU O 133 42.96 -65.80 -17.48
CA LEU O 133 42.68 -64.60 -18.24
C LEU O 133 41.92 -64.99 -19.49
N SER O 134 42.34 -66.10 -20.09
CA SER O 134 41.77 -66.57 -21.34
C SER O 134 40.30 -66.94 -21.17
N LYS O 135 39.95 -67.47 -20.01
CA LYS O 135 38.59 -67.90 -19.76
C LYS O 135 37.71 -66.69 -19.54
N TYR O 136 38.27 -65.66 -18.89
CA TYR O 136 37.55 -64.40 -18.69
C TYR O 136 37.24 -63.75 -20.03
N ILE O 137 38.24 -63.68 -20.90
CA ILE O 137 38.06 -63.12 -22.22
C ILE O 137 37.00 -63.88 -23.02
N TYR O 138 37.12 -65.20 -23.08
CA TYR O 138 36.13 -66.03 -23.78
C TYR O 138 34.74 -65.80 -23.22
N PHE O 139 34.64 -65.62 -21.90
CA PHE O 139 33.33 -65.35 -21.31
C PHE O 139 32.78 -64.03 -21.82
N ILE O 140 33.56 -62.97 -21.69
CA ILE O 140 33.12 -61.66 -22.15
C ILE O 140 32.72 -61.75 -23.62
N LYS O 141 33.61 -62.30 -24.45
CA LYS O 141 33.29 -62.55 -25.85
C LYS O 141 31.89 -63.16 -25.98
N ILE O 142 31.70 -64.32 -25.36
CA ILE O 142 30.39 -65.02 -25.36
C ILE O 142 29.23 -64.14 -24.90
N LEU O 143 29.41 -63.43 -23.78
CA LEU O 143 28.36 -62.56 -23.22
C LEU O 143 27.85 -61.48 -24.16
N CYS O 144 28.76 -60.66 -24.68
CA CYS O 144 28.37 -59.52 -25.51
C CYS O 144 27.85 -59.97 -26.88
N SER O 145 28.04 -61.24 -27.19
CA SER O 145 27.60 -61.80 -28.47
C SER O 145 26.08 -61.85 -28.55
N SER O 146 25.47 -62.56 -27.60
CA SER O 146 24.02 -62.70 -27.55
C SER O 146 23.36 -61.37 -27.16
N ILE O 147 23.62 -60.92 -25.94
CA ILE O 147 23.06 -59.68 -25.44
C ILE O 147 24.08 -58.55 -25.52
N PRO O 148 24.44 -58.15 -26.81
CA PRO O 148 25.43 -57.06 -26.84
C PRO O 148 24.98 -55.86 -26.02
N LYS O 149 24.84 -56.06 -24.71
CA LYS O 149 24.42 -55.00 -23.81
C LYS O 149 25.49 -54.68 -22.78
N TRP O 150 26.38 -55.64 -22.53
CA TRP O 150 27.46 -55.46 -21.56
C TRP O 150 28.72 -54.85 -22.16
N TRP O 151 28.82 -54.85 -23.48
CA TRP O 151 29.98 -54.25 -24.15
C TRP O 151 30.13 -52.78 -23.79
N GLN O 152 29.00 -52.13 -23.54
CA GLN O 152 28.99 -50.74 -23.13
C GLN O 152 29.74 -50.58 -21.81
N ASP O 153 29.48 -51.47 -20.87
CA ASP O 153 30.09 -51.40 -19.53
C ASP O 153 31.56 -51.81 -19.57
N VAL O 154 31.88 -52.80 -20.37
CA VAL O 154 33.23 -53.33 -20.43
C VAL O 154 34.20 -52.34 -21.05
N SER O 155 33.78 -51.74 -22.16
CA SER O 155 34.64 -50.81 -22.90
C SER O 155 34.92 -49.52 -22.12
N MET O 156 33.90 -48.99 -21.44
CA MET O 156 34.10 -47.82 -20.60
C MET O 156 35.30 -48.02 -19.67
N ILE O 157 35.28 -49.12 -18.92
CA ILE O 157 36.38 -49.44 -18.00
C ILE O 157 37.68 -49.59 -18.77
N LEU O 158 37.58 -50.13 -19.98
CA LEU O 158 38.75 -50.30 -20.83
C LEU O 158 39.37 -48.96 -21.14
N VAL O 159 38.57 -48.07 -21.72
CA VAL O 159 39.09 -46.76 -22.09
C VAL O 159 39.72 -46.10 -20.88
N SER O 160 39.04 -46.14 -19.75
CA SER O 160 39.56 -45.49 -18.55
C SER O 160 40.95 -46.01 -18.18
N CYS O 161 41.30 -47.18 -18.70
CA CYS O 161 42.59 -47.78 -18.37
C CYS O 161 43.67 -47.25 -19.28
N PHE O 162 43.26 -46.36 -20.20
CA PHE O 162 44.20 -45.73 -21.12
C PHE O 162 45.21 -44.84 -20.40
N ILE O 163 44.94 -44.50 -19.13
CA ILE O 163 45.91 -43.75 -18.33
C ILE O 163 47.11 -44.62 -17.94
N LEU O 164 46.96 -45.93 -18.12
CA LEU O 164 48.02 -46.89 -17.85
C LEU O 164 49.00 -47.01 -19.02
N PRO O 165 50.25 -47.27 -18.68
CA PRO O 165 51.37 -47.39 -19.62
C PRO O 165 50.98 -47.89 -21.00
N ILE O 166 51.96 -47.88 -21.90
CA ILE O 166 51.75 -48.35 -23.26
C ILE O 166 51.48 -49.84 -23.28
N LYS O 167 51.75 -50.52 -22.16
CA LYS O 167 51.51 -51.95 -22.12
C LYS O 167 50.19 -52.33 -21.44
N GLN O 168 49.83 -51.73 -20.31
CA GLN O 168 48.79 -52.41 -19.54
C GLN O 168 47.41 -52.43 -20.22
N THR O 169 47.30 -51.89 -21.43
CA THR O 169 45.99 -51.78 -22.08
C THR O 169 45.77 -52.72 -23.27
N VAL O 170 46.84 -53.34 -23.77
CA VAL O 170 46.71 -54.18 -24.96
C VAL O 170 45.39 -54.94 -25.00
N CYS O 171 45.07 -55.65 -23.93
CA CYS O 171 43.84 -56.43 -23.86
C CYS O 171 42.59 -55.55 -24.07
N HIS O 172 42.61 -54.34 -23.53
CA HIS O 172 41.46 -53.44 -23.65
C HIS O 172 41.23 -53.01 -25.11
N HIS O 173 42.32 -52.65 -25.79
CA HIS O 173 42.25 -52.27 -27.19
C HIS O 173 41.90 -53.46 -28.06
N ASP O 174 42.52 -54.60 -27.78
CA ASP O 174 42.24 -55.82 -28.53
C ASP O 174 40.74 -56.04 -28.55
N MET O 175 40.12 -55.86 -27.39
CA MET O 175 38.68 -56.06 -27.22
C MET O 175 37.86 -54.96 -27.89
N LEU O 176 38.32 -53.71 -27.79
CA LEU O 176 37.62 -52.60 -28.44
C LEU O 176 37.66 -52.78 -29.96
N LYS O 177 38.84 -53.10 -30.48
CA LYS O 177 39.00 -53.34 -31.90
C LYS O 177 38.03 -54.42 -32.34
N TYR O 178 38.02 -55.54 -31.61
CA TYR O 178 37.14 -56.64 -31.95
C TYR O 178 35.68 -56.22 -32.07
N PHE O 179 35.13 -55.66 -31.00
CA PHE O 179 33.69 -55.40 -30.98
C PHE O 179 33.24 -54.13 -31.72
N LEU O 180 34.17 -53.21 -31.98
CA LEU O 180 33.81 -52.07 -32.82
C LEU O 180 33.49 -52.61 -34.22
N ARG O 181 34.26 -53.62 -34.62
CA ARG O 181 34.13 -54.25 -35.92
C ARG O 181 32.81 -54.99 -36.05
N MET O 182 32.49 -55.80 -35.04
CA MET O 182 31.32 -56.68 -35.10
C MET O 182 30.04 -55.98 -34.69
N ILE O 183 30.18 -54.83 -34.01
CA ILE O 183 29.05 -54.03 -33.56
C ILE O 183 29.35 -52.56 -33.83
N PRO O 184 29.33 -52.16 -35.11
CA PRO O 184 29.77 -50.82 -35.51
C PRO O 184 28.85 -49.76 -34.93
N SER O 185 27.63 -50.17 -34.61
CA SER O 185 26.65 -49.26 -34.05
C SER O 185 27.05 -48.75 -32.65
N SER O 186 28.01 -49.44 -32.04
CA SER O 186 28.39 -49.09 -30.68
C SER O 186 29.16 -47.76 -30.66
N MET O 187 29.85 -47.45 -31.75
CA MET O 187 30.68 -46.24 -31.84
C MET O 187 30.04 -45.00 -31.20
N GLY O 188 28.71 -44.99 -31.17
CA GLY O 188 27.96 -43.88 -30.59
C GLY O 188 28.25 -43.66 -29.11
N PHE O 189 27.76 -44.56 -28.27
CA PHE O 189 27.88 -44.38 -26.82
C PHE O 189 29.32 -44.47 -26.36
N ILE O 190 30.10 -45.29 -27.05
CA ILE O 190 31.50 -45.47 -26.69
C ILE O 190 32.31 -44.21 -27.00
N ASP O 191 31.85 -43.43 -27.98
CA ASP O 191 32.44 -42.11 -28.22
C ASP O 191 32.20 -41.17 -27.03
N THR O 192 30.97 -41.16 -26.54
CA THR O 192 30.66 -40.36 -25.35
C THR O 192 31.51 -40.79 -24.14
N TYR O 193 31.87 -42.07 -24.09
CA TYR O 193 32.77 -42.55 -23.06
C TYR O 193 34.11 -41.84 -23.15
N LEU O 194 34.62 -41.71 -24.37
CA LEU O 194 35.83 -40.94 -24.63
C LEU O 194 35.74 -39.57 -23.95
N ALA O 195 34.57 -38.96 -24.01
CA ALA O 195 34.34 -37.70 -23.32
C ALA O 195 34.33 -37.91 -21.81
N LYS O 196 33.32 -38.63 -21.34
CA LYS O 196 33.12 -38.87 -19.92
C LYS O 196 34.39 -39.11 -19.11
N PHE O 197 35.28 -39.94 -19.62
CA PHE O 197 36.36 -40.42 -18.77
C PHE O 197 37.69 -39.71 -18.96
N PHE O 198 37.70 -38.67 -19.77
CA PHE O 198 38.91 -37.85 -19.86
C PHE O 198 39.30 -37.31 -18.48
N PRO O 199 40.45 -37.30 -18.11
CA PRO O 199 40.86 -36.73 -16.82
C PRO O 199 40.82 -35.21 -16.88
N ASN O 200 40.48 -34.56 -15.78
CA ASN O 200 40.51 -33.11 -15.74
C ASN O 200 41.95 -32.61 -15.65
N LYS O 201 42.12 -31.32 -15.94
CA LYS O 201 43.42 -30.69 -15.93
C LYS O 201 44.01 -30.73 -14.52
N ASN O 202 43.14 -30.63 -13.52
CA ASN O 202 43.55 -30.68 -12.13
C ASN O 202 43.99 -32.08 -11.72
N ASP O 203 43.33 -33.08 -12.30
CA ASP O 203 43.59 -34.47 -11.94
C ASP O 203 45.05 -34.86 -12.15
N THR O 204 45.46 -36.00 -11.59
CA THR O 204 46.87 -36.37 -11.58
C THR O 204 47.48 -36.46 -12.98
N ARG O 205 48.74 -36.06 -13.10
CA ARG O 205 49.41 -36.09 -14.39
C ARG O 205 49.44 -37.50 -14.96
N ARG O 206 49.71 -38.48 -14.10
CA ARG O 206 49.74 -39.87 -14.54
C ARG O 206 48.40 -40.29 -15.13
N LYS O 207 47.31 -39.79 -14.56
CA LYS O 207 46.00 -40.02 -15.14
C LYS O 207 45.91 -39.42 -16.53
N LEU O 208 46.27 -38.14 -16.66
CA LEU O 208 46.23 -37.46 -17.97
C LEU O 208 47.13 -38.15 -18.97
N VAL O 209 48.39 -38.36 -18.60
CA VAL O 209 49.36 -38.92 -19.53
C VAL O 209 48.97 -40.34 -19.97
N ASN O 210 48.33 -41.07 -19.07
CA ASN O 210 47.83 -42.41 -19.40
C ASN O 210 46.67 -42.32 -20.38
N TYR O 211 45.67 -41.52 -20.02
CA TYR O 211 44.45 -41.45 -20.82
C TYR O 211 44.73 -40.94 -22.24
N THR O 212 45.93 -40.43 -22.50
CA THR O 212 46.24 -40.02 -23.87
C THR O 212 47.03 -41.15 -24.50
N SER O 213 47.90 -41.78 -23.72
CA SER O 213 48.61 -42.95 -24.23
C SER O 213 47.64 -43.99 -24.80
N ASN O 214 46.52 -44.21 -24.11
CA ASN O 214 45.52 -45.18 -24.54
C ASN O 214 44.77 -44.73 -25.78
N LEU O 215 44.39 -43.45 -25.79
CA LEU O 215 43.66 -42.89 -26.93
C LEU O 215 44.49 -43.03 -28.21
N LEU O 216 45.80 -42.85 -28.08
CA LEU O 216 46.68 -43.07 -29.23
C LEU O 216 46.66 -44.53 -29.64
N LYS O 217 46.69 -45.43 -28.66
CA LYS O 217 46.64 -46.86 -28.94
C LYS O 217 45.33 -47.21 -29.62
N LEU O 218 44.25 -46.64 -29.12
CA LEU O 218 42.92 -46.89 -29.68
C LEU O 218 42.91 -46.45 -31.13
N ARG O 219 43.45 -45.26 -31.39
CA ARG O 219 43.50 -44.71 -32.72
C ARG O 219 44.05 -45.71 -33.74
N GLY O 220 44.98 -46.54 -33.29
CA GLY O 220 45.70 -47.45 -34.14
C GLY O 220 45.01 -48.75 -34.53
N TYR O 221 43.72 -48.87 -34.22
CA TYR O 221 42.95 -50.03 -34.62
C TYR O 221 41.48 -49.67 -34.87
N CYS O 222 41.14 -48.42 -34.55
CA CYS O 222 39.82 -47.90 -34.90
C CYS O 222 39.98 -46.53 -35.53
N SER O 223 40.37 -46.52 -36.80
CA SER O 223 40.70 -45.30 -37.53
C SER O 223 39.58 -44.27 -37.64
N GLU O 224 38.35 -44.80 -37.73
CA GLU O 224 37.15 -44.00 -37.94
C GLU O 224 36.81 -43.09 -36.77
N LEU O 225 36.96 -43.63 -35.56
CA LEU O 225 36.41 -43.00 -34.37
C LEU O 225 37.11 -41.67 -34.21
N GLY O 226 38.41 -41.68 -34.50
CA GLY O 226 39.20 -40.51 -34.81
C GLY O 226 38.70 -39.17 -34.30
N PHE O 227 37.45 -38.80 -34.62
CA PHE O 227 37.12 -37.40 -34.46
C PHE O 227 37.01 -37.04 -32.99
N GLN O 228 36.22 -37.84 -32.27
CA GLN O 228 35.99 -37.62 -30.85
C GLN O 228 37.32 -37.56 -30.10
N ILE O 229 38.21 -38.47 -30.45
CA ILE O 229 39.57 -38.44 -29.92
C ILE O 229 40.22 -37.09 -30.19
N TRP O 230 40.38 -36.76 -31.46
CA TRP O 230 41.02 -35.50 -31.79
C TRP O 230 40.35 -34.32 -31.10
N SER O 231 39.02 -34.40 -30.94
CA SER O 231 38.30 -33.36 -30.22
C SER O 231 38.72 -33.27 -28.76
N LEU O 232 39.03 -34.43 -28.18
CA LEU O 232 39.40 -34.51 -26.78
C LEU O 232 40.79 -33.90 -26.60
N LEU O 233 41.75 -34.38 -27.37
CA LEU O 233 43.10 -33.83 -27.34
C LEU O 233 43.12 -32.32 -27.52
N ILE O 234 42.43 -31.84 -28.56
CA ILE O 234 42.34 -30.41 -28.85
C ILE O 234 41.72 -29.67 -27.66
N GLU O 235 40.52 -30.08 -27.26
CA GLU O 235 39.86 -29.47 -26.11
C GLU O 235 40.77 -29.38 -24.89
N LYS O 236 41.55 -30.43 -24.65
CA LYS O 236 42.43 -30.47 -23.48
C LYS O 236 43.66 -29.58 -23.65
N ILE O 237 44.28 -29.61 -24.83
CA ILE O 237 45.45 -28.76 -25.09
C ILE O 237 45.11 -27.27 -25.02
N ILE O 238 43.92 -26.90 -25.48
CA ILE O 238 43.51 -25.49 -25.40
C ILE O 238 43.42 -25.07 -23.95
N SER O 239 42.93 -25.98 -23.11
CA SER O 239 42.85 -25.75 -21.67
C SER O 239 44.21 -25.38 -21.11
N ILE O 240 45.22 -26.13 -21.51
CA ILE O 240 46.58 -25.87 -21.06
C ILE O 240 47.13 -24.55 -21.58
N ASP O 241 46.95 -24.29 -22.87
CA ASP O 241 47.45 -23.06 -23.48
C ASP O 241 46.80 -21.85 -22.84
N VAL O 242 45.47 -21.83 -22.86
CA VAL O 242 44.70 -20.77 -22.23
C VAL O 242 45.16 -20.50 -20.78
N GLU O 243 45.18 -21.54 -19.96
CA GLU O 243 45.60 -21.39 -18.57
C GLU O 243 47.02 -20.84 -18.44
N LEU O 244 47.95 -21.39 -19.20
CA LEU O 244 49.33 -20.91 -19.18
C LEU O 244 49.39 -19.42 -19.46
N GLN O 245 48.64 -18.96 -20.45
CA GLN O 245 48.61 -17.53 -20.75
C GLN O 245 48.08 -16.75 -19.55
N ASN O 246 46.82 -16.95 -19.20
CA ASN O 246 46.24 -16.28 -18.04
C ASN O 246 47.19 -16.21 -16.85
N GLU O 247 47.79 -17.36 -16.50
CA GLU O 247 48.77 -17.40 -15.42
C GLU O 247 50.00 -16.56 -15.73
N LEU O 248 50.17 -16.18 -16.99
CA LEU O 248 51.34 -15.41 -17.39
C LEU O 248 51.04 -13.91 -17.50
N GLY O 324 52.48 -24.10 -8.36
CA GLY O 324 51.78 -25.16 -9.05
C GLY O 324 52.25 -25.10 -10.49
N ILE O 325 51.99 -23.98 -11.17
CA ILE O 325 52.56 -23.63 -12.47
C ILE O 325 53.71 -24.51 -12.97
N LYS O 326 54.66 -24.85 -12.09
CA LYS O 326 55.70 -25.83 -12.44
C LYS O 326 55.07 -27.15 -12.90
N GLU O 327 53.87 -27.44 -12.41
CA GLU O 327 53.15 -28.65 -12.77
C GLU O 327 52.70 -28.59 -14.21
N LEU O 328 51.85 -27.62 -14.52
CA LEU O 328 51.27 -27.48 -15.85
C LEU O 328 52.35 -27.48 -16.91
N SER O 329 53.47 -26.82 -16.61
CA SER O 329 54.62 -26.86 -17.50
C SER O 329 54.95 -28.28 -17.95
N THR O 330 55.38 -29.11 -17.01
CA THR O 330 55.79 -30.49 -17.32
C THR O 330 54.62 -31.36 -17.80
N LYS O 331 53.40 -31.02 -17.39
CA LYS O 331 52.22 -31.67 -17.95
C LYS O 331 52.12 -31.35 -19.43
N LEU O 332 51.69 -30.13 -19.70
CA LEU O 332 51.58 -29.61 -21.06
C LEU O 332 52.79 -29.95 -21.90
N ASP O 333 53.97 -29.99 -21.27
CA ASP O 333 55.19 -30.40 -21.98
C ASP O 333 55.16 -31.87 -22.38
N SER O 334 54.84 -32.75 -21.42
CA SER O 334 54.75 -34.18 -21.70
C SER O 334 53.71 -34.50 -22.76
N ILE O 335 52.60 -33.77 -22.73
CA ILE O 335 51.52 -33.99 -23.69
C ILE O 335 51.91 -33.58 -25.11
N LEU O 336 52.38 -32.35 -25.29
CA LEU O 336 52.73 -31.86 -26.63
C LEU O 336 53.85 -32.67 -27.25
N THR O 337 54.91 -32.93 -26.49
CA THR O 337 56.03 -33.67 -27.03
C THR O 337 55.54 -35.01 -27.55
N LEU O 338 54.62 -35.62 -26.84
CA LEU O 338 53.99 -36.85 -27.31
C LEU O 338 53.25 -36.60 -28.63
N VAL O 339 52.21 -35.77 -28.58
CA VAL O 339 51.40 -35.47 -29.77
C VAL O 339 52.26 -35.25 -31.00
N SER O 340 53.22 -34.35 -30.91
CA SER O 340 54.04 -34.01 -32.07
C SER O 340 54.92 -35.15 -32.59
N THR O 341 55.37 -36.05 -31.70
CA THR O 341 56.21 -37.15 -32.17
C THR O 341 55.36 -38.19 -32.89
N HIS O 342 54.13 -38.36 -32.41
CA HIS O 342 53.19 -39.25 -33.04
C HIS O 342 52.83 -38.71 -34.42
N VAL O 343 52.76 -37.39 -34.53
CA VAL O 343 52.44 -36.74 -35.78
C VAL O 343 53.64 -36.79 -36.74
N GLU O 344 54.85 -36.67 -36.20
CA GLU O 344 56.05 -36.78 -37.02
C GLU O 344 56.09 -38.13 -37.70
N GLU O 345 55.56 -39.14 -37.02
CA GLU O 345 55.49 -40.51 -37.54
C GLU O 345 54.30 -40.69 -38.50
N GLN O 346 53.13 -40.37 -37.93
CA GLN O 346 51.83 -40.80 -38.43
C GLN O 346 51.49 -40.16 -39.76
N VAL O 347 51.81 -38.87 -39.88
CA VAL O 347 51.75 -38.21 -41.15
C VAL O 347 53.14 -38.28 -41.75
N THR O 348 53.24 -39.00 -42.86
CA THR O 348 54.51 -39.30 -43.49
C THR O 348 54.27 -39.45 -44.97
N PRO O 349 55.29 -39.22 -45.81
CA PRO O 349 55.05 -39.14 -47.26
C PRO O 349 54.38 -40.40 -47.77
N GLU O 350 54.93 -41.55 -47.35
CA GLU O 350 54.34 -42.85 -47.65
C GLU O 350 52.88 -42.82 -47.24
N SER O 351 52.64 -42.39 -46.02
CA SER O 351 51.30 -42.31 -45.45
C SER O 351 50.44 -41.22 -46.09
N LEU O 352 51.06 -40.32 -46.83
CA LEU O 352 50.32 -39.20 -47.39
C LEU O 352 49.74 -39.53 -48.77
N GLU O 353 50.46 -40.35 -49.53
CA GLU O 353 49.96 -40.75 -50.84
C GLU O 353 48.86 -41.81 -50.74
N SER O 354 49.13 -42.88 -50.00
CA SER O 354 48.18 -43.98 -49.89
C SER O 354 47.55 -44.09 -48.52
N GLY O 355 47.80 -43.12 -47.64
CA GLY O 355 47.46 -43.32 -46.24
C GLY O 355 46.42 -42.38 -45.64
N GLU O 356 46.22 -42.57 -44.35
CA GLU O 356 45.31 -41.77 -43.56
C GLU O 356 46.08 -40.67 -42.87
N GLY O 357 47.37 -40.56 -43.16
CA GLY O 357 48.12 -39.40 -42.74
C GLY O 357 47.57 -38.14 -43.36
N VAL O 358 47.26 -38.18 -44.65
CA VAL O 358 46.71 -37.00 -45.33
C VAL O 358 45.34 -36.61 -44.78
N GLY O 359 44.50 -37.61 -44.56
CA GLY O 359 43.19 -37.38 -43.99
C GLY O 359 43.33 -36.82 -42.59
N VAL O 360 44.27 -37.37 -41.85
CA VAL O 360 44.46 -36.96 -40.47
C VAL O 360 44.85 -35.50 -40.53
N PHE O 361 45.72 -35.17 -41.47
CA PHE O 361 46.25 -33.83 -41.55
C PHE O 361 45.10 -32.90 -41.83
N ASN O 362 44.23 -33.25 -42.76
CA ASN O 362 43.14 -32.35 -43.10
C ASN O 362 42.24 -32.14 -41.89
N THR O 363 41.90 -33.23 -41.21
CA THR O 363 40.93 -33.12 -40.13
C THR O 363 41.55 -32.24 -39.06
N LEU O 364 42.83 -32.50 -38.82
CA LEU O 364 43.52 -31.88 -37.72
C LEU O 364 43.56 -30.40 -38.01
N THR O 365 43.85 -30.07 -39.26
CA THR O 365 44.03 -28.70 -39.64
C THR O 365 42.72 -27.97 -39.44
N THR O 366 41.63 -28.58 -39.87
CA THR O 366 40.35 -27.88 -39.77
C THR O 366 40.04 -27.65 -38.30
N LEU O 367 40.23 -28.69 -37.50
CA LEU O 367 39.79 -28.60 -36.11
C LEU O 367 40.63 -27.53 -35.45
N PHE O 368 41.91 -27.55 -35.78
CA PHE O 368 42.89 -26.73 -35.11
C PHE O 368 42.52 -25.31 -35.44
N LYS O 369 42.24 -25.03 -36.70
CA LYS O 369 42.06 -23.65 -37.09
C LYS O 369 40.84 -23.19 -36.33
N THR O 370 39.81 -24.03 -36.33
CA THR O 370 38.54 -23.57 -35.83
C THR O 370 38.69 -23.22 -34.36
N HIS O 371 39.34 -24.09 -33.58
CA HIS O 371 39.46 -23.79 -32.17
C HIS O 371 40.41 -22.62 -31.91
N VAL O 372 41.56 -22.69 -32.58
CA VAL O 372 42.54 -21.63 -32.66
C VAL O 372 42.03 -20.44 -33.43
N LEU O 373 41.35 -20.68 -34.55
CA LEU O 373 40.83 -19.56 -35.31
C LEU O 373 40.14 -18.51 -34.44
N PRO O 374 39.46 -18.94 -33.38
CA PRO O 374 38.47 -18.10 -32.71
C PRO O 374 39.07 -17.33 -31.54
N THR O 375 39.64 -18.05 -30.58
CA THR O 375 39.43 -17.73 -29.17
C THR O 375 40.71 -17.22 -28.53
N TYR O 376 40.56 -16.37 -27.51
CA TYR O 376 41.21 -15.07 -27.49
C TYR O 376 42.47 -15.10 -26.62
N TYR O 377 43.63 -15.03 -27.25
CA TYR O 377 44.83 -14.53 -26.60
C TYR O 377 45.48 -15.62 -25.75
N THR O 378 46.21 -16.52 -26.40
CA THR O 378 46.88 -17.61 -25.72
C THR O 378 47.71 -18.44 -26.68
N ARG O 379 48.93 -18.78 -26.28
CA ARG O 379 49.82 -19.58 -27.11
C ARG O 379 50.38 -20.78 -26.34
N SER O 380 50.28 -21.96 -26.93
CA SER O 380 50.77 -23.18 -26.30
C SER O 380 50.28 -24.42 -27.04
N ILE O 381 49.33 -24.22 -27.95
CA ILE O 381 48.78 -25.32 -28.74
C ILE O 381 48.88 -25.04 -30.23
N GLN O 382 48.65 -23.78 -30.60
CA GLN O 382 48.70 -23.38 -32.00
C GLN O 382 50.03 -23.79 -32.65
N TYR O 383 51.03 -24.03 -31.81
CA TYR O 383 52.35 -24.44 -32.29
C TYR O 383 52.29 -25.83 -32.93
N ILE O 384 51.46 -26.69 -32.38
CA ILE O 384 51.31 -28.05 -32.88
C ILE O 384 51.24 -27.96 -34.40
N MET O 385 50.43 -27.04 -34.90
CA MET O 385 50.33 -26.79 -36.34
C MET O 385 51.58 -26.11 -36.90
N PHE O 386 52.20 -25.25 -36.12
CA PHE O 386 53.40 -24.58 -36.58
C PHE O 386 54.41 -25.66 -36.93
N HIS O 387 54.43 -26.71 -36.11
CA HIS O 387 55.50 -27.68 -36.13
C HIS O 387 55.27 -28.85 -37.08
N VAL O 388 54.06 -29.39 -37.10
CA VAL O 388 53.76 -30.50 -38.00
C VAL O 388 53.86 -30.01 -39.44
N SER O 389 53.22 -28.87 -39.71
CA SER O 389 53.38 -28.12 -40.95
C SER O 389 54.74 -28.26 -41.61
N GLN O 390 55.79 -28.00 -40.84
CA GLN O 390 57.12 -27.87 -41.42
C GLN O 390 57.86 -29.19 -41.52
N GLN O 391 57.14 -30.29 -41.37
CA GLN O 391 57.74 -31.60 -41.61
C GLN O 391 58.01 -31.82 -43.10
N GLN O 392 57.00 -31.53 -43.92
CA GLN O 392 57.06 -31.72 -45.37
C GLN O 392 56.51 -30.53 -46.20
N LEU O 393 57.14 -30.29 -47.34
CA LEU O 393 56.74 -29.16 -48.18
C LEU O 393 55.24 -29.03 -48.41
N GLU O 394 54.56 -30.15 -48.64
CA GLU O 394 53.13 -30.07 -48.92
C GLU O 394 52.31 -29.77 -47.67
N LEU O 395 52.84 -30.15 -46.52
CA LEU O 395 52.11 -29.91 -45.29
C LEU O 395 52.09 -28.40 -45.11
N MET O 396 53.22 -27.77 -45.37
CA MET O 396 53.28 -26.32 -45.37
C MET O 396 52.28 -25.75 -46.40
N ASP O 397 52.39 -26.21 -47.64
CA ASP O 397 51.59 -25.67 -48.73
C ASP O 397 50.12 -25.60 -48.35
N SER O 398 49.48 -26.76 -48.26
CA SER O 398 48.03 -26.82 -48.24
C SER O 398 47.47 -26.12 -47.01
N PHE O 399 48.12 -26.30 -45.87
CA PHE O 399 47.69 -25.65 -44.65
C PHE O 399 47.76 -24.13 -44.81
N LEU O 400 48.83 -23.66 -45.44
CA LEU O 400 49.01 -22.25 -45.70
C LEU O 400 47.91 -21.71 -46.60
N VAL O 401 47.56 -22.47 -47.63
CA VAL O 401 46.49 -22.06 -48.54
C VAL O 401 45.16 -21.98 -47.79
N THR O 402 44.97 -22.85 -46.81
CA THR O 402 43.77 -22.76 -45.97
C THR O 402 43.72 -21.42 -45.23
N LEU O 403 44.88 -20.97 -44.74
CA LEU O 403 45.00 -19.67 -44.09
C LEU O 403 44.68 -18.51 -45.03
N ILE O 404 45.13 -18.63 -46.28
CA ILE O 404 44.81 -17.65 -47.31
C ILE O 404 43.31 -17.61 -47.57
N ASP O 405 42.68 -18.78 -47.57
CA ASP O 405 41.23 -18.87 -47.72
C ASP O 405 40.53 -18.19 -46.56
N ILE O 406 41.07 -18.36 -45.35
CA ILE O 406 40.56 -17.66 -44.17
C ILE O 406 40.67 -16.15 -44.29
N SER O 407 41.79 -15.67 -44.84
CA SER O 407 42.20 -14.28 -44.65
C SER O 407 41.19 -13.28 -45.23
N PHE O 408 40.64 -13.62 -46.40
CA PHE O 408 40.06 -12.66 -47.32
C PHE O 408 38.67 -13.10 -47.76
N ALA O 409 38.05 -13.96 -46.96
CA ALA O 409 36.61 -14.16 -47.02
C ALA O 409 35.86 -12.90 -46.61
N VAL O 410 34.82 -12.53 -47.35
CA VAL O 410 34.13 -11.28 -47.11
C VAL O 410 33.51 -11.24 -45.72
N ASN O 411 32.94 -12.36 -45.30
CA ASN O 411 32.11 -12.40 -44.09
C ASN O 411 32.88 -12.06 -42.81
N GLU O 412 34.10 -12.58 -42.70
CA GLU O 412 34.61 -13.07 -41.42
C GLU O 412 34.83 -11.95 -40.40
N ALA O 413 34.50 -12.24 -39.15
CA ALA O 413 34.59 -11.26 -38.08
C ALA O 413 35.77 -10.34 -38.32
N ALA O 414 35.55 -9.04 -38.12
CA ALA O 414 36.63 -8.08 -38.29
C ALA O 414 37.82 -8.54 -37.46
N GLU O 415 37.51 -9.39 -36.47
CA GLU O 415 38.52 -9.95 -35.59
C GLU O 415 39.06 -11.28 -36.12
N LYS O 416 38.28 -12.01 -36.91
CA LYS O 416 38.82 -13.27 -37.40
C LYS O 416 39.86 -12.99 -38.48
N LYS O 417 39.54 -12.07 -39.40
CA LYS O 417 40.46 -11.71 -40.48
C LYS O 417 41.76 -11.12 -39.96
N ILE O 418 41.65 -10.34 -38.88
CA ILE O 418 42.84 -9.76 -38.25
C ILE O 418 43.70 -10.81 -37.53
N LYS O 419 43.06 -11.77 -36.85
CA LYS O 419 43.78 -12.84 -36.17
C LYS O 419 44.54 -13.71 -37.18
N SER O 420 43.85 -14.08 -38.26
CA SER O 420 44.47 -14.87 -39.32
C SER O 420 45.69 -14.16 -39.88
N LEU O 421 45.54 -12.86 -40.14
CA LEU O 421 46.62 -12.06 -40.69
C LEU O 421 47.82 -12.00 -39.75
N GLN O 422 47.57 -11.95 -38.46
CA GLN O 422 48.66 -12.08 -37.51
C GLN O 422 49.28 -13.47 -37.64
N TYR O 423 48.44 -14.51 -37.66
CA TYR O 423 48.95 -15.88 -37.83
C TYR O 423 49.79 -15.95 -39.08
N LEU O 424 49.21 -15.48 -40.19
CA LEU O 424 49.87 -15.50 -41.49
C LEU O 424 51.27 -14.91 -41.47
N GLY O 425 51.37 -13.69 -40.93
CA GLY O 425 52.63 -12.99 -40.86
C GLY O 425 53.64 -13.65 -39.95
N SER O 426 53.20 -14.05 -38.76
CA SER O 426 54.05 -14.77 -37.83
C SER O 426 54.60 -16.07 -38.44
N TYR O 427 53.71 -16.80 -39.12
CA TYR O 427 54.08 -18.08 -39.73
C TYR O 427 55.18 -17.94 -40.76
N ILE O 428 54.93 -17.12 -41.79
CA ILE O 428 55.92 -16.91 -42.84
C ILE O 428 57.29 -16.53 -42.27
N ALA O 429 57.28 -15.75 -41.19
CA ALA O 429 58.49 -15.20 -40.59
C ALA O 429 59.30 -16.30 -39.95
N ARG O 430 58.59 -17.17 -39.23
CA ARG O 430 59.22 -18.12 -38.32
C ARG O 430 59.53 -19.50 -38.89
N ALA O 431 58.63 -20.01 -39.72
CA ALA O 431 58.81 -21.32 -40.33
C ALA O 431 60.25 -21.54 -40.77
N LYS O 432 60.57 -22.77 -41.17
CA LYS O 432 61.92 -23.11 -41.61
C LYS O 432 61.87 -23.97 -42.87
N LYS O 433 60.84 -24.80 -42.98
CA LYS O 433 60.69 -25.68 -44.14
C LYS O 433 59.93 -24.97 -45.26
N LEU O 434 60.28 -23.71 -45.51
CA LEU O 434 59.64 -22.91 -46.57
C LEU O 434 60.35 -22.98 -47.93
N SER O 435 59.59 -22.80 -49.02
CA SER O 435 60.13 -22.26 -50.24
C SER O 435 60.14 -20.76 -50.04
N ARG O 436 61.23 -20.12 -50.45
CA ARG O 436 61.33 -18.67 -50.35
C ARG O 436 60.21 -18.16 -51.22
N THR O 437 60.00 -18.86 -52.33
CA THR O 437 59.24 -18.33 -53.46
C THR O 437 57.75 -18.68 -53.42
N GLN O 438 57.39 -19.82 -52.85
CA GLN O 438 55.97 -20.10 -52.75
C GLN O 438 55.36 -19.06 -51.81
N ILE O 439 56.12 -18.69 -50.77
CA ILE O 439 55.67 -17.68 -49.82
C ILE O 439 55.54 -16.30 -50.47
N ILE O 440 56.64 -15.80 -51.02
CA ILE O 440 56.77 -14.37 -51.28
C ILE O 440 55.73 -13.89 -52.30
N PHE O 441 55.52 -14.69 -53.34
CA PHE O 441 54.68 -14.30 -54.46
C PHE O 441 53.23 -14.07 -54.01
N VAL O 442 52.75 -14.95 -53.14
CA VAL O 442 51.41 -14.83 -52.59
C VAL O 442 51.26 -13.54 -51.79
N ALA O 443 52.29 -13.23 -51.02
CA ALA O 443 52.30 -11.99 -50.23
C ALA O 443 52.26 -10.77 -51.15
N SER O 444 52.99 -10.84 -52.25
CA SER O 444 52.98 -9.77 -53.25
C SER O 444 51.60 -9.61 -53.86
N TYR O 445 50.95 -10.73 -54.13
CA TYR O 445 49.59 -10.70 -54.66
C TYR O 445 48.63 -10.07 -53.66
N LEU O 446 48.82 -10.38 -52.39
CA LEU O 446 48.01 -9.79 -51.33
C LEU O 446 48.21 -8.29 -51.27
N THR O 447 49.46 -7.86 -51.45
CA THR O 447 49.78 -6.44 -51.48
C THR O 447 49.11 -5.75 -52.66
N SER O 448 49.09 -6.41 -53.81
CA SER O 448 48.30 -5.95 -54.95
C SER O 448 46.81 -5.95 -54.63
N TRP O 449 46.37 -7.01 -53.94
CA TRP O 449 45.20 -6.94 -53.07
C TRP O 449 45.17 -5.63 -52.26
N LEU O 450 46.35 -5.11 -51.92
CA LEU O 450 46.46 -3.89 -51.11
C LEU O 450 46.10 -2.66 -51.92
N ASN O 451 46.69 -2.56 -53.12
CA ASN O 451 46.42 -1.45 -54.03
C ASN O 451 44.93 -1.31 -54.31
N ARG O 452 44.25 -2.44 -54.43
CA ARG O 452 42.82 -2.42 -54.65
C ARG O 452 42.08 -1.89 -53.42
N TYR O 453 42.49 -2.30 -52.24
CA TYR O 453 41.83 -1.93 -50.98
C TYR O 453 41.81 -0.41 -50.83
N VAL O 454 42.98 0.19 -51.03
CA VAL O 454 43.14 1.62 -50.92
C VAL O 454 42.37 2.37 -52.00
N ILE O 455 42.37 1.84 -53.22
CA ILE O 455 41.64 2.44 -54.33
C ILE O 455 40.12 2.40 -54.13
N GLU O 456 39.63 1.28 -53.60
CA GLU O 456 38.21 1.14 -53.37
C GLU O 456 37.94 1.59 -51.95
N ARG O 457 38.72 2.56 -51.47
CA ARG O 457 38.50 3.00 -50.11
C ARG O 457 39.19 4.25 -49.53
N GLU O 458 40.11 4.94 -50.20
CA GLU O 458 40.61 6.09 -49.41
C GLU O 458 39.59 7.22 -49.31
N GLU O 459 39.07 7.45 -50.52
CA GLU O 459 37.96 8.37 -50.85
C GLU O 459 36.86 7.94 -49.88
N GLU O 460 36.91 6.63 -49.53
CA GLU O 460 36.21 5.98 -48.49
C GLU O 460 37.15 6.57 -47.44
N VAL O 461 38.33 7.09 -47.89
CA VAL O 461 39.06 7.74 -46.82
C VAL O 461 38.62 9.22 -46.63
N ASP O 462 38.61 9.98 -47.72
CA ASP O 462 38.17 11.36 -47.63
C ASP O 462 36.67 11.43 -47.49
N GLN O 463 36.01 10.27 -47.46
CA GLN O 463 34.58 10.21 -47.17
C GLN O 463 34.34 10.07 -45.67
N ARG O 464 33.08 10.00 -45.29
CA ARG O 464 32.68 10.09 -43.89
C ARG O 464 32.96 8.81 -43.10
N GLY O 465 33.63 8.96 -41.97
CA GLY O 465 34.04 7.83 -41.16
C GLY O 465 35.41 8.14 -40.62
N GLY O 466 36.06 7.15 -40.00
CA GLY O 466 37.39 7.35 -39.46
C GLY O 466 38.36 6.36 -40.04
N MET O 467 39.65 6.48 -39.70
CA MET O 467 40.64 5.53 -40.19
C MET O 467 40.47 4.14 -39.58
N GLU O 468 39.62 4.01 -38.56
CA GLU O 468 39.37 2.69 -37.98
C GLU O 468 38.63 1.79 -38.97
N ARG O 469 37.80 2.38 -39.81
CA ARG O 469 37.12 1.63 -40.86
C ARG O 469 38.10 0.69 -41.55
N PHE O 470 39.39 0.95 -41.36
CA PHE O 470 40.42 0.22 -42.09
C PHE O 470 41.39 -0.55 -41.20
N LYS O 471 40.96 -0.89 -39.98
CA LYS O 471 41.74 -1.74 -39.06
C LYS O 471 42.38 -2.88 -39.84
N HIS O 472 41.52 -3.60 -40.54
CA HIS O 472 41.88 -4.82 -41.24
C HIS O 472 42.99 -4.58 -42.27
N PHE O 473 42.95 -3.43 -42.92
CA PHE O 473 44.01 -3.08 -43.86
C PHE O 473 45.36 -2.99 -43.18
N TYR O 474 45.44 -2.18 -42.12
CA TYR O 474 46.68 -2.03 -41.36
C TYR O 474 47.14 -3.38 -40.81
N ALA O 475 46.21 -4.15 -40.25
CA ALA O 475 46.50 -5.46 -39.71
C ALA O 475 47.27 -6.31 -40.73
N ALA O 476 46.77 -6.38 -41.95
CA ALA O 476 47.42 -7.18 -42.98
C ALA O 476 48.74 -6.55 -43.42
N PHE O 477 48.76 -5.23 -43.57
CA PHE O 477 49.99 -4.53 -43.94
C PHE O 477 51.09 -4.68 -42.87
N GLN O 478 50.69 -4.68 -41.59
CA GLN O 478 51.61 -5.00 -40.53
C GLN O 478 52.26 -6.36 -40.71
N ALA O 479 51.41 -7.38 -40.78
CA ALA O 479 51.87 -8.75 -40.98
C ALA O 479 52.86 -8.82 -42.13
N LEU O 480 52.56 -8.14 -43.23
CA LEU O 480 53.45 -8.22 -44.39
C LEU O 480 54.74 -7.49 -44.14
N CYS O 481 54.66 -6.38 -43.42
CA CYS O 481 55.85 -5.63 -43.11
C CYS O 481 56.70 -6.48 -42.18
N TYR O 482 56.05 -7.00 -41.16
CA TYR O 482 56.73 -7.86 -40.21
C TYR O 482 57.43 -9.01 -40.92
N ILE O 483 56.73 -9.64 -41.87
CA ILE O 483 57.30 -10.75 -42.61
C ILE O 483 58.54 -10.28 -43.36
N PHE O 484 58.51 -9.06 -43.86
CA PHE O 484 59.65 -8.51 -44.60
C PHE O 484 60.85 -8.26 -43.70
N CYS O 485 60.59 -7.92 -42.45
CA CYS O 485 61.69 -7.69 -41.52
C CYS O 485 62.51 -8.95 -41.38
N PHE O 486 61.84 -10.05 -41.05
CA PHE O 486 62.52 -11.30 -40.77
C PHE O 486 63.06 -12.02 -41.99
N ARG O 487 62.44 -11.80 -43.15
CA ARG O 487 62.86 -12.44 -44.38
C ARG O 487 63.39 -11.45 -45.41
N HIS O 488 63.68 -10.23 -44.97
CA HIS O 488 64.20 -9.20 -45.87
C HIS O 488 65.34 -9.78 -46.71
N ASN O 489 66.53 -9.82 -46.13
CA ASN O 489 67.70 -10.35 -46.81
C ASN O 489 67.36 -11.37 -47.92
N ILE O 490 66.18 -11.95 -47.85
CA ILE O 490 65.72 -12.92 -48.85
C ILE O 490 65.13 -12.27 -50.10
N PHE O 491 64.47 -11.12 -49.94
CA PHE O 491 63.75 -10.50 -51.04
C PHE O 491 64.63 -9.81 -52.10
N ARG O 492 65.95 -9.90 -51.96
CA ARG O 492 66.87 -9.44 -53.00
C ARG O 492 67.27 -10.61 -53.91
N ASP O 493 66.81 -10.57 -55.16
CA ASP O 493 67.18 -11.62 -56.11
C ASP O 493 68.63 -11.50 -56.55
N THR O 494 69.07 -12.40 -57.42
CA THR O 494 70.48 -12.47 -57.81
C THR O 494 71.05 -11.13 -58.26
N ASP O 495 70.25 -10.37 -59.00
CA ASP O 495 70.68 -9.07 -59.51
C ASP O 495 70.99 -8.09 -58.40
N GLY O 496 70.25 -8.19 -57.30
CA GLY O 496 70.29 -7.19 -56.26
C GLY O 496 69.03 -6.36 -56.34
N ASN O 497 68.11 -6.81 -57.19
CA ASN O 497 66.80 -6.19 -57.30
C ASN O 497 65.84 -6.77 -56.26
N TRP O 498 64.72 -6.10 -56.05
CA TRP O 498 63.79 -6.52 -55.01
C TRP O 498 62.61 -7.31 -55.57
N GLU O 499 62.37 -8.48 -55.01
CA GLU O 499 61.18 -9.23 -55.36
C GLU O 499 59.95 -8.41 -54.99
N CYS O 500 58.96 -8.38 -55.87
CA CYS O 500 57.72 -7.65 -55.62
C CYS O 500 57.90 -6.13 -55.65
N GLU O 501 59.02 -5.67 -56.21
CA GLU O 501 59.31 -4.25 -56.30
C GLU O 501 59.12 -3.56 -54.96
N LEU O 502 59.50 -4.25 -53.90
CA LEU O 502 59.38 -3.72 -52.56
C LEU O 502 59.89 -2.28 -52.39
N ASP O 503 60.94 -1.90 -53.12
CA ASP O 503 61.45 -0.56 -53.00
C ASP O 503 60.38 0.43 -53.42
N LYS O 504 59.92 0.29 -54.65
CA LYS O 504 58.84 1.11 -55.21
C LYS O 504 57.49 0.91 -54.47
N PHE O 505 57.22 -0.29 -53.95
CA PHE O 505 55.90 -0.59 -53.38
C PHE O 505 55.66 0.01 -52.00
N PHE O 506 56.69 0.00 -51.16
CA PHE O 506 56.46 0.34 -49.77
C PHE O 506 56.17 1.82 -49.74
N GLN O 507 57.00 2.56 -50.46
CA GLN O 507 56.89 4.01 -50.52
C GLN O 507 55.47 4.43 -50.89
N ARG O 508 54.89 3.74 -51.85
CA ARG O 508 53.57 4.11 -52.34
C ARG O 508 52.50 4.02 -51.25
N MET O 509 52.69 3.11 -50.31
CA MET O 509 51.68 2.86 -49.30
C MET O 509 51.92 3.86 -48.20
N VAL O 510 53.19 4.00 -47.86
CA VAL O 510 53.62 4.94 -46.84
C VAL O 510 53.15 6.38 -47.10
N ILE O 511 53.12 6.78 -48.37
CA ILE O 511 52.68 8.13 -48.74
C ILE O 511 51.19 8.18 -49.10
N SER O 512 50.53 7.03 -49.15
CA SER O 512 49.12 6.98 -49.47
C SER O 512 48.32 7.79 -48.45
N LYS O 513 47.01 7.86 -48.65
CA LYS O 513 46.14 8.60 -47.73
C LYS O 513 45.80 7.79 -46.49
N PHE O 514 46.01 6.48 -46.54
CA PHE O 514 45.73 5.64 -45.39
C PHE O 514 46.75 5.97 -44.29
N ASN O 515 47.92 6.41 -44.70
CA ASN O 515 48.99 6.68 -43.77
C ASN O 515 49.15 5.57 -42.75
N PRO O 516 49.46 4.37 -43.24
CA PRO O 516 49.72 3.18 -42.43
C PRO O 516 50.60 3.48 -41.22
N LEU O 517 51.65 4.28 -41.40
CA LEU O 517 52.66 4.47 -40.36
C LEU O 517 52.05 4.96 -39.07
N LYS O 518 50.91 5.61 -39.17
CA LYS O 518 50.26 6.24 -38.02
C LYS O 518 49.35 5.28 -37.27
N PHE O 519 48.82 4.29 -37.99
CA PHE O 519 47.77 3.44 -37.43
C PHE O 519 48.18 2.02 -37.08
N CYS O 520 49.36 1.60 -37.53
CA CYS O 520 49.83 0.25 -37.23
C CYS O 520 50.59 0.22 -35.93
N ASN O 521 51.00 -0.98 -35.54
CA ASN O 521 51.73 -1.21 -34.30
C ASN O 521 52.71 -0.10 -33.93
N GLU O 522 53.31 -0.23 -32.76
CA GLU O 522 54.26 0.74 -32.27
C GLU O 522 55.67 0.16 -32.22
N ASN O 523 55.79 -1.13 -32.56
CA ASN O 523 57.11 -1.76 -32.55
C ASN O 523 57.51 -2.37 -33.88
N VAL O 524 56.54 -2.92 -34.61
CA VAL O 524 56.81 -3.42 -35.94
C VAL O 524 57.08 -2.27 -36.92
N MET O 525 56.17 -1.30 -36.95
CA MET O 525 56.35 -0.13 -37.81
C MET O 525 57.73 0.50 -37.61
N LEU O 526 58.16 0.60 -36.36
CA LEU O 526 59.51 1.04 -36.03
C LEU O 526 60.63 0.17 -36.61
N MET O 527 60.50 -1.14 -36.42
CA MET O 527 61.50 -2.09 -36.90
C MET O 527 61.52 -2.12 -38.43
N PHE O 528 60.34 -2.05 -39.04
CA PHE O 528 60.27 -1.94 -40.49
C PHE O 528 60.97 -0.68 -41.00
N ALA O 529 60.69 0.45 -40.36
CA ALA O 529 61.41 1.68 -40.65
C ALA O 529 62.90 1.43 -40.65
N ARG O 530 63.42 1.02 -39.51
CA ARG O 530 64.85 0.76 -39.40
C ARG O 530 65.34 -0.07 -40.58
N ILE O 531 64.79 -1.27 -40.74
CA ILE O 531 65.25 -2.17 -41.79
C ILE O 531 65.03 -1.61 -43.19
N ALA O 532 63.81 -1.21 -43.50
CA ALA O 532 63.50 -0.62 -44.80
C ALA O 532 64.44 0.52 -45.18
N GLN O 533 64.71 1.42 -44.24
CA GLN O 533 65.64 2.51 -44.48
C GLN O 533 67.02 1.96 -44.80
N GLN O 534 67.45 0.98 -44.01
CA GLN O 534 68.77 0.39 -44.21
C GLN O 534 68.93 -0.20 -45.60
N GLU O 535 67.83 -0.76 -46.12
CA GLU O 535 67.86 -1.48 -47.40
C GLU O 535 67.55 -0.58 -48.61
N SER O 536 67.47 0.73 -48.39
CA SER O 536 67.07 1.69 -49.43
C SER O 536 65.71 1.33 -50.00
N VAL O 537 64.88 0.70 -49.17
CA VAL O 537 63.60 0.19 -49.64
C VAL O 537 62.51 1.23 -49.43
N ALA O 538 62.53 1.87 -48.27
CA ALA O 538 61.59 2.94 -47.99
C ALA O 538 62.07 3.85 -46.87
N TYR O 539 61.60 5.10 -46.84
CA TYR O 539 62.01 6.04 -45.79
C TYR O 539 60.89 6.27 -44.76
N CYS O 540 61.15 7.00 -43.69
CA CYS O 540 60.08 7.23 -42.69
C CYS O 540 60.28 8.09 -41.42
N PHE O 541 61.52 8.33 -40.97
CA PHE O 541 61.67 9.11 -39.75
C PHE O 541 61.03 10.51 -39.76
N SER O 542 60.94 11.13 -40.93
CA SER O 542 60.21 12.42 -41.05
C SER O 542 58.71 12.21 -40.97
N ILE O 543 58.22 11.13 -41.56
CA ILE O 543 56.81 10.78 -41.48
C ILE O 543 56.40 10.47 -40.02
N ILE O 544 57.31 9.86 -39.26
CA ILE O 544 57.06 9.64 -37.86
C ILE O 544 56.99 10.98 -37.11
N GLU O 545 58.02 11.83 -37.29
CA GLU O 545 58.02 13.16 -36.71
C GLU O 545 56.69 13.86 -36.96
N ASN O 546 56.31 13.97 -38.22
CA ASN O 546 55.03 14.59 -38.57
C ASN O 546 53.88 13.95 -37.81
N ASN O 547 53.99 12.65 -37.58
CA ASN O 547 52.88 11.92 -37.00
C ASN O 547 52.59 12.23 -35.54
N ASN O 548 53.64 12.26 -34.72
CA ASN O 548 53.44 12.57 -33.30
C ASN O 548 53.51 14.08 -33.00
N ASN O 549 53.70 14.87 -34.04
CA ASN O 549 53.52 16.32 -33.95
C ASN O 549 52.04 16.61 -34.10
N GLU O 550 51.46 16.05 -35.16
CA GLU O 550 50.03 16.19 -35.41
C GLU O 550 49.27 15.67 -34.20
N ARG O 551 49.94 14.83 -33.42
CA ARG O 551 49.34 14.21 -32.26
C ARG O 551 49.25 15.19 -31.10
N THR O 581 36.08 1.00 -27.64
CA THR O 581 36.32 -0.11 -28.55
C THR O 581 37.68 0.03 -29.24
N ARG O 582 38.32 1.16 -29.03
CA ARG O 582 39.62 1.45 -29.63
C ARG O 582 40.70 0.60 -28.96
N GLN O 583 40.48 0.22 -27.72
CA GLN O 583 41.49 -0.55 -26.99
C GLN O 583 41.53 -2.01 -27.44
N GLN O 584 40.38 -2.67 -27.57
CA GLN O 584 40.40 -4.07 -27.98
C GLN O 584 41.22 -4.19 -29.25
N PHE O 585 41.11 -3.20 -30.11
CA PHE O 585 41.85 -3.21 -31.37
C PHE O 585 43.35 -3.13 -31.10
N ILE O 586 43.75 -2.20 -30.24
CA ILE O 586 45.15 -2.07 -29.88
C ILE O 586 45.61 -3.37 -29.25
N ASP O 587 44.73 -4.00 -28.50
CA ASP O 587 45.01 -5.30 -27.88
C ASP O 587 45.20 -6.36 -28.96
N LEU O 588 44.23 -6.45 -29.86
CA LEU O 588 44.27 -7.43 -30.95
C LEU O 588 45.48 -7.25 -31.85
N GLN O 589 45.98 -6.02 -31.98
CA GLN O 589 47.11 -5.76 -32.85
C GLN O 589 48.45 -5.94 -32.18
N SER O 590 48.42 -6.28 -30.91
CA SER O 590 49.64 -6.47 -30.12
C SER O 590 50.00 -7.93 -30.07
N TYR O 591 48.99 -8.79 -30.18
CA TYR O 591 49.18 -10.25 -30.13
C TYR O 591 49.69 -10.82 -31.46
N PHE O 592 50.79 -11.57 -31.39
CA PHE O 592 51.33 -12.28 -32.55
C PHE O 592 51.48 -13.78 -32.26
N PRO O 593 50.60 -14.60 -32.85
CA PRO O 593 50.47 -15.99 -32.40
C PRO O 593 51.71 -16.83 -32.65
N TYR O 594 52.65 -16.33 -33.44
CA TYR O 594 53.88 -17.08 -33.68
C TYR O 594 55.12 -16.30 -33.30
N ASP O 595 54.98 -15.46 -32.27
CA ASP O 595 56.16 -14.94 -31.59
C ASP O 595 56.77 -16.12 -30.85
N PRO O 596 58.06 -16.04 -30.54
CA PRO O 596 58.81 -17.22 -30.09
C PRO O 596 58.15 -18.03 -28.98
N LEU O 597 58.48 -19.32 -28.96
CA LEU O 597 57.96 -20.27 -28.02
C LEU O 597 58.85 -20.25 -26.77
N PHE O 598 58.33 -20.76 -25.65
CA PHE O 598 59.13 -21.16 -24.44
C PHE O 598 60.16 -22.35 -24.26
N LEU O 599 59.86 -23.61 -24.64
CA LEU O 599 60.07 -24.77 -23.71
C LEU O 599 60.67 -26.13 -24.23
N LYS O 600 61.28 -26.97 -23.35
CA LYS O 600 62.61 -27.51 -23.63
C LYS O 600 62.72 -28.30 -24.92
N ASN O 601 62.03 -29.44 -24.96
CA ASN O 601 62.13 -30.36 -26.09
C ASN O 601 61.58 -29.79 -27.40
N TYR O 602 60.29 -29.43 -27.39
CA TYR O 602 59.63 -28.83 -28.54
C TYR O 602 60.54 -27.83 -29.24
N LYS O 603 61.21 -27.00 -28.45
CA LYS O 603 62.10 -25.99 -28.99
C LYS O 603 63.15 -26.63 -29.89
N ILE O 604 63.85 -27.62 -29.34
CA ILE O 604 64.87 -28.37 -30.07
C ILE O 604 64.29 -28.96 -31.35
N LEU O 605 63.08 -29.49 -31.23
CA LEU O 605 62.40 -30.13 -32.34
C LEU O 605 62.05 -29.11 -33.42
N MET O 606 61.75 -27.88 -32.98
CA MET O 606 61.36 -26.80 -33.90
C MET O 606 62.54 -26.17 -34.61
N LYS O 607 63.73 -26.35 -34.06
CA LYS O 607 64.88 -25.59 -34.54
C LYS O 607 64.99 -25.65 -36.06
N GLU O 608 64.87 -26.85 -36.62
CA GLU O 608 64.93 -27.06 -38.07
C GLU O 608 63.89 -26.23 -38.82
N TYR O 609 62.82 -25.85 -38.13
CA TYR O 609 61.70 -25.12 -38.70
C TYR O 609 61.59 -23.67 -38.21
N TYR O 610 62.61 -23.16 -37.52
CA TYR O 610 62.49 -21.85 -36.89
C TYR O 610 63.66 -20.92 -37.17
N ILE O 611 63.34 -19.64 -37.34
CA ILE O 611 64.36 -18.60 -37.45
C ILE O 611 64.35 -17.72 -36.20
N GLU O 612 65.35 -17.88 -35.33
CA GLU O 612 65.46 -17.01 -34.16
C GLU O 612 65.88 -15.63 -34.64
N TRP O 613 65.54 -14.59 -33.88
CA TRP O 613 65.92 -13.25 -34.29
C TRP O 613 67.41 -13.17 -34.58
N SER O 614 68.22 -13.80 -33.74
CA SER O 614 69.65 -13.75 -33.93
C SER O 614 70.04 -14.22 -35.34
ZN ZN P . 9.23 -39.91 -6.55
ZN ZN Q . -43.06 -43.81 -10.21
ZN ZN R . -2.03 -41.00 -18.59
ZN ZN S . -57.04 1.91 52.59
ZN ZN T . -16.12 32.36 -15.56
ZN ZN U . 31.16 29.02 16.35
ZN ZN V . 28.82 -8.45 46.39
#